data_5XVO
#
_entry.id   5XVO
#
_cell.length_a   131.893
_cell.length_b   124.800
_cell.length_c   157.905
_cell.angle_alpha   90.00
_cell.angle_beta   106.50
_cell.angle_gamma   90.00
#
_symmetry.space_group_name_H-M   'P 1 21 1'
#
loop_
_entity.id
_entity.type
_entity.pdbx_description
1 polymer 'CRISPR-associated endonuclease Cas1'
2 polymer 'CRISPR-associated endoribonuclease Cas2'
3 polymer 'DNA (28-MER)'
4 polymer "DNA (5'-D(P*CP*CP*GP*AP*G)-3')"
5 polymer 'DNA (46-MER)'
6 polymer 'DNA (69-MER)'
7 non-polymer 'MAGNESIUM ION'
8 water water
#
loop_
_entity_poly.entity_id
_entity_poly.type
_entity_poly.pdbx_seq_one_letter_code
_entity_poly.pdbx_strand_id
1 'polypeptide(L)'
;MGWRTVVVNKHSKLSYKNNHLVFKAIDHQELIHLSEIDVLLLETTDISLTTMLLKRLIDEKILVLFCDDKRLPIGKILPF
YGRHDSSLQLTRQLAWTEERKGQVWTAIIAQKITNQSLHLAQRDYGQKAAALLAMRAELRLFDPANREGHAARSYFNTLF
GNDFTREQENDINAGLNYGYTLLLSIFARELVQTGCFTQLGLKHANQFNDFNLASDLMEPFRPLVDQIIYENRKEAFPIM
KRKLFALFMNTYMYKKKQMFLTNIATDYTKHVVKVLNQEEEGVPEFGI
;
A,B,C,D,I,J,K,L
2 'polypeptide(L)'
;MSYRYMRLLLMFDMPTDTASDRKAYRKFRKFLINEGFIMHQFSVYSKILLNDTANKAMLARLKQNNPQRGLITLLNVTEK
QFSRMIYLHGEQDNRVANSDERIVFLGEE
;
E,F,M,N
3 'polydeoxyribonucleotide'
;(DT)(DT)(DC)(DG)(DT)(DA)(DG)(DC)(DT)(DG)(DA)(DG)(DG)(DC)(DC)(DT)(DC)(DA)(DG)(DC)
(DT)(DA)(DC)(DG)(DT)(DT)(DC)(DC)
;
G,O,P
4 'polydeoxyribonucleotide' (DC)(DC)(DG)(DA)(DG) H
5 'polydeoxyribonucleotide'
;(DC)(DC)(DG)(DA)(DG)(DG)(DT)(DT)(DT)(DT)(DG)(DG)(DT)(DA)(DC)(DC)(DA)(DT)(DT)(DC)
(DT)(DA)(DA)(DA)(DC)(DA)(DA)(DC)(DA)(DT)(DG)(DA)(DC)(DT)(DC)(DT)(DA)(DA)(DA)(DA)
(DC)(DC)(DT)(DC)(DG)(DG)
;
Q
6 'polydeoxyribonucleotide'
;(DT)(DT)(DC)(DG)(DT)(DA)(DG)(DC)(DT)(DG)(DA)(DG)(DG)(DC)(DC)(DT)(DC)(DA)(DG)(DC)
(DT)(DA)(DC)(DG)(DT)(DT)(DC)(DC)(DG)(DT)(DT)(DT)(DT)(DA)(DG)(DA)(DG)(DT)(DC)(DA)
(DT)(DG)(DT)(DT)(DG)(DT)(DT)(DT)(DA)(DG)(DA)(DA)(DT)(DG)(DG)(DT)(DA)(DC)(DC)(DA)
(DA)(DA)(DA)(DC)(DC)(DT)(DC)(DG)(DG)
;
R
#
loop_
_chem_comp.id
_chem_comp.type
_chem_comp.name
_chem_comp.formula
DA DNA linking 2'-DEOXYADENOSINE-5'-MONOPHOSPHATE 'C10 H14 N5 O6 P'
DC DNA linking 2'-DEOXYCYTIDINE-5'-MONOPHOSPHATE 'C9 H14 N3 O7 P'
DG DNA linking 2'-DEOXYGUANOSINE-5'-MONOPHOSPHATE 'C10 H14 N5 O7 P'
DT DNA linking THYMIDINE-5'-MONOPHOSPHATE 'C10 H15 N2 O8 P'
MG non-polymer 'MAGNESIUM ION' 'Mg 2'
#
# COMPACT_ATOMS: atom_id res chain seq x y z
N MET A 1 10.33 -17.28 -14.97
CA MET A 1 10.31 -18.58 -15.68
C MET A 1 9.13 -18.44 -16.63
N GLY A 2 7.98 -19.07 -16.38
CA GLY A 2 6.71 -18.61 -17.04
C GLY A 2 5.57 -19.03 -16.15
N TRP A 3 4.43 -18.34 -16.21
CA TRP A 3 3.46 -18.35 -15.11
C TRP A 3 1.98 -18.35 -15.50
N ARG A 4 1.69 -18.25 -16.78
CA ARG A 4 0.31 -18.27 -17.21
C ARG A 4 -0.18 -19.62 -17.69
N THR A 5 -1.39 -19.96 -17.32
CA THR A 5 -2.08 -21.10 -17.91
C THR A 5 -3.11 -20.59 -18.91
N VAL A 6 -2.84 -20.84 -20.16
CA VAL A 6 -3.66 -20.38 -21.26
C VAL A 6 -4.59 -21.50 -21.66
N VAL A 7 -5.88 -21.22 -21.57
CA VAL A 7 -6.91 -22.19 -21.89
C VAL A 7 -7.65 -21.74 -23.14
N VAL A 8 -7.67 -22.60 -24.13
CA VAL A 8 -8.32 -22.28 -25.40
C VAL A 8 -9.51 -23.19 -25.58
N ASN A 9 -10.70 -22.61 -25.66
CA ASN A 9 -11.90 -23.42 -25.97
C ASN A 9 -12.86 -22.77 -26.96
N LYS A 10 -12.35 -21.84 -27.74
CA LYS A 10 -13.12 -21.21 -28.80
C LYS A 10 -12.56 -21.56 -30.15
N HIS A 11 -13.46 -21.78 -31.11
CA HIS A 11 -13.08 -21.96 -32.52
C HIS A 11 -12.09 -20.85 -32.88
N SER A 12 -10.87 -21.23 -33.28
CA SER A 12 -9.77 -20.26 -33.36
C SER A 12 -8.57 -20.78 -34.14
N LYS A 13 -7.68 -19.86 -34.50
CA LYS A 13 -6.40 -20.18 -35.18
C LYS A 13 -5.24 -19.72 -34.31
N LEU A 14 -4.41 -20.65 -33.90
CA LEU A 14 -3.20 -20.32 -33.14
C LEU A 14 -2.02 -20.32 -34.08
N SER A 15 -1.17 -19.32 -33.88
CA SER A 15 -0.03 -19.10 -34.72
C SER A 15 1.09 -18.46 -33.92
N TYR A 16 2.21 -18.23 -34.57
CA TYR A 16 3.36 -17.65 -33.91
C TYR A 16 3.88 -16.47 -34.68
N LYS A 17 4.16 -15.41 -33.95
CA LYS A 17 4.77 -14.21 -34.49
C LYS A 17 5.53 -13.44 -33.40
N ASN A 18 6.76 -13.08 -33.72
CA ASN A 18 7.55 -12.20 -32.88
C ASN A 18 7.53 -12.62 -31.42
N ASN A 19 7.82 -13.87 -31.19
CA ASN A 19 7.89 -14.40 -29.82
C ASN A 19 6.59 -14.43 -29.07
N HIS A 20 5.51 -14.25 -29.79
CA HIS A 20 4.18 -14.30 -29.19
C HIS A 20 3.41 -15.47 -29.70
N LEU A 21 2.58 -16.00 -28.83
CA LEU A 21 1.48 -16.83 -29.26
C LEU A 21 0.41 -15.90 -29.83
N VAL A 22 -0.10 -16.23 -31.00
CA VAL A 22 -1.14 -15.42 -31.64
C VAL A 22 -2.42 -16.19 -31.69
N PHE A 23 -3.43 -15.65 -31.04
CA PHE A 23 -4.78 -16.25 -30.96
C PHE A 23 -5.72 -15.43 -31.79
N LYS A 24 -6.29 -16.03 -32.81
CA LYS A 24 -7.28 -15.36 -33.67
C LYS A 24 -8.58 -16.13 -33.69
N ALA A 25 -9.62 -15.48 -33.22
CA ALA A 25 -11.00 -15.97 -33.31
C ALA A 25 -11.71 -14.97 -34.23
N ILE A 26 -12.90 -15.29 -34.69
CA ILE A 26 -13.59 -14.40 -35.68
C ILE A 26 -13.81 -12.98 -35.13
N ASP A 27 -14.25 -12.93 -33.90
CA ASP A 27 -14.40 -11.64 -33.24
C ASP A 27 -13.04 -11.04 -32.82
N HIS A 28 -12.39 -11.75 -31.91
CA HIS A 28 -11.38 -11.21 -31.03
C HIS A 28 -10.00 -11.66 -31.47
N GLN A 29 -8.96 -10.95 -31.03
CA GLN A 29 -7.56 -11.36 -31.30
C GLN A 29 -6.63 -11.04 -30.10
N GLU A 30 -5.81 -11.99 -29.67
CA GLU A 30 -4.86 -11.79 -28.54
C GLU A 30 -3.46 -12.21 -28.87
N LEU A 31 -2.50 -11.41 -28.46
CA LEU A 31 -1.09 -11.80 -28.51
C LEU A 31 -0.60 -12.00 -27.10
N ILE A 32 0.11 -13.09 -26.89
CA ILE A 32 0.64 -13.42 -25.55
C ILE A 32 2.10 -13.81 -25.65
N HIS A 33 2.95 -13.14 -24.89
CA HIS A 33 4.38 -13.37 -25.02
C HIS A 33 4.66 -14.77 -24.53
N LEU A 34 5.52 -15.48 -25.24
CA LEU A 34 5.75 -16.91 -24.96
C LEU A 34 6.41 -17.15 -23.61
N SER A 35 7.33 -16.27 -23.23
CA SER A 35 8.00 -16.37 -21.92
C SER A 35 7.05 -16.25 -20.73
N GLU A 36 5.88 -15.68 -20.96
CA GLU A 36 4.85 -15.56 -19.89
C GLU A 36 4.05 -16.86 -19.64
N ILE A 37 4.09 -17.76 -20.59
CA ILE A 37 3.24 -18.95 -20.58
C ILE A 37 3.93 -20.13 -19.91
N ASP A 38 3.21 -20.75 -19.02
CA ASP A 38 3.61 -21.99 -18.35
C ASP A 38 2.94 -23.19 -19.02
N VAL A 39 1.65 -23.08 -19.23
CA VAL A 39 0.86 -24.17 -19.78
C VAL A 39 -0.13 -23.73 -20.84
N LEU A 40 -0.18 -24.48 -21.92
CA LEU A 40 -1.14 -24.26 -23.00
C LEU A 40 -2.06 -25.45 -23.08
N LEU A 41 -3.32 -25.19 -22.84
CA LEU A 41 -4.30 -26.23 -22.72
C LEU A 41 -5.33 -26.05 -23.79
N LEU A 42 -5.40 -27.02 -24.68
CA LEU A 42 -6.29 -26.96 -25.86
C LEU A 42 -7.50 -27.84 -25.65
N GLU A 43 -8.55 -27.22 -25.14
CA GLU A 43 -9.73 -27.95 -24.59
C GLU A 43 -10.60 -28.56 -25.66
N THR A 44 -10.66 -27.93 -26.81
CA THR A 44 -11.65 -28.30 -27.81
C THR A 44 -11.02 -28.74 -29.10
N THR A 45 -11.87 -29.21 -30.00
CA THR A 45 -11.41 -29.83 -31.26
C THR A 45 -11.61 -28.89 -32.45
N ASP A 46 -11.85 -27.63 -32.16
CA ASP A 46 -12.13 -26.61 -33.21
C ASP A 46 -11.00 -25.62 -33.40
N ILE A 47 -9.79 -26.06 -33.11
CA ILE A 47 -8.63 -25.16 -33.11
C ILE A 47 -7.61 -25.55 -34.18
N SER A 48 -7.17 -24.60 -34.96
CA SER A 48 -6.03 -24.78 -35.87
C SER A 48 -4.78 -24.26 -35.21
N LEU A 49 -3.64 -24.85 -35.53
CA LEU A 49 -2.36 -24.38 -35.00
C LEU A 49 -1.20 -24.75 -35.93
N THR A 50 -0.14 -23.98 -35.91
CA THR A 50 0.96 -24.16 -36.87
C THR A 50 2.10 -24.91 -36.23
N THR A 51 2.93 -25.52 -37.07
CA THR A 51 4.04 -26.31 -36.58
C THR A 51 5.16 -25.41 -36.08
N MET A 52 5.22 -24.19 -36.61
CA MET A 52 6.19 -23.18 -36.10
C MET A 52 5.86 -22.92 -34.65
N LEU A 53 4.58 -22.69 -34.39
CA LEU A 53 4.13 -22.43 -33.03
C LEU A 53 4.55 -23.57 -32.12
N LEU A 54 4.28 -24.79 -32.57
CA LEU A 54 4.62 -25.98 -31.77
C LEU A 54 6.10 -26.09 -31.48
N LYS A 55 6.91 -25.77 -32.49
CA LYS A 55 8.37 -25.79 -32.31
C LYS A 55 8.73 -24.86 -31.19
N ARG A 56 8.24 -23.64 -31.31
CA ARG A 56 8.58 -22.56 -30.38
C ARG A 56 8.05 -22.86 -28.97
N LEU A 57 6.90 -23.49 -28.91
CA LEU A 57 6.36 -23.93 -27.63
C LEU A 57 7.27 -24.95 -26.98
N ILE A 58 7.82 -25.82 -27.81
CA ILE A 58 8.71 -26.87 -27.31
C ILE A 58 10.02 -26.26 -26.86
N ASP A 59 10.44 -25.18 -27.51
CA ASP A 59 11.71 -24.49 -27.19
C ASP A 59 11.65 -23.95 -25.79
N GLU A 60 10.66 -23.11 -25.58
CA GLU A 60 10.31 -22.58 -24.27
C GLU A 60 9.78 -23.81 -23.69
N LYS A 61 9.76 -24.00 -22.41
CA LYS A 61 9.53 -25.36 -22.08
C LYS A 61 8.09 -25.49 -21.67
N ILE A 62 7.18 -25.22 -22.60
CA ILE A 62 5.76 -25.05 -22.30
C ILE A 62 4.98 -26.33 -22.37
N LEU A 63 4.27 -26.62 -21.31
CA LEU A 63 3.45 -27.82 -21.25
C LEU A 63 2.22 -27.65 -22.14
N VAL A 64 2.14 -28.44 -23.18
CA VAL A 64 1.03 -28.40 -24.14
C VAL A 64 0.14 -29.61 -24.00
N LEU A 65 -1.14 -29.38 -23.73
CA LEU A 65 -2.11 -30.46 -23.49
C LEU A 65 -3.21 -30.51 -24.52
N PHE A 66 -3.49 -31.72 -24.97
CA PHE A 66 -4.52 -31.98 -26.01
C PHE A 66 -5.71 -32.64 -25.39
N CYS A 67 -6.87 -32.29 -25.90
CA CYS A 67 -8.09 -32.84 -25.35
C CYS A 67 -8.99 -33.44 -26.40
N ASP A 68 -9.84 -34.28 -25.84
CA ASP A 68 -11.01 -34.97 -26.30
C ASP A 68 -12.14 -34.13 -26.79
N ASP A 69 -13.07 -34.84 -27.38
CA ASP A 69 -14.39 -34.34 -27.76
C ASP A 69 -15.24 -33.99 -26.51
N LYS A 70 -14.88 -34.56 -25.35
CA LYS A 70 -15.51 -34.26 -24.04
C LYS A 70 -14.67 -33.35 -23.13
N ARG A 71 -13.69 -32.70 -23.72
CA ARG A 71 -12.74 -31.81 -23.00
C ARG A 71 -11.86 -32.41 -21.88
N LEU A 72 -11.77 -33.74 -21.85
CA LEU A 72 -10.77 -34.43 -21.03
C LEU A 72 -9.43 -34.45 -21.76
N PRO A 73 -8.33 -34.33 -21.02
CA PRO A 73 -7.04 -34.47 -21.64
C PRO A 73 -6.74 -35.90 -22.11
N ILE A 74 -6.00 -36.02 -23.21
CA ILE A 74 -5.67 -37.33 -23.83
C ILE A 74 -4.22 -37.50 -24.21
N GLY A 75 -3.51 -36.38 -24.27
CA GLY A 75 -2.08 -36.43 -24.51
C GLY A 75 -1.35 -35.12 -24.31
N LYS A 76 -0.03 -35.26 -24.35
CA LYS A 76 0.96 -34.21 -24.10
C LYS A 76 1.95 -34.19 -25.22
N ILE A 77 2.59 -33.07 -25.48
CA ILE A 77 3.79 -33.07 -26.35
C ILE A 77 4.96 -33.54 -25.50
N LEU A 78 5.74 -34.45 -26.06
CA LEU A 78 6.91 -35.04 -25.38
C LEU A 78 8.14 -34.59 -26.15
N PRO A 79 8.91 -33.66 -25.60
CA PRO A 79 10.09 -33.22 -26.29
C PRO A 79 11.12 -34.32 -26.26
N PHE A 80 11.91 -34.41 -27.31
CA PHE A 80 12.97 -35.43 -27.40
C PHE A 80 14.24 -34.96 -26.72
N TYR A 81 14.43 -33.65 -26.66
CA TYR A 81 15.73 -33.12 -26.31
C TYR A 81 15.56 -32.03 -25.30
N GLY A 82 15.31 -32.41 -24.06
CA GLY A 82 14.89 -31.41 -23.05
C GLY A 82 15.98 -30.45 -22.57
N ARG A 83 17.21 -30.73 -22.95
CA ARG A 83 18.30 -29.88 -22.51
C ARG A 83 19.56 -30.02 -23.38
N HIS A 84 20.48 -29.11 -23.14
CA HIS A 84 21.64 -28.94 -24.05
C HIS A 84 22.50 -30.20 -24.18
N ASP A 85 22.63 -30.90 -23.04
CA ASP A 85 23.46 -32.08 -22.86
C ASP A 85 22.71 -33.32 -22.42
N SER A 86 21.57 -33.60 -23.02
CA SER A 86 20.69 -34.70 -22.56
C SER A 86 21.31 -36.07 -22.55
N SER A 87 22.29 -36.28 -23.42
CA SER A 87 23.02 -37.57 -23.49
C SER A 87 23.66 -37.91 -22.15
N LEU A 88 24.14 -36.91 -21.43
CA LEU A 88 24.88 -37.16 -20.21
C LEU A 88 23.98 -37.81 -19.17
N GLN A 89 22.81 -37.26 -18.94
CA GLN A 89 21.93 -37.77 -17.89
C GLN A 89 21.42 -39.16 -18.22
N LEU A 90 21.10 -39.37 -19.48
CA LEU A 90 20.64 -40.66 -19.91
C LEU A 90 21.60 -41.84 -19.51
N THR A 91 22.88 -41.67 -19.78
CA THR A 91 23.88 -42.64 -19.36
C THR A 91 23.84 -42.88 -17.84
N ARG A 92 23.74 -41.79 -17.07
CA ARG A 92 23.60 -41.88 -15.60
C ARG A 92 22.36 -42.63 -15.16
N GLN A 93 21.26 -42.36 -15.84
CA GLN A 93 19.98 -42.98 -15.53
C GLN A 93 20.02 -44.47 -15.78
N LEU A 94 20.71 -44.87 -16.83
CA LEU A 94 20.82 -46.30 -17.15
C LEU A 94 21.63 -47.04 -16.09
N ALA A 95 22.52 -46.30 -15.44
CA ALA A 95 23.38 -46.81 -14.37
C ALA A 95 22.75 -46.78 -12.97
N TRP A 96 21.51 -46.34 -12.85
CA TRP A 96 20.86 -46.33 -11.55
C TRP A 96 20.78 -47.77 -11.03
N THR A 97 21.28 -47.97 -9.82
CA THR A 97 21.34 -49.31 -9.20
C THR A 97 19.98 -49.71 -8.68
N GLU A 98 19.69 -51.00 -8.71
CA GLU A 98 18.36 -51.43 -8.28
C GLU A 98 18.10 -51.14 -6.80
N GLU A 99 19.15 -51.18 -6.02
CA GLU A 99 19.01 -50.85 -4.59
C GLU A 99 18.63 -49.38 -4.39
N ARG A 100 19.39 -48.51 -5.04
CA ARG A 100 19.15 -47.07 -4.95
C ARG A 100 17.73 -46.69 -5.40
N LYS A 101 17.27 -47.31 -6.48
CA LYS A 101 15.89 -47.10 -6.97
C LYS A 101 14.87 -47.50 -5.89
N GLY A 102 15.10 -48.64 -5.28
CA GLY A 102 14.25 -49.12 -4.18
C GLY A 102 14.18 -48.13 -3.02
N GLN A 103 15.35 -47.66 -2.61
CA GLN A 103 15.42 -46.72 -1.50
C GLN A 103 14.59 -45.52 -1.82
N VAL A 104 14.89 -44.94 -2.96
CA VAL A 104 14.20 -43.70 -3.41
C VAL A 104 12.70 -43.90 -3.60
N TRP A 105 12.33 -44.95 -4.31
CA TRP A 105 10.91 -45.22 -4.57
C TRP A 105 10.13 -45.36 -3.27
N THR A 106 10.71 -46.15 -2.37
CA THR A 106 10.05 -46.43 -1.09
C THR A 106 9.98 -45.18 -0.21
N ALA A 107 11.05 -44.41 -0.19
CA ALA A 107 11.05 -43.09 0.48
C ALA A 107 9.87 -42.24 0.01
N ILE A 108 9.70 -42.24 -1.31
CA ILE A 108 8.72 -41.40 -1.98
C ILE A 108 7.33 -41.84 -1.61
N ILE A 109 7.07 -43.13 -1.71
CA ILE A 109 5.74 -43.61 -1.37
C ILE A 109 5.38 -43.35 0.09
N ALA A 110 6.37 -43.46 0.95
CA ALA A 110 6.21 -43.11 2.37
C ALA A 110 5.67 -41.67 2.50
N GLN A 111 6.27 -40.76 1.75
CA GLN A 111 5.79 -39.38 1.74
C GLN A 111 4.33 -39.28 1.29
N LYS A 112 3.95 -40.11 0.33
CA LYS A 112 2.58 -40.10 -0.19
C LYS A 112 1.64 -40.52 0.94
N ILE A 113 1.98 -41.64 1.55
CA ILE A 113 1.17 -42.18 2.66
C ILE A 113 1.07 -41.15 3.80
N THR A 114 2.19 -40.55 4.18
CA THR A 114 2.16 -39.48 5.22
C THR A 114 1.16 -38.40 4.81
N ASN A 115 1.20 -37.99 3.56
CA ASN A 115 0.33 -36.90 3.09
C ASN A 115 -1.11 -37.32 3.00
N GLN A 116 -1.33 -38.59 2.68
CA GLN A 116 -2.68 -39.14 2.74
C GLN A 116 -3.18 -39.03 4.20
N SER A 117 -2.32 -39.42 5.13
CA SER A 117 -2.69 -39.38 6.57
C SER A 117 -3.00 -37.95 7.00
N LEU A 118 -2.07 -37.05 6.70
CA LEU A 118 -2.23 -35.61 7.06
C LEU A 118 -3.55 -35.05 6.54
N HIS A 119 -3.92 -35.48 5.35
CA HIS A 119 -5.20 -35.07 4.75
C HIS A 119 -6.36 -35.63 5.54
N LEU A 120 -6.23 -36.87 5.98
CA LEU A 120 -7.29 -37.48 6.81
C LEU A 120 -7.42 -36.73 8.15
N ALA A 121 -6.28 -36.49 8.76
CA ALA A 121 -6.22 -35.69 10.01
C ALA A 121 -6.96 -34.37 9.81
N GLN A 122 -6.62 -33.71 8.72
CA GLN A 122 -7.24 -32.44 8.33
C GLN A 122 -8.77 -32.50 8.35
N ARG A 123 -9.32 -33.66 7.98
CA ARG A 123 -10.80 -33.84 7.96
C ARG A 123 -11.36 -34.47 9.25
N ASP A 124 -10.61 -34.30 10.35
CA ASP A 124 -10.98 -34.81 11.71
C ASP A 124 -11.22 -36.32 11.75
N TYR A 125 -10.41 -37.05 11.01
CA TYR A 125 -10.37 -38.51 11.13
C TYR A 125 -9.07 -38.90 11.84
N GLY A 126 -8.87 -38.32 13.03
CA GLY A 126 -7.64 -38.53 13.82
C GLY A 126 -7.21 -40.00 13.79
N GLN A 127 -8.21 -40.88 13.80
CA GLN A 127 -7.99 -42.34 14.04
C GLN A 127 -7.42 -43.10 12.88
N LYS A 128 -8.08 -42.94 11.74
CA LYS A 128 -7.65 -43.61 10.51
C LYS A 128 -6.33 -43.02 10.02
N ALA A 129 -6.08 -41.76 10.37
CA ALA A 129 -4.81 -41.08 10.06
C ALA A 129 -3.63 -41.81 10.71
N ALA A 130 -3.78 -42.11 11.99
CA ALA A 130 -2.75 -42.85 12.74
C ALA A 130 -2.54 -44.23 12.13
N ALA A 131 -3.65 -44.80 11.66
CA ALA A 131 -3.65 -46.14 11.03
C ALA A 131 -2.72 -46.18 9.83
N LEU A 132 -2.77 -45.12 9.03
CA LEU A 132 -1.93 -45.02 7.82
C LEU A 132 -0.45 -44.92 8.20
N LEU A 133 -0.16 -44.08 9.19
CA LEU A 133 1.21 -43.95 9.74
C LEU A 133 1.78 -45.31 10.16
N ALA A 134 0.89 -46.17 10.65
CA ALA A 134 1.26 -47.54 11.04
C ALA A 134 1.64 -48.37 9.81
N MET A 135 0.81 -48.28 8.78
CA MET A 135 1.07 -48.99 7.50
C MET A 135 2.44 -48.54 6.94
N ARG A 136 2.68 -47.24 7.04
CA ARG A 136 3.96 -46.63 6.59
C ARG A 136 5.16 -47.22 7.32
N ALA A 137 5.04 -47.36 8.64
CA ALA A 137 6.16 -47.87 9.44
C ALA A 137 6.53 -49.33 9.06
N GLU A 138 5.56 -50.04 8.48
CA GLU A 138 5.71 -51.46 8.09
C GLU A 138 6.27 -51.65 6.67
N LEU A 139 6.54 -50.55 6.01
CA LEU A 139 6.99 -50.55 4.61
C LEU A 139 8.39 -51.11 4.46
N ARG A 140 8.57 -52.02 3.51
CA ARG A 140 9.91 -52.52 3.14
C ARG A 140 10.18 -52.21 1.67
N LEU A 141 11.43 -52.30 1.24
CA LEU A 141 11.85 -51.91 -0.13
C LEU A 141 10.96 -52.48 -1.22
N PHE A 142 10.54 -51.60 -2.11
CA PHE A 142 9.60 -51.90 -3.21
C PHE A 142 8.23 -52.42 -2.74
N ASP A 143 7.91 -52.20 -1.47
CA ASP A 143 6.58 -52.53 -0.91
C ASP A 143 6.00 -53.88 -1.37
N PRO A 144 6.67 -55.00 -1.03
CA PRO A 144 6.18 -56.33 -1.45
C PRO A 144 4.81 -56.65 -0.86
N ALA A 145 4.57 -56.14 0.35
CA ALA A 145 3.27 -56.12 1.00
C ALA A 145 2.58 -54.91 0.39
N ASN A 146 1.44 -55.06 -0.26
CA ASN A 146 0.80 -53.85 -0.77
C ASN A 146 0.75 -53.42 0.70
N ARG A 147 1.43 -52.34 1.11
CA ARG A 147 1.03 -51.40 2.16
C ARG A 147 0.45 -50.12 1.52
N GLU A 148 1.06 -49.71 0.42
CA GLU A 148 0.57 -48.55 -0.36
C GLU A 148 -0.90 -48.70 -0.71
N GLY A 149 -1.20 -49.88 -1.26
CA GLY A 149 -2.54 -50.18 -1.78
C GLY A 149 -3.58 -50.33 -0.69
N HIS A 150 -3.14 -50.93 0.42
CA HIS A 150 -3.99 -51.11 1.61
C HIS A 150 -4.31 -49.71 2.18
N ALA A 151 -3.26 -48.91 2.31
CA ALA A 151 -3.39 -47.52 2.79
C ALA A 151 -4.37 -46.70 1.93
N ALA A 152 -4.22 -46.83 0.63
CA ALA A 152 -5.05 -46.07 -0.33
C ALA A 152 -6.52 -46.45 -0.25
N ARG A 153 -6.78 -47.76 -0.20
CA ARG A 153 -8.18 -48.25 -0.14
C ARG A 153 -8.88 -47.68 1.10
N SER A 154 -8.17 -47.76 2.22
CA SER A 154 -8.64 -47.25 3.51
C SER A 154 -8.92 -45.74 3.44
N TYR A 155 -7.89 -45.04 3.01
CA TYR A 155 -7.91 -43.59 2.79
C TYR A 155 -9.16 -43.16 2.01
N PHE A 156 -9.36 -43.77 0.85
CA PHE A 156 -10.49 -43.40 0.00
C PHE A 156 -11.84 -43.77 0.58
N ASN A 157 -11.91 -44.90 1.29
CA ASN A 157 -13.21 -45.32 1.87
C ASN A 157 -13.62 -44.38 2.97
N THR A 158 -12.63 -44.01 3.76
CA THR A 158 -12.88 -43.08 4.87
C THR A 158 -13.30 -41.66 4.34
N LEU A 159 -12.75 -41.25 3.20
CA LEU A 159 -13.10 -39.95 2.60
C LEU A 159 -14.45 -39.94 1.89
N PHE A 160 -14.69 -40.98 1.10
CA PHE A 160 -15.90 -41.00 0.25
C PHE A 160 -16.86 -42.15 0.56
N GLY A 161 -16.64 -42.79 1.70
CA GLY A 161 -17.58 -43.82 2.20
C GLY A 161 -17.17 -45.21 1.76
N ASN A 162 -17.64 -46.21 2.47
CA ASN A 162 -17.28 -47.59 2.17
C ASN A 162 -17.99 -48.14 0.90
N ASP A 163 -18.96 -47.41 0.39
CA ASP A 163 -19.59 -47.67 -0.89
C ASP A 163 -18.69 -47.32 -2.14
N PHE A 164 -17.56 -46.68 -1.88
CA PHE A 164 -16.77 -46.03 -2.92
C PHE A 164 -15.57 -46.88 -3.27
N THR A 165 -15.40 -47.08 -4.57
CA THR A 165 -14.14 -47.62 -5.09
C THR A 165 -13.68 -46.60 -6.10
N ARG A 166 -12.43 -46.72 -6.42
CA ARG A 166 -11.74 -45.76 -7.23
C ARG A 166 -11.86 -46.16 -8.73
N GLU A 167 -12.61 -47.23 -9.01
CA GLU A 167 -12.81 -47.72 -10.39
C GLU A 167 -14.20 -47.45 -10.91
N GLN A 168 -15.04 -46.87 -10.09
CA GLN A 168 -16.44 -46.76 -10.46
C GLN A 168 -16.64 -45.41 -11.18
N GLU A 169 -17.51 -45.43 -12.16
CA GLU A 169 -17.77 -44.27 -12.99
C GLU A 169 -18.63 -43.21 -12.30
N ASN A 170 -18.01 -42.15 -11.81
CA ASN A 170 -18.72 -41.05 -11.13
C ASN A 170 -17.93 -39.75 -11.27
N ASP A 171 -18.57 -38.65 -10.92
CA ASP A 171 -17.92 -37.35 -10.95
C ASP A 171 -16.65 -37.25 -10.08
N ILE A 172 -16.62 -37.96 -8.97
CA ILE A 172 -15.48 -37.85 -8.04
C ILE A 172 -14.22 -38.43 -8.65
N ASN A 173 -14.37 -39.61 -9.25
CA ASN A 173 -13.22 -40.29 -9.87
C ASN A 173 -12.75 -39.51 -11.10
N ALA A 174 -13.70 -39.08 -11.91
CA ALA A 174 -13.41 -38.26 -13.11
C ALA A 174 -12.54 -37.08 -12.71
N GLY A 175 -12.94 -36.43 -11.64
CA GLY A 175 -12.22 -35.26 -11.10
C GLY A 175 -10.83 -35.63 -10.61
N LEU A 176 -10.75 -36.73 -9.89
CA LEU A 176 -9.46 -37.20 -9.38
C LEU A 176 -8.52 -37.53 -10.52
N ASN A 177 -9.04 -38.27 -11.48
CA ASN A 177 -8.29 -38.69 -12.66
C ASN A 177 -7.76 -37.49 -13.43
N TYR A 178 -8.63 -36.52 -13.68
CA TYR A 178 -8.26 -35.30 -14.37
C TYR A 178 -7.13 -34.58 -13.64
N GLY A 179 -7.30 -34.41 -12.35
CA GLY A 179 -6.30 -33.74 -11.51
C GLY A 179 -4.97 -34.46 -11.54
N TYR A 180 -5.05 -35.78 -11.42
CA TYR A 180 -3.84 -36.63 -11.44
C TYR A 180 -3.10 -36.54 -12.77
N THR A 181 -3.84 -36.41 -13.87
CA THR A 181 -3.22 -36.20 -15.19
C THR A 181 -2.51 -34.87 -15.25
N LEU A 182 -3.08 -33.83 -14.68
CA LEU A 182 -2.38 -32.55 -14.67
C LEU A 182 -1.02 -32.73 -14.01
N LEU A 183 -1.03 -33.34 -12.84
CA LEU A 183 0.20 -33.58 -12.07
C LEU A 183 1.19 -34.40 -12.86
N LEU A 184 0.70 -35.45 -13.45
CA LEU A 184 1.54 -36.32 -14.29
C LEU A 184 2.33 -35.50 -15.32
N SER A 185 1.60 -34.61 -16.01
CA SER A 185 2.15 -33.81 -17.08
C SER A 185 3.22 -32.88 -16.54
N ILE A 186 3.04 -32.36 -15.34
CA ILE A 186 4.03 -31.44 -14.76
C ILE A 186 5.35 -32.14 -14.55
N PHE A 187 5.27 -33.34 -14.02
CA PHE A 187 6.48 -34.07 -13.67
C PHE A 187 7.10 -34.74 -14.89
N ALA A 188 6.27 -35.09 -15.86
CA ALA A 188 6.77 -35.61 -17.13
C ALA A 188 7.67 -34.56 -17.80
N ARG A 189 7.18 -33.35 -17.80
CA ARG A 189 7.90 -32.21 -18.35
C ARG A 189 9.24 -32.02 -17.62
N GLU A 190 9.20 -32.00 -16.29
CA GLU A 190 10.41 -31.76 -15.49
C GLU A 190 11.48 -32.81 -15.64
N LEU A 191 11.05 -34.04 -15.78
CA LEU A 191 11.97 -35.14 -15.93
C LEU A 191 12.74 -34.99 -17.23
N VAL A 192 12.00 -34.76 -18.31
CA VAL A 192 12.59 -34.61 -19.62
C VAL A 192 13.57 -33.44 -19.65
N GLN A 193 13.23 -32.38 -18.95
CA GLN A 193 14.15 -31.23 -18.78
C GLN A 193 15.46 -31.56 -18.07
N THR A 194 15.46 -32.51 -17.13
CA THR A 194 16.67 -32.90 -16.42
C THR A 194 17.47 -33.94 -17.27
N GLY A 195 16.84 -34.48 -18.31
CA GLY A 195 17.53 -35.40 -19.23
C GLY A 195 17.21 -36.87 -19.00
N CYS A 196 16.16 -37.13 -18.25
CA CYS A 196 15.76 -38.50 -18.02
C CYS A 196 14.73 -38.97 -19.01
N PHE A 197 14.61 -40.28 -19.14
CA PHE A 197 13.53 -40.88 -19.91
C PHE A 197 12.41 -41.17 -18.93
N THR A 198 11.19 -40.85 -19.28
CA THR A 198 10.06 -41.06 -18.37
C THR A 198 9.50 -42.45 -18.44
N GLN A 199 9.95 -43.19 -19.43
CA GLN A 199 9.40 -44.50 -19.68
C GLN A 199 9.89 -45.44 -18.57
N LEU A 200 11.05 -45.14 -18.01
CA LEU A 200 11.76 -46.05 -17.11
C LEU A 200 11.54 -45.75 -15.63
N GLY A 201 10.46 -46.32 -15.12
CA GLY A 201 10.06 -46.13 -13.74
C GLY A 201 10.98 -46.85 -12.80
N LEU A 202 10.85 -46.51 -11.53
CA LEU A 202 11.73 -47.08 -10.51
C LEU A 202 11.31 -48.50 -10.19
N LYS A 203 10.02 -48.74 -10.14
CA LYS A 203 9.51 -50.08 -9.80
C LYS A 203 9.19 -50.89 -11.04
N HIS A 204 8.38 -50.36 -11.96
CA HIS A 204 7.95 -51.12 -13.14
C HIS A 204 8.56 -50.80 -14.48
N ALA A 205 9.21 -49.66 -14.58
CA ALA A 205 10.07 -49.38 -15.69
C ALA A 205 9.47 -49.74 -17.06
N ASN A 206 8.44 -49.03 -17.50
CA ASN A 206 8.10 -49.04 -18.95
C ASN A 206 7.24 -50.23 -19.33
N GLN A 207 6.90 -51.06 -18.36
CA GLN A 207 6.15 -52.25 -18.70
C GLN A 207 4.78 -51.95 -19.29
N PHE A 208 4.11 -50.97 -18.70
CA PHE A 208 2.70 -50.74 -19.00
C PHE A 208 2.45 -49.52 -19.88
N ASN A 209 3.07 -48.43 -19.46
CA ASN A 209 2.87 -47.10 -20.02
C ASN A 209 4.23 -46.41 -20.25
N ASP A 210 4.17 -45.29 -20.95
CA ASP A 210 5.38 -44.51 -21.30
C ASP A 210 5.76 -43.38 -20.29
N PHE A 211 5.05 -43.26 -19.19
CA PHE A 211 5.33 -42.22 -18.20
C PHE A 211 5.46 -42.71 -16.77
N ASN A 212 5.85 -43.96 -16.66
CA ASN A 212 5.99 -44.59 -15.35
C ASN A 212 6.78 -43.78 -14.36
N LEU A 213 7.88 -43.21 -14.81
CA LEU A 213 8.79 -42.51 -13.91
C LEU A 213 8.14 -41.24 -13.40
N ALA A 214 7.34 -40.61 -14.25
CA ALA A 214 6.57 -39.44 -13.83
C ALA A 214 5.54 -39.83 -12.78
N SER A 215 4.90 -40.96 -12.96
CA SER A 215 3.88 -41.43 -11.99
C SER A 215 4.54 -41.62 -10.63
N ASP A 216 5.73 -42.19 -10.66
CA ASP A 216 6.49 -42.46 -9.44
C ASP A 216 6.75 -41.15 -8.71
N LEU A 217 7.23 -40.16 -9.42
CA LEU A 217 7.61 -38.87 -8.80
C LEU A 217 6.45 -38.02 -8.30
N MET A 218 5.32 -38.12 -8.96
CA MET A 218 4.13 -37.34 -8.58
C MET A 218 3.42 -37.85 -7.34
N GLU A 219 3.81 -39.03 -6.85
CA GLU A 219 3.05 -39.74 -5.81
C GLU A 219 2.73 -38.87 -4.58
N PRO A 220 3.74 -38.18 -4.02
CA PRO A 220 3.47 -37.41 -2.82
C PRO A 220 2.53 -36.27 -3.04
N PHE A 221 2.33 -35.91 -4.29
CA PHE A 221 1.54 -34.71 -4.61
C PHE A 221 0.08 -35.02 -4.84
N ARG A 222 -0.24 -36.30 -4.96
CA ARG A 222 -1.63 -36.70 -5.24
C ARG A 222 -2.65 -36.09 -4.24
N PRO A 223 -2.35 -36.11 -2.93
CA PRO A 223 -3.30 -35.52 -1.99
C PRO A 223 -3.69 -34.06 -2.27
N LEU A 224 -2.82 -33.30 -2.92
CA LEU A 224 -3.18 -31.93 -3.29
C LEU A 224 -4.44 -31.92 -4.12
N VAL A 225 -4.53 -32.85 -5.05
CA VAL A 225 -5.71 -33.02 -5.90
C VAL A 225 -6.85 -33.55 -5.02
N ASP A 226 -6.52 -34.54 -4.19
CA ASP A 226 -7.52 -35.18 -3.32
C ASP A 226 -8.25 -34.12 -2.46
N GLN A 227 -7.46 -33.23 -1.85
CA GLN A 227 -8.01 -32.12 -1.07
C GLN A 227 -9.06 -31.34 -1.86
N ILE A 228 -8.68 -30.90 -3.05
CA ILE A 228 -9.51 -30.00 -3.88
C ILE A 228 -10.80 -30.71 -4.23
N ILE A 229 -10.70 -31.95 -4.67
CA ILE A 229 -11.95 -32.61 -5.05
C ILE A 229 -12.81 -32.99 -3.85
N TYR A 230 -12.16 -33.36 -2.73
CA TYR A 230 -12.92 -33.62 -1.49
C TYR A 230 -13.76 -32.38 -1.14
N GLU A 231 -13.12 -31.22 -1.16
CA GLU A 231 -13.81 -29.96 -0.85
C GLU A 231 -14.94 -29.66 -1.82
N ASN A 232 -14.88 -30.23 -3.02
CA ASN A 232 -15.94 -30.02 -4.04
C ASN A 232 -16.62 -31.31 -4.45
N ARG A 233 -16.72 -32.19 -3.48
CA ARG A 233 -17.22 -33.52 -3.72
C ARG A 233 -18.63 -33.57 -4.26
N LYS A 234 -19.38 -32.57 -3.86
CA LYS A 234 -20.81 -32.48 -4.16
C LYS A 234 -21.09 -31.65 -5.38
N GLU A 235 -20.03 -31.09 -5.93
CA GLU A 235 -20.17 -30.26 -7.12
C GLU A 235 -20.22 -31.10 -8.39
N ALA A 236 -20.59 -30.42 -9.48
CA ALA A 236 -20.57 -31.00 -10.84
C ALA A 236 -19.12 -31.10 -11.32
N PHE A 237 -18.90 -31.98 -12.29
CA PHE A 237 -17.55 -32.19 -12.84
C PHE A 237 -16.97 -30.88 -13.43
N PRO A 238 -17.74 -30.16 -14.27
CA PRO A 238 -17.20 -28.91 -14.82
C PRO A 238 -16.69 -27.93 -13.78
N ILE A 239 -17.30 -27.92 -12.61
CA ILE A 239 -16.83 -27.05 -11.54
C ILE A 239 -15.53 -27.65 -10.93
N MET A 240 -15.56 -28.96 -10.67
CA MET A 240 -14.37 -29.71 -10.13
C MET A 240 -13.15 -29.33 -10.98
N LYS A 241 -13.35 -29.36 -12.29
CA LYS A 241 -12.28 -29.09 -13.28
C LYS A 241 -11.69 -27.72 -13.08
N ARG A 242 -12.57 -26.73 -12.97
CA ARG A 242 -12.12 -25.34 -12.87
C ARG A 242 -11.43 -25.10 -11.55
N LYS A 243 -11.92 -25.74 -10.51
CA LYS A 243 -11.29 -25.61 -9.18
C LYS A 243 -9.92 -26.21 -9.12
N LEU A 244 -9.69 -27.20 -9.96
CA LEU A 244 -8.40 -27.90 -10.01
C LEU A 244 -7.27 -27.02 -10.54
N PHE A 245 -7.62 -25.97 -11.27
CA PHE A 245 -6.60 -25.05 -11.82
C PHE A 245 -5.96 -24.24 -10.72
N ALA A 246 -6.56 -24.26 -9.56
CA ALA A 246 -5.94 -23.68 -8.36
C ALA A 246 -4.52 -24.19 -8.13
N LEU A 247 -4.23 -25.39 -8.63
CA LEU A 247 -2.90 -26.00 -8.46
C LEU A 247 -1.78 -25.14 -9.04
N PHE A 248 -2.11 -24.53 -10.17
CA PHE A 248 -1.18 -23.61 -10.82
C PHE A 248 -1.20 -22.19 -10.23
N MET A 249 -2.34 -21.78 -9.65
CA MET A 249 -2.46 -20.43 -9.03
C MET A 249 -1.85 -20.36 -7.64
N ASN A 250 -2.02 -21.40 -6.86
CA ASN A 250 -1.67 -21.34 -5.45
C ASN A 250 -0.25 -21.60 -5.17
N THR A 251 0.10 -21.35 -3.93
CA THR A 251 1.41 -21.59 -3.44
C THR A 251 1.36 -22.58 -2.28
N TYR A 252 2.43 -23.33 -2.11
CA TYR A 252 2.50 -24.39 -1.10
C TYR A 252 3.84 -24.33 -0.36
N MET A 253 3.85 -24.73 0.90
CA MET A 253 5.10 -24.73 1.66
C MET A 253 5.93 -25.87 1.13
N TYR A 254 7.15 -25.55 0.81
CA TYR A 254 8.11 -26.57 0.41
C TYR A 254 9.47 -26.04 0.79
N LYS A 255 10.22 -26.84 1.53
CA LYS A 255 11.57 -26.44 1.97
C LYS A 255 11.63 -25.05 2.59
N LYS A 256 10.66 -24.73 3.44
CA LYS A 256 10.66 -23.49 4.25
C LYS A 256 10.23 -22.28 3.49
N LYS A 257 9.88 -22.45 2.23
CA LYS A 257 9.51 -21.32 1.40
C LYS A 257 8.16 -21.59 0.83
N GLN A 258 7.40 -20.54 0.63
CA GLN A 258 6.20 -20.80 -0.09
C GLN A 258 6.39 -20.60 -1.57
N MET A 259 6.12 -21.65 -2.32
CA MET A 259 6.49 -21.72 -3.73
C MET A 259 5.32 -22.17 -4.60
N PHE A 260 5.36 -21.79 -5.86
CA PHE A 260 4.36 -22.24 -6.81
C PHE A 260 4.62 -23.71 -7.15
N LEU A 261 3.57 -24.41 -7.55
CA LEU A 261 3.65 -25.87 -7.68
C LEU A 261 4.65 -26.30 -8.72
N THR A 262 4.65 -25.61 -9.87
CA THR A 262 5.57 -25.97 -11.01
C THR A 262 7.04 -25.81 -10.62
N ASN A 263 7.32 -24.77 -9.86
CA ASN A 263 8.66 -24.56 -9.28
C ASN A 263 9.10 -25.58 -8.26
N ILE A 264 8.16 -25.97 -7.40
CA ILE A 264 8.41 -27.06 -6.44
C ILE A 264 8.78 -28.32 -7.23
N ALA A 265 7.93 -28.64 -8.20
CA ALA A 265 8.11 -29.86 -9.01
C ALA A 265 9.47 -29.90 -9.69
N THR A 266 9.93 -28.75 -10.13
CA THR A 266 11.27 -28.64 -10.69
C THR A 266 12.36 -29.01 -9.68
N ASP A 267 12.34 -28.34 -8.55
CA ASP A 267 13.35 -28.59 -7.51
C ASP A 267 13.27 -30.05 -7.02
N TYR A 268 12.05 -30.48 -6.73
CA TYR A 268 11.81 -31.82 -6.23
C TYR A 268 12.43 -32.84 -7.16
N THR A 269 12.08 -32.70 -8.44
CA THR A 269 12.52 -33.64 -9.47
C THR A 269 14.02 -33.62 -9.56
N LYS A 270 14.60 -32.44 -9.66
CA LYS A 270 16.07 -32.34 -9.82
C LYS A 270 16.79 -33.06 -8.69
N HIS A 271 16.29 -32.89 -7.48
CA HIS A 271 16.95 -33.50 -6.31
C HIS A 271 16.76 -35.01 -6.21
N VAL A 272 15.55 -35.47 -6.48
CA VAL A 272 15.31 -36.92 -6.60
C VAL A 272 16.31 -37.54 -7.58
N VAL A 273 16.46 -36.89 -8.74
CA VAL A 273 17.39 -37.35 -9.77
C VAL A 273 18.84 -37.36 -9.24
N LYS A 274 19.22 -36.32 -8.51
CA LYS A 274 20.59 -36.25 -7.93
C LYS A 274 20.85 -37.42 -6.99
N VAL A 275 19.84 -37.75 -6.20
CA VAL A 275 19.95 -38.87 -5.27
C VAL A 275 20.00 -40.20 -6.00
N LEU A 276 19.20 -40.35 -7.04
CA LEU A 276 19.27 -41.56 -7.86
C LEU A 276 20.64 -41.68 -8.50
N ASN A 277 21.19 -40.55 -8.92
CA ASN A 277 22.55 -40.53 -9.52
C ASN A 277 23.64 -40.74 -8.49
N GLN A 278 23.27 -40.79 -7.22
CA GLN A 278 24.22 -40.94 -6.08
C GLN A 278 25.19 -39.76 -5.97
N GLU A 279 24.67 -38.58 -6.29
CA GLU A 279 25.44 -37.34 -6.16
C GLU A 279 25.14 -36.74 -4.81
N GLU A 280 24.07 -37.19 -4.21
CA GLU A 280 23.71 -36.73 -2.86
C GLU A 280 22.85 -37.79 -2.19
N GLU A 281 22.71 -37.63 -0.88
CA GLU A 281 21.90 -38.54 -0.06
C GLU A 281 20.72 -37.76 0.45
N GLY A 282 19.61 -38.43 0.62
CA GLY A 282 18.46 -37.78 1.22
C GLY A 282 17.50 -37.22 0.20
N VAL A 283 16.47 -38.00 -0.05
CA VAL A 283 15.35 -37.61 -0.91
C VAL A 283 14.72 -36.33 -0.38
N PRO A 284 14.34 -35.40 -1.27
CA PRO A 284 13.64 -34.22 -0.80
C PRO A 284 12.25 -34.56 -0.33
N GLU A 285 11.74 -33.78 0.61
CA GLU A 285 10.44 -34.07 1.22
C GLU A 285 9.42 -33.02 0.87
N PHE A 286 8.25 -33.50 0.47
CA PHE A 286 7.11 -32.65 0.25
C PHE A 286 6.01 -33.16 1.12
N GLY A 287 5.48 -32.25 1.91
CA GLY A 287 4.36 -32.53 2.76
C GLY A 287 3.32 -31.46 2.58
N ILE A 288 2.07 -31.86 2.71
CA ILE A 288 0.97 -30.91 2.58
C ILE A 288 0.80 -30.21 3.95
N MET B 1 -4.80 -50.56 -36.81
CA MET B 1 -3.51 -49.90 -37.12
C MET B 1 -2.99 -50.25 -38.53
N GLY B 2 -2.13 -49.37 -38.95
CA GLY B 2 -1.86 -49.13 -40.33
C GLY B 2 -0.43 -49.34 -40.71
N TRP B 3 -0.11 -48.89 -41.90
CA TRP B 3 1.18 -49.20 -42.54
C TRP B 3 1.89 -48.10 -43.26
N ARG B 4 1.26 -46.94 -43.36
CA ARG B 4 1.83 -45.85 -44.14
C ARG B 4 2.56 -44.86 -43.30
N THR B 5 3.70 -44.43 -43.81
CA THR B 5 4.41 -43.32 -43.20
C THR B 5 4.18 -42.11 -44.07
N VAL B 6 3.44 -41.16 -43.53
CA VAL B 6 3.05 -39.95 -44.25
C VAL B 6 3.96 -38.80 -43.88
N VAL B 7 4.64 -38.29 -44.88
CA VAL B 7 5.67 -37.29 -44.68
C VAL B 7 5.18 -36.01 -45.28
N VAL B 8 5.14 -34.97 -44.45
CA VAL B 8 4.67 -33.66 -44.89
C VAL B 8 5.82 -32.64 -44.83
N ASN B 9 6.20 -32.09 -45.96
CA ASN B 9 7.22 -31.02 -45.96
C ASN B 9 6.92 -29.87 -46.89
N LYS B 10 5.67 -29.74 -47.23
CA LYS B 10 5.24 -28.67 -48.06
C LYS B 10 4.31 -27.77 -47.25
N HIS B 11 4.44 -26.47 -47.46
CA HIS B 11 3.48 -25.51 -46.91
C HIS B 11 2.08 -26.04 -47.18
N SER B 12 1.31 -26.27 -46.13
CA SER B 12 0.05 -27.02 -46.27
C SER B 12 -0.86 -26.91 -45.07
N LYS B 13 -2.11 -27.33 -45.27
CA LYS B 13 -3.04 -27.42 -44.16
C LYS B 13 -3.55 -28.84 -43.98
N LEU B 14 -3.35 -29.35 -42.79
CA LEU B 14 -3.87 -30.66 -42.43
C LEU B 14 -5.13 -30.56 -41.57
N SER B 15 -6.09 -31.39 -41.90
CA SER B 15 -7.40 -31.37 -41.26
C SER B 15 -8.00 -32.76 -41.28
N TYR B 16 -9.18 -32.88 -40.71
CA TYR B 16 -9.81 -34.17 -40.59
C TYR B 16 -11.23 -34.11 -41.14
N LYS B 17 -11.55 -35.09 -41.97
CA LYS B 17 -12.89 -35.26 -42.49
C LYS B 17 -13.17 -36.72 -42.83
N ASN B 18 -14.30 -37.22 -42.36
CA ASN B 18 -14.71 -38.54 -42.82
C ASN B 18 -13.68 -39.65 -42.55
N ASN B 19 -13.12 -39.70 -41.33
CA ASN B 19 -12.06 -40.66 -40.96
C ASN B 19 -10.84 -40.59 -41.88
N HIS B 20 -10.68 -39.49 -42.61
CA HIS B 20 -9.51 -39.26 -43.46
C HIS B 20 -8.67 -38.13 -42.90
N LEU B 21 -7.38 -38.26 -43.06
CA LEU B 21 -6.48 -37.13 -42.96
C LEU B 21 -6.61 -36.35 -44.23
N VAL B 22 -6.78 -35.05 -44.11
CA VAL B 22 -6.93 -34.20 -45.30
C VAL B 22 -5.74 -33.30 -45.43
N PHE B 23 -5.05 -33.47 -46.53
CA PHE B 23 -3.85 -32.69 -46.86
C PHE B 23 -4.20 -31.71 -47.95
N LYS B 24 -4.05 -30.42 -47.67
CA LYS B 24 -4.27 -29.39 -48.70
C LYS B 24 -3.08 -28.51 -48.85
N ALA B 25 -2.51 -28.53 -50.03
CA ALA B 25 -1.45 -27.61 -50.43
C ALA B 25 -2.04 -26.77 -51.55
N ILE B 26 -1.36 -25.70 -51.95
CA ILE B 26 -1.84 -24.83 -53.07
C ILE B 26 -1.87 -25.63 -54.38
N ASP B 27 -0.82 -26.43 -54.58
CA ASP B 27 -0.68 -27.30 -55.76
C ASP B 27 -1.84 -28.32 -55.88
N HIS B 28 -1.95 -29.22 -54.90
CA HIS B 28 -2.86 -30.40 -54.93
C HIS B 28 -3.46 -30.73 -53.57
N GLN B 29 -4.30 -31.75 -53.57
CA GLN B 29 -4.92 -32.31 -52.37
C GLN B 29 -4.70 -33.79 -52.27
N GLU B 30 -4.78 -34.29 -51.06
CA GLU B 30 -4.86 -35.73 -50.83
C GLU B 30 -5.73 -36.04 -49.64
N LEU B 31 -6.53 -37.08 -49.77
CA LEU B 31 -7.21 -37.66 -48.61
C LEU B 31 -6.60 -39.01 -48.33
N ILE B 32 -6.35 -39.29 -47.08
CA ILE B 32 -5.77 -40.56 -46.65
C ILE B 32 -6.52 -41.14 -45.47
N HIS B 33 -7.01 -42.35 -45.61
CA HIS B 33 -7.80 -42.96 -44.55
C HIS B 33 -6.93 -43.18 -43.33
N LEU B 34 -7.47 -42.87 -42.17
CA LEU B 34 -6.68 -42.88 -40.93
C LEU B 34 -6.16 -44.28 -40.56
N SER B 35 -7.00 -45.27 -40.80
CA SER B 35 -6.63 -46.67 -40.52
C SER B 35 -5.46 -47.16 -41.39
N GLU B 36 -5.18 -46.49 -42.49
CA GLU B 36 -4.00 -46.80 -43.32
C GLU B 36 -2.65 -46.23 -42.78
N ILE B 37 -2.73 -45.28 -41.86
CA ILE B 37 -1.55 -44.56 -41.38
C ILE B 37 -0.94 -45.19 -40.14
N ASP B 38 0.38 -45.37 -40.21
CA ASP B 38 1.21 -45.81 -39.07
C ASP B 38 1.90 -44.62 -38.42
N VAL B 39 2.50 -43.80 -39.25
CA VAL B 39 3.27 -42.66 -38.76
C VAL B 39 2.97 -41.36 -39.54
N LEU B 40 2.80 -40.27 -38.81
CA LEU B 40 2.68 -38.95 -39.41
C LEU B 40 3.89 -38.12 -39.03
N LEU B 41 4.66 -37.73 -40.03
CA LEU B 41 5.91 -37.05 -39.80
C LEU B 41 5.80 -35.66 -40.40
N LEU B 42 5.91 -34.67 -39.53
CA LEU B 42 5.81 -33.26 -39.92
C LEU B 42 7.17 -32.58 -39.96
N GLU B 43 7.78 -32.58 -41.14
CA GLU B 43 9.20 -32.21 -41.33
C GLU B 43 9.48 -30.74 -41.21
N THR B 44 8.50 -29.93 -41.55
CA THR B 44 8.73 -28.50 -41.67
C THR B 44 7.87 -27.69 -40.72
N THR B 45 8.12 -26.39 -40.69
CA THR B 45 7.40 -25.46 -39.80
C THR B 45 6.35 -24.62 -40.52
N ASP B 46 6.02 -25.03 -41.74
CA ASP B 46 5.06 -24.29 -42.57
C ASP B 46 3.70 -25.03 -42.70
N ILE B 47 3.34 -25.75 -41.66
CA ILE B 47 2.14 -26.57 -41.70
C ILE B 47 1.13 -26.13 -40.67
N SER B 48 -0.12 -25.99 -41.06
CA SER B 48 -1.19 -25.83 -40.07
C SER B 48 -1.91 -27.15 -39.90
N LEU B 49 -2.49 -27.33 -38.74
CA LEU B 49 -3.23 -28.55 -38.45
C LEU B 49 -4.26 -28.31 -37.35
N THR B 50 -5.33 -29.09 -37.36
CA THR B 50 -6.42 -28.86 -36.45
C THR B 50 -6.33 -29.77 -35.25
N THR B 51 -6.99 -29.36 -34.16
CA THR B 51 -7.01 -30.15 -32.93
C THR B 51 -7.88 -31.38 -33.10
N MET B 52 -8.86 -31.29 -33.98
CA MET B 52 -9.75 -32.46 -34.29
C MET B 52 -8.87 -33.54 -34.85
N LEU B 53 -8.07 -33.14 -35.82
CA LEU B 53 -7.14 -34.08 -36.46
C LEU B 53 -6.25 -34.75 -35.40
N LEU B 54 -5.67 -33.93 -34.54
CA LEU B 54 -4.79 -34.45 -33.47
C LEU B 54 -5.48 -35.42 -32.52
N LYS B 55 -6.73 -35.11 -32.18
CA LYS B 55 -7.50 -35.99 -31.30
C LYS B 55 -7.61 -37.33 -31.99
N ARG B 56 -8.04 -37.30 -33.24
CA ARG B 56 -8.32 -38.53 -33.99
C ARG B 56 -7.03 -39.30 -34.24
N LEU B 57 -5.94 -38.59 -34.45
CA LEU B 57 -4.62 -39.23 -34.59
C LEU B 57 -4.24 -39.95 -33.30
N ILE B 58 -4.59 -39.36 -32.17
CA ILE B 58 -4.26 -39.94 -30.87
C ILE B 58 -5.16 -41.12 -30.58
N ASP B 59 -6.39 -41.06 -31.07
CA ASP B 59 -7.33 -42.18 -30.93
C ASP B 59 -6.71 -43.43 -31.54
N GLU B 60 -6.37 -43.31 -32.83
CA GLU B 60 -5.72 -44.39 -33.57
C GLU B 60 -4.30 -44.83 -33.06
N LYS B 61 -3.70 -44.09 -32.14
CA LYS B 61 -2.29 -44.31 -31.68
C LYS B 61 -1.31 -44.32 -32.88
N ILE B 62 -1.51 -43.30 -33.68
CA ILE B 62 -0.62 -42.96 -34.76
C ILE B 62 0.53 -42.17 -34.18
N LEU B 63 1.73 -42.59 -34.50
CA LEU B 63 2.92 -41.89 -34.08
C LEU B 63 3.04 -40.57 -34.85
N VAL B 64 2.97 -39.47 -34.10
CA VAL B 64 3.08 -38.12 -34.69
C VAL B 64 4.39 -37.45 -34.28
N LEU B 65 5.19 -37.06 -35.28
CA LEU B 65 6.50 -36.50 -35.03
C LEU B 65 6.62 -35.09 -35.52
N PHE B 66 7.27 -34.28 -34.68
CA PHE B 66 7.46 -32.87 -34.95
C PHE B 66 8.91 -32.58 -35.24
N CYS B 67 9.13 -31.65 -36.15
CA CYS B 67 10.48 -31.21 -36.46
C CYS B 67 10.64 -29.70 -36.36
N ASP B 68 11.89 -29.31 -36.21
CA ASP B 68 12.30 -27.90 -36.16
C ASP B 68 12.56 -27.29 -37.53
N ASP B 69 13.15 -26.10 -37.51
CA ASP B 69 13.43 -25.30 -38.73
C ASP B 69 14.54 -25.90 -39.61
N LYS B 70 15.33 -26.82 -39.03
CA LYS B 70 16.33 -27.59 -39.77
C LYS B 70 15.96 -29.03 -40.09
N ARG B 71 14.69 -29.32 -39.96
CA ARG B 71 14.12 -30.68 -40.22
C ARG B 71 14.63 -31.83 -39.33
N LEU B 72 15.27 -31.48 -38.24
CA LEU B 72 15.57 -32.42 -37.18
C LEU B 72 14.38 -32.62 -36.29
N PRO B 73 14.20 -33.84 -35.78
CA PRO B 73 13.05 -34.05 -34.91
C PRO B 73 13.29 -33.42 -33.55
N ILE B 74 12.21 -32.99 -32.92
CA ILE B 74 12.29 -32.34 -31.59
C ILE B 74 11.27 -32.83 -30.58
N GLY B 75 10.27 -33.54 -31.05
CA GLY B 75 9.31 -34.17 -30.17
C GLY B 75 8.27 -35.03 -30.85
N LYS B 76 7.40 -35.59 -30.02
CA LYS B 76 6.31 -36.45 -30.45
C LYS B 76 5.10 -36.27 -29.53
N ILE B 77 3.93 -36.65 -29.99
CA ILE B 77 2.78 -36.65 -29.12
C ILE B 77 2.85 -37.88 -28.22
N LEU B 78 2.53 -37.68 -26.95
CA LEU B 78 2.50 -38.75 -25.97
C LEU B 78 1.06 -38.93 -25.55
N PRO B 79 0.41 -40.01 -26.00
CA PRO B 79 -0.92 -40.29 -25.52
C PRO B 79 -0.89 -40.72 -24.08
N PHE B 80 -1.93 -40.37 -23.36
CA PHE B 80 -2.04 -40.77 -21.95
C PHE B 80 -2.60 -42.16 -21.81
N TYR B 81 -3.34 -42.62 -22.83
CA TYR B 81 -4.03 -43.94 -22.77
C TYR B 81 -3.57 -45.10 -23.70
N GLY B 82 -2.59 -44.88 -24.55
CA GLY B 82 -1.94 -46.00 -25.20
C GLY B 82 -0.58 -45.76 -25.77
N ARG B 83 -0.22 -46.53 -26.79
CA ARG B 83 1.15 -46.59 -27.25
C ARG B 83 1.23 -46.96 -28.71
N HIS B 84 2.02 -46.24 -29.50
CA HIS B 84 2.40 -46.72 -30.83
C HIS B 84 3.44 -47.80 -30.58
N ASP B 85 3.53 -48.76 -31.49
CA ASP B 85 4.41 -49.92 -31.25
C ASP B 85 5.90 -49.52 -31.14
N SER B 86 6.18 -48.31 -31.63
CA SER B 86 7.53 -47.73 -31.55
C SER B 86 8.05 -47.66 -30.12
N SER B 87 7.13 -47.60 -29.15
CA SER B 87 7.49 -47.60 -27.72
C SER B 87 8.28 -48.83 -27.29
N LEU B 88 8.03 -49.96 -27.93
CA LEU B 88 8.71 -51.23 -27.59
C LEU B 88 10.21 -51.22 -27.96
N GLN B 89 10.54 -50.36 -28.90
CA GLN B 89 11.91 -50.29 -29.43
C GLN B 89 12.88 -49.82 -28.37
N LEU B 90 12.43 -48.90 -27.53
CA LEU B 90 13.33 -48.35 -26.51
C LEU B 90 13.94 -49.44 -25.66
N THR B 91 13.10 -50.32 -25.16
CA THR B 91 13.57 -51.47 -24.35
C THR B 91 14.64 -52.25 -25.08
N ARG B 92 14.35 -52.53 -26.35
CA ARG B 92 15.28 -53.27 -27.21
C ARG B 92 16.60 -52.54 -27.37
N GLN B 93 16.50 -51.24 -27.55
CA GLN B 93 17.70 -50.41 -27.77
C GLN B 93 18.58 -50.38 -26.55
N LEU B 94 17.94 -50.38 -25.39
CA LEU B 94 18.69 -50.37 -24.12
C LEU B 94 19.45 -51.68 -23.91
N ALA B 95 18.91 -52.72 -24.50
CA ALA B 95 19.49 -54.05 -24.43
C ALA B 95 20.58 -54.35 -25.48
N TRP B 96 20.88 -53.40 -26.34
CA TRP B 96 21.87 -53.66 -27.39
C TRP B 96 23.17 -54.00 -26.72
N THR B 97 23.75 -55.13 -27.11
CA THR B 97 25.00 -55.63 -26.50
C THR B 97 26.20 -54.89 -27.04
N GLU B 98 27.23 -54.74 -26.23
CA GLU B 98 28.40 -53.97 -26.63
C GLU B 98 29.08 -54.61 -27.83
N GLU B 99 29.05 -55.92 -27.88
CA GLU B 99 29.67 -56.63 -29.01
C GLU B 99 28.93 -56.34 -30.30
N ARG B 100 27.61 -56.53 -30.26
CA ARG B 100 26.77 -56.29 -31.44
C ARG B 100 26.92 -54.86 -31.97
N LYS B 101 26.97 -53.88 -31.06
CA LYS B 101 27.20 -52.48 -31.46
C LYS B 101 28.54 -52.32 -32.18
N GLY B 102 29.58 -52.93 -31.61
CA GLY B 102 30.91 -52.92 -32.23
C GLY B 102 30.89 -53.50 -33.64
N GLN B 103 30.22 -54.64 -33.79
CA GLN B 103 30.17 -55.31 -35.08
C GLN B 103 29.54 -54.40 -36.08
N VAL B 104 28.35 -53.93 -35.73
CA VAL B 104 27.58 -53.05 -36.62
C VAL B 104 28.32 -51.75 -36.90
N TRP B 105 28.84 -51.10 -35.87
CA TRP B 105 29.55 -49.85 -36.10
C TRP B 105 30.72 -50.02 -37.04
N THR B 106 31.51 -51.05 -36.79
CA THR B 106 32.75 -51.27 -37.58
C THR B 106 32.45 -51.64 -39.00
N ALA B 107 31.42 -52.44 -39.18
CA ALA B 107 30.89 -52.74 -40.51
C ALA B 107 30.57 -51.49 -41.28
N ILE B 108 29.90 -50.58 -40.57
CA ILE B 108 29.43 -49.33 -41.15
C ILE B 108 30.62 -48.48 -41.54
N ILE B 109 31.55 -48.30 -40.61
CA ILE B 109 32.66 -47.40 -40.94
C ILE B 109 33.52 -47.93 -42.08
N ALA B 110 33.62 -49.24 -42.15
CA ALA B 110 34.28 -49.89 -43.28
C ALA B 110 33.63 -49.43 -44.60
N GLN B 111 32.31 -49.44 -44.61
CA GLN B 111 31.57 -48.98 -45.80
C GLN B 111 31.95 -47.52 -46.14
N LYS B 112 32.12 -46.69 -45.10
CA LYS B 112 32.46 -45.28 -45.30
C LYS B 112 33.82 -45.17 -45.98
N ILE B 113 34.79 -45.86 -45.39
CA ILE B 113 36.17 -45.84 -45.91
C ILE B 113 36.19 -46.35 -47.35
N THR B 114 35.49 -47.44 -47.62
CA THR B 114 35.40 -47.97 -49.00
C THR B 114 34.91 -46.86 -49.91
N ASN B 115 33.87 -46.16 -49.47
CA ASN B 115 33.24 -45.15 -50.32
C ASN B 115 34.14 -43.93 -50.49
N GLN B 116 34.90 -43.62 -49.47
CA GLN B 116 35.94 -42.58 -49.59
C GLN B 116 36.94 -42.99 -50.65
N SER B 117 37.37 -44.25 -50.59
CA SER B 117 38.34 -44.79 -51.58
C SER B 117 37.79 -44.72 -52.99
N LEU B 118 36.60 -45.27 -53.16
CA LEU B 118 35.91 -45.27 -54.47
C LEU B 118 35.82 -43.88 -55.07
N HIS B 119 35.55 -42.91 -54.22
CA HIS B 119 35.51 -41.52 -54.63
C HIS B 119 36.88 -41.01 -55.06
N LEU B 120 37.92 -41.41 -54.34
CA LEU B 120 39.29 -41.03 -54.73
C LEU B 120 39.61 -41.65 -56.11
N ALA B 121 39.29 -42.93 -56.24
CA ALA B 121 39.50 -43.65 -57.50
C ALA B 121 38.86 -42.87 -58.62
N GLN B 122 37.62 -42.50 -58.39
CA GLN B 122 36.81 -41.73 -59.32
C GLN B 122 37.53 -40.48 -59.83
N ARG B 123 38.33 -39.88 -58.98
CA ARG B 123 39.13 -38.68 -59.35
C ARG B 123 40.58 -38.98 -59.79
N ASP B 124 40.78 -40.19 -60.26
CA ASP B 124 42.09 -40.67 -60.81
C ASP B 124 43.22 -40.54 -59.80
N TYR B 125 42.89 -40.82 -58.55
CA TYR B 125 43.90 -40.99 -57.53
C TYR B 125 43.98 -42.48 -57.19
N GLY B 126 44.24 -43.29 -58.23
CA GLY B 126 44.34 -44.75 -58.09
C GLY B 126 45.09 -45.14 -56.79
N GLN B 127 46.13 -44.37 -56.50
CA GLN B 127 47.17 -44.76 -55.54
C GLN B 127 46.74 -44.59 -54.09
N LYS B 128 46.21 -43.40 -53.79
CA LYS B 128 45.72 -43.08 -52.44
C LYS B 128 44.44 -43.86 -52.13
N ALA B 129 43.71 -44.22 -53.18
CA ALA B 129 42.50 -45.08 -53.06
C ALA B 129 42.84 -46.45 -52.48
N ALA B 130 43.90 -47.06 -53.02
CA ALA B 130 44.39 -48.36 -52.55
C ALA B 130 44.86 -48.26 -51.11
N ALA B 131 45.46 -47.11 -50.80
CA ALA B 131 45.96 -46.78 -49.44
C ALA B 131 44.86 -46.84 -48.39
N LEU B 132 43.70 -46.33 -48.75
CA LEU B 132 42.53 -46.34 -47.85
C LEU B 132 42.00 -47.77 -47.65
N LEU B 133 41.89 -48.52 -48.74
CA LEU B 133 41.50 -49.93 -48.66
C LEU B 133 42.40 -50.72 -47.69
N ALA B 134 43.67 -50.33 -47.65
CA ALA B 134 44.65 -50.94 -46.74
C ALA B 134 44.31 -50.64 -45.29
N MET B 135 44.02 -49.37 -45.04
CA MET B 135 43.62 -48.91 -43.71
C MET B 135 42.36 -49.71 -43.27
N ARG B 136 41.44 -49.89 -44.21
CA ARG B 136 40.20 -50.63 -43.94
C ARG B 136 40.46 -52.07 -43.52
N ALA B 137 41.37 -52.71 -44.22
CA ALA B 137 41.67 -54.14 -43.94
C ALA B 137 42.25 -54.33 -42.55
N GLU B 138 42.83 -53.26 -42.00
CA GLU B 138 43.45 -53.31 -40.67
C GLU B 138 42.52 -52.94 -39.51
N LEU B 139 41.27 -52.72 -39.85
CA LEU B 139 40.27 -52.25 -38.89
C LEU B 139 39.96 -53.35 -37.87
N ARG B 140 39.95 -52.99 -36.59
CA ARG B 140 39.45 -53.88 -35.53
C ARG B 140 38.20 -53.26 -34.90
N LEU B 141 37.42 -54.04 -34.14
CA LEU B 141 36.19 -53.54 -33.45
C LEU B 141 36.36 -52.19 -32.73
N PHE B 142 35.44 -51.29 -33.02
CA PHE B 142 35.47 -49.88 -32.52
C PHE B 142 36.72 -49.05 -32.91
N ASP B 143 37.45 -49.53 -33.89
CA ASP B 143 38.62 -48.82 -34.44
C ASP B 143 39.52 -48.14 -33.39
N PRO B 144 40.20 -48.92 -32.54
CA PRO B 144 41.05 -48.34 -31.50
C PRO B 144 42.24 -47.61 -32.10
N ALA B 145 42.71 -48.13 -33.22
CA ALA B 145 43.87 -47.55 -33.95
C ALA B 145 43.58 -46.22 -34.65
N ASN B 146 42.32 -45.87 -34.71
CA ASN B 146 41.85 -44.65 -35.43
C ASN B 146 42.18 -44.67 -36.92
N ARG B 147 41.91 -45.82 -37.51
CA ARG B 147 42.10 -45.99 -38.94
C ARG B 147 41.13 -45.09 -39.71
N GLU B 148 39.93 -44.94 -39.17
CA GLU B 148 38.94 -43.99 -39.74
C GLU B 148 39.51 -42.58 -39.92
N GLY B 149 40.11 -42.09 -38.84
CA GLY B 149 40.61 -40.73 -38.77
C GLY B 149 41.81 -40.49 -39.68
N HIS B 150 42.62 -41.50 -39.82
CA HIS B 150 43.80 -41.35 -40.64
C HIS B 150 43.38 -41.45 -42.06
N ALA B 151 42.48 -42.35 -42.33
CA ALA B 151 41.88 -42.43 -43.67
C ALA B 151 41.27 -41.10 -44.13
N ALA B 152 40.51 -40.49 -43.24
CA ALA B 152 39.82 -39.22 -43.56
C ALA B 152 40.80 -38.11 -43.86
N ARG B 153 41.82 -38.01 -43.01
CA ARG B 153 42.81 -36.92 -43.18
C ARG B 153 43.46 -36.99 -44.54
N SER B 154 43.85 -38.21 -44.88
CA SER B 154 44.48 -38.51 -46.17
C SER B 154 43.56 -38.16 -47.32
N TYR B 155 42.36 -38.70 -47.22
CA TYR B 155 41.25 -38.47 -48.17
C TYR B 155 41.06 -36.99 -48.48
N PHE B 156 40.88 -36.20 -47.44
CA PHE B 156 40.65 -34.75 -47.61
C PHE B 156 41.86 -34.00 -48.17
N ASN B 157 43.07 -34.39 -47.75
CA ASN B 157 44.27 -33.68 -48.21
C ASN B 157 44.48 -33.94 -49.68
N THR B 158 44.23 -35.18 -50.07
CA THR B 158 44.29 -35.57 -51.47
C THR B 158 43.30 -34.82 -52.35
N LEU B 159 42.09 -34.65 -51.84
CA LEU B 159 41.02 -33.97 -52.60
C LEU B 159 41.17 -32.47 -52.67
N PHE B 160 41.52 -31.85 -51.55
CA PHE B 160 41.61 -30.36 -51.49
C PHE B 160 42.99 -29.81 -51.17
N GLY B 161 44.01 -30.66 -51.24
CA GLY B 161 45.41 -30.23 -51.04
C GLY B 161 45.86 -30.34 -49.59
N ASN B 162 47.17 -30.39 -49.40
CA ASN B 162 47.74 -30.58 -48.07
C ASN B 162 47.62 -29.33 -47.17
N ASP B 163 47.33 -28.21 -47.79
CA ASP B 163 47.08 -26.95 -47.07
C ASP B 163 45.70 -26.90 -46.44
N PHE B 164 44.88 -27.93 -46.69
CA PHE B 164 43.45 -27.89 -46.31
C PHE B 164 43.20 -28.57 -45.00
N THR B 165 42.46 -27.90 -44.14
CA THR B 165 41.91 -28.51 -42.93
C THR B 165 40.42 -28.25 -42.98
N ARG B 166 39.69 -29.00 -42.17
CA ARG B 166 38.21 -28.98 -42.19
C ARG B 166 37.71 -27.84 -41.38
N GLU B 167 38.60 -27.05 -40.78
CA GLU B 167 38.22 -26.00 -39.80
C GLU B 167 38.46 -24.63 -40.34
N GLN B 168 38.96 -24.55 -41.54
CA GLN B 168 39.24 -23.24 -42.07
C GLN B 168 37.98 -22.75 -42.78
N GLU B 169 37.74 -21.45 -42.63
CA GLU B 169 36.46 -20.84 -43.05
C GLU B 169 36.51 -20.67 -44.56
N ASN B 170 36.36 -21.80 -45.21
CA ASN B 170 36.21 -21.94 -46.63
C ASN B 170 34.81 -22.07 -47.08
N ASP B 171 34.57 -21.66 -48.30
CA ASP B 171 33.36 -22.12 -49.02
C ASP B 171 33.26 -23.65 -49.11
N ILE B 172 34.39 -24.31 -49.19
CA ILE B 172 34.38 -25.78 -49.31
C ILE B 172 33.85 -26.47 -48.04
N ASN B 173 34.33 -25.99 -46.90
CA ASN B 173 33.89 -26.58 -45.62
C ASN B 173 32.45 -26.25 -45.32
N ALA B 174 32.09 -25.00 -45.58
CA ALA B 174 30.69 -24.53 -45.46
C ALA B 174 29.74 -25.47 -46.21
N GLY B 175 30.12 -25.77 -47.43
CA GLY B 175 29.39 -26.66 -48.32
C GLY B 175 29.32 -28.07 -47.80
N LEU B 176 30.44 -28.56 -47.32
CA LEU B 176 30.51 -29.90 -46.74
C LEU B 176 29.60 -30.01 -45.53
N ASN B 177 29.76 -29.03 -44.66
CA ASN B 177 28.99 -28.97 -43.41
C ASN B 177 27.50 -28.97 -43.65
N TYR B 178 27.10 -28.12 -44.58
CA TYR B 178 25.71 -27.99 -44.98
C TYR B 178 25.18 -29.32 -45.48
N GLY B 179 25.91 -29.92 -46.41
CA GLY B 179 25.49 -31.20 -46.98
C GLY B 179 25.39 -32.27 -45.89
N TYR B 180 26.38 -32.28 -45.01
CA TYR B 180 26.42 -33.26 -43.93
C TYR B 180 25.23 -33.11 -43.00
N THR B 181 24.83 -31.86 -42.77
CA THR B 181 23.70 -31.55 -41.87
C THR B 181 22.42 -32.05 -42.55
N LEU B 182 22.31 -31.96 -43.87
CA LEU B 182 21.14 -32.54 -44.59
C LEU B 182 21.04 -33.99 -44.30
N LEU B 183 22.13 -34.69 -44.51
CA LEU B 183 22.22 -36.13 -44.26
C LEU B 183 21.88 -36.48 -42.82
N LEU B 184 22.47 -35.75 -41.88
CA LEU B 184 22.24 -35.97 -40.45
C LEU B 184 20.75 -35.99 -40.18
N SER B 185 20.07 -34.99 -40.71
CA SER B 185 18.68 -34.78 -40.43
C SER B 185 17.87 -35.93 -41.01
N ILE B 186 18.25 -36.45 -42.16
CA ILE B 186 17.51 -37.56 -42.80
C ILE B 186 17.50 -38.75 -41.87
N PHE B 187 18.66 -39.04 -41.31
CA PHE B 187 18.83 -40.25 -40.51
C PHE B 187 18.32 -40.05 -39.09
N ALA B 188 18.40 -38.82 -38.60
CA ALA B 188 17.82 -38.49 -37.27
C ALA B 188 16.33 -38.75 -37.27
N ARG B 189 15.72 -38.29 -38.33
CA ARG B 189 14.31 -38.45 -38.55
C ARG B 189 13.95 -39.96 -38.68
N GLU B 190 14.69 -40.71 -39.49
CA GLU B 190 14.42 -42.15 -39.67
C GLU B 190 14.55 -42.96 -38.37
N LEU B 191 15.52 -42.58 -37.56
CA LEU B 191 15.79 -43.29 -36.29
C LEU B 191 14.65 -43.14 -35.29
N VAL B 192 14.24 -41.89 -35.08
CA VAL B 192 13.10 -41.57 -34.18
C VAL B 192 11.82 -42.25 -34.67
N GLN B 193 11.65 -42.34 -35.98
CA GLN B 193 10.55 -43.12 -36.58
C GLN B 193 10.50 -44.59 -36.16
N THR B 194 11.66 -45.21 -36.00
CA THR B 194 11.73 -46.62 -35.61
C THR B 194 11.56 -46.80 -34.12
N GLY B 195 11.67 -45.71 -33.38
CA GLY B 195 11.48 -45.74 -31.93
C GLY B 195 12.75 -45.65 -31.12
N CYS B 196 13.83 -45.29 -31.79
CA CYS B 196 15.12 -45.24 -31.15
C CYS B 196 15.36 -43.85 -30.68
N PHE B 197 16.27 -43.73 -29.76
CA PHE B 197 16.76 -42.45 -29.35
C PHE B 197 18.02 -42.17 -30.04
N THR B 198 18.17 -40.97 -30.52
CA THR B 198 19.33 -40.64 -31.32
C THR B 198 20.49 -40.23 -30.46
N GLN B 199 20.22 -40.08 -29.17
CA GLN B 199 21.23 -39.56 -28.23
C GLN B 199 22.22 -40.63 -27.93
N LEU B 200 21.79 -41.88 -28.08
CA LEU B 200 22.60 -43.07 -27.72
C LEU B 200 23.35 -43.76 -28.88
N GLY B 201 24.55 -43.28 -29.17
CA GLY B 201 25.35 -43.75 -30.32
C GLY B 201 25.88 -45.15 -30.09
N LEU B 202 26.42 -45.75 -31.14
CA LEU B 202 27.07 -47.04 -31.02
C LEU B 202 28.49 -46.91 -30.50
N LYS B 203 29.21 -46.05 -31.22
CA LYS B 203 30.44 -45.41 -30.76
C LYS B 203 30.39 -43.89 -30.48
N HIS B 204 29.65 -43.09 -31.26
CA HIS B 204 29.53 -41.64 -30.96
C HIS B 204 28.86 -41.55 -29.61
N ALA B 205 29.54 -40.95 -28.64
CA ALA B 205 29.01 -40.81 -27.29
C ALA B 205 29.31 -39.41 -26.70
N ASN B 206 29.16 -38.40 -27.54
CA ASN B 206 29.42 -37.02 -27.11
C ASN B 206 28.28 -36.48 -26.30
N GLN B 207 28.55 -35.92 -25.15
CA GLN B 207 27.47 -35.43 -24.26
C GLN B 207 26.63 -34.33 -24.90
N PHE B 208 27.21 -33.56 -25.80
CA PHE B 208 26.50 -32.42 -26.44
C PHE B 208 25.79 -32.84 -27.72
N ASN B 209 26.29 -33.87 -28.38
CA ASN B 209 25.65 -34.32 -29.65
C ASN B 209 24.30 -34.99 -29.38
N ASP B 210 23.20 -34.29 -29.61
CA ASP B 210 21.92 -34.94 -29.36
C ASP B 210 21.65 -36.03 -30.40
N PHE B 211 22.53 -36.15 -31.39
CA PHE B 211 22.29 -37.09 -32.52
C PHE B 211 23.40 -38.05 -32.83
N ASN B 212 24.13 -38.46 -31.82
CA ASN B 212 25.25 -39.37 -31.96
C ASN B 212 24.94 -40.59 -32.87
N LEU B 213 23.78 -41.17 -32.63
CA LEU B 213 23.38 -42.37 -33.35
C LEU B 213 23.11 -42.08 -34.82
N ALA B 214 22.57 -40.91 -35.09
CA ALA B 214 22.37 -40.49 -36.48
C ALA B 214 23.71 -40.31 -37.16
N SER B 215 24.68 -39.74 -36.46
CA SER B 215 26.02 -39.50 -37.06
C SER B 215 26.67 -40.82 -37.44
N ASP B 216 26.48 -41.81 -36.58
CA ASP B 216 26.96 -43.16 -36.84
C ASP B 216 26.35 -43.75 -38.11
N LEU B 217 25.06 -43.68 -38.23
CA LEU B 217 24.37 -44.25 -39.40
C LEU B 217 24.64 -43.57 -40.73
N MET B 218 24.85 -42.26 -40.71
CA MET B 218 25.04 -41.48 -41.95
C MET B 218 26.41 -41.65 -42.57
N GLU B 219 27.31 -42.31 -41.84
CA GLU B 219 28.74 -42.34 -42.19
C GLU B 219 29.01 -42.77 -43.65
N PRO B 220 28.41 -43.86 -44.11
CA PRO B 220 28.70 -44.32 -45.46
C PRO B 220 28.23 -43.39 -46.53
N PHE B 221 27.34 -42.48 -46.16
CA PHE B 221 26.71 -41.60 -47.15
C PHE B 221 27.48 -40.31 -47.35
N ARG B 222 28.42 -40.02 -46.45
CA ARG B 222 29.15 -38.73 -46.50
C ARG B 222 29.76 -38.44 -47.86
N PRO B 223 30.39 -39.44 -48.48
CA PRO B 223 30.99 -39.19 -49.77
C PRO B 223 30.03 -38.68 -50.85
N LEU B 224 28.74 -38.98 -50.72
CA LEU B 224 27.73 -38.45 -51.68
C LEU B 224 27.80 -36.94 -51.71
N VAL B 225 27.93 -36.37 -50.54
CA VAL B 225 28.12 -34.92 -50.38
C VAL B 225 29.50 -34.52 -50.90
N ASP B 226 30.50 -35.27 -50.51
CA ASP B 226 31.89 -34.96 -50.87
C ASP B 226 32.00 -34.85 -52.40
N GLN B 227 31.42 -35.82 -53.10
CA GLN B 227 31.39 -35.80 -54.59
C GLN B 227 30.87 -34.48 -55.14
N ILE B 228 29.69 -34.11 -54.68
CA ILE B 228 29.03 -32.91 -55.15
C ILE B 228 29.88 -31.65 -54.87
N ILE B 229 30.39 -31.53 -53.65
CA ILE B 229 31.20 -30.35 -53.29
C ILE B 229 32.50 -30.32 -54.09
N TYR B 230 33.09 -31.49 -54.24
CA TYR B 230 34.33 -31.60 -55.04
C TYR B 230 34.11 -31.08 -56.47
N GLU B 231 33.06 -31.57 -57.11
CA GLU B 231 32.70 -31.16 -58.47
C GLU B 231 32.41 -29.67 -58.58
N ASN B 232 32.02 -29.04 -57.49
CA ASN B 232 31.77 -27.58 -57.48
C ASN B 232 32.71 -26.83 -56.57
N ARG B 233 33.93 -27.33 -56.48
CA ARG B 233 34.88 -26.84 -55.47
C ARG B 233 35.32 -25.42 -55.78
N LYS B 234 35.20 -25.05 -57.05
CA LYS B 234 35.58 -23.71 -57.54
C LYS B 234 34.40 -22.72 -57.55
N GLU B 235 33.20 -23.20 -57.23
CA GLU B 235 32.00 -22.37 -57.21
C GLU B 235 31.81 -21.62 -55.91
N ALA B 236 30.87 -20.70 -55.93
CA ALA B 236 30.44 -19.95 -54.74
C ALA B 236 29.58 -20.86 -53.86
N PHE B 237 29.46 -20.49 -52.60
CA PHE B 237 28.64 -21.25 -51.65
C PHE B 237 27.16 -21.37 -52.07
N PRO B 238 26.52 -20.23 -52.44
CA PRO B 238 25.13 -20.34 -52.89
C PRO B 238 24.89 -21.36 -53.99
N ILE B 239 25.85 -21.54 -54.86
CA ILE B 239 25.70 -22.52 -55.92
C ILE B 239 25.90 -23.94 -55.35
N MET B 240 26.93 -24.09 -54.51
CA MET B 240 27.22 -25.38 -53.79
C MET B 240 25.93 -25.87 -53.11
N LYS B 241 25.27 -24.93 -52.43
CA LYS B 241 24.03 -25.19 -51.68
C LYS B 241 22.99 -25.81 -52.62
N ARG B 242 22.81 -25.15 -53.75
CA ARG B 242 21.74 -25.46 -54.70
C ARG B 242 22.05 -26.80 -55.34
N LYS B 243 23.33 -27.03 -55.60
CA LYS B 243 23.75 -28.30 -56.21
C LYS B 243 23.58 -29.48 -55.28
N LEU B 244 23.63 -29.19 -53.98
CA LEU B 244 23.47 -30.23 -52.96
C LEU B 244 22.07 -30.82 -52.92
N PHE B 245 21.09 -30.09 -53.43
CA PHE B 245 19.71 -30.59 -53.43
C PHE B 245 19.51 -31.73 -54.42
N ALA B 246 20.51 -31.92 -55.27
CA ALA B 246 20.55 -33.09 -56.14
C ALA B 246 20.41 -34.39 -55.35
N LEU B 247 20.81 -34.37 -54.07
CA LEU B 247 20.72 -35.56 -53.20
C LEU B 247 19.30 -36.10 -53.14
N PHE B 248 18.36 -35.18 -53.11
CA PHE B 248 16.94 -35.53 -53.06
C PHE B 248 16.35 -35.82 -54.43
N MET B 249 16.93 -35.26 -55.47
CA MET B 249 16.44 -35.42 -56.87
C MET B 249 16.97 -36.67 -57.54
N ASN B 250 18.21 -37.00 -57.26
CA ASN B 250 18.87 -38.13 -57.94
C ASN B 250 18.51 -39.49 -57.36
N THR B 251 18.89 -40.50 -58.10
CA THR B 251 18.75 -41.88 -57.69
C THR B 251 20.14 -42.53 -57.60
N TYR B 252 20.24 -43.48 -56.69
CA TYR B 252 21.50 -44.16 -56.41
C TYR B 252 21.26 -45.66 -56.37
N MET B 253 22.26 -46.43 -56.77
CA MET B 253 22.15 -47.90 -56.70
C MET B 253 22.20 -48.31 -55.25
N TYR B 254 21.27 -49.18 -54.87
CA TYR B 254 21.30 -49.66 -53.50
C TYR B 254 21.20 -51.14 -53.17
N LYS B 255 20.14 -51.79 -53.57
CA LYS B 255 20.07 -53.22 -53.28
C LYS B 255 19.64 -53.70 -54.64
N LYS B 256 20.58 -53.54 -55.57
CA LYS B 256 20.37 -53.90 -56.98
C LYS B 256 19.42 -52.96 -57.72
N LYS B 257 18.90 -51.94 -57.03
CA LYS B 257 17.92 -51.02 -57.65
C LYS B 257 18.34 -49.56 -57.53
N GLN B 258 17.92 -48.78 -58.52
CA GLN B 258 18.07 -47.31 -58.49
C GLN B 258 16.96 -46.75 -57.61
N MET B 259 17.32 -46.18 -56.47
CA MET B 259 16.34 -45.67 -55.49
C MET B 259 16.65 -44.23 -55.14
N PHE B 260 15.64 -43.52 -54.67
CA PHE B 260 15.87 -42.17 -54.15
C PHE B 260 16.56 -42.23 -52.77
N LEU B 261 17.29 -41.18 -52.44
CA LEU B 261 18.09 -41.23 -51.22
C LEU B 261 17.28 -41.42 -49.92
N THR B 262 16.16 -40.72 -49.80
CA THR B 262 15.37 -40.78 -48.55
C THR B 262 14.86 -42.19 -48.35
N ASN B 263 14.51 -42.82 -49.45
CA ASN B 263 14.01 -44.20 -49.41
C ASN B 263 15.07 -45.19 -49.01
N ILE B 264 16.26 -44.98 -49.55
CA ILE B 264 17.42 -45.78 -49.17
C ILE B 264 17.63 -45.63 -47.67
N ALA B 265 17.69 -44.38 -47.19
CA ALA B 265 17.94 -44.11 -45.77
C ALA B 265 16.93 -44.81 -44.86
N THR B 266 15.70 -44.87 -45.32
CA THR B 266 14.66 -45.57 -44.54
C THR B 266 14.97 -47.05 -44.44
N ASP B 267 15.21 -47.68 -45.57
CA ASP B 267 15.49 -49.13 -45.60
C ASP B 267 16.77 -49.42 -44.83
N TYR B 268 17.78 -48.63 -45.11
CA TYR B 268 19.06 -48.79 -44.45
C TYR B 268 18.91 -48.75 -42.96
N THR B 269 18.25 -47.73 -42.47
CA THR B 269 18.10 -47.50 -41.03
C THR B 269 17.32 -48.64 -40.38
N LYS B 270 16.18 -48.99 -40.97
CA LYS B 270 15.31 -50.03 -40.42
C LYS B 270 16.12 -51.30 -40.26
N HIS B 271 16.90 -51.63 -41.27
CA HIS B 271 17.66 -52.89 -41.23
C HIS B 271 18.82 -52.85 -40.22
N VAL B 272 19.56 -51.74 -40.20
CA VAL B 272 20.60 -51.57 -39.18
C VAL B 272 20.01 -51.82 -37.79
N VAL B 273 18.85 -51.23 -37.55
CA VAL B 273 18.18 -51.37 -36.26
C VAL B 273 17.80 -52.83 -35.99
N LYS B 274 17.28 -53.49 -37.01
CA LYS B 274 16.92 -54.91 -36.87
C LYS B 274 18.15 -55.76 -36.50
N VAL B 275 19.30 -55.47 -37.14
CA VAL B 275 20.51 -56.25 -36.86
C VAL B 275 21.07 -55.89 -35.45
N LEU B 276 20.97 -54.64 -35.05
CA LEU B 276 21.31 -54.31 -33.65
C LEU B 276 20.40 -55.05 -32.66
N ASN B 277 19.12 -55.15 -33.00
CA ASN B 277 18.14 -55.83 -32.15
C ASN B 277 18.33 -57.32 -32.15
N GLN B 278 19.22 -57.78 -33.01
CA GLN B 278 19.47 -59.24 -33.20
C GLN B 278 18.23 -59.99 -33.71
N GLU B 279 17.47 -59.30 -34.57
CA GLU B 279 16.31 -59.89 -35.29
C GLU B 279 16.72 -60.36 -36.67
N GLU B 280 17.89 -59.92 -37.11
CA GLU B 280 18.49 -60.44 -38.32
C GLU B 280 20.02 -60.25 -38.29
N GLU B 281 20.69 -60.92 -39.22
CA GLU B 281 22.14 -60.84 -39.35
C GLU B 281 22.43 -60.12 -40.64
N GLY B 282 23.54 -59.41 -40.65
CA GLY B 282 24.01 -58.83 -41.90
C GLY B 282 23.56 -57.40 -42.07
N VAL B 283 24.46 -56.50 -41.72
CA VAL B 283 24.27 -55.08 -41.93
C VAL B 283 24.01 -54.82 -43.41
N PRO B 284 23.07 -53.92 -43.72
CA PRO B 284 22.88 -53.54 -45.12
C PRO B 284 24.04 -52.73 -45.65
N GLU B 285 24.29 -52.86 -46.95
CA GLU B 285 25.46 -52.20 -47.56
C GLU B 285 25.05 -51.12 -48.51
N PHE B 286 25.72 -49.99 -48.39
CA PHE B 286 25.60 -48.91 -49.33
C PHE B 286 26.98 -48.53 -49.87
N GLY B 287 27.08 -48.53 -51.19
CA GLY B 287 28.29 -48.11 -51.87
C GLY B 287 27.95 -47.13 -52.95
N ILE B 288 28.87 -46.18 -53.17
CA ILE B 288 28.68 -45.15 -54.19
C ILE B 288 29.09 -45.70 -55.53
N MET C 1 17.12 67.43 -6.00
CA MET C 1 16.70 66.03 -6.30
C MET C 1 16.16 65.96 -7.72
N GLY C 2 15.09 66.69 -8.08
CA GLY C 2 14.72 66.96 -9.52
C GLY C 2 13.27 67.39 -9.62
N TRP C 3 12.82 67.65 -10.84
CA TRP C 3 11.55 68.35 -11.09
C TRP C 3 10.66 67.81 -12.22
N ARG C 4 11.13 66.80 -12.93
CA ARG C 4 10.39 66.29 -14.08
C ARG C 4 9.60 65.05 -13.76
N THR C 5 8.40 65.00 -14.31
CA THR C 5 7.64 63.78 -14.26
C THR C 5 7.66 63.19 -15.66
N VAL C 6 8.33 62.06 -15.74
CA VAL C 6 8.52 61.36 -17.01
C VAL C 6 7.48 60.26 -17.14
N VAL C 7 6.67 60.36 -18.18
CA VAL C 7 5.56 59.42 -18.40
C VAL C 7 5.86 58.58 -19.63
N VAL C 8 5.86 57.27 -19.47
CA VAL C 8 6.11 56.39 -20.62
C VAL C 8 4.88 55.52 -20.87
N ASN C 9 4.32 55.64 -22.05
CA ASN C 9 3.21 54.79 -22.46
C ASN C 9 3.31 54.26 -23.87
N LYS C 10 4.50 54.26 -24.40
CA LYS C 10 4.71 53.65 -25.69
C LYS C 10 5.65 52.46 -25.54
N HIS C 11 5.38 51.45 -26.33
CA HIS C 11 6.29 50.31 -26.44
C HIS C 11 7.70 50.86 -26.57
N SER C 12 8.56 50.49 -25.64
CA SER C 12 9.87 51.13 -25.52
C SER C 12 10.86 50.37 -24.65
N LYS C 13 12.12 50.75 -24.75
CA LYS C 13 13.18 50.18 -23.90
C LYS C 13 13.88 51.26 -23.11
N LEU C 14 13.82 51.12 -21.81
CA LEU C 14 14.51 52.04 -20.92
C LEU C 14 15.80 51.45 -20.43
N SER C 15 16.82 52.28 -20.40
CA SER C 15 18.17 51.84 -20.00
C SER C 15 18.92 53.01 -19.37
N TYR C 16 20.15 52.75 -18.97
CA TYR C 16 20.93 53.78 -18.30
C TYR C 16 22.29 53.91 -18.95
N LYS C 17 22.70 55.16 -19.18
CA LYS C 17 24.02 55.48 -19.69
C LYS C 17 24.45 56.89 -19.27
N ASN C 18 25.66 57.00 -18.74
CA ASN C 18 26.27 58.29 -18.44
C ASN C 18 25.36 59.23 -17.63
N ASN C 19 24.82 58.72 -16.55
CA ASN C 19 23.91 59.52 -15.70
C ASN C 19 22.63 59.99 -16.37
N HIS C 20 22.31 59.38 -17.50
CA HIS C 20 21.05 59.65 -18.21
C HIS C 20 20.12 58.43 -18.18
N LEU C 21 18.84 58.71 -18.08
CA LEU C 21 17.82 57.73 -18.45
C LEU C 21 17.80 57.70 -19.96
N VAL C 22 17.81 56.51 -20.52
CA VAL C 22 17.79 56.37 -21.96
C VAL C 22 16.49 55.72 -22.40
N PHE C 23 15.75 56.47 -23.19
CA PHE C 23 14.44 56.06 -23.72
C PHE C 23 14.61 55.75 -25.18
N LYS C 24 14.33 54.51 -25.57
CA LYS C 24 14.34 54.14 -27.01
C LYS C 24 12.98 53.54 -27.41
N ALA C 25 12.30 54.22 -28.31
CA ALA C 25 11.10 53.71 -28.99
C ALA C 25 11.48 53.54 -30.46
N ILE C 26 10.66 52.84 -31.25
CA ILE C 26 10.98 52.63 -32.70
C ILE C 26 10.94 54.01 -33.40
N ASP C 27 10.00 54.86 -32.99
CA ASP C 27 9.96 56.25 -33.45
C ASP C 27 11.12 57.10 -32.88
N HIS C 28 11.05 57.32 -31.59
CA HIS C 28 11.72 58.44 -30.94
C HIS C 28 12.89 57.96 -30.11
N GLN C 29 13.83 58.84 -29.79
CA GLN C 29 14.89 58.56 -28.78
C GLN C 29 15.06 59.77 -27.89
N GLU C 30 15.26 59.53 -26.61
CA GLU C 30 15.55 60.63 -25.69
C GLU C 30 16.52 60.23 -24.61
N LEU C 31 17.43 61.14 -24.29
CA LEU C 31 18.25 61.01 -23.09
C LEU C 31 17.82 62.09 -22.12
N ILE C 32 17.67 61.69 -20.87
CA ILE C 32 17.24 62.60 -19.81
C ILE C 32 18.12 62.46 -18.61
N HIS C 33 18.69 63.56 -18.17
CA HIS C 33 19.62 63.52 -17.05
C HIS C 33 18.86 63.11 -15.78
N LEU C 34 19.45 62.22 -15.00
CA LEU C 34 18.75 61.63 -13.82
C LEU C 34 18.43 62.65 -12.73
N SER C 35 19.35 63.57 -12.52
CA SER C 35 19.14 64.66 -11.56
C SER C 35 17.94 65.59 -11.90
N GLU C 36 17.52 65.59 -13.16
CA GLU C 36 16.31 66.36 -13.57
C GLU C 36 14.96 65.68 -13.21
N ILE C 37 15.01 64.38 -12.93
CA ILE C 37 13.79 63.58 -12.78
C ILE C 37 13.33 63.52 -11.33
N ASP C 38 12.05 63.77 -11.15
CA ASP C 38 11.37 63.62 -9.86
C ASP C 38 10.62 62.31 -9.83
N VAL C 39 9.88 62.04 -10.89
CA VAL C 39 9.01 60.87 -10.94
C VAL C 39 9.08 60.15 -12.28
N LEU C 40 9.19 58.84 -12.20
CA LEU C 40 9.11 58.01 -13.41
C LEU C 40 7.86 57.17 -13.36
N LEU C 41 6.99 57.37 -14.33
CA LEU C 41 5.68 56.74 -14.32
C LEU C 41 5.56 55.85 -15.53
N LEU C 42 5.40 54.57 -15.27
CA LEU C 42 5.33 53.56 -16.32
C LEU C 42 3.91 53.09 -16.51
N GLU C 43 3.22 53.73 -17.45
CA GLU C 43 1.76 53.56 -17.63
C GLU C 43 1.35 52.22 -18.21
N THR C 44 2.20 51.64 -19.02
CA THR C 44 1.79 50.48 -19.81
C THR C 44 2.62 49.25 -19.51
N THR C 45 2.23 48.13 -20.12
CA THR C 45 2.90 46.83 -19.91
C THR C 45 3.81 46.44 -21.07
N ASP C 46 4.11 47.39 -21.94
CA ASP C 46 4.92 47.15 -23.13
C ASP C 46 6.33 47.76 -23.04
N ILE C 47 6.84 47.86 -21.82
CA ILE C 47 8.12 48.53 -21.59
C ILE C 47 9.17 47.59 -21.03
N SER C 48 10.36 47.60 -21.62
CA SER C 48 11.50 46.90 -21.05
C SER C 48 12.32 47.90 -20.26
N LEU C 49 12.99 47.42 -19.23
CA LEU C 49 13.90 48.27 -18.47
C LEU C 49 14.97 47.45 -17.77
N THR C 50 16.10 48.06 -17.51
CA THR C 50 17.24 47.31 -17.00
C THR C 50 17.36 47.50 -15.52
N THR C 51 18.04 46.56 -14.88
CA THR C 51 18.24 46.62 -13.43
C THR C 51 19.23 47.68 -13.06
N MET C 52 20.15 47.97 -13.97
CA MET C 52 21.12 49.09 -13.76
C MET C 52 20.33 50.37 -13.59
N LEU C 53 19.43 50.57 -14.53
CA LEU C 53 18.58 51.77 -14.50
C LEU C 53 17.85 51.84 -13.16
N LEU C 54 17.25 50.74 -12.77
CA LEU C 54 16.51 50.70 -11.51
C LEU C 54 17.39 51.03 -10.32
N LYS C 55 18.62 50.54 -10.34
CA LYS C 55 19.54 50.78 -9.22
C LYS C 55 19.75 52.26 -9.12
N ARG C 56 20.07 52.85 -10.26
CA ARG C 56 20.41 54.28 -10.34
C ARG C 56 19.19 55.16 -10.00
N LEU C 57 18.02 54.71 -10.42
CA LEU C 57 16.76 55.39 -10.05
C LEU C 57 16.57 55.37 -8.53
N ILE C 58 16.93 54.27 -7.91
CA ILE C 58 16.78 54.13 -6.47
C ILE C 58 17.81 54.96 -5.74
N ASP C 59 18.99 55.07 -6.33
CA ASP C 59 20.06 55.89 -5.75
C ASP C 59 19.56 57.33 -5.57
N GLU C 60 19.10 57.89 -6.67
CA GLU C 60 18.50 59.25 -6.69
C GLU C 60 17.16 59.43 -5.87
N LYS C 61 16.55 58.36 -5.38
CA LYS C 61 15.19 58.37 -4.71
C LYS C 61 14.13 59.03 -5.60
N ILE C 62 14.17 58.56 -6.83
CA ILE C 62 13.19 58.90 -7.82
C ILE C 62 12.02 58.00 -7.60
N LEU C 63 10.84 58.59 -7.54
CA LEU C 63 9.61 57.82 -7.38
C LEU C 63 9.30 57.08 -8.67
N VAL C 64 9.30 55.76 -8.59
CA VAL C 64 9.01 54.88 -9.75
C VAL C 64 7.68 54.16 -9.59
N LEU C 65 6.77 54.39 -10.54
CA LEU C 65 5.42 53.84 -10.45
C LEU C 65 5.11 52.86 -11.53
N PHE C 66 4.45 51.78 -11.15
CA PHE C 66 4.07 50.72 -12.07
C PHE C 66 2.57 50.67 -12.27
N CYS C 67 2.18 50.36 -13.49
CA CYS C 67 0.76 50.21 -13.82
C CYS C 67 0.44 48.86 -14.45
N ASP C 68 -0.83 48.52 -14.37
CA ASP C 68 -1.38 47.31 -15.00
C ASP C 68 -1.81 47.52 -16.48
N ASP C 69 -2.55 46.53 -16.99
CA ASP C 69 -3.01 46.49 -18.41
C ASP C 69 -4.14 47.46 -18.73
N LYS C 70 -4.87 47.89 -17.70
CA LYS C 70 -5.78 49.03 -17.81
C LYS C 70 -4.69 49.89 -17.27
N ARG C 71 -4.66 51.21 -17.29
CA ARG C 71 -3.43 51.95 -16.87
C ARG C 71 -3.60 52.47 -15.45
N LEU C 72 -4.16 51.62 -14.62
CA LEU C 72 -4.25 51.88 -13.18
C LEU C 72 -2.95 51.54 -12.47
N PRO C 73 -2.58 52.31 -11.47
CA PRO C 73 -1.37 51.99 -10.77
C PRO C 73 -1.55 50.76 -9.90
N ILE C 74 -0.47 50.02 -9.70
CA ILE C 74 -0.52 48.80 -8.88
C ILE C 74 0.61 48.67 -7.89
N GLY C 75 1.65 49.46 -8.07
CA GLY C 75 2.75 49.48 -7.11
C GLY C 75 3.82 50.51 -7.37
N LYS C 76 4.81 50.50 -6.51
CA LYS C 76 5.95 51.42 -6.58
C LYS C 76 7.18 50.72 -6.07
N ILE C 77 8.35 51.25 -6.39
CA ILE C 77 9.57 50.76 -5.75
C ILE C 77 9.67 51.36 -4.35
N LEU C 78 10.04 50.52 -3.40
CA LEU C 78 10.27 50.92 -2.03
C LEU C 78 11.75 50.80 -1.70
N PRO C 79 12.47 51.93 -1.59
CA PRO C 79 13.87 51.83 -1.28
C PRO C 79 14.01 51.45 0.16
N PHE C 80 15.09 50.74 0.45
CA PHE C 80 15.40 50.38 1.83
C PHE C 80 16.13 51.47 2.58
N TYR C 81 16.80 52.35 1.85
CA TYR C 81 17.64 53.41 2.48
C TYR C 81 17.19 54.89 2.34
N GLY C 82 16.13 55.18 1.59
CA GLY C 82 15.53 56.52 1.67
C GLY C 82 14.10 56.67 1.22
N ARG C 83 13.74 57.87 0.81
CA ARG C 83 12.35 58.23 0.65
C ARG C 83 12.20 59.31 -0.39
N HIS C 84 11.28 59.14 -1.34
CA HIS C 84 10.89 60.26 -2.19
C HIS C 84 10.02 61.14 -1.31
N ASP C 85 9.96 62.43 -1.61
CA ASP C 85 9.17 63.34 -0.75
C ASP C 85 7.65 63.03 -0.69
N SER C 86 7.21 62.26 -1.68
CA SER C 86 5.85 61.72 -1.77
C SER C 86 5.43 60.99 -0.50
N SER C 87 6.42 60.44 0.20
CA SER C 87 6.18 59.73 1.48
C SER C 87 5.57 60.61 2.57
N LEU C 88 5.88 61.89 2.53
CA LEU C 88 5.36 62.85 3.53
C LEU C 88 3.84 63.10 3.39
N GLN C 89 3.34 62.85 2.19
CA GLN C 89 1.94 63.12 1.87
C GLN C 89 1.00 62.22 2.64
N LEU C 90 1.40 60.98 2.83
CA LEU C 90 0.55 60.04 3.56
C LEU C 90 0.13 60.59 4.92
N THR C 91 1.11 61.06 5.68
CA THR C 91 0.84 61.66 7.01
C THR C 91 -0.19 62.78 6.89
N ARG C 92 0.02 63.65 5.91
CA ARG C 92 -0.89 64.77 5.64
C ARG C 92 -2.29 64.32 5.30
N GLN C 93 -2.37 63.28 4.47
CA GLN C 93 -3.66 62.74 4.04
C GLN C 93 -4.44 62.15 5.21
N LEU C 94 -3.72 61.52 6.12
CA LEU C 94 -4.38 60.92 7.30
C LEU C 94 -4.97 62.00 8.18
N ALA C 95 -4.33 63.16 8.14
CA ALA C 95 -4.73 64.30 8.96
C ALA C 95 -5.83 65.16 8.32
N TRP C 96 -6.31 64.79 7.15
CA TRP C 96 -7.36 65.58 6.50
C TRP C 96 -8.57 65.60 7.41
N THR C 97 -9.02 66.81 7.72
CA THR C 97 -10.14 67.01 8.68
C THR C 97 -11.45 66.70 7.98
N GLU C 98 -12.41 66.21 8.74
CA GLU C 98 -13.68 65.83 8.14
C GLU C 98 -14.38 67.03 7.52
N GLU C 99 -14.20 68.18 8.14
CA GLU C 99 -14.82 69.40 7.61
C GLU C 99 -14.21 69.75 6.25
N ARG C 100 -12.88 69.76 6.20
CA ARG C 100 -12.18 70.14 4.97
C ARG C 100 -12.55 69.20 3.81
N LYS C 101 -12.66 67.92 4.12
CA LYS C 101 -13.10 66.91 3.11
C LYS C 101 -14.50 67.23 2.59
N GLY C 102 -15.39 67.58 3.51
CA GLY C 102 -16.75 68.01 3.15
C GLY C 102 -16.77 69.22 2.25
N GLN C 103 -16.00 70.23 2.60
CA GLN C 103 -15.93 71.44 1.79
C GLN C 103 -15.49 71.09 0.37
N VAL C 104 -14.35 70.44 0.29
CA VAL C 104 -13.73 70.10 -1.00
C VAL C 104 -14.66 69.14 -1.80
N TRP C 105 -15.18 68.10 -1.16
CA TRP C 105 -16.07 67.15 -1.87
C TRP C 105 -17.31 67.86 -2.43
N THR C 106 -17.92 68.68 -1.60
CA THR C 106 -19.15 69.39 -1.99
C THR C 106 -18.88 70.40 -3.09
N ALA C 107 -17.76 71.08 -2.99
CA ALA C 107 -17.32 72.01 -4.05
C ALA C 107 -17.25 71.28 -5.36
N ILE C 108 -16.68 70.08 -5.28
CA ILE C 108 -16.40 69.26 -6.47
C ILE C 108 -17.71 68.81 -7.10
N ILE C 109 -18.59 68.27 -6.28
CA ILE C 109 -19.87 67.75 -6.76
C ILE C 109 -20.66 68.88 -7.44
N ALA C 110 -20.57 70.06 -6.87
CA ALA C 110 -21.21 71.25 -7.45
C ALA C 110 -20.75 71.43 -8.88
N GLN C 111 -19.44 71.32 -9.06
CA GLN C 111 -18.89 71.46 -10.42
C GLN C 111 -19.46 70.43 -11.38
N LYS C 112 -19.65 69.23 -10.86
CA LYS C 112 -20.21 68.15 -11.66
C LYS C 112 -21.62 68.54 -12.10
N ILE C 113 -22.43 68.93 -11.14
CA ILE C 113 -23.85 69.31 -11.41
C ILE C 113 -23.91 70.46 -12.41
N THR C 114 -23.07 71.45 -12.19
CA THR C 114 -22.95 72.55 -13.17
C THR C 114 -22.72 72.02 -14.58
N ASN C 115 -21.79 71.09 -14.69
CA ASN C 115 -21.39 70.57 -16.00
C ASN C 115 -22.50 69.69 -16.58
N GLN C 116 -23.21 69.00 -15.72
CA GLN C 116 -24.37 68.22 -16.16
C GLN C 116 -25.36 69.21 -16.78
N SER C 117 -25.58 70.31 -16.08
CA SER C 117 -26.54 71.34 -16.57
C SER C 117 -26.09 71.90 -17.91
N LEU C 118 -24.84 72.35 -17.96
CA LEU C 118 -24.25 72.91 -19.21
C LEU C 118 -24.44 71.96 -20.40
N HIS C 119 -24.27 70.68 -20.12
CA HIS C 119 -24.49 69.66 -21.15
C HIS C 119 -25.94 69.60 -21.57
N LEU C 120 -26.85 69.70 -20.61
CA LEU C 120 -28.32 69.69 -20.93
C LEU C 120 -28.65 70.91 -21.79
N ALA C 121 -28.14 72.05 -21.36
CA ALA C 121 -28.28 73.30 -22.12
C ALA C 121 -27.83 73.07 -23.58
N GLN C 122 -26.65 72.48 -23.71
CA GLN C 122 -26.05 72.17 -25.00
C GLN C 122 -26.99 71.41 -25.90
N ARG C 123 -27.82 70.57 -25.32
CA ARG C 123 -28.82 69.79 -26.10
C ARG C 123 -30.21 70.42 -26.18
N ASP C 124 -30.25 71.74 -26.02
CA ASP C 124 -31.50 72.55 -26.06
C ASP C 124 -32.57 72.12 -25.07
N TYR C 125 -32.13 71.72 -23.88
CA TYR C 125 -33.03 71.52 -22.75
C TYR C 125 -32.82 72.67 -21.76
N GLY C 126 -32.98 73.91 -22.25
CA GLY C 126 -32.80 75.14 -21.45
C GLY C 126 -33.41 75.00 -20.06
N GLN C 127 -34.56 74.32 -20.01
CA GLN C 127 -35.42 74.30 -18.82
C GLN C 127 -34.90 73.39 -17.69
N LYS C 128 -34.59 72.16 -18.04
CA LYS C 128 -34.10 71.16 -17.07
C LYS C 128 -32.71 71.56 -16.61
N ALA C 129 -32.01 72.29 -17.46
CA ALA C 129 -30.67 72.80 -17.13
C ALA C 129 -30.71 73.76 -15.95
N ALA C 130 -31.66 74.67 -16.01
CA ALA C 130 -31.89 75.61 -14.90
C ALA C 130 -32.27 74.85 -13.62
N ALA C 131 -33.03 73.78 -13.81
CA ALA C 131 -33.51 72.93 -12.70
C ALA C 131 -32.36 72.38 -11.92
N LEU C 132 -31.33 71.97 -12.63
CA LEU C 132 -30.12 71.40 -12.00
C LEU C 132 -29.36 72.45 -11.20
N LEU C 133 -29.22 73.62 -11.80
CA LEU C 133 -28.60 74.76 -11.11
C LEU C 133 -29.29 75.07 -9.77
N ALA C 134 -30.59 74.86 -9.77
CA ALA C 134 -31.39 75.05 -8.56
C ALA C 134 -31.00 74.01 -7.50
N MET C 135 -30.88 72.76 -7.93
CA MET C 135 -30.51 71.64 -7.03
C MET C 135 -29.12 71.96 -6.45
N ARG C 136 -28.25 72.51 -7.29
CA ARG C 136 -26.89 72.89 -6.87
C ARG C 136 -26.88 73.96 -5.78
N ALA C 137 -27.73 74.95 -5.95
CA ALA C 137 -27.82 76.05 -4.96
C ALA C 137 -28.26 75.55 -3.57
N GLU C 138 -28.97 74.43 -3.55
CA GLU C 138 -29.51 73.84 -2.31
C GLU C 138 -28.58 72.86 -1.62
N LEU C 139 -27.39 72.75 -2.16
CA LEU C 139 -26.42 71.79 -1.66
C LEU C 139 -25.91 72.23 -0.29
N ARG C 140 -25.81 71.26 0.61
CA ARG C 140 -25.10 71.46 1.88
C ARG C 140 -23.99 70.41 2.02
N LEU C 141 -23.07 70.62 2.97
CA LEU C 141 -21.90 69.70 3.15
C LEU C 141 -22.23 68.21 3.15
N PHE C 142 -21.47 67.47 2.37
CA PHE C 142 -21.64 66.00 2.17
C PHE C 142 -23.03 65.63 1.59
N ASP C 143 -23.75 66.61 1.06
CA ASP C 143 -25.04 66.42 0.38
C ASP C 143 -25.96 65.43 1.09
N PRO C 144 -26.44 65.77 2.30
CA PRO C 144 -27.32 64.85 3.04
C PRO C 144 -28.64 64.62 2.32
N ALA C 145 -29.10 65.67 1.63
CA ALA C 145 -30.38 65.62 0.88
C ALA C 145 -30.35 64.77 -0.39
N ASN C 146 -29.14 64.37 -0.79
CA ASN C 146 -28.91 63.64 -2.04
C ASN C 146 -29.34 64.44 -3.27
N ARG C 147 -28.98 65.70 -3.26
CA ARG C 147 -29.22 66.55 -4.42
C ARG C 147 -28.44 66.04 -5.65
N GLU C 148 -27.23 65.52 -5.41
CA GLU C 148 -26.41 64.93 -6.48
C GLU C 148 -27.19 63.86 -7.23
N GLY C 149 -27.74 62.97 -6.46
CA GLY C 149 -28.43 61.79 -6.99
C GLY C 149 -29.73 62.13 -7.69
N HIS C 150 -30.44 63.10 -7.15
CA HIS C 150 -31.66 63.58 -7.77
C HIS C 150 -31.32 64.26 -9.09
N ALA C 151 -30.29 65.11 -9.05
CA ALA C 151 -29.82 65.82 -10.25
C ALA C 151 -29.48 64.83 -11.35
N ALA C 152 -28.75 63.79 -10.97
CA ALA C 152 -28.27 62.78 -11.91
C ALA C 152 -29.39 62.00 -12.56
N ARG C 153 -30.33 61.57 -11.75
CA ARG C 153 -31.47 60.83 -12.27
C ARG C 153 -32.23 61.66 -13.31
N SER C 154 -32.48 62.93 -12.96
CA SER C 154 -33.17 63.89 -13.83
C SER C 154 -32.39 64.10 -15.14
N TYR C 155 -31.13 64.43 -14.99
CA TYR C 155 -30.15 64.56 -16.08
C TYR C 155 -30.19 63.39 -17.06
N PHE C 156 -30.04 62.18 -16.54
CA PHE C 156 -30.05 60.99 -17.39
C PHE C 156 -31.40 60.70 -18.03
N ASN C 157 -32.49 60.94 -17.31
CA ASN C 157 -33.81 60.68 -17.86
C ASN C 157 -34.06 61.61 -19.03
N THR C 158 -33.68 62.85 -18.85
CA THR C 158 -33.84 63.88 -19.87
C THR C 158 -33.06 63.50 -21.12
N LEU C 159 -31.87 62.98 -20.92
CA LEU C 159 -30.98 62.64 -22.05
C LEU C 159 -31.41 61.37 -22.76
N PHE C 160 -31.77 60.35 -22.01
CA PHE C 160 -32.03 59.01 -22.57
C PHE C 160 -33.45 58.51 -22.33
N GLY C 161 -34.32 59.40 -21.91
CA GLY C 161 -35.75 59.04 -21.69
C GLY C 161 -36.06 58.55 -20.29
N ASN C 162 -37.31 58.64 -19.90
CA ASN C 162 -37.71 58.18 -18.55
C ASN C 162 -37.72 56.66 -18.34
N ASP C 163 -37.63 55.89 -19.41
CA ASP C 163 -37.50 54.43 -19.25
C ASP C 163 -36.08 54.01 -18.87
N PHE C 164 -35.15 54.96 -18.83
CA PHE C 164 -33.74 54.63 -18.74
C PHE C 164 -33.31 54.70 -17.31
N THR C 165 -32.59 53.68 -16.88
CA THR C 165 -31.89 53.73 -15.61
C THR C 165 -30.48 53.36 -15.97
N ARG C 166 -29.62 53.66 -15.04
CA ARG C 166 -28.20 53.63 -15.27
C ARG C 166 -27.67 52.24 -14.87
N GLU C 167 -28.59 51.35 -14.50
CA GLU C 167 -28.26 50.03 -13.96
C GLU C 167 -28.69 48.96 -14.98
N GLN C 168 -29.26 49.39 -16.09
CA GLN C 168 -29.77 48.46 -17.07
C GLN C 168 -28.69 48.04 -17.99
N GLU C 169 -28.75 46.79 -18.40
CA GLU C 169 -27.73 46.28 -19.32
C GLU C 169 -28.03 46.71 -20.74
N ASN C 170 -27.28 47.67 -21.26
CA ASN C 170 -27.43 48.15 -22.62
C ASN C 170 -26.14 48.79 -23.11
N ASP C 171 -26.08 49.04 -24.40
CA ASP C 171 -24.91 49.69 -25.00
C ASP C 171 -24.57 51.07 -24.41
N ILE C 172 -25.58 51.82 -24.05
CA ILE C 172 -25.35 53.19 -23.55
C ILE C 172 -24.62 53.18 -22.22
N ASN C 173 -25.07 52.32 -21.33
CA ASN C 173 -24.44 52.19 -20.01
C ASN C 173 -23.04 51.60 -20.11
N ALA C 174 -22.90 50.57 -20.92
CA ALA C 174 -21.59 49.96 -21.20
C ALA C 174 -20.58 51.04 -21.62
N GLY C 175 -21.03 51.90 -22.52
CA GLY C 175 -20.22 53.00 -23.06
C GLY C 175 -19.88 54.00 -22.00
N LEU C 176 -20.87 54.36 -21.21
CA LEU C 176 -20.67 55.27 -20.10
C LEU C 176 -19.64 54.73 -19.11
N ASN C 177 -19.87 53.48 -18.71
CA ASN C 177 -19.02 52.80 -17.76
C ASN C 177 -17.58 52.75 -18.23
N TYR C 178 -17.41 52.37 -19.49
CA TYR C 178 -16.07 52.29 -20.10
C TYR C 178 -15.37 53.65 -20.02
N GLY C 179 -16.08 54.67 -20.46
CA GLY C 179 -15.53 56.03 -20.50
C GLY C 179 -15.16 56.48 -19.11
N TYR C 180 -16.04 56.18 -18.17
CA TYR C 180 -15.80 56.52 -16.77
C TYR C 180 -14.56 55.84 -16.23
N THR C 181 -14.33 54.61 -16.66
CA THR C 181 -13.12 53.88 -16.26
C THR C 181 -11.86 54.55 -16.79
N LEU C 182 -11.92 55.04 -18.00
CA LEU C 182 -10.74 55.73 -18.55
C LEU C 182 -10.38 56.89 -17.67
N LEU C 183 -11.39 57.67 -17.36
CA LEU C 183 -11.22 58.82 -16.48
C LEU C 183 -10.68 58.40 -15.12
N LEU C 184 -11.27 57.35 -14.57
CA LEU C 184 -10.86 56.86 -13.27
C LEU C 184 -9.35 56.63 -13.24
N SER C 185 -8.87 55.97 -14.28
CA SER C 185 -7.46 55.59 -14.36
C SER C 185 -6.55 56.80 -14.42
N ILE C 186 -6.98 57.83 -15.13
CA ILE C 186 -6.19 59.04 -15.24
C ILE C 186 -5.96 59.66 -13.87
N PHE C 187 -7.02 59.72 -13.08
CA PHE C 187 -6.95 60.39 -11.79
C PHE C 187 -6.32 59.50 -10.74
N ALA C 188 -6.51 58.20 -10.89
CA ALA C 188 -5.87 57.24 -9.96
C ALA C 188 -4.34 57.44 -10.02
N ARG C 189 -3.87 57.53 -11.23
CA ARG C 189 -2.48 57.66 -11.53
C ARG C 189 -1.97 58.97 -10.94
N GLU C 190 -2.70 60.04 -11.16
CA GLU C 190 -2.28 61.37 -10.64
C GLU C 190 -2.20 61.43 -9.11
N LEU C 191 -3.13 60.76 -8.46
CA LEU C 191 -3.21 60.78 -7.01
C LEU C 191 -2.00 60.10 -6.40
N VAL C 192 -1.72 58.91 -6.90
CA VAL C 192 -0.57 58.11 -6.38
C VAL C 192 0.73 58.89 -6.62
N GLN C 193 0.80 59.62 -7.72
CA GLN C 193 1.93 60.51 -8.00
C GLN C 193 2.18 61.54 -6.91
N THR C 194 1.11 62.02 -6.31
CA THR C 194 1.23 63.05 -5.29
C THR C 194 1.54 62.44 -3.93
N GLY C 195 1.37 61.14 -3.83
CA GLY C 195 1.67 60.42 -2.60
C GLY C 195 0.45 60.03 -1.80
N CYS C 196 -0.72 60.14 -2.41
CA CYS C 196 -1.97 59.82 -1.70
C CYS C 196 -2.31 58.38 -1.93
N PHE C 197 -3.12 57.82 -1.03
CA PHE C 197 -3.70 56.49 -1.27
C PHE C 197 -5.11 56.70 -1.84
N THR C 198 -5.45 55.93 -2.86
CA THR C 198 -6.70 56.15 -3.58
C THR C 198 -7.87 55.40 -2.95
N GLN C 199 -7.59 54.55 -1.99
CA GLN C 199 -8.63 53.59 -1.48
C GLN C 199 -9.82 54.18 -0.75
N LEU C 200 -9.52 55.06 0.19
CA LEU C 200 -10.53 55.75 1.01
C LEU C 200 -10.73 57.11 0.42
N GLY C 201 -11.99 57.42 0.16
CA GLY C 201 -12.43 58.66 -0.49
C GLY C 201 -12.82 59.74 0.50
N LEU C 202 -13.33 60.84 0.00
CA LEU C 202 -13.70 61.99 0.85
C LEU C 202 -15.02 61.72 1.57
N LYS C 203 -15.96 61.07 0.87
CA LYS C 203 -17.26 60.71 1.45
C LYS C 203 -17.49 59.18 1.60
N HIS C 204 -18.48 58.80 2.40
CA HIS C 204 -19.20 57.48 2.28
C HIS C 204 -18.80 56.45 3.34
N GLN C 207 -19.43 50.50 0.31
CA GLN C 207 -18.70 50.14 -0.92
C GLN C 207 -17.15 50.20 -0.83
N PHE C 208 -16.51 49.02 -0.81
CA PHE C 208 -15.05 48.91 -0.86
C PHE C 208 -14.60 48.77 -2.30
N ASN C 209 -14.28 49.94 -2.82
CA ASN C 209 -13.59 50.11 -4.08
C ASN C 209 -12.17 50.47 -3.71
N ASP C 210 -11.21 50.15 -4.57
CA ASP C 210 -9.80 50.52 -4.35
C ASP C 210 -9.49 51.91 -4.87
N PHE C 211 -10.44 52.56 -5.54
CA PHE C 211 -10.14 53.91 -6.06
C PHE C 211 -11.20 54.94 -5.73
N ASN C 212 -11.81 54.82 -4.56
CA ASN C 212 -12.81 55.79 -4.14
C ASN C 212 -12.40 57.25 -4.30
N LEU C 213 -11.16 57.54 -3.95
CA LEU C 213 -10.68 58.92 -3.98
C LEU C 213 -10.56 59.41 -5.42
N ALA C 214 -10.19 58.49 -6.29
CA ALA C 214 -10.12 58.81 -7.73
C ALA C 214 -11.51 59.10 -8.26
N SER C 215 -12.49 58.29 -7.85
CA SER C 215 -13.88 58.52 -8.28
C SER C 215 -14.36 59.91 -7.85
N ASP C 216 -13.99 60.30 -6.65
CA ASP C 216 -14.37 61.61 -6.12
C ASP C 216 -13.81 62.73 -6.99
N LEU C 217 -12.54 62.63 -7.30
CA LEU C 217 -11.87 63.68 -8.12
C LEU C 217 -12.35 63.80 -9.56
N MET C 218 -12.72 62.67 -10.15
CA MET C 218 -13.10 62.64 -11.56
C MET C 218 -14.49 63.20 -11.80
N GLU C 219 -15.24 63.47 -10.72
CA GLU C 219 -16.70 63.75 -10.81
C GLU C 219 -17.04 64.85 -11.82
N PRO C 220 -16.33 65.97 -11.78
CA PRO C 220 -16.66 67.05 -12.71
C PRO C 220 -16.42 66.70 -14.17
N PHE C 221 -15.63 65.67 -14.40
CA PHE C 221 -15.23 65.34 -15.77
C PHE C 221 -16.19 64.38 -16.44
N ARG C 222 -17.06 63.78 -15.66
CA ARG C 222 -17.96 62.75 -16.18
C ARG C 222 -18.75 63.20 -17.42
N PRO C 223 -19.29 64.41 -17.40
CA PRO C 223 -20.01 64.87 -18.57
C PRO C 223 -19.23 64.84 -19.89
N LEU C 224 -17.91 64.94 -19.82
CA LEU C 224 -17.09 64.81 -21.04
C LEU C 224 -17.39 63.49 -21.75
N VAL C 225 -17.48 62.44 -20.95
CA VAL C 225 -17.87 61.12 -21.44
C VAL C 225 -19.33 61.12 -21.88
N ASP C 226 -20.16 61.71 -21.05
CA ASP C 226 -21.61 61.77 -21.31
C ASP C 226 -21.87 62.37 -22.68
N GLN C 227 -21.19 63.47 -22.95
CA GLN C 227 -21.30 64.13 -24.26
C GLN C 227 -21.07 63.14 -25.39
N ILE C 228 -19.94 62.48 -25.31
CA ILE C 228 -19.50 61.58 -26.39
C ILE C 228 -20.50 60.45 -26.58
N ILE C 229 -20.91 59.84 -25.49
CA ILE C 229 -21.85 58.72 -25.57
C ILE C 229 -23.21 59.18 -26.10
N TYR C 230 -23.64 60.34 -25.63
CA TYR C 230 -24.91 60.92 -26.12
C TYR C 230 -24.88 61.08 -27.63
N GLU C 231 -23.79 61.68 -28.11
CA GLU C 231 -23.63 61.92 -29.57
C GLU C 231 -23.59 60.62 -30.37
N ASN C 232 -23.21 59.52 -29.75
CA ASN C 232 -23.18 58.20 -30.40
C ASN C 232 -24.14 57.21 -29.77
N ARG C 233 -25.27 57.72 -29.29
CA ARG C 233 -26.17 56.89 -28.48
C ARG C 233 -26.85 55.80 -29.31
N LYS C 234 -26.91 56.03 -30.61
CA LYS C 234 -27.53 55.12 -31.59
C LYS C 234 -26.54 54.10 -32.17
N GLU C 235 -25.26 54.30 -31.87
CA GLU C 235 -24.19 53.47 -32.41
C GLU C 235 -24.01 52.19 -31.61
N ALA C 236 -23.25 51.28 -32.19
CA ALA C 236 -22.83 50.04 -31.52
C ALA C 236 -21.77 50.36 -30.47
N PHE C 237 -21.61 49.45 -29.53
CA PHE C 237 -20.62 49.63 -28.46
C PHE C 237 -19.18 49.77 -28.98
N PRO C 238 -18.75 48.87 -29.88
CA PRO C 238 -17.40 49.03 -30.42
C PRO C 238 -17.09 50.40 -31.03
N ILE C 239 -18.09 51.05 -31.60
CA ILE C 239 -17.89 52.41 -32.13
C ILE C 239 -17.78 53.41 -30.96
N MET C 240 -18.69 53.25 -30.01
CA MET C 240 -18.73 54.10 -28.79
C MET C 240 -17.32 54.13 -28.18
N LYS C 241 -16.76 52.93 -28.08
CA LYS C 241 -15.43 52.72 -27.48
C LYS C 241 -14.37 53.54 -28.21
N ARG C 242 -14.37 53.46 -29.51
CA ARG C 242 -13.35 54.16 -30.32
C ARG C 242 -13.54 55.66 -30.29
N LYS C 243 -14.78 56.09 -30.27
CA LYS C 243 -15.08 57.54 -30.19
C LYS C 243 -14.60 58.16 -28.87
N LEU C 244 -14.58 57.31 -27.83
CA LEU C 244 -14.20 57.73 -26.48
C LEU C 244 -12.74 58.12 -26.38
N PHE C 245 -11.94 57.61 -27.30
CA PHE C 245 -10.51 57.93 -27.27
C PHE C 245 -10.23 59.37 -27.66
N ALA C 246 -11.25 60.04 -28.18
CA ALA C 246 -11.20 61.50 -28.41
C ALA C 246 -10.80 62.28 -27.14
N LEU C 247 -11.09 61.70 -25.98
CA LEU C 247 -10.74 62.34 -24.71
C LEU C 247 -9.25 62.66 -24.62
N PHE C 248 -8.46 61.72 -25.13
CA PHE C 248 -7.00 61.89 -25.11
C PHE C 248 -6.49 62.78 -26.24
N MET C 249 -7.24 62.81 -27.34
CA MET C 249 -6.82 63.60 -28.52
C MET C 249 -7.24 65.06 -28.46
N ASN C 250 -8.39 65.32 -27.88
CA ASN C 250 -8.94 66.69 -27.86
C ASN C 250 -8.34 67.57 -26.77
N THR C 251 -8.64 68.86 -26.91
CA THR C 251 -8.24 69.89 -25.93
C THR C 251 -9.50 70.52 -25.35
N TYR C 252 -9.38 70.97 -24.12
CA TYR C 252 -10.50 71.52 -23.38
C TYR C 252 -10.07 72.80 -22.68
N MET C 253 -11.00 73.75 -22.53
CA MET C 253 -10.68 75.00 -21.81
C MET C 253 -10.54 74.68 -20.33
N TYR C 254 -9.45 75.15 -19.73
CA TYR C 254 -9.19 74.98 -18.31
C TYR C 254 -8.21 76.05 -17.86
N LYS C 255 -8.56 76.79 -16.81
CA LYS C 255 -7.75 77.96 -16.36
C LYS C 255 -7.32 78.86 -17.54
N LYS C 256 -8.32 79.22 -18.33
CA LYS C 256 -8.17 80.20 -19.41
C LYS C 256 -7.41 79.71 -20.64
N LYS C 257 -6.98 78.45 -20.65
CA LYS C 257 -6.26 77.92 -21.85
C LYS C 257 -6.78 76.55 -22.32
N GLN C 258 -6.57 76.29 -23.61
CA GLN C 258 -6.89 75.00 -24.23
C GLN C 258 -5.79 74.02 -23.87
N MET C 259 -6.11 73.01 -23.07
CA MET C 259 -5.13 72.03 -22.59
C MET C 259 -5.61 70.60 -22.87
N PHE C 260 -4.67 69.68 -22.94
CA PHE C 260 -5.03 68.27 -23.12
C PHE C 260 -5.56 67.72 -21.80
N LEU C 261 -6.40 66.70 -21.89
CA LEU C 261 -7.11 66.21 -20.70
C LEU C 261 -6.19 65.72 -19.58
N THR C 262 -5.16 64.97 -19.94
CA THR C 262 -4.23 64.40 -18.95
C THR C 262 -3.50 65.50 -18.19
N ASN C 263 -3.15 66.55 -18.91
CA ASN C 263 -2.48 67.71 -18.30
C ASN C 263 -3.38 68.46 -17.33
N ILE C 264 -4.63 68.60 -17.73
CA ILE C 264 -5.63 69.21 -16.85
C ILE C 264 -5.72 68.40 -15.57
N ALA C 265 -5.89 67.10 -15.75
CA ALA C 265 -6.08 66.21 -14.59
C ALA C 265 -4.90 66.31 -13.59
N THR C 266 -3.71 66.51 -14.13
CA THR C 266 -2.54 66.65 -13.27
C THR C 266 -2.66 67.89 -12.44
N ASP C 267 -2.89 69.01 -13.10
CA ASP C 267 -3.00 70.28 -12.37
C ASP C 267 -4.17 70.26 -11.38
N TYR C 268 -5.29 69.79 -11.88
CA TYR C 268 -6.50 69.69 -11.06
C TYR C 268 -6.21 68.92 -9.76
N THR C 269 -5.63 67.75 -9.93
CA THR C 269 -5.39 66.85 -8.79
C THR C 269 -4.44 67.45 -7.79
N LYS C 270 -3.31 67.93 -8.29
CA LYS C 270 -2.28 68.52 -7.41
C LYS C 270 -2.91 69.60 -6.54
N HIS C 271 -3.72 70.46 -7.15
CA HIS C 271 -4.34 71.56 -6.40
C HIS C 271 -5.41 71.10 -5.40
N VAL C 272 -6.26 70.17 -5.80
CA VAL C 272 -7.24 69.59 -4.88
C VAL C 272 -6.55 69.06 -3.63
N VAL C 273 -5.45 68.36 -3.86
CA VAL C 273 -4.65 67.80 -2.74
C VAL C 273 -4.09 68.91 -1.84
N LYS C 274 -3.57 69.95 -2.47
CA LYS C 274 -3.04 71.08 -1.71
C LYS C 274 -4.14 71.72 -0.81
N VAL C 275 -5.33 71.85 -1.35
CA VAL C 275 -6.45 72.40 -0.59
C VAL C 275 -6.89 71.46 0.56
N LEU C 276 -6.92 70.18 0.29
CA LEU C 276 -7.21 69.21 1.36
C LEU C 276 -6.15 69.28 2.45
N ASN C 277 -4.90 69.47 2.04
CA ASN C 277 -3.80 69.61 3.01
C ASN C 277 -3.83 70.93 3.77
N GLN C 278 -4.72 71.82 3.35
CA GLN C 278 -4.85 73.20 3.91
C GLN C 278 -3.59 74.04 3.66
N GLU C 279 -3.00 73.84 2.50
CA GLU C 279 -1.84 74.61 2.04
C GLU C 279 -2.29 75.70 1.10
N GLU C 280 -3.52 75.55 0.65
CA GLU C 280 -4.17 76.48 -0.27
C GLU C 280 -5.64 76.57 0.03
N GLU C 281 -6.25 77.67 -0.36
CA GLU C 281 -7.68 77.84 -0.30
C GLU C 281 -8.18 77.87 -1.75
N GLY C 282 -9.37 77.32 -1.98
CA GLY C 282 -10.00 77.47 -3.27
C GLY C 282 -9.71 76.29 -4.16
N VAL C 283 -10.68 75.39 -4.18
CA VAL C 283 -10.67 74.25 -5.10
C VAL C 283 -10.57 74.72 -6.57
N PRO C 284 -9.80 74.01 -7.42
CA PRO C 284 -9.73 74.41 -8.82
C PRO C 284 -11.03 74.07 -9.51
N GLU C 285 -11.35 74.81 -10.55
CA GLU C 285 -12.62 74.64 -11.25
C GLU C 285 -12.43 74.15 -12.67
N PHE C 286 -13.22 73.14 -13.01
CA PHE C 286 -13.30 72.65 -14.38
C PHE C 286 -14.76 72.69 -14.86
N GLY C 287 -14.94 73.29 -16.01
CA GLY C 287 -16.25 73.38 -16.66
C GLY C 287 -16.17 73.06 -18.14
N ILE C 288 -17.24 72.47 -18.70
CA ILE C 288 -17.41 72.39 -20.19
C ILE C 288 -17.81 73.78 -20.76
N GLY D 2 3.37 29.34 -3.33
CA GLY D 2 4.67 29.21 -4.07
C GLY D 2 5.88 29.06 -3.17
N TRP D 3 6.95 28.43 -3.68
CA TRP D 3 8.01 27.87 -2.82
C TRP D 3 9.45 28.03 -3.30
N ARG D 4 9.64 28.59 -4.47
CA ARG D 4 10.98 28.72 -5.01
C ARG D 4 11.55 30.10 -4.81
N THR D 5 12.83 30.15 -4.49
CA THR D 5 13.57 31.39 -4.54
C THR D 5 14.46 31.41 -5.79
N VAL D 6 14.10 32.28 -6.73
CA VAL D 6 14.79 32.39 -8.01
C VAL D 6 15.80 33.50 -7.93
N VAL D 7 17.05 33.14 -8.13
CA VAL D 7 18.18 34.08 -8.06
C VAL D 7 18.77 34.30 -9.43
N VAL D 8 18.80 35.54 -9.86
CA VAL D 8 19.27 35.87 -11.21
C VAL D 8 20.52 36.70 -11.06
N ASN D 9 21.63 36.19 -11.58
CA ASN D 9 22.87 36.98 -11.59
C ASN D 9 23.68 36.89 -12.88
N LYS D 10 23.01 36.52 -13.94
CA LYS D 10 23.62 36.52 -15.24
C LYS D 10 22.98 37.52 -16.15
N HIS D 11 23.80 38.13 -16.98
CA HIS D 11 23.32 39.00 -18.07
C HIS D 11 22.20 38.30 -18.80
N SER D 12 21.01 38.89 -18.80
CA SER D 12 19.79 38.17 -19.23
C SER D 12 18.59 39.06 -19.48
N LYS D 13 17.59 38.51 -20.17
CA LYS D 13 16.29 39.17 -20.39
C LYS D 13 15.16 38.39 -19.73
N LEU D 14 14.48 39.02 -18.79
CA LEU D 14 13.34 38.39 -18.15
C LEU D 14 12.06 38.91 -18.79
N SER D 15 11.13 38.01 -19.03
CA SER D 15 9.88 38.34 -19.69
C SER D 15 8.79 37.40 -19.20
N TYR D 16 7.60 37.57 -19.73
CA TYR D 16 6.46 36.78 -19.32
C TYR D 16 5.74 36.14 -20.52
N LYS D 17 5.45 34.86 -20.41
CA LYS D 17 4.68 34.10 -21.42
C LYS D 17 3.98 32.91 -20.77
N ASN D 18 2.70 32.79 -21.05
CA ASN D 18 1.91 31.63 -20.63
C ASN D 18 2.06 31.26 -19.17
N ASN D 19 1.89 32.25 -18.32
CA ASN D 19 2.00 32.04 -16.87
C ASN D 19 3.37 31.61 -16.38
N HIS D 20 4.37 31.80 -17.22
CA HIS D 20 5.74 31.48 -16.87
C HIS D 20 6.58 32.74 -16.82
N LEU D 21 7.52 32.73 -15.92
CA LEU D 21 8.65 33.63 -15.99
C LEU D 21 9.56 33.08 -17.06
N VAL D 22 10.01 33.95 -17.95
CA VAL D 22 10.90 33.53 -19.02
C VAL D 22 12.23 34.17 -18.83
N PHE D 23 13.24 33.33 -18.68
CA PHE D 23 14.63 33.73 -18.52
C PHE D 23 15.36 33.42 -19.80
N LYS D 24 15.91 34.44 -20.46
CA LYS D 24 16.75 34.25 -21.66
C LYS D 24 18.13 34.86 -21.49
N ALA D 25 19.13 34.00 -21.54
CA ALA D 25 20.54 34.40 -21.52
C ALA D 25 21.02 33.98 -22.88
N ILE D 26 22.22 34.41 -23.27
CA ILE D 26 22.73 34.02 -24.62
C ILE D 26 22.96 32.50 -24.69
N ASP D 27 23.48 31.94 -23.59
CA ASP D 27 23.76 30.50 -23.46
C ASP D 27 22.50 29.66 -23.62
N HIS D 28 21.58 29.86 -22.68
CA HIS D 28 20.41 28.96 -22.48
C HIS D 28 19.15 29.75 -22.11
N GLN D 29 18.08 29.01 -21.95
CA GLN D 29 16.77 29.59 -21.69
C GLN D 29 15.92 28.73 -20.74
N GLU D 30 15.30 29.35 -19.75
CA GLU D 30 14.48 28.65 -18.74
C GLU D 30 13.10 29.24 -18.63
N LEU D 31 12.11 28.39 -18.53
CA LEU D 31 10.75 28.81 -18.20
C LEU D 31 10.42 28.28 -16.81
N ILE D 32 9.85 29.14 -15.99
CA ILE D 32 9.47 28.78 -14.61
C ILE D 32 8.07 29.21 -14.31
N HIS D 33 7.23 28.28 -13.89
CA HIS D 33 5.80 28.59 -13.68
C HIS D 33 5.68 29.55 -12.52
N LEU D 34 4.86 30.57 -12.68
CA LEU D 34 4.81 31.68 -11.72
C LEU D 34 4.31 31.22 -10.37
N SER D 35 3.33 30.31 -10.39
CA SER D 35 2.79 29.76 -9.14
C SER D 35 3.83 29.01 -8.29
N GLU D 36 4.93 28.62 -8.91
CA GLU D 36 6.02 27.93 -8.19
C GLU D 36 6.94 28.89 -7.42
N ILE D 37 6.90 30.15 -7.78
CA ILE D 37 7.85 31.13 -7.28
C ILE D 37 7.35 31.85 -6.04
N ASP D 38 8.21 31.90 -5.05
CA ASP D 38 7.98 32.64 -3.80
C ASP D 38 8.72 33.98 -3.84
N VAL D 39 9.98 33.92 -4.22
CA VAL D 39 10.83 35.09 -4.26
C VAL D 39 11.67 35.21 -5.53
N LEU D 40 11.68 36.41 -6.09
CA LEU D 40 12.53 36.71 -7.23
C LEU D 40 13.58 37.69 -6.78
N LEU D 41 14.83 37.27 -6.86
CA LEU D 41 15.94 38.08 -6.39
C LEU D 41 16.84 38.43 -7.55
N LEU D 42 16.95 39.72 -7.83
CA LEU D 42 17.72 40.23 -8.99
C LEU D 42 19.04 40.82 -8.52
N GLU D 43 20.07 39.98 -8.52
CA GLU D 43 21.36 40.26 -7.87
C GLU D 43 22.21 41.27 -8.59
N THR D 44 22.09 41.32 -9.89
CA THR D 44 23.02 42.11 -10.68
C THR D 44 22.33 43.20 -11.48
N THR D 45 23.15 44.03 -12.11
CA THR D 45 22.64 45.21 -12.84
C THR D 45 22.65 45.00 -14.34
N ASP D 46 22.79 43.75 -14.75
CA ASP D 46 22.87 43.39 -16.20
C ASP D 46 21.59 42.68 -16.71
N ILE D 47 20.46 42.97 -16.10
CA ILE D 47 19.21 42.27 -16.38
C ILE D 47 18.14 43.19 -16.94
N SER D 48 17.53 42.79 -18.04
CA SER D 48 16.35 43.50 -18.59
C SER D 48 15.15 42.78 -18.12
N LEU D 49 14.06 43.51 -17.95
CA LEU D 49 12.78 42.88 -17.60
C LEU D 49 11.60 43.73 -18.08
N THR D 50 10.48 43.08 -18.33
CA THR D 50 9.33 43.77 -18.91
C THR D 50 8.33 44.16 -17.83
N THR D 51 7.53 45.16 -18.13
CA THR D 51 6.51 45.64 -17.20
C THR D 51 5.34 44.65 -17.09
N MET D 52 5.12 43.88 -18.16
CA MET D 52 4.11 42.81 -18.12
C MET D 52 4.52 41.83 -17.05
N LEU D 53 5.79 41.45 -17.09
CA LEU D 53 6.29 40.49 -16.11
C LEU D 53 6.07 41.02 -14.71
N LEU D 54 6.43 42.28 -14.52
CA LEU D 54 6.28 42.91 -13.20
C LEU D 54 4.84 42.93 -12.73
N LYS D 55 3.92 43.19 -13.65
CA LYS D 55 2.50 43.22 -13.31
C LYS D 55 2.13 41.87 -12.77
N ARG D 56 2.50 40.86 -13.54
CA ARG D 56 2.11 39.47 -13.24
C ARG D 56 2.79 38.98 -11.94
N LEU D 57 4.01 39.43 -11.73
CA LEU D 57 4.71 39.15 -10.47
C LEU D 57 3.95 39.76 -9.29
N ILE D 58 3.43 40.94 -9.49
CA ILE D 58 2.69 41.63 -8.43
C ILE D 58 1.36 40.95 -8.20
N ASP D 59 0.77 40.39 -9.27
CA ASP D 59 -0.54 39.69 -9.17
C ASP D 59 -0.44 38.50 -8.25
N GLU D 60 0.47 37.62 -8.60
CA GLU D 60 0.88 36.50 -7.76
C GLU D 60 1.58 37.23 -6.70
N LYS D 61 1.74 36.72 -5.51
CA LYS D 61 2.19 37.71 -4.56
C LYS D 61 3.66 37.54 -4.34
N ILE D 62 4.45 37.76 -5.39
CA ILE D 62 5.85 37.38 -5.39
C ILE D 62 6.75 38.50 -4.91
N LEU D 63 7.59 38.17 -3.96
CA LEU D 63 8.54 39.13 -3.42
C LEU D 63 9.63 39.37 -4.43
N VAL D 64 9.72 40.60 -4.91
CA VAL D 64 10.74 40.98 -5.90
C VAL D 64 11.79 41.90 -5.27
N LEU D 65 13.05 41.50 -5.31
CA LEU D 65 14.16 42.27 -4.71
C LEU D 65 15.16 42.78 -5.74
N PHE D 66 15.56 44.04 -5.56
CA PHE D 66 16.53 44.71 -6.44
C PHE D 66 17.84 44.90 -5.73
N CYS D 67 18.92 44.79 -6.48
CA CYS D 67 20.25 44.93 -5.90
C CYS D 67 21.08 45.93 -6.64
N ASP D 68 22.08 46.39 -5.92
CA ASP D 68 23.08 47.32 -6.46
C ASP D 68 24.27 46.63 -7.13
N ASP D 69 25.31 47.44 -7.37
CA ASP D 69 26.52 47.01 -8.07
C ASP D 69 27.36 46.02 -7.31
N LYS D 70 27.22 46.06 -6.00
CA LYS D 70 27.89 45.11 -5.07
C LYS D 70 27.00 43.93 -4.61
N ARG D 71 25.91 43.72 -5.32
CA ARG D 71 24.93 42.64 -5.03
C ARG D 71 24.24 42.67 -3.66
N LEU D 72 24.31 43.81 -3.00
CA LEU D 72 23.49 44.07 -1.82
C LEU D 72 22.10 44.51 -2.25
N PRO D 73 21.06 44.09 -1.52
CA PRO D 73 19.72 44.58 -1.82
C PRO D 73 19.56 46.05 -1.49
N ILE D 74 18.73 46.73 -2.28
CA ILE D 74 18.50 48.19 -2.11
C ILE D 74 17.03 48.60 -2.16
N GLY D 75 16.21 47.71 -2.65
CA GLY D 75 14.77 47.94 -2.64
C GLY D 75 13.94 46.75 -3.08
N LYS D 76 12.64 46.97 -3.07
CA LYS D 76 11.65 45.96 -3.33
C LYS D 76 10.46 46.56 -4.02
N ILE D 77 9.66 45.77 -4.70
CA ILE D 77 8.38 46.26 -5.18
C ILE D 77 7.35 46.29 -4.04
N LEU D 78 6.61 47.38 -3.99
CA LEU D 78 5.59 47.59 -2.99
C LEU D 78 4.27 47.64 -3.72
N PRO D 79 3.47 46.59 -3.61
CA PRO D 79 2.17 46.66 -4.21
C PRO D 79 1.29 47.66 -3.46
N PHE D 80 0.40 48.32 -4.18
CA PHE D 80 -0.52 49.29 -3.59
C PHE D 80 -1.75 48.63 -3.05
N TYR D 81 -2.11 47.50 -3.64
CA TYR D 81 -3.43 46.94 -3.41
C TYR D 81 -3.29 45.46 -3.12
N GLY D 82 -2.88 45.12 -1.91
CA GLY D 82 -2.53 43.71 -1.60
C GLY D 82 -3.75 42.77 -1.52
N ARG D 83 -4.91 43.39 -1.43
CA ARG D 83 -6.19 42.73 -1.48
C ARG D 83 -7.16 43.49 -2.39
N HIS D 84 -8.30 42.85 -2.60
CA HIS D 84 -9.49 43.46 -3.22
C HIS D 84 -10.40 44.09 -2.16
N ASP D 85 -10.26 43.61 -0.93
CA ASP D 85 -10.98 44.07 0.24
C ASP D 85 -10.15 45.09 1.04
N SER D 86 -9.13 45.67 0.42
CA SER D 86 -8.07 46.43 1.12
C SER D 86 -8.53 47.63 1.96
N SER D 87 -9.61 48.25 1.51
CA SER D 87 -10.19 49.40 2.23
C SER D 87 -10.57 49.06 3.66
N LEU D 88 -11.05 47.84 3.87
CA LEU D 88 -11.60 47.49 5.17
C LEU D 88 -10.52 47.52 6.21
N GLN D 89 -9.37 46.93 5.93
CA GLN D 89 -8.30 46.85 6.93
C GLN D 89 -7.72 48.21 7.25
N LEU D 90 -7.59 49.04 6.22
CA LEU D 90 -7.06 50.37 6.43
C LEU D 90 -7.76 51.11 7.55
N THR D 91 -9.08 51.15 7.44
CA THR D 91 -9.93 51.85 8.43
C THR D 91 -9.65 51.29 9.82
N ARG D 92 -9.57 49.97 9.92
CA ARG D 92 -9.23 49.29 11.18
C ARG D 92 -7.87 49.67 11.71
N GLN D 93 -6.91 49.72 10.81
CA GLN D 93 -5.53 50.05 11.17
C GLN D 93 -5.44 51.47 11.71
N LEU D 94 -6.19 52.37 11.11
CA LEU D 94 -6.19 53.79 11.55
C LEU D 94 -6.77 53.93 12.95
N ALA D 95 -7.66 53.01 13.28
CA ALA D 95 -8.32 52.97 14.58
C ALA D 95 -7.54 52.22 15.69
N TRP D 96 -6.36 51.70 15.37
CA TRP D 96 -5.57 50.98 16.40
C TRP D 96 -5.29 51.94 17.53
N THR D 97 -5.66 51.51 18.74
CA THR D 97 -5.49 52.34 19.94
C THR D 97 -4.06 52.34 20.40
N GLU D 98 -3.64 53.45 20.99
CA GLU D 98 -2.23 53.58 21.37
C GLU D 98 -1.86 52.57 22.46
N GLU D 99 -2.80 52.26 23.31
CA GLU D 99 -2.50 51.26 24.36
C GLU D 99 -2.31 49.86 23.76
N ARG D 100 -3.19 49.45 22.87
CA ARG D 100 -3.06 48.13 22.24
C ARG D 100 -1.77 47.98 21.42
N LYS D 101 -1.40 49.05 20.72
CA LYS D 101 -0.11 49.06 19.99
C LYS D 101 1.05 48.82 20.96
N GLY D 102 1.01 49.50 22.08
CA GLY D 102 2.01 49.33 23.15
C GLY D 102 2.08 47.90 23.67
N GLN D 103 0.91 47.34 23.94
CA GLN D 103 0.83 45.97 24.43
C GLN D 103 1.48 45.04 23.43
N VAL D 104 1.01 45.12 22.19
CA VAL D 104 1.50 44.26 21.11
C VAL D 104 3.00 44.46 20.85
N TRP D 105 3.42 45.71 20.70
CA TRP D 105 4.83 46.01 20.43
C TRP D 105 5.72 45.43 21.51
N THR D 106 5.33 45.68 22.76
CA THR D 106 6.14 45.23 23.91
C THR D 106 6.17 43.70 24.03
N ALA D 107 5.01 43.08 23.79
CA ALA D 107 4.91 41.60 23.72
C ALA D 107 5.94 41.06 22.75
N ILE D 108 5.99 41.73 21.60
CA ILE D 108 6.82 41.30 20.48
C ILE D 108 8.28 41.43 20.85
N ILE D 109 8.66 42.60 21.36
CA ILE D 109 10.08 42.86 21.73
C ILE D 109 10.54 41.83 22.80
N ALA D 110 9.65 41.51 23.72
CA ALA D 110 9.90 40.45 24.72
C ALA D 110 10.31 39.12 24.05
N GLN D 111 9.54 38.73 23.04
CA GLN D 111 9.86 37.52 22.26
C GLN D 111 11.24 37.61 21.63
N LYS D 112 11.60 38.79 21.15
CA LYS D 112 12.92 38.99 20.55
C LYS D 112 14.01 38.75 21.61
N ILE D 113 13.86 39.42 22.73
CA ILE D 113 14.82 39.29 23.84
C ILE D 113 14.91 37.82 24.29
N THR D 114 13.76 37.15 24.47
CA THR D 114 13.78 35.70 24.82
C THR D 114 14.59 34.89 23.81
N ASN D 115 14.38 35.18 22.53
CA ASN D 115 15.11 34.47 21.47
C ASN D 115 16.59 34.83 21.44
N GLN D 116 16.91 36.06 21.75
CA GLN D 116 18.33 36.46 21.89
C GLN D 116 18.95 35.60 23.01
N SER D 117 18.21 35.50 24.11
CA SER D 117 18.68 34.71 25.27
C SER D 117 18.88 33.24 24.91
N LEU D 118 17.84 32.64 24.34
CA LEU D 118 17.89 31.24 23.89
C LEU D 118 19.09 30.96 22.99
N HIS D 119 19.39 31.91 22.12
CA HIS D 119 20.56 31.81 21.24
C HIS D 119 21.86 31.85 22.03
N LEU D 120 21.90 32.71 23.05
CA LEU D 120 23.12 32.77 23.94
C LEU D 120 23.28 31.45 24.69
N ALA D 121 22.17 30.96 25.25
CA ALA D 121 22.12 29.63 25.91
C ALA D 121 22.69 28.56 24.98
N GLN D 122 22.18 28.55 23.75
CA GLN D 122 22.64 27.66 22.69
C GLN D 122 24.17 27.64 22.50
N ARG D 123 24.81 28.79 22.67
CA ARG D 123 26.29 28.90 22.58
C ARG D 123 27.02 28.77 23.94
N ASP D 124 26.37 28.10 24.89
CA ASP D 124 26.93 27.84 26.26
C ASP D 124 27.33 29.10 27.02
N TYR D 125 26.54 30.14 26.86
CA TYR D 125 26.64 31.31 27.74
C TYR D 125 25.43 31.31 28.68
N GLY D 126 25.27 30.21 29.42
CA GLY D 126 24.14 30.04 30.37
C GLY D 126 23.87 31.32 31.16
N GLN D 127 24.95 32.01 31.49
CA GLN D 127 24.94 33.12 32.43
C GLN D 127 24.37 34.46 31.90
N LYS D 128 24.90 34.88 30.76
CA LYS D 128 24.41 36.10 30.09
C LYS D 128 22.99 35.91 29.55
N ALA D 129 22.65 34.67 29.24
CA ALA D 129 21.30 34.31 28.83
C ALA D 129 20.25 34.65 29.91
N ALA D 130 20.56 34.26 31.14
CA ALA D 130 19.69 34.56 32.31
C ALA D 130 19.60 36.08 32.51
N ALA D 131 20.71 36.76 32.24
CA ALA D 131 20.80 38.23 32.34
C ALA D 131 19.78 38.93 31.44
N LEU D 132 19.62 38.41 30.23
CA LEU D 132 18.65 38.96 29.25
C LEU D 132 17.21 38.75 29.70
N LEU D 133 16.93 37.55 30.17
CA LEU D 133 15.63 37.21 30.78
C LEU D 133 15.24 38.18 31.89
N ALA D 134 16.25 38.64 32.63
CA ALA D 134 16.07 39.64 33.69
C ALA D 134 15.65 40.99 33.10
N MET D 135 16.37 41.41 32.05
CA MET D 135 16.06 42.68 31.34
C MET D 135 14.63 42.62 30.80
N ARG D 136 14.26 41.45 30.28
CA ARG D 136 12.90 41.21 29.78
C ARG D 136 11.82 41.40 30.86
N ALA D 137 12.07 40.85 32.04
CA ALA D 137 11.10 40.94 33.15
C ALA D 137 10.85 42.38 33.60
N GLU D 138 11.80 43.26 33.36
CA GLU D 138 11.68 44.68 33.73
C GLU D 138 11.12 45.61 32.65
N LEU D 139 10.64 45.00 31.58
CA LEU D 139 10.06 45.73 30.44
C LEU D 139 8.74 46.37 30.86
N ARG D 140 8.57 47.63 30.47
CA ARG D 140 7.23 48.22 30.54
C ARG D 140 6.88 48.82 29.15
N LEU D 141 5.61 49.19 28.99
CA LEU D 141 5.04 49.56 27.68
C LEU D 141 5.91 50.54 26.91
N PHE D 142 6.13 50.21 25.65
CA PHE D 142 6.99 51.00 24.74
C PHE D 142 8.44 51.16 25.20
N ASP D 143 8.85 50.31 26.14
CA ASP D 143 10.26 50.24 26.61
C ASP D 143 10.95 51.61 26.78
N PRO D 144 10.46 52.43 27.73
CA PRO D 144 11.07 53.74 27.94
C PRO D 144 12.51 53.65 28.44
N ALA D 145 12.78 52.62 29.23
CA ALA D 145 14.12 52.37 29.81
C ALA D 145 15.17 51.92 28.80
N ASN D 146 14.73 51.59 27.59
CA ASN D 146 15.59 51.00 26.55
C ASN D 146 16.24 49.67 26.99
N ARG D 147 15.44 48.81 27.59
CA ARG D 147 15.91 47.47 27.93
C ARG D 147 16.27 46.68 26.67
N GLU D 148 15.51 46.89 25.61
CA GLU D 148 15.79 46.25 24.31
C GLU D 148 17.23 46.51 23.87
N GLY D 149 17.60 47.78 23.92
CA GLY D 149 18.90 48.25 23.43
C GLY D 149 20.05 47.81 24.31
N HIS D 150 19.79 47.78 25.61
CA HIS D 150 20.80 47.25 26.57
C HIS D 150 20.98 45.76 26.38
N ALA D 151 19.87 45.05 26.26
CA ALA D 151 19.89 43.59 25.98
C ALA D 151 20.69 43.27 24.72
N ALA D 152 20.45 44.05 23.68
CA ALA D 152 21.12 43.86 22.37
C ALA D 152 22.62 44.08 22.45
N ARG D 153 23.02 45.17 23.10
CA ARG D 153 24.46 45.49 23.22
C ARG D 153 25.21 44.37 23.93
N SER D 154 24.64 43.92 25.03
CA SER D 154 25.16 42.79 25.81
C SER D 154 25.26 41.51 24.95
N TYR D 155 24.13 41.16 24.37
CA TYR D 155 24.00 40.01 23.44
C TYR D 155 25.11 40.00 22.39
N PHE D 156 25.25 41.10 21.69
CA PHE D 156 26.26 41.18 20.62
C PHE D 156 27.71 41.16 21.12
N ASN D 157 27.96 41.78 22.26
CA ASN D 157 29.33 41.76 22.81
C ASN D 157 29.73 40.36 23.22
N THR D 158 28.78 39.68 23.85
CA THR D 158 28.97 38.28 24.26
C THR D 158 29.28 37.36 23.07
N LEU D 159 28.57 37.59 21.97
CA LEU D 159 28.72 36.76 20.77
C LEU D 159 29.99 37.05 20.01
N PHE D 160 30.28 38.33 19.81
CA PHE D 160 31.40 38.73 18.92
C PHE D 160 32.51 39.50 19.64
N GLY D 161 32.48 39.47 20.98
CA GLY D 161 33.54 40.09 21.80
C GLY D 161 33.25 41.54 22.15
N ASN D 162 33.90 42.05 23.19
CA ASN D 162 33.68 43.45 23.61
C ASN D 162 34.29 44.50 22.67
N ASP D 163 35.13 44.06 21.73
CA ASP D 163 35.64 44.92 20.63
C ASP D 163 34.58 45.30 19.58
N PHE D 164 33.42 44.66 19.66
CA PHE D 164 32.45 44.66 18.56
C PHE D 164 31.31 45.62 18.86
N THR D 165 31.01 46.50 17.90
CA THR D 165 29.93 47.54 18.08
C THR D 165 28.55 47.29 17.43
N ARG D 166 28.50 46.75 16.21
CA ARG D 166 27.25 46.72 15.39
C ARG D 166 27.06 48.01 14.51
N GLU D 167 28.08 48.86 14.51
CA GLU D 167 28.21 49.99 13.56
C GLU D 167 29.51 49.94 12.84
N GLN D 168 30.32 48.94 13.15
CA GLN D 168 31.66 48.91 12.55
C GLN D 168 31.58 48.25 11.24
N GLU D 169 32.42 48.73 10.33
CA GLU D 169 32.44 48.18 8.99
C GLU D 169 33.20 46.86 8.99
N ASN D 170 32.50 45.74 8.90
CA ASN D 170 33.12 44.43 8.83
C ASN D 170 32.17 43.42 8.17
N ASP D 171 32.71 42.26 7.84
CA ASP D 171 31.94 41.17 7.26
C ASP D 171 30.75 40.71 8.11
N ILE D 172 30.91 40.75 9.42
CA ILE D 172 29.85 40.24 10.31
C ILE D 172 28.60 41.12 10.24
N ASN D 173 28.82 42.42 10.28
CA ASN D 173 27.69 43.37 10.25
C ASN D 173 27.03 43.37 8.90
N ALA D 174 27.86 43.36 7.87
CA ALA D 174 27.38 43.27 6.48
C ALA D 174 26.40 42.10 6.33
N GLY D 175 26.83 40.98 6.86
CA GLY D 175 26.04 39.74 6.84
C GLY D 175 24.75 39.91 7.61
N LEU D 176 24.85 40.49 8.79
CA LEU D 176 23.68 40.68 9.66
C LEU D 176 22.65 41.57 8.98
N ASN D 177 23.17 42.67 8.47
CA ASN D 177 22.35 43.66 7.76
C ASN D 177 21.62 43.03 6.58
N TYR D 178 22.37 42.29 5.79
CA TYR D 178 21.81 41.59 4.63
C TYR D 178 20.67 40.67 5.04
N GLY D 179 20.95 39.86 6.03
CA GLY D 179 19.96 38.89 6.52
C GLY D 179 18.73 39.60 7.02
N TYR D 180 18.97 40.67 7.76
CA TYR D 180 17.87 41.46 8.33
C TYR D 180 16.98 42.08 7.25
N THR D 181 17.59 42.49 6.16
CA THR D 181 16.82 42.99 5.04
C THR D 181 15.94 41.91 4.41
N LEU D 182 16.48 40.71 4.29
CA LEU D 182 15.65 39.64 3.74
C LEU D 182 14.37 39.51 4.57
N LEU D 183 14.57 39.45 5.87
CA LEU D 183 13.45 39.32 6.81
C LEU D 183 12.47 40.46 6.66
N LEU D 184 13.02 41.65 6.59
CA LEU D 184 12.20 42.85 6.45
C LEU D 184 11.23 42.69 5.29
N SER D 185 11.78 42.23 4.17
CA SER D 185 11.02 42.09 2.93
C SER D 185 9.90 41.08 3.06
N ILE D 186 10.16 40.01 3.78
CA ILE D 186 9.15 38.99 3.97
C ILE D 186 7.93 39.56 4.68
N PHE D 187 8.19 40.35 5.70
CA PHE D 187 7.10 40.85 6.55
C PHE D 187 6.44 42.05 5.93
N ALA D 188 7.21 42.81 5.18
CA ALA D 188 6.62 43.92 4.42
C ALA D 188 5.55 43.39 3.44
N ARG D 189 5.90 42.33 2.75
CA ARG D 189 4.98 41.69 1.83
C ARG D 189 3.73 41.23 2.56
N GLU D 190 3.91 40.55 3.67
CA GLU D 190 2.77 39.93 4.38
C GLU D 190 1.81 40.96 4.93
N LEU D 191 2.36 42.09 5.34
CA LEU D 191 1.55 43.15 5.88
C LEU D 191 0.63 43.74 4.83
N VAL D 192 1.23 44.06 3.71
CA VAL D 192 0.49 44.62 2.57
C VAL D 192 -0.62 43.68 2.13
N GLN D 193 -0.31 42.41 2.17
CA GLN D 193 -1.24 41.37 1.82
C GLN D 193 -2.47 41.35 2.74
N THR D 194 -2.33 41.77 3.99
CA THR D 194 -3.48 41.84 4.93
C THR D 194 -4.26 43.14 4.78
N GLY D 195 -3.67 44.09 4.09
CA GLY D 195 -4.34 45.37 3.84
C GLY D 195 -3.82 46.50 4.69
N CYS D 196 -2.68 46.27 5.35
CA CYS D 196 -2.10 47.28 6.22
C CYS D 196 -1.10 48.10 5.46
N PHE D 197 -0.82 49.28 5.98
CA PHE D 197 0.26 50.07 5.46
C PHE D 197 1.47 49.76 6.30
N THR D 198 2.63 49.64 5.68
CA THR D 198 3.85 49.34 6.42
C THR D 198 4.55 50.57 6.95
N GLN D 199 4.08 51.73 6.51
CA GLN D 199 4.71 52.98 6.89
C GLN D 199 4.41 53.25 8.35
N LEU D 200 3.30 52.71 8.83
CA LEU D 200 2.76 53.07 10.14
C LEU D 200 3.10 52.09 11.25
N GLY D 201 4.27 52.33 11.86
CA GLY D 201 4.82 51.45 12.89
C GLY D 201 4.10 51.64 14.19
N LEU D 202 4.34 50.71 15.10
CA LEU D 202 3.63 50.72 16.37
C LEU D 202 4.25 51.77 17.30
N LYS D 203 5.56 51.89 17.27
CA LYS D 203 6.24 52.81 18.18
C LYS D 203 6.51 54.11 17.47
N HIS D 204 7.11 54.04 16.30
CA HIS D 204 7.30 55.22 15.47
C HIS D 204 6.57 54.95 14.18
N ALA D 205 5.62 55.80 13.85
CA ALA D 205 4.93 55.68 12.57
C ALA D 205 5.72 56.57 11.64
N ASN D 206 5.98 56.21 10.39
CA ASN D 206 6.50 57.22 9.43
C ASN D 206 7.86 57.88 9.75
N GLN D 207 8.54 57.38 10.79
CA GLN D 207 9.82 57.91 11.32
C GLN D 207 11.07 57.44 10.56
N PHE D 208 11.58 58.31 9.68
CA PHE D 208 12.83 58.12 8.89
C PHE D 208 12.72 56.99 7.87
N ASN D 209 11.64 56.22 7.85
CA ASN D 209 11.46 55.21 6.81
C ASN D 209 10.00 54.72 6.60
N ASP D 210 9.83 54.06 5.47
CA ASP D 210 8.51 53.62 5.00
C ASP D 210 8.11 52.17 5.36
N PHE D 211 8.93 51.48 6.14
CA PHE D 211 8.65 50.08 6.50
C PHE D 211 8.72 49.80 7.98
N ASN D 212 8.48 50.84 8.74
CA ASN D 212 8.52 50.71 10.20
C ASN D 212 7.73 49.57 10.78
N LEU D 213 6.54 49.34 10.26
CA LEU D 213 5.65 48.30 10.80
C LEU D 213 6.22 46.92 10.51
N ALA D 214 6.88 46.78 9.37
CA ALA D 214 7.57 45.52 9.07
C ALA D 214 8.73 45.28 10.02
N SER D 215 9.50 46.33 10.31
CA SER D 215 10.64 46.21 11.25
C SER D 215 10.16 45.74 12.60
N ASP D 216 9.04 46.30 13.02
CA ASP D 216 8.43 45.94 14.29
C ASP D 216 8.09 44.43 14.32
N LEU D 217 7.44 43.95 13.27
CA LEU D 217 7.00 42.54 13.21
C LEU D 217 8.11 41.50 13.09
N MET D 218 9.19 41.86 12.42
CA MET D 218 10.30 40.96 12.19
C MET D 218 11.20 40.75 13.40
N GLU D 219 10.97 41.53 14.45
CA GLU D 219 11.90 41.58 15.62
C GLU D 219 12.24 40.19 16.22
N PRO D 220 11.21 39.37 16.49
CA PRO D 220 11.51 38.07 17.08
C PRO D 220 12.31 37.14 16.20
N PHE D 221 12.36 37.45 14.92
CA PHE D 221 12.98 36.55 13.94
C PHE D 221 14.44 36.86 13.73
N ARG D 222 14.88 38.00 14.24
CA ARG D 222 16.28 38.46 14.01
C ARG D 222 17.31 37.41 14.41
N PRO D 223 17.13 36.79 15.58
CA PRO D 223 18.09 35.74 15.95
C PRO D 223 18.30 34.61 14.93
N LEU D 224 17.31 34.32 14.10
CA LEU D 224 17.46 33.30 13.02
C LEU D 224 18.62 33.65 12.14
N VAL D 225 18.71 34.93 11.80
CA VAL D 225 19.83 35.44 10.99
C VAL D 225 21.11 35.45 11.87
N ASP D 226 20.97 35.86 13.14
CA ASP D 226 22.12 35.92 14.07
C ASP D 226 22.79 34.54 14.17
N GLN D 227 21.98 33.51 14.35
CA GLN D 227 22.48 32.12 14.40
C GLN D 227 23.36 31.81 13.21
N ILE D 228 22.83 32.05 12.03
CA ILE D 228 23.51 31.71 10.78
C ILE D 228 24.84 32.45 10.67
N ILE D 229 24.81 33.74 10.95
CA ILE D 229 26.05 34.53 10.85
C ILE D 229 27.06 34.14 11.87
N TYR D 230 26.58 33.88 13.07
CA TYR D 230 27.46 33.41 14.14
C TYR D 230 28.19 32.14 13.72
N GLU D 231 27.44 31.18 13.20
CA GLU D 231 28.00 29.89 12.72
C GLU D 231 28.98 30.06 11.57
N ASN D 232 28.86 31.16 10.82
CA ASN D 232 29.80 31.47 9.73
C ASN D 232 30.59 32.76 9.96
N ARG D 233 30.90 33.04 11.22
CA ARG D 233 31.47 34.35 11.61
C ARG D 233 32.88 34.52 11.07
N LYS D 234 33.53 33.40 10.80
CA LYS D 234 34.91 33.38 10.29
C LYS D 234 35.00 33.28 8.77
N GLU D 235 33.85 33.13 8.14
CA GLU D 235 33.79 33.04 6.68
C GLU D 235 33.80 34.41 6.01
N ALA D 236 34.00 34.37 4.69
CA ALA D 236 33.90 35.56 3.84
C ALA D 236 32.43 35.96 3.67
N PHE D 237 32.21 37.22 3.30
CA PHE D 237 30.85 37.74 3.11
C PHE D 237 30.07 36.95 2.03
N PRO D 238 30.67 36.73 0.85
CA PRO D 238 29.93 35.96 -0.15
C PRO D 238 29.43 34.60 0.31
N ILE D 239 30.14 33.97 1.22
CA ILE D 239 29.69 32.68 1.79
C ILE D 239 28.54 32.93 2.78
N MET D 240 28.73 33.91 3.66
CA MET D 240 27.68 34.34 4.63
C MET D 240 26.35 34.51 3.88
N LYS D 241 26.45 35.20 2.74
CA LYS D 241 25.28 35.55 1.90
C LYS D 241 24.56 34.29 1.45
N ARG D 242 25.32 33.34 0.95
CA ARG D 242 24.75 32.11 0.40
C ARG D 242 24.16 31.27 1.52
N LYS D 243 24.82 31.26 2.67
CA LYS D 243 24.34 30.48 3.82
C LYS D 243 23.02 31.03 4.34
N LEU D 244 22.82 32.32 4.14
CA LEU D 244 21.61 33.01 4.61
C LEU D 244 20.36 32.58 3.87
N PHE D 245 20.52 32.04 2.68
CA PHE D 245 19.36 31.55 1.90
C PHE D 245 18.75 30.31 2.53
N ALA D 246 19.45 29.72 3.48
CA ALA D 246 18.91 28.63 4.30
C ALA D 246 17.58 29.01 4.95
N LEU D 247 17.36 30.30 5.15
CA LEU D 247 16.13 30.81 5.76
C LEU D 247 14.90 30.39 4.97
N PHE D 248 15.04 30.42 3.66
CA PHE D 248 13.97 29.98 2.75
C PHE D 248 13.91 28.47 2.52
N MET D 249 15.04 27.77 2.66
CA MET D 249 15.10 26.29 2.52
C MET D 249 14.63 25.56 3.77
N ASN D 250 14.99 26.08 4.92
CA ASN D 250 14.78 25.33 6.18
C ASN D 250 13.37 25.45 6.72
N THR D 251 13.13 24.60 7.70
CA THR D 251 11.89 24.61 8.41
C THR D 251 12.16 24.87 9.89
N TYR D 252 11.20 25.51 10.54
CA TYR D 252 11.35 25.93 11.94
C TYR D 252 10.13 25.54 12.72
N MET D 253 10.31 25.25 14.00
CA MET D 253 9.17 24.92 14.86
C MET D 253 8.36 26.20 15.09
N TYR D 254 7.06 26.09 14.88
CA TYR D 254 6.12 27.19 15.13
C TYR D 254 4.71 26.61 15.32
N LYS D 255 4.06 26.97 16.40
CA LYS D 255 2.74 26.38 16.76
C LYS D 255 2.73 24.86 16.61
N LYS D 256 3.74 24.24 17.22
CA LYS D 256 3.83 22.76 17.33
C LYS D 256 4.14 22.04 16.03
N LYS D 257 4.35 22.80 14.95
CA LYS D 257 4.66 22.21 13.64
C LYS D 257 5.93 22.77 13.01
N GLN D 258 6.62 21.92 12.24
CA GLN D 258 7.78 22.34 11.41
C GLN D 258 7.23 23.01 10.17
N MET D 259 7.45 24.31 10.04
CA MET D 259 6.90 25.09 8.94
C MET D 259 7.99 25.91 8.25
N PHE D 260 7.76 26.24 6.98
CA PHE D 260 8.72 27.06 6.24
C PHE D 260 8.57 28.50 6.71
N LEU D 261 9.64 29.27 6.58
CA LEU D 261 9.69 30.59 7.21
C LEU D 261 8.65 31.53 6.65
N THR D 262 8.47 31.52 5.34
CA THR D 262 7.49 32.43 4.68
C THR D 262 6.07 32.14 5.15
N ASN D 263 5.77 30.87 5.35
CA ASN D 263 4.47 30.44 5.88
C ASN D 263 4.23 30.82 7.30
N ILE D 264 5.27 30.70 8.11
CA ILE D 264 5.22 31.17 9.50
C ILE D 264 4.90 32.66 9.49
N ALA D 265 5.69 33.41 8.71
CA ALA D 265 5.56 34.88 8.66
C ALA D 265 4.14 35.30 8.27
N THR D 266 3.52 34.55 7.38
CA THR D 266 2.12 34.79 7.01
C THR D 266 1.19 34.63 8.20
N ASP D 267 1.25 33.48 8.86
CA ASP D 267 0.38 33.22 10.01
C ASP D 267 0.64 34.21 11.16
N TYR D 268 1.92 34.40 11.44
CA TYR D 268 2.34 35.34 12.49
C TYR D 268 1.75 36.71 12.26
N THR D 269 1.96 37.22 11.06
CA THR D 269 1.51 38.56 10.70
C THR D 269 0.00 38.69 10.79
N LYS D 270 -0.71 37.75 10.18
CA LYS D 270 -2.20 37.78 10.20
C LYS D 270 -2.72 37.84 11.62
N HIS D 271 -2.15 37.04 12.51
CA HIS D 271 -2.61 37.03 13.92
C HIS D 271 -2.24 38.30 14.71
N VAL D 272 -1.03 38.79 14.54
CA VAL D 272 -0.64 40.08 15.12
C VAL D 272 -1.65 41.14 14.73
N VAL D 273 -1.98 41.17 13.44
CA VAL D 273 -2.96 42.14 12.90
C VAL D 273 -4.35 41.95 13.53
N LYS D 274 -4.79 40.72 13.66
CA LYS D 274 -6.06 40.44 14.35
C LYS D 274 -6.08 40.97 15.80
N VAL D 275 -4.96 40.79 16.51
CA VAL D 275 -4.86 41.27 17.90
C VAL D 275 -4.83 42.80 17.95
N LEU D 276 -4.11 43.42 17.03
CA LEU D 276 -4.14 44.88 16.95
C LEU D 276 -5.56 45.38 16.65
N ASN D 277 -6.27 44.65 15.79
CA ASN D 277 -7.65 44.99 15.47
C ASN D 277 -8.63 44.71 16.62
N GLN D 278 -8.13 44.09 17.67
CA GLN D 278 -8.97 43.69 18.84
C GLN D 278 -10.06 42.70 18.44
N GLU D 279 -9.70 41.82 17.52
CA GLU D 279 -10.56 40.68 17.10
C GLU D 279 -10.17 39.42 17.85
N GLU D 280 -9.00 39.46 18.47
CA GLU D 280 -8.57 38.37 19.35
C GLU D 280 -7.50 38.87 20.32
N GLU D 281 -7.16 38.02 21.30
CA GLU D 281 -6.20 38.42 22.38
C GLU D 281 -4.73 37.97 22.30
N GLY D 282 -4.39 36.76 22.68
CA GLY D 282 -2.96 36.38 22.64
C GLY D 282 -2.18 36.73 21.38
N VAL D 283 -1.19 37.58 21.51
CA VAL D 283 -0.18 37.78 20.45
C VAL D 283 0.46 36.38 20.12
N PRO D 284 0.68 36.03 18.84
CA PRO D 284 1.30 34.72 18.56
C PRO D 284 2.74 34.73 18.97
N GLU D 285 3.25 33.55 19.32
CA GLU D 285 4.62 33.46 19.78
C GLU D 285 5.49 32.69 18.81
N PHE D 286 6.66 33.26 18.55
CA PHE D 286 7.70 32.58 17.81
C PHE D 286 8.93 32.53 18.67
N GLY D 287 9.43 31.31 18.84
CA GLY D 287 10.64 31.08 19.56
C GLY D 287 11.54 30.21 18.72
N ILE D 288 12.83 30.44 18.86
CA ILE D 288 13.83 29.68 18.11
C ILE D 288 14.12 28.39 18.86
N TYR E 3 0.95 -9.13 -6.89
CA TYR E 3 1.77 -9.96 -5.96
C TYR E 3 3.23 -9.42 -5.85
N ARG E 4 4.18 -9.87 -6.67
CA ARG E 4 5.54 -9.24 -6.70
C ARG E 4 5.79 -8.45 -8.01
N TYR E 5 4.74 -8.32 -8.83
CA TYR E 5 4.85 -7.88 -10.21
C TYR E 5 5.18 -6.40 -10.30
N MET E 6 5.94 -6.05 -11.32
CA MET E 6 6.22 -4.67 -11.61
C MET E 6 6.04 -4.39 -13.10
N ARG E 7 6.05 -3.10 -13.42
CA ARG E 7 5.93 -2.63 -14.78
C ARG E 7 7.08 -1.75 -15.09
N LEU E 8 7.58 -1.93 -16.29
CA LEU E 8 8.64 -1.14 -16.81
C LEU E 8 8.02 -0.34 -17.90
N LEU E 9 8.09 0.98 -17.74
CA LEU E 9 7.51 1.93 -18.68
C LEU E 9 8.63 2.56 -19.47
N LEU E 10 8.54 2.43 -20.78
CA LEU E 10 9.59 2.89 -21.67
C LEU E 10 8.99 3.85 -22.67
N MET E 11 9.64 5.00 -22.78
CA MET E 11 9.15 6.09 -23.60
C MET E 11 10.30 6.49 -24.51
N PHE E 12 9.99 6.81 -25.76
CA PHE E 12 11.03 7.32 -26.65
C PHE E 12 10.61 8.40 -27.63
N ASP E 13 11.59 9.24 -27.93
CA ASP E 13 11.56 10.08 -29.07
C ASP E 13 12.87 9.81 -29.79
N MET E 14 12.76 9.28 -31.01
CA MET E 14 13.94 8.90 -31.81
C MET E 14 13.91 9.57 -33.19
N PRO E 15 15.06 10.09 -33.63
CA PRO E 15 15.23 10.81 -34.88
C PRO E 15 14.98 9.96 -36.09
N THR E 16 14.58 10.61 -37.17
CA THR E 16 14.20 9.92 -38.42
C THR E 16 14.79 10.55 -39.68
N ASP E 17 15.67 11.52 -39.48
CA ASP E 17 16.18 12.30 -40.61
C ASP E 17 16.90 11.38 -41.56
N THR E 18 17.90 10.70 -41.02
CA THR E 18 18.80 9.82 -41.75
C THR E 18 18.23 8.44 -42.07
N ALA E 19 18.81 7.74 -43.03
CA ALA E 19 18.43 6.36 -43.38
C ALA E 19 18.85 5.39 -42.30
N SER E 20 19.99 5.71 -41.69
CA SER E 20 20.60 4.87 -40.66
C SER E 20 19.90 5.00 -39.33
N ASP E 21 19.42 6.20 -39.03
CA ASP E 21 18.71 6.36 -37.76
C ASP E 21 17.25 5.89 -37.88
N ARG E 22 16.73 5.80 -39.10
CA ARG E 22 15.44 5.05 -39.32
C ARG E 22 15.60 3.57 -39.12
N LYS E 23 16.62 3.02 -39.74
CA LYS E 23 16.99 1.62 -39.54
C LYS E 23 17.21 1.34 -38.03
N ALA E 24 17.88 2.27 -37.35
CA ALA E 24 18.20 2.12 -35.93
C ALA E 24 16.95 2.00 -35.06
N TYR E 25 15.97 2.78 -35.46
CA TYR E 25 14.65 2.78 -34.84
C TYR E 25 13.94 1.44 -35.06
N ARG E 26 13.81 1.06 -36.33
CA ARG E 26 13.08 -0.16 -36.70
C ARG E 26 13.63 -1.35 -35.93
N LYS E 27 14.95 -1.39 -35.78
CA LYS E 27 15.64 -2.44 -35.03
C LYS E 27 15.22 -2.42 -33.57
N PHE E 28 15.17 -1.22 -32.99
CA PHE E 28 14.89 -1.07 -31.58
C PHE E 28 13.47 -1.41 -31.28
N ARG E 29 12.59 -1.00 -32.15
CA ARG E 29 11.20 -1.33 -31.93
C ARG E 29 10.98 -2.82 -32.04
N LYS E 30 11.64 -3.41 -33.03
CA LYS E 30 11.55 -4.84 -33.21
C LYS E 30 11.96 -5.52 -31.92
N PHE E 31 13.03 -5.01 -31.33
CA PHE E 31 13.55 -5.59 -30.08
C PHE E 31 12.49 -5.55 -29.00
N LEU E 32 11.87 -4.39 -28.89
CA LEU E 32 10.85 -4.17 -27.87
C LEU E 32 9.72 -5.14 -28.04
N ILE E 33 9.23 -5.28 -29.27
CA ILE E 33 8.10 -6.19 -29.50
C ILE E 33 8.48 -7.62 -29.15
N ASN E 34 9.67 -8.01 -29.57
CA ASN E 34 10.18 -9.36 -29.32
C ASN E 34 10.42 -9.64 -27.87
N GLU E 35 10.69 -8.61 -27.10
CA GLU E 35 10.86 -8.76 -25.65
C GLU E 35 9.53 -8.79 -24.92
N GLY E 36 8.46 -8.51 -25.63
CA GLY E 36 7.10 -8.57 -25.07
C GLY E 36 6.58 -7.28 -24.49
N PHE E 37 7.22 -6.17 -24.84
CA PHE E 37 6.67 -4.86 -24.52
C PHE E 37 5.39 -4.71 -25.31
N ILE E 38 4.44 -3.96 -24.74
CA ILE E 38 3.17 -3.65 -25.42
C ILE E 38 2.95 -2.14 -25.57
N MET E 39 2.43 -1.75 -26.73
CA MET E 39 2.27 -0.32 -27.07
C MET E 39 1.10 0.25 -26.27
N HIS E 40 1.37 1.16 -25.35
CA HIS E 40 0.32 1.84 -24.59
C HIS E 40 -0.17 3.01 -25.41
N GLN E 41 0.80 3.77 -25.86
CA GLN E 41 0.59 4.85 -26.82
C GLN E 41 1.79 4.87 -27.80
N PHE E 42 1.71 5.71 -28.82
CA PHE E 42 2.75 5.78 -29.82
C PHE E 42 4.02 6.23 -29.11
N SER E 43 5.12 5.54 -29.32
CA SER E 43 6.39 5.97 -28.70
C SER E 43 6.43 5.61 -27.18
N VAL E 44 5.37 5.03 -26.66
CA VAL E 44 5.32 4.68 -25.24
C VAL E 44 4.86 3.22 -24.97
N TYR E 45 5.73 2.45 -24.32
CA TYR E 45 5.62 1.00 -24.22
C TYR E 45 5.79 0.53 -22.79
N SER E 46 5.11 -0.55 -22.46
CA SER E 46 5.14 -1.09 -21.11
C SER E 46 5.38 -2.58 -21.14
N LYS E 47 6.06 -3.06 -20.12
CA LYS E 47 6.41 -4.46 -20.02
C LYS E 47 6.13 -4.96 -18.64
N ILE E 48 5.33 -6.00 -18.54
CA ILE E 48 5.04 -6.61 -17.24
C ILE E 48 6.16 -7.57 -16.88
N LEU E 49 6.60 -7.50 -15.63
CA LEU E 49 7.71 -8.30 -15.10
C LEU E 49 7.33 -8.93 -13.78
N LEU E 50 7.84 -10.12 -13.55
CA LEU E 50 7.40 -10.93 -12.44
C LEU E 50 8.01 -10.55 -11.12
N ASN E 51 9.29 -10.31 -11.11
CA ASN E 51 9.98 -9.92 -9.88
C ASN E 51 11.06 -8.94 -10.24
N ASP E 52 11.80 -8.53 -9.24
CA ASP E 52 12.88 -7.58 -9.47
C ASP E 52 14.02 -8.29 -10.18
N THR E 53 14.13 -9.59 -9.97
CA THR E 53 15.21 -10.32 -10.58
C THR E 53 15.08 -10.16 -12.08
N ALA E 54 13.86 -10.37 -12.56
CA ALA E 54 13.53 -10.26 -13.98
C ALA E 54 13.76 -8.85 -14.52
N ASN E 55 13.47 -7.89 -13.68
CA ASN E 55 13.64 -6.50 -14.01
C ASN E 55 15.11 -6.14 -14.24
N LYS E 56 15.97 -6.55 -13.32
CA LYS E 56 17.41 -6.28 -13.48
C LYS E 56 17.93 -6.87 -14.81
N ALA E 57 17.42 -8.06 -15.10
CA ALA E 57 17.78 -8.79 -16.30
C ALA E 57 17.36 -8.07 -17.57
N MET E 58 16.17 -7.50 -17.55
CA MET E 58 15.64 -6.76 -18.72
C MET E 58 16.40 -5.45 -18.93
N LEU E 59 16.67 -4.77 -17.82
CA LEU E 59 17.52 -3.56 -17.88
C LEU E 59 18.82 -3.89 -18.57
N ALA E 60 19.40 -5.04 -18.21
CA ALA E 60 20.67 -5.48 -18.81
C ALA E 60 20.52 -5.64 -20.31
N ARG E 61 19.43 -6.30 -20.72
CA ARG E 61 19.18 -6.53 -22.15
C ARG E 61 18.95 -5.22 -22.90
N LEU E 62 18.38 -4.26 -22.20
CA LEU E 62 18.13 -2.98 -22.81
C LEU E 62 19.41 -2.21 -23.11
N LYS E 63 20.36 -2.26 -22.18
CA LYS E 63 21.66 -1.60 -22.43
C LYS E 63 22.40 -2.27 -23.59
N GLN E 64 22.16 -3.56 -23.76
CA GLN E 64 22.80 -4.33 -24.82
C GLN E 64 22.29 -3.96 -26.19
N ASN E 65 21.06 -3.51 -26.26
CA ASN E 65 20.43 -3.17 -27.53
C ASN E 65 20.13 -1.69 -27.64
N ASN E 66 20.76 -0.93 -26.77
CA ASN E 66 20.72 0.52 -26.90
C ASN E 66 21.02 0.96 -28.34
N PRO E 67 20.10 1.69 -28.98
CA PRO E 67 20.36 2.16 -30.34
C PRO E 67 21.21 3.40 -30.41
N GLN E 68 21.54 3.95 -29.27
CA GLN E 68 22.39 5.13 -29.22
C GLN E 68 21.89 6.33 -30.06
N ARG E 69 20.59 6.52 -30.12
CA ARG E 69 19.99 7.69 -30.76
C ARG E 69 18.78 8.15 -29.98
N GLY E 70 18.50 9.44 -30.09
CA GLY E 70 17.30 10.04 -29.55
C GLY E 70 17.25 10.04 -28.02
N LEU E 71 16.05 10.21 -27.51
CA LEU E 71 15.80 10.24 -26.09
C LEU E 71 14.99 9.00 -25.74
N ILE E 72 15.51 8.20 -24.83
CA ILE E 72 14.88 6.93 -24.47
C ILE E 72 14.96 6.75 -22.99
N THR E 73 13.81 6.56 -22.37
CA THR E 73 13.65 6.77 -20.96
C THR E 73 12.83 5.65 -20.31
N LEU E 74 13.22 5.22 -19.10
CA LEU E 74 12.60 4.07 -18.41
C LEU E 74 12.14 4.42 -17.01
N LEU E 75 11.01 3.87 -16.63
CA LEU E 75 10.45 4.10 -15.33
C LEU E 75 9.92 2.80 -14.78
N ASN E 76 10.39 2.43 -13.60
CA ASN E 76 9.86 1.26 -12.88
C ASN E 76 8.79 1.59 -11.91
N VAL E 77 7.72 0.83 -11.92
CA VAL E 77 6.66 0.95 -10.90
C VAL E 77 5.97 -0.36 -10.58
N THR E 78 5.42 -0.46 -9.39
CA THR E 78 4.71 -1.66 -8.96
C THR E 78 3.41 -1.81 -9.75
N GLU E 79 2.94 -3.04 -9.88
CA GLU E 79 1.63 -3.27 -10.54
C GLU E 79 0.57 -2.42 -9.91
N LYS E 80 0.66 -2.32 -8.60
CA LYS E 80 -0.33 -1.55 -7.83
C LYS E 80 -0.37 -0.10 -8.27
N GLN E 81 0.80 0.46 -8.43
CA GLN E 81 0.91 1.85 -8.89
C GLN E 81 0.32 1.97 -10.30
N PHE E 82 0.76 1.11 -11.21
CA PHE E 82 0.24 1.14 -12.59
C PHE E 82 -1.28 0.99 -12.65
N SER E 83 -1.82 0.19 -11.76
CA SER E 83 -3.25 -0.07 -11.76
C SER E 83 -4.00 1.17 -11.38
N ARG E 84 -3.36 2.05 -10.62
CA ARG E 84 -3.93 3.38 -10.30
C ARG E 84 -3.89 4.40 -11.47
N MET E 85 -3.39 4.01 -12.62
CA MET E 85 -3.38 4.88 -13.81
C MET E 85 -4.80 5.40 -14.08
N ILE E 86 -4.90 6.69 -14.37
CA ILE E 86 -6.19 7.32 -14.62
C ILE E 86 -6.42 7.57 -16.09
N TYR E 87 -7.48 7.01 -16.61
CA TYR E 87 -7.85 7.23 -17.99
C TYR E 87 -8.75 8.43 -18.05
N LEU E 88 -8.16 9.58 -18.27
CA LEU E 88 -8.94 10.81 -18.47
C LEU E 88 -9.84 10.71 -19.68
N HIS E 89 -9.42 9.98 -20.70
CA HIS E 89 -10.29 9.68 -21.83
C HIS E 89 -9.70 8.60 -22.66
N GLY E 90 -10.57 7.83 -23.31
CA GLY E 90 -10.15 6.66 -24.10
C GLY E 90 -10.40 5.42 -23.29
N GLU E 91 -10.37 4.29 -23.98
CA GLU E 91 -10.78 3.04 -23.37
C GLU E 91 -9.62 2.32 -22.70
N GLN E 92 -9.91 1.64 -21.61
CA GLN E 92 -8.89 0.89 -20.90
C GLN E 92 -8.40 -0.29 -21.78
N ASP E 93 -7.18 -0.76 -21.54
CA ASP E 93 -6.59 -1.82 -22.36
C ASP E 93 -6.83 -3.20 -21.77
N ASN E 94 -7.81 -3.92 -22.33
CA ASN E 94 -8.23 -5.19 -21.74
C ASN E 94 -7.60 -6.40 -22.41
N ARG E 95 -6.49 -6.17 -23.09
CA ARG E 95 -5.70 -7.27 -23.63
C ARG E 95 -5.10 -8.08 -22.49
N VAL E 96 -5.14 -9.39 -22.68
CA VAL E 96 -4.56 -10.34 -21.74
C VAL E 96 -3.11 -9.97 -21.40
N ALA E 97 -2.34 -9.54 -22.38
CA ALA E 97 -0.92 -9.20 -22.20
C ALA E 97 -0.69 -8.10 -21.19
N ASN E 98 -1.75 -7.34 -20.97
CA ASN E 98 -1.73 -6.18 -20.07
C ASN E 98 -2.29 -6.48 -18.69
N SER E 99 -2.57 -7.74 -18.42
CA SER E 99 -3.09 -8.16 -17.11
C SER E 99 -2.09 -9.00 -16.34
N ASP E 100 -2.39 -9.27 -15.08
CA ASP E 100 -1.53 -10.05 -14.22
C ASP E 100 -1.95 -11.46 -14.07
N GLU E 101 -3.04 -11.79 -14.76
CA GLU E 101 -3.82 -12.98 -14.46
C GLU E 101 -3.04 -14.24 -14.77
N ARG E 102 -2.93 -15.12 -13.78
CA ARG E 102 -2.21 -16.38 -13.95
C ARG E 102 -3.01 -17.35 -14.78
N ILE E 103 -4.32 -17.27 -14.69
CA ILE E 103 -5.18 -18.12 -15.48
C ILE E 103 -5.88 -17.27 -16.51
N VAL E 104 -5.86 -17.74 -17.74
CA VAL E 104 -6.47 -17.05 -18.85
C VAL E 104 -7.31 -18.00 -19.63
N PHE E 105 -8.47 -17.53 -20.06
CA PHE E 105 -9.29 -18.33 -20.95
C PHE E 105 -9.47 -17.59 -22.23
N LEU E 106 -9.11 -18.22 -23.32
CA LEU E 106 -9.36 -17.65 -24.60
C LEU E 106 -10.50 -18.50 -25.05
N GLY E 107 -11.61 -17.87 -25.37
CA GLY E 107 -12.88 -18.55 -25.42
C GLY E 107 -13.51 -18.49 -24.05
N GLU E 108 -14.51 -19.31 -23.79
CA GLU E 108 -15.22 -19.27 -22.53
C GLU E 108 -16.11 -18.05 -22.46
N ARG F 4 5.60 15.90 0.99
CA ARG F 4 6.65 15.54 0.01
C ARG F 4 6.08 15.56 -1.39
N TYR F 5 6.91 15.91 -2.38
CA TYR F 5 6.45 16.24 -3.72
C TYR F 5 5.93 15.02 -4.47
N MET F 6 5.02 15.31 -5.38
CA MET F 6 4.48 14.35 -6.33
C MET F 6 4.77 14.78 -7.76
N ARG F 7 4.72 13.85 -8.68
CA ARG F 7 4.73 14.16 -10.10
C ARG F 7 3.53 13.55 -10.71
N LEU F 8 2.92 14.32 -11.57
CA LEU F 8 1.81 13.86 -12.33
C LEU F 8 2.30 13.73 -13.76
N LEU F 9 2.20 12.52 -14.28
CA LEU F 9 2.68 12.17 -15.61
C LEU F 9 1.45 12.00 -16.49
N LEU F 10 1.44 12.76 -17.58
CA LEU F 10 0.33 12.78 -18.46
C LEU F 10 0.79 12.46 -19.86
N MET F 11 0.09 11.51 -20.47
CA MET F 11 0.46 11.00 -21.77
C MET F 11 -0.76 11.10 -22.64
N PHE F 12 -0.58 11.46 -23.90
CA PHE F 12 -1.72 11.45 -24.84
C PHE F 12 -1.43 11.02 -26.28
N ASP F 13 -2.47 10.44 -26.85
CA ASP F 13 -2.59 10.30 -28.28
C ASP F 13 -3.97 10.85 -28.63
N MET F 14 -3.99 11.91 -29.42
CA MET F 14 -5.21 12.64 -29.76
C MET F 14 -5.32 12.75 -31.26
N PRO F 15 -6.53 12.53 -31.79
CA PRO F 15 -6.85 12.56 -33.22
C PRO F 15 -6.68 13.93 -33.82
N THR F 16 -6.43 13.93 -35.12
CA THR F 16 -6.04 15.12 -35.91
C THR F 16 -6.80 15.25 -37.24
N ASP F 17 -7.71 14.31 -37.49
CA ASP F 17 -8.31 14.19 -38.82
C ASP F 17 -9.08 15.45 -39.15
N THR F 18 -10.05 15.77 -38.29
CA THR F 18 -10.97 16.90 -38.48
C THR F 18 -10.44 18.21 -37.90
N ALA F 19 -11.12 19.29 -38.23
CA ALA F 19 -10.74 20.62 -37.78
C ALA F 19 -11.03 20.81 -36.29
N SER F 20 -12.08 20.13 -35.85
CA SER F 20 -12.56 20.26 -34.49
C SER F 20 -11.64 19.51 -33.54
N ASP F 21 -11.14 18.36 -34.01
CA ASP F 21 -10.13 17.50 -33.33
C ASP F 21 -8.87 18.25 -33.08
N ARG F 22 -8.48 18.97 -34.10
CA ARG F 22 -7.26 19.77 -34.04
C ARG F 22 -7.41 20.92 -33.05
N LYS F 23 -8.51 21.65 -33.17
CA LYS F 23 -8.83 22.72 -32.23
C LYS F 23 -8.86 22.21 -30.80
N ALA F 24 -9.47 21.04 -30.65
CA ALA F 24 -9.63 20.46 -29.33
C ALA F 24 -8.27 20.18 -28.68
N TYR F 25 -7.35 19.75 -29.53
CA TYR F 25 -5.98 19.47 -29.15
C TYR F 25 -5.28 20.77 -28.72
N ARG F 26 -5.29 21.75 -29.62
CA ARG F 26 -4.58 23.01 -29.37
C ARG F 26 -5.00 23.62 -28.05
N LYS F 27 -6.29 23.54 -27.78
CA LYS F 27 -6.86 24.04 -26.52
C LYS F 27 -6.30 23.29 -25.30
N PHE F 28 -6.27 21.98 -25.40
CA PHE F 28 -5.82 21.16 -24.32
C PHE F 28 -4.36 21.37 -24.06
N ARG F 29 -3.57 21.47 -25.11
CA ARG F 29 -2.15 21.63 -24.92
C ARG F 29 -1.90 22.97 -24.27
N LYS F 30 -2.62 23.96 -24.77
CA LYS F 30 -2.48 25.28 -24.19
C LYS F 30 -2.76 25.22 -22.70
N PHE F 31 -3.79 24.52 -22.30
CA PHE F 31 -4.09 24.40 -20.90
C PHE F 31 -2.94 23.74 -20.15
N LEU F 32 -2.36 22.70 -20.71
CA LEU F 32 -1.27 22.01 -20.06
C LEU F 32 -0.12 22.93 -19.82
N ILE F 33 0.25 23.69 -20.84
CA ILE F 33 1.39 24.60 -20.71
C ILE F 33 1.11 25.62 -19.63
N ASN F 34 -0.08 26.18 -19.68
CA ASN F 34 -0.48 27.23 -18.73
C ASN F 34 -0.56 26.76 -17.31
N GLU F 35 -0.83 25.48 -17.13
CA GLU F 35 -0.87 24.87 -15.80
C GLU F 35 0.51 24.52 -15.29
N GLY F 36 1.50 24.64 -16.15
CA GLY F 36 2.89 24.44 -15.75
C GLY F 36 3.39 23.05 -15.94
N PHE F 37 2.68 22.27 -16.76
CA PHE F 37 3.19 20.99 -17.24
C PHE F 37 4.40 21.27 -18.12
N ILE F 38 5.35 20.34 -18.10
CA ILE F 38 6.55 20.38 -18.93
C ILE F 38 6.59 19.22 -19.92
N MET F 39 6.98 19.48 -21.17
CA MET F 39 7.14 18.45 -22.18
C MET F 39 8.39 17.61 -21.88
N HIS F 40 8.20 16.35 -21.51
CA HIS F 40 9.31 15.41 -21.31
C HIS F 40 9.68 14.80 -22.64
N GLN F 41 8.64 14.33 -23.31
CA GLN F 41 8.72 13.89 -24.70
C GLN F 41 7.46 14.32 -25.44
N PHE F 42 7.42 14.13 -26.74
CA PHE F 42 6.26 14.56 -27.53
C PHE F 42 5.05 13.78 -27.03
N SER F 43 3.95 14.46 -26.76
CA SER F 43 2.73 13.78 -26.34
C SER F 43 2.83 13.32 -24.86
N VAL F 44 3.96 13.60 -24.23
CA VAL F 44 4.20 13.20 -22.85
C VAL F 44 4.69 14.34 -21.95
N TYR F 45 3.88 14.65 -20.93
CA TYR F 45 4.07 15.80 -20.09
C TYR F 45 4.05 15.46 -18.60
N SER F 46 4.81 16.22 -17.82
CA SER F 46 4.91 16.01 -16.38
C SER F 46 4.73 17.30 -15.62
N LYS F 47 4.15 17.21 -14.43
CA LYS F 47 3.87 18.37 -13.60
C LYS F 47 4.29 18.10 -12.18
N ILE F 48 5.13 18.96 -11.61
CA ILE F 48 5.46 18.84 -10.19
C ILE F 48 4.34 19.39 -9.35
N LEU F 49 4.02 18.70 -8.26
CA LEU F 49 3.01 19.12 -7.30
C LEU F 49 3.54 18.99 -5.88
N LEU F 50 3.05 19.85 -4.98
CA LEU F 50 3.56 19.90 -3.60
C LEU F 50 2.96 18.87 -2.71
N ASN F 51 1.66 18.95 -2.54
CA ASN F 51 0.96 18.13 -1.58
C ASN F 51 -0.13 17.42 -2.32
N ASP F 52 -0.86 16.60 -1.60
CA ASP F 52 -1.95 15.84 -2.18
C ASP F 52 -3.14 16.78 -2.42
N THR F 53 -3.21 17.85 -1.64
CA THR F 53 -4.27 18.87 -1.84
C THR F 53 -4.19 19.41 -3.28
N ALA F 54 -2.97 19.81 -3.65
CA ALA F 54 -2.67 20.35 -4.97
C ALA F 54 -2.96 19.35 -6.06
N ASN F 55 -2.65 18.09 -5.78
CA ASN F 55 -2.88 17.02 -6.73
C ASN F 55 -4.36 16.79 -7.01
N LYS F 56 -5.15 16.68 -5.95
CA LYS F 56 -6.60 16.49 -6.12
C LYS F 56 -7.17 17.65 -6.91
N ALA F 57 -6.65 18.83 -6.62
CA ALA F 57 -7.11 20.06 -7.26
C ALA F 57 -6.80 20.06 -8.73
N MET F 58 -5.62 19.55 -9.09
CA MET F 58 -5.19 19.51 -10.51
C MET F 58 -6.01 18.51 -11.28
N LEU F 59 -6.20 17.34 -10.66
CA LEU F 59 -7.04 16.30 -11.23
C LEU F 59 -8.42 16.90 -11.54
N ALA F 60 -8.92 17.73 -10.62
CA ALA F 60 -10.24 18.38 -10.81
C ALA F 60 -10.21 19.30 -12.03
N ARG F 61 -9.15 20.10 -12.14
CA ARG F 61 -9.01 21.04 -13.25
C ARG F 61 -8.88 20.28 -14.54
N LEU F 62 -8.24 19.12 -14.49
CA LEU F 62 -8.10 18.31 -15.68
C LEU F 62 -9.45 17.80 -16.20
N LYS F 63 -10.34 17.37 -15.29
CA LYS F 63 -11.67 16.89 -15.70
C LYS F 63 -12.49 18.02 -16.29
N GLN F 64 -12.25 19.21 -15.78
CA GLN F 64 -12.94 20.40 -16.27
C GLN F 64 -12.55 20.78 -17.71
N ASN F 65 -11.32 20.46 -18.08
CA ASN F 65 -10.83 20.78 -19.41
C ASN F 65 -10.56 19.55 -20.25
N ASN F 66 -11.11 18.44 -19.82
CA ASN F 66 -11.12 17.26 -20.63
C ASN F 66 -11.56 17.58 -22.06
N PRO F 67 -10.73 17.29 -23.05
CA PRO F 67 -11.15 17.52 -24.43
C PRO F 67 -12.03 16.43 -25.02
N GLN F 68 -12.24 15.36 -24.26
CA GLN F 68 -13.13 14.26 -24.69
C GLN F 68 -12.79 13.65 -26.04
N ARG F 69 -11.51 13.59 -26.34
CA ARG F 69 -11.03 12.93 -27.56
C ARG F 69 -9.75 12.19 -27.30
N GLY F 70 -9.54 11.14 -28.09
CA GLY F 70 -8.32 10.39 -28.06
C GLY F 70 -8.13 9.59 -26.77
N LEU F 71 -6.89 9.22 -26.53
CA LEU F 71 -6.51 8.51 -25.33
C LEU F 71 -5.60 9.41 -24.50
N ILE F 72 -6.00 9.63 -23.25
CA ILE F 72 -5.29 10.55 -22.36
C ILE F 72 -5.22 9.90 -21.01
N THR F 73 -4.00 9.65 -20.53
CA THR F 73 -3.81 8.91 -19.30
C THR F 73 -2.90 9.66 -18.32
N LEU F 74 -3.14 9.43 -17.03
CA LEU F 74 -2.43 10.10 -15.97
C LEU F 74 -1.88 9.09 -15.02
N LEU F 75 -0.69 9.39 -14.52
CA LEU F 75 -0.03 8.55 -13.55
C LEU F 75 0.57 9.41 -12.46
N ASN F 76 0.18 9.18 -11.22
CA ASN F 76 0.78 9.86 -10.05
C ASN F 76 1.92 9.06 -9.51
N VAL F 77 3.04 9.72 -9.26
CA VAL F 77 4.18 9.08 -8.61
C VAL F 77 4.97 10.04 -7.73
N THR F 78 5.65 9.48 -6.76
CA THR F 78 6.42 10.28 -5.83
C THR F 78 7.61 10.85 -6.54
N GLU F 79 8.09 11.97 -6.06
CA GLU F 79 9.30 12.56 -6.61
C GLU F 79 10.43 11.56 -6.58
N LYS F 80 10.48 10.78 -5.53
CA LYS F 80 11.52 9.74 -5.40
C LYS F 80 11.47 8.74 -6.54
N GLN F 81 10.26 8.32 -6.88
CA GLN F 81 10.06 7.36 -7.96
C GLN F 81 10.51 7.96 -9.28
N PHE F 82 10.02 9.15 -9.57
CA PHE F 82 10.43 9.88 -10.77
C PHE F 82 11.95 10.08 -10.86
N SER F 83 12.59 10.31 -9.73
CA SER F 83 14.03 10.56 -9.71
C SER F 83 14.81 9.30 -10.07
N ARG F 84 14.21 8.14 -9.83
CA ARG F 84 14.80 6.85 -10.29
C ARG F 84 14.70 6.59 -11.80
N MET F 85 14.04 7.49 -12.54
CA MET F 85 13.92 7.37 -14.01
C MET F 85 15.30 7.12 -14.63
N ILE F 86 15.35 6.17 -15.55
CA ILE F 86 16.60 5.80 -16.21
C ILE F 86 16.65 6.32 -17.63
N TYR F 87 17.68 7.10 -17.91
CA TYR F 87 17.92 7.62 -19.23
C TYR F 87 18.80 6.63 -19.96
N LEU F 88 18.15 5.73 -20.68
CA LEU F 88 18.85 4.80 -21.55
C LEU F 88 19.69 5.52 -22.61
N HIS F 89 19.20 6.65 -23.08
CA HIS F 89 19.96 7.50 -24.01
C HIS F 89 19.31 8.85 -24.16
N GLY F 90 20.14 9.85 -24.41
CA GLY F 90 19.71 11.24 -24.42
C GLY F 90 20.07 11.86 -23.08
N GLU F 91 20.10 13.19 -23.03
CA GLU F 91 20.62 13.85 -21.83
C GLU F 91 19.54 14.17 -20.80
N GLN F 92 19.94 14.12 -19.53
CA GLN F 92 19.01 14.35 -18.43
C GLN F 92 18.51 15.78 -18.53
N ASP F 93 17.32 16.01 -18.00
CA ASP F 93 16.68 17.33 -18.12
C ASP F 93 16.99 18.23 -16.92
N ASN F 94 17.95 19.15 -17.10
CA ASN F 94 18.44 19.94 -15.97
C ASN F 94 17.78 21.29 -15.89
N ARG F 95 16.62 21.41 -16.52
CA ARG F 95 15.82 22.61 -16.41
C ARG F 95 15.32 22.72 -14.97
N VAL F 96 15.35 23.95 -14.49
CA VAL F 96 14.90 24.29 -13.14
C VAL F 96 13.51 23.74 -12.88
N ALA F 97 12.63 23.88 -13.86
CA ALA F 97 11.21 23.47 -13.73
C ALA F 97 11.05 21.99 -13.40
N ASN F 98 12.09 21.24 -13.73
CA ASN F 98 12.09 19.81 -13.57
C ASN F 98 12.76 19.34 -12.27
N SER F 99 13.16 20.30 -11.43
CA SER F 99 13.85 20.01 -10.17
C SER F 99 12.97 20.33 -8.99
N ASP F 100 13.30 19.84 -7.81
CA ASP F 100 12.45 20.07 -6.62
C ASP F 100 13.19 21.04 -5.68
N GLU F 101 14.19 21.69 -6.23
CA GLU F 101 15.01 22.62 -5.47
C GLU F 101 14.24 23.88 -5.07
N ARG F 102 14.28 24.23 -3.79
CA ARG F 102 13.66 25.48 -3.29
C ARG F 102 14.47 26.70 -3.64
N ILE F 103 15.77 26.54 -3.72
CA ILE F 103 16.63 27.66 -4.10
C ILE F 103 17.18 27.42 -5.46
N VAL F 104 17.01 28.39 -6.35
CA VAL F 104 17.34 28.23 -7.73
C VAL F 104 18.27 29.36 -8.10
N PHE F 105 19.10 29.14 -9.10
CA PHE F 105 20.04 30.14 -9.50
C PHE F 105 20.13 30.10 -10.98
N LEU F 106 19.82 31.21 -11.62
CA LEU F 106 19.96 31.30 -13.06
C LEU F 106 21.23 32.06 -13.29
N GLY F 107 22.35 31.35 -13.22
CA GLY F 107 23.63 32.02 -13.16
C GLY F 107 24.52 31.25 -12.21
N GLU F 108 25.32 31.97 -11.46
CA GLU F 108 26.14 31.37 -10.43
C GLU F 108 27.39 30.76 -11.02
N MET I 1 -63.20 0.47 -5.56
CA MET I 1 -62.92 0.90 -4.17
C MET I 1 -64.13 0.77 -3.24
N GLY I 2 -63.78 0.76 -1.98
CA GLY I 2 -64.56 0.14 -0.95
C GLY I 2 -64.98 1.10 0.11
N TRP I 3 -65.49 0.52 1.18
CA TRP I 3 -66.21 1.26 2.22
C TRP I 3 -65.93 0.86 3.67
N ARG I 4 -65.12 -0.16 3.89
CA ARG I 4 -64.86 -0.62 5.25
C ARG I 4 -63.55 -0.15 5.81
N THR I 5 -63.59 0.21 7.08
CA THR I 5 -62.39 0.49 7.81
C THR I 5 -62.13 -0.68 8.73
N VAL I 6 -61.07 -1.40 8.41
CA VAL I 6 -60.67 -2.59 9.16
C VAL I 6 -59.60 -2.25 10.18
N VAL I 7 -59.93 -2.48 11.45
CA VAL I 7 -59.05 -2.11 12.56
C VAL I 7 -58.54 -3.36 13.21
N VAL I 8 -57.23 -3.47 13.29
CA VAL I 8 -56.61 -4.65 13.85
C VAL I 8 -55.83 -4.26 15.11
N ASN I 9 -56.21 -4.79 16.26
CA ASN I 9 -55.44 -4.55 17.50
C ASN I 9 -55.27 -5.75 18.39
N LYS I 10 -55.46 -6.92 17.82
CA LYS I 10 -55.10 -8.09 18.61
C LYS I 10 -53.98 -8.85 17.95
N HIS I 11 -53.19 -9.49 18.78
CA HIS I 11 -52.20 -10.42 18.29
C HIS I 11 -52.83 -11.17 17.10
N SER I 12 -52.22 -11.15 15.93
CA SER I 12 -52.82 -11.81 14.76
C SER I 12 -51.92 -11.99 13.58
N LYS I 13 -52.41 -12.75 12.62
CA LYS I 13 -51.72 -12.94 11.35
C LYS I 13 -52.59 -12.57 10.17
N LEU I 14 -52.10 -11.62 9.40
CA LEU I 14 -52.79 -11.22 8.19
C LEU I 14 -52.13 -11.80 6.97
N SER I 15 -52.97 -12.24 6.05
CA SER I 15 -52.49 -12.88 4.81
C SER I 15 -53.49 -12.66 3.69
N TYR I 16 -53.20 -13.20 2.52
CA TYR I 16 -54.05 -13.00 1.34
C TYR I 16 -54.39 -14.32 0.66
N LYS I 17 -55.67 -14.53 0.32
CA LYS I 17 -56.18 -15.75 -0.48
C LYS I 17 -56.71 -15.61 -1.89
N ASN I 18 -58.01 -15.39 -2.08
CA ASN I 18 -58.61 -15.34 -3.44
C ASN I 18 -59.34 -14.07 -3.32
N ASN I 19 -58.59 -13.01 -3.49
CA ASN I 19 -59.08 -11.64 -3.34
C ASN I 19 -59.62 -11.30 -1.96
N HIS I 20 -59.28 -12.08 -0.93
CA HIS I 20 -59.68 -11.77 0.45
C HIS I 20 -58.48 -11.43 1.32
N LEU I 21 -58.70 -10.50 2.22
CA LEU I 21 -57.81 -10.31 3.34
C LEU I 21 -58.15 -11.43 4.30
N VAL I 22 -57.13 -12.08 4.82
CA VAL I 22 -57.34 -13.16 5.76
C VAL I 22 -56.79 -12.76 7.11
N PHE I 23 -57.69 -12.70 8.07
CA PHE I 23 -57.39 -12.29 9.44
C PHE I 23 -57.46 -13.49 10.34
N LYS I 24 -56.33 -13.81 10.96
CA LYS I 24 -56.24 -14.92 11.86
C LYS I 24 -55.87 -14.36 13.22
N ALA I 25 -56.70 -14.69 14.21
CA ALA I 25 -56.46 -14.32 15.60
C ALA I 25 -56.95 -15.43 16.53
N ILE I 26 -56.75 -15.22 17.83
CA ILE I 26 -57.56 -15.83 18.89
C ILE I 26 -57.87 -14.49 19.62
N ASP I 27 -59.13 -14.21 20.00
CA ASP I 27 -60.32 -15.08 19.69
C ASP I 27 -60.84 -15.39 18.26
N HIS I 28 -60.95 -14.38 17.39
CA HIS I 28 -61.57 -14.56 16.01
C HIS I 28 -60.80 -14.98 14.72
N GLN I 29 -61.51 -15.43 13.69
CA GLN I 29 -60.96 -15.61 12.31
C GLN I 29 -61.93 -15.08 11.27
N GLU I 30 -61.46 -14.32 10.30
CA GLU I 30 -62.39 -13.88 9.22
C GLU I 30 -61.73 -13.52 7.88
N LEU I 31 -62.55 -13.66 6.85
CA LEU I 31 -62.15 -13.33 5.50
C LEU I 31 -62.92 -12.11 5.08
N ILE I 32 -62.24 -11.18 4.46
CA ILE I 32 -62.84 -9.93 4.02
C ILE I 32 -62.44 -9.64 2.60
N HIS I 33 -63.42 -9.48 1.73
CA HIS I 33 -63.13 -9.23 0.32
C HIS I 33 -62.41 -7.90 0.18
N LEU I 34 -61.38 -7.86 -0.63
CA LEU I 34 -60.52 -6.66 -0.74
C LEU I 34 -61.25 -5.44 -1.30
N SER I 35 -62.11 -5.68 -2.27
CA SER I 35 -62.95 -4.62 -2.87
C SER I 35 -63.88 -3.95 -1.86
N GLU I 36 -64.15 -4.61 -0.74
CA GLU I 36 -64.97 -4.00 0.34
C GLU I 36 -64.19 -3.03 1.25
N ILE I 37 -62.86 -3.09 1.20
CA ILE I 37 -62.00 -2.36 2.15
C ILE I 37 -61.57 -1.00 1.63
N ASP I 38 -61.74 0.00 2.48
CA ASP I 38 -61.29 1.37 2.21
C ASP I 38 -59.98 1.61 2.94
N VAL I 39 -59.94 1.24 4.21
CA VAL I 39 -58.79 1.52 5.05
C VAL I 39 -58.42 0.32 5.92
N LEU I 40 -57.13 0.06 5.97
CA LEU I 40 -56.61 -0.94 6.88
C LEU I 40 -55.76 -0.26 7.92
N LEU I 41 -56.16 -0.38 9.17
CA LEU I 41 -55.50 0.31 10.27
C LEU I 41 -54.92 -0.73 11.21
N LEU I 42 -53.60 -0.70 11.32
CA LEU I 42 -52.85 -1.63 12.16
C LEU I 42 -52.38 -0.94 13.45
N GLU I 43 -53.19 -1.09 14.50
CA GLU I 43 -53.03 -0.32 15.75
C GLU I 43 -51.86 -0.75 16.61
N THR I 44 -51.53 -2.03 16.53
CA THR I 44 -50.59 -2.60 17.50
C THR I 44 -49.36 -3.18 16.82
N THR I 45 -48.41 -3.61 17.63
CA THR I 45 -47.12 -4.15 17.14
C THR I 45 -47.04 -5.66 17.20
N ASP I 46 -48.21 -6.24 17.32
CA ASP I 46 -48.45 -7.65 17.48
C ASP I 46 -48.82 -8.48 16.31
N ILE I 47 -48.65 -7.90 15.17
CA ILE I 47 -49.30 -8.39 13.98
C ILE I 47 -48.26 -8.86 12.98
N SER I 48 -48.49 -10.05 12.42
CA SER I 48 -47.73 -10.52 11.24
C SER I 48 -48.54 -10.25 9.99
N LEU I 49 -47.85 -10.00 8.89
CA LEU I 49 -48.50 -9.82 7.60
C LEU I 49 -47.57 -10.16 6.44
N THR I 50 -48.14 -10.55 5.33
CA THR I 50 -47.33 -11.01 4.20
C THR I 50 -47.16 -9.94 3.15
N THR I 51 -46.10 -10.07 2.37
CA THR I 51 -45.80 -9.09 1.30
C THR I 51 -46.78 -9.22 0.15
N MET I 52 -47.34 -10.42 -0.02
CA MET I 52 -48.39 -10.63 -1.04
C MET I 52 -49.57 -9.75 -0.70
N LEU I 53 -49.96 -9.84 0.56
CA LEU I 53 -51.08 -9.05 1.05
C LEU I 53 -50.82 -7.57 0.77
N LEU I 54 -49.64 -7.11 1.14
CA LEU I 54 -49.26 -5.71 0.93
C LEU I 54 -49.32 -5.30 -0.54
N LYS I 55 -48.86 -6.18 -1.41
CA LYS I 55 -48.88 -5.90 -2.85
C LYS I 55 -50.32 -5.65 -3.25
N ARG I 56 -51.17 -6.59 -2.88
CA ARG I 56 -52.58 -6.57 -3.29
C ARG I 56 -53.29 -5.37 -2.67
N LEU I 57 -52.92 -5.04 -1.46
CA LEU I 57 -53.47 -3.84 -0.79
C LEU I 57 -53.09 -2.58 -1.56
N ILE I 58 -51.89 -2.57 -2.08
CA ILE I 58 -51.41 -1.43 -2.86
C ILE I 58 -52.08 -1.38 -4.22
N ASP I 59 -52.38 -2.54 -4.78
CA ASP I 59 -53.07 -2.62 -6.08
C ASP I 59 -54.39 -1.90 -5.97
N GLU I 60 -55.19 -2.31 -4.99
CA GLU I 60 -56.48 -1.67 -4.68
C GLU I 60 -56.46 -0.17 -4.16
N LYS I 61 -55.28 0.36 -3.86
CA LYS I 61 -55.11 1.73 -3.25
C LYS I 61 -55.92 1.87 -1.98
N ILE I 62 -55.74 0.84 -1.18
CA ILE I 62 -56.26 0.79 0.15
C ILE I 62 -55.27 1.54 1.04
N LEU I 63 -55.80 2.44 1.82
CA LEU I 63 -55.00 3.17 2.77
C LEU I 63 -54.59 2.24 3.90
N VAL I 64 -53.28 2.03 4.01
CA VAL I 64 -52.70 1.20 5.08
C VAL I 64 -51.94 2.02 6.11
N LEU I 65 -52.35 1.94 7.37
CA LEU I 65 -51.76 2.76 8.43
C LEU I 65 -51.08 1.96 9.48
N PHE I 66 -49.91 2.45 9.89
CA PHE I 66 -49.07 1.78 10.86
C PHE I 66 -49.03 2.57 12.15
N CYS I 67 -48.98 1.85 13.24
CA CYS I 67 -48.86 2.49 14.54
C CYS I 67 -47.72 1.92 15.37
N ASP I 68 -47.32 2.72 16.33
CA ASP I 68 -46.27 2.37 17.29
C ASP I 68 -46.81 1.66 18.53
N ASP I 69 -45.93 1.52 19.53
CA ASP I 69 -46.23 0.74 20.76
C ASP I 69 -47.24 1.42 21.66
N LYS I 70 -47.43 2.72 21.45
CA LYS I 70 -48.45 3.52 22.15
C LYS I 70 -49.72 3.78 21.31
N ARG I 71 -49.87 3.04 20.23
CA ARG I 71 -51.02 3.15 19.30
C ARG I 71 -51.21 4.53 18.63
N LEU I 72 -50.18 5.36 18.67
CA LEU I 72 -50.11 6.55 17.82
C LEU I 72 -49.68 6.16 16.43
N PRO I 73 -50.21 6.83 15.40
CA PRO I 73 -49.81 6.52 14.05
C PRO I 73 -48.41 7.03 13.76
N ILE I 74 -47.70 6.33 12.90
CA ILE I 74 -46.30 6.67 12.58
C ILE I 74 -45.97 6.66 11.13
N GLY I 75 -46.83 6.02 10.35
CA GLY I 75 -46.65 6.04 8.91
C GLY I 75 -47.74 5.35 8.13
N LYS I 76 -47.58 5.41 6.82
CA LYS I 76 -48.53 4.81 5.90
C LYS I 76 -47.75 4.29 4.69
N ILE I 77 -48.37 3.40 3.93
CA ILE I 77 -47.77 2.99 2.65
C ILE I 77 -48.06 4.06 1.60
N LEU I 78 -47.04 4.37 0.82
CA LEU I 78 -47.14 5.34 -0.24
C LEU I 78 -46.99 4.62 -1.54
N PRO I 79 -48.08 4.47 -2.28
CA PRO I 79 -47.96 3.85 -3.58
C PRO I 79 -47.27 4.77 -4.53
N PHE I 80 -46.54 4.19 -5.45
CA PHE I 80 -45.86 4.98 -6.47
C PHE I 80 -46.78 5.33 -7.61
N TYR I 81 -47.84 4.53 -7.82
CA TYR I 81 -48.71 4.70 -9.01
C TYR I 81 -50.14 5.22 -8.79
N GLY I 82 -50.57 5.36 -7.55
CA GLY I 82 -51.84 6.06 -7.31
C GLY I 82 -52.07 6.60 -5.95
N ARG I 83 -53.33 6.74 -5.57
CA ARG I 83 -53.70 7.55 -4.41
C ARG I 83 -54.97 7.07 -3.79
N HIS I 84 -55.00 6.89 -2.47
CA HIS I 84 -56.25 6.70 -1.77
C HIS I 84 -56.89 8.10 -1.76
N ASP I 85 -58.22 8.15 -1.66
CA ASP I 85 -58.93 9.46 -1.66
C ASP I 85 -58.58 10.39 -0.46
N SER I 86 -58.03 9.80 0.58
CA SER I 86 -57.49 10.53 1.74
C SER I 86 -56.46 11.60 1.36
N SER I 87 -55.80 11.41 0.22
CA SER I 87 -54.83 12.40 -0.33
C SER I 87 -55.46 13.76 -0.65
N LEU I 88 -56.74 13.75 -1.03
CA LEU I 88 -57.49 14.98 -1.32
C LEU I 88 -57.71 15.85 -0.04
N GLN I 89 -57.70 15.22 1.13
CA GLN I 89 -58.00 15.90 2.39
C GLN I 89 -56.95 16.93 2.72
N LEU I 90 -55.70 16.62 2.42
CA LEU I 90 -54.61 17.55 2.72
C LEU I 90 -54.86 18.91 2.12
N THR I 91 -55.20 18.95 0.84
CA THR I 91 -55.55 20.21 0.16
C THR I 91 -56.66 20.95 0.90
N ARG I 92 -57.71 20.22 1.25
CA ARG I 92 -58.84 20.77 2.01
C ARG I 92 -58.40 21.34 3.34
N GLN I 93 -57.53 20.61 4.03
CA GLN I 93 -57.04 21.02 5.36
C GLN I 93 -56.21 22.28 5.30
N LEU I 94 -55.44 22.41 4.24
CA LEU I 94 -54.64 23.63 4.02
C LEU I 94 -55.51 24.85 3.75
N ALA I 95 -56.68 24.59 3.17
CA ALA I 95 -57.67 25.62 2.86
C ALA I 95 -58.63 25.98 4.01
N TRP I 96 -58.46 25.35 5.18
CA TRP I 96 -59.34 25.65 6.30
C TRP I 96 -59.16 27.13 6.60
N THR I 97 -60.28 27.83 6.62
CA THR I 97 -60.30 29.28 6.86
C THR I 97 -60.08 29.56 8.33
N GLU I 98 -59.43 30.68 8.61
CA GLU I 98 -59.17 31.05 10.00
C GLU I 98 -60.46 31.21 10.79
N GLU I 99 -61.50 31.71 10.14
CA GLU I 99 -62.77 31.90 10.82
C GLU I 99 -63.37 30.57 11.23
N ARG I 100 -63.42 29.66 10.27
CA ARG I 100 -64.00 28.34 10.50
C ARG I 100 -63.27 27.59 11.63
N LYS I 101 -61.94 27.68 11.62
CA LYS I 101 -61.13 27.07 12.70
C LYS I 101 -61.50 27.65 14.06
N GLY I 102 -61.65 28.97 14.10
CA GLY I 102 -62.07 29.67 15.32
C GLY I 102 -63.43 29.21 15.82
N GLN I 103 -64.38 29.12 14.90
CA GLN I 103 -65.73 28.67 15.27
C GLN I 103 -65.66 27.28 15.89
N VAL I 104 -65.05 26.38 15.16
CA VAL I 104 -64.92 24.99 15.60
C VAL I 104 -64.14 24.86 16.90
N TRP I 105 -62.98 25.50 16.97
CA TRP I 105 -62.14 25.40 18.18
C TRP I 105 -62.89 25.91 19.40
N THR I 106 -63.54 27.06 19.24
CA THR I 106 -64.27 27.69 20.36
C THR I 106 -65.48 26.87 20.79
N ALA I 107 -66.19 26.33 19.81
CA ALA I 107 -67.29 25.39 20.08
C ALA I 107 -66.82 24.24 20.96
N ILE I 108 -65.68 23.72 20.57
CA ILE I 108 -65.10 22.54 21.21
C ILE I 108 -64.74 22.89 22.64
N ILE I 109 -64.03 23.98 22.81
CA ILE I 109 -63.59 24.29 24.13
C ILE I 109 -64.75 24.58 25.08
N ALA I 110 -65.81 25.17 24.54
CA ALA I 110 -67.04 25.37 25.30
C ALA I 110 -67.50 24.02 25.87
N GLN I 111 -67.50 23.00 25.03
CA GLN I 111 -67.88 21.66 25.49
C GLN I 111 -67.00 21.20 26.64
N LYS I 112 -65.71 21.52 26.56
CA LYS I 112 -64.74 21.13 27.60
C LYS I 112 -65.12 21.79 28.93
N ILE I 113 -65.30 23.09 28.86
CA ILE I 113 -65.69 23.88 30.05
C ILE I 113 -67.00 23.36 30.64
N THR I 114 -67.99 23.10 29.78
CA THR I 114 -69.27 22.50 30.24
C THR I 114 -69.00 21.21 31.04
N ASN I 115 -68.14 20.37 30.50
CA ASN I 115 -67.85 19.09 31.13
C ASN I 115 -67.05 19.26 32.40
N GLN I 116 -66.18 20.26 32.41
CA GLN I 116 -65.45 20.61 33.66
C GLN I 116 -66.48 20.98 34.74
N SER I 117 -67.45 21.78 34.34
CA SER I 117 -68.52 22.22 35.29
C SER I 117 -69.34 21.03 35.80
N LEU I 118 -69.85 20.23 34.87
CA LEU I 118 -70.61 19.01 35.21
C LEU I 118 -69.86 18.11 36.20
N HIS I 119 -68.57 18.00 36.00
CA HIS I 119 -67.72 17.24 36.92
C HIS I 119 -67.67 17.89 38.33
N LEU I 120 -67.59 19.22 38.36
CA LEU I 120 -67.57 19.92 39.66
C LEU I 120 -68.91 19.72 40.37
N ALA I 121 -69.98 19.86 39.60
CA ALA I 121 -71.34 19.59 40.11
C ALA I 121 -71.40 18.20 40.75
N GLN I 122 -70.90 17.23 39.99
CA GLN I 122 -70.79 15.84 40.44
C GLN I 122 -70.15 15.70 41.83
N ARG I 123 -69.19 16.54 42.14
CA ARG I 123 -68.50 16.51 43.47
C ARG I 123 -69.10 17.48 44.49
N ASP I 124 -70.36 17.81 44.30
CA ASP I 124 -71.12 18.74 45.20
C ASP I 124 -70.45 20.11 45.38
N TYR I 125 -69.88 20.62 44.29
CA TYR I 125 -69.48 22.02 44.23
C TYR I 125 -70.46 22.77 43.31
N GLY I 126 -71.75 22.70 43.66
CA GLY I 126 -72.84 23.35 42.89
C GLY I 126 -72.47 24.76 42.45
N GLN I 127 -71.75 25.46 43.33
CA GLN I 127 -71.48 26.89 43.17
C GLN I 127 -70.42 27.23 42.11
N LYS I 128 -69.26 26.59 42.24
CA LYS I 128 -68.14 26.83 41.30
C LYS I 128 -68.50 26.30 39.92
N ALA I 129 -69.39 25.31 39.89
CA ALA I 129 -69.91 24.74 38.63
C ALA I 129 -70.66 25.77 37.80
N ALA I 130 -71.54 26.50 38.47
CA ALA I 130 -72.27 27.62 37.84
C ALA I 130 -71.29 28.71 37.36
N ALA I 131 -70.24 28.92 38.15
CA ALA I 131 -69.17 29.92 37.84
C ALA I 131 -68.53 29.65 36.49
N LEU I 132 -68.28 28.37 36.22
CA LEU I 132 -67.65 27.96 34.96
C LEU I 132 -68.60 28.19 33.78
N LEU I 133 -69.86 27.82 33.95
CA LEU I 133 -70.90 28.08 32.93
C LEU I 133 -70.94 29.57 32.54
N ALA I 134 -70.68 30.41 33.53
CA ALA I 134 -70.62 31.87 33.32
C ALA I 134 -69.42 32.24 32.43
N MET I 135 -68.26 31.66 32.74
CA MET I 135 -67.01 31.88 31.96
C MET I 135 -67.28 31.44 30.50
N ARG I 136 -67.96 30.32 30.36
CA ARG I 136 -68.32 29.79 29.04
C ARG I 136 -69.17 30.76 28.21
N ALA I 137 -70.17 31.34 28.86
CA ALA I 137 -71.08 32.26 28.16
C ALA I 137 -70.34 33.51 27.63
N GLU I 138 -69.22 33.84 28.25
CA GLU I 138 -68.40 35.03 27.86
C GLU I 138 -67.36 34.76 26.78
N LEU I 139 -67.35 33.54 26.27
CA LEU I 139 -66.32 33.09 25.31
C LEU I 139 -66.48 33.81 23.97
N ARG I 140 -65.37 34.30 23.44
CA ARG I 140 -65.33 34.83 22.07
C ARG I 140 -64.35 34.02 21.26
N LEU I 141 -64.40 34.15 19.94
CA LEU I 141 -63.53 33.35 19.03
C LEU I 141 -62.05 33.32 19.40
N PHE I 142 -61.50 32.12 19.43
CA PHE I 142 -60.11 31.87 19.88
C PHE I 142 -59.78 32.34 21.31
N ASP I 143 -60.82 32.58 22.09
CA ASP I 143 -60.71 32.90 23.51
C ASP I 143 -59.58 33.87 23.83
N PRO I 144 -59.69 35.12 23.38
CA PRO I 144 -58.63 36.11 23.63
C PRO I 144 -58.51 36.44 25.10
N ALA I 145 -59.65 36.42 25.79
CA ALA I 145 -59.72 36.71 27.24
C ALA I 145 -59.11 35.63 28.14
N ASN I 146 -58.81 34.47 27.55
CA ASN I 146 -58.32 33.29 28.27
C ASN I 146 -59.31 32.79 29.32
N ARG I 147 -60.57 32.72 28.92
CA ARG I 147 -61.61 32.17 29.77
C ARG I 147 -61.34 30.67 30.03
N GLU I 148 -60.85 29.97 29.02
CA GLU I 148 -60.46 28.54 29.17
C GLU I 148 -59.51 28.36 30.35
N GLY I 149 -58.47 29.17 30.36
CA GLY I 149 -57.37 29.07 31.32
C GLY I 149 -57.79 29.47 32.71
N HIS I 150 -58.64 30.48 32.79
CA HIS I 150 -59.19 30.89 34.07
C HIS I 150 -60.15 29.83 34.61
N ALA I 151 -61.00 29.30 33.74
CA ALA I 151 -61.91 28.19 34.09
C ALA I 151 -61.14 26.98 34.63
N ALA I 152 -60.08 26.63 33.93
CA ALA I 152 -59.26 25.48 34.29
C ALA I 152 -58.60 25.66 35.65
N ARG I 153 -58.01 26.82 35.87
CA ARG I 153 -57.30 27.08 37.13
C ARG I 153 -58.25 26.95 38.31
N SER I 154 -59.42 27.54 38.15
CA SER I 154 -60.51 27.48 39.15
C SER I 154 -60.92 26.04 39.39
N TYR I 155 -61.27 25.37 38.30
CA TYR I 155 -61.62 23.94 38.28
C TYR I 155 -60.64 23.08 39.07
N PHE I 156 -59.37 23.19 38.72
CA PHE I 156 -58.32 22.39 39.37
C PHE I 156 -58.05 22.79 40.84
N ASN I 157 -58.11 24.08 41.16
CA ASN I 157 -57.85 24.49 42.57
C ASN I 157 -59.02 24.05 43.47
N THR I 158 -60.24 24.06 42.92
CA THR I 158 -61.44 23.52 43.59
C THR I 158 -61.32 22.02 43.88
N LEU I 159 -60.82 21.29 42.89
CA LEU I 159 -60.70 19.82 43.00
C LEU I 159 -59.55 19.39 43.91
N PHE I 160 -58.40 20.02 43.75
CA PHE I 160 -57.17 19.59 44.44
C PHE I 160 -56.55 20.62 45.38
N GLY I 161 -57.32 21.66 45.68
CA GLY I 161 -56.88 22.69 46.64
C GLY I 161 -56.13 23.84 46.01
N ASN I 162 -56.09 24.97 46.71
CA ASN I 162 -55.44 26.18 46.16
C ASN I 162 -53.94 26.17 46.10
N ASP I 163 -53.29 25.23 46.76
CA ASP I 163 -51.84 25.10 46.59
C ASP I 163 -51.46 24.38 45.29
N PHE I 164 -52.44 23.89 44.54
CA PHE I 164 -52.18 22.95 43.43
C PHE I 164 -52.11 23.71 42.12
N THR I 165 -51.09 23.42 41.31
CA THR I 165 -50.98 24.09 39.97
C THR I 165 -51.02 23.44 38.61
N ARG I 166 -50.79 22.16 38.51
CA ARG I 166 -50.86 21.51 37.20
C ARG I 166 -49.54 21.61 36.43
N GLU I 167 -48.53 22.17 37.08
CA GLU I 167 -47.13 22.10 36.61
C GLU I 167 -46.23 21.51 37.67
N GLN I 168 -46.81 21.14 38.80
CA GLN I 168 -45.99 20.66 39.90
C GLN I 168 -45.78 19.21 39.74
N GLU I 169 -44.60 18.74 40.14
CA GLU I 169 -44.28 17.35 40.03
C GLU I 169 -44.93 16.58 41.16
N ASN I 170 -45.98 15.82 40.88
CA ASN I 170 -46.66 14.99 41.86
C ASN I 170 -47.43 13.86 41.19
N ASP I 171 -47.89 12.90 41.99
CA ASP I 171 -48.65 11.75 41.48
C ASP I 171 -49.93 12.16 40.73
N ILE I 172 -50.55 13.23 41.15
CA ILE I 172 -51.83 13.63 40.54
C ILE I 172 -51.64 14.09 39.11
N ASN I 173 -50.62 14.91 38.91
CA ASN I 173 -50.31 15.44 37.57
C ASN I 173 -49.79 14.35 36.64
N ALA I 174 -48.90 13.52 37.16
CA ALA I 174 -48.42 12.33 36.44
C ALA I 174 -49.58 11.50 35.89
N GLY I 175 -50.57 11.28 36.75
CA GLY I 175 -51.77 10.50 36.41
C GLY I 175 -52.58 11.19 35.35
N LEU I 176 -52.74 12.48 35.53
CA LEU I 176 -53.52 13.29 34.58
C LEU I 176 -52.88 13.26 33.20
N ASN I 177 -51.58 13.52 33.21
CA ASN I 177 -50.77 13.53 31.98
C ASN I 177 -50.84 12.18 31.25
N TYR I 178 -50.68 11.11 32.01
CA TYR I 178 -50.78 9.74 31.45
C TYR I 178 -52.14 9.52 30.78
N GLY I 179 -53.19 9.84 31.49
CA GLY I 179 -54.54 9.65 30.98
C GLY I 179 -54.77 10.47 29.75
N TYR I 180 -54.29 11.70 29.80
CA TYR I 180 -54.41 12.60 28.65
C TYR I 180 -53.67 12.05 27.41
N THR I 181 -52.53 11.41 27.64
CA THR I 181 -51.74 10.76 26.55
C THR I 181 -52.52 9.58 25.92
N LEU I 182 -53.24 8.84 26.72
CA LEU I 182 -54.12 7.80 26.15
C LEU I 182 -55.17 8.36 25.19
N LEU I 183 -55.84 9.37 25.66
CA LEU I 183 -56.83 10.09 24.84
C LEU I 183 -56.23 10.61 23.54
N LEU I 184 -55.08 11.21 23.70
CA LEU I 184 -54.42 11.79 22.55
C LEU I 184 -54.33 10.79 21.40
N SER I 185 -53.93 9.57 21.76
CA SER I 185 -53.63 8.52 20.76
C SER I 185 -54.88 8.13 19.99
N ILE I 186 -55.95 8.10 20.71
CA ILE I 186 -57.19 7.68 20.12
C ILE I 186 -57.58 8.63 18.96
N PHE I 187 -57.40 9.93 19.21
CA PHE I 187 -57.82 10.97 18.25
C PHE I 187 -56.78 11.18 17.18
N ALA I 188 -55.53 10.95 17.54
CA ALA I 188 -54.44 11.04 16.54
C ALA I 188 -54.70 10.05 15.39
N ARG I 189 -55.09 8.86 15.80
CA ARG I 189 -55.38 7.79 14.87
C ARG I 189 -56.53 8.14 13.92
N GLU I 190 -57.61 8.62 14.49
CA GLU I 190 -58.75 8.96 13.69
C GLU I 190 -58.49 10.08 12.69
N LEU I 191 -57.70 11.05 13.11
CA LEU I 191 -57.39 12.19 12.25
C LEU I 191 -56.65 11.75 10.99
N VAL I 192 -55.61 10.96 11.21
CA VAL I 192 -54.79 10.43 10.13
C VAL I 192 -55.63 9.62 9.15
N GLN I 193 -56.57 8.87 9.69
CA GLN I 193 -57.53 8.10 8.85
C GLN I 193 -58.28 8.94 7.87
N THR I 194 -58.62 10.14 8.31
CA THR I 194 -59.42 11.03 7.47
C THR I 194 -58.54 11.72 6.43
N GLY I 195 -57.24 11.66 6.63
CA GLY I 195 -56.29 12.27 5.70
C GLY I 195 -55.67 13.58 6.18
N CYS I 196 -55.85 13.88 7.46
CA CYS I 196 -55.38 15.14 8.02
C CYS I 196 -54.02 14.94 8.60
N PHE I 197 -53.28 16.02 8.71
CA PHE I 197 -52.02 16.00 9.44
C PHE I 197 -52.30 16.52 10.84
N THR I 198 -51.73 15.84 11.82
CA THR I 198 -52.02 16.14 13.21
C THR I 198 -51.13 17.24 13.77
N GLN I 199 -50.12 17.63 13.01
CA GLN I 199 -49.04 18.52 13.60
C GLN I 199 -49.41 19.94 13.99
N LEU I 200 -50.11 20.59 13.08
CA LEU I 200 -50.60 21.96 13.27
C LEU I 200 -52.04 21.89 13.66
N GLY I 201 -52.37 22.56 14.75
CA GLY I 201 -53.70 22.59 15.36
C GLY I 201 -54.56 23.77 14.88
N LEU I 202 -55.73 23.93 15.49
CA LEU I 202 -56.67 25.00 15.11
C LEU I 202 -56.24 26.35 15.67
N LYS I 203 -55.73 26.34 16.89
CA LYS I 203 -55.20 27.56 17.54
C LYS I 203 -53.67 27.50 17.75
N HIS I 204 -53.04 28.65 17.98
CA HIS I 204 -51.69 28.66 18.66
C HIS I 204 -50.96 29.98 18.48
N PHE I 208 -43.13 22.57 17.81
CA PHE I 208 -43.91 22.45 19.06
C PHE I 208 -44.22 21.00 19.49
N ASN I 209 -45.43 20.54 19.16
CA ASN I 209 -45.90 19.16 19.36
C ASN I 209 -46.25 18.58 18.00
N ASP I 210 -46.16 17.25 17.86
CA ASP I 210 -46.54 16.56 16.61
C ASP I 210 -48.02 16.24 16.54
N PHE I 211 -48.76 16.44 17.61
CA PHE I 211 -50.19 16.11 17.59
C PHE I 211 -51.12 17.23 18.09
N ASN I 212 -50.75 18.47 17.83
CA ASN I 212 -51.55 19.61 18.26
C ASN I 212 -53.03 19.48 17.91
N LEU I 213 -53.30 19.02 16.70
CA LEU I 213 -54.68 18.92 16.22
C LEU I 213 -55.44 17.85 17.00
N ALA I 214 -54.74 16.79 17.37
CA ALA I 214 -55.33 15.75 18.21
C ALA I 214 -55.63 16.32 19.61
N SER I 215 -54.73 17.14 20.15
CA SER I 215 -54.96 17.77 21.47
C SER I 215 -56.22 18.62 21.43
N ASP I 216 -56.37 19.35 20.35
CA ASP I 216 -57.56 20.21 20.18
C ASP I 216 -58.85 19.36 20.22
N LEU I 217 -58.88 18.28 19.48
CA LEU I 217 -60.07 17.43 19.39
C LEU I 217 -60.43 16.68 20.67
N MET I 218 -59.42 16.31 21.43
CA MET I 218 -59.61 15.53 22.67
C MET I 218 -60.12 16.39 23.85
N GLU I 219 -60.16 17.71 23.66
CA GLU I 219 -60.43 18.67 24.79
C GLU I 219 -61.69 18.33 25.63
N PRO I 220 -62.83 18.09 24.96
CA PRO I 220 -64.04 17.80 25.73
C PRO I 220 -63.96 16.52 26.54
N PHE I 221 -63.01 15.66 26.20
CA PHE I 221 -62.94 14.34 26.83
C PHE I 221 -62.08 14.35 28.07
N ARG I 222 -61.31 15.41 28.26
CA ARG I 222 -60.32 15.47 29.36
C ARG I 222 -60.93 15.18 30.73
N PRO I 223 -62.12 15.74 31.02
CA PRO I 223 -62.75 15.42 32.31
C PRO I 223 -62.99 13.92 32.60
N LEU I 224 -63.14 13.09 31.56
CA LEU I 224 -63.24 11.62 31.76
C LEU I 224 -62.04 11.12 32.58
N VAL I 225 -60.88 11.61 32.21
CA VAL I 225 -59.62 11.29 32.93
C VAL I 225 -59.63 11.96 34.31
N ASP I 226 -60.03 13.22 34.33
CA ASP I 226 -60.07 14.01 35.58
C ASP I 226 -60.90 13.26 36.64
N GLN I 227 -62.07 12.78 36.23
CA GLN I 227 -62.95 11.99 37.13
C GLN I 227 -62.17 10.86 37.79
N ILE I 228 -61.55 10.06 36.95
CA ILE I 228 -60.85 8.86 37.40
C ILE I 228 -59.72 9.23 38.37
N ILE I 229 -58.90 10.19 38.00
CA ILE I 229 -57.76 10.59 38.89
C ILE I 229 -58.25 11.21 40.19
N TYR I 230 -59.32 12.01 40.10
CA TYR I 230 -59.92 12.58 41.32
C TYR I 230 -60.33 11.49 42.28
N GLU I 231 -61.07 10.50 41.76
CA GLU I 231 -61.54 9.36 42.58
C GLU I 231 -60.38 8.57 43.21
N ASN I 232 -59.21 8.62 42.61
CA ASN I 232 -58.01 7.92 43.14
C ASN I 232 -56.88 8.88 43.52
N ARG I 233 -57.26 10.06 43.99
CA ARG I 233 -56.28 11.13 44.17
C ARG I 233 -55.31 10.86 45.34
N LYS I 234 -55.73 10.03 46.27
CA LYS I 234 -54.87 9.67 47.44
C LYS I 234 -54.12 8.31 47.19
N GLU I 235 -54.35 7.70 46.02
CA GLU I 235 -53.63 6.46 45.64
C GLU I 235 -52.22 6.74 45.09
N ALA I 236 -51.46 5.65 44.97
CA ALA I 236 -50.15 5.67 44.30
C ALA I 236 -50.32 5.77 42.76
N PHE I 237 -49.27 6.21 42.09
CA PHE I 237 -49.30 6.36 40.62
C PHE I 237 -49.60 5.04 39.90
N PRO I 238 -48.88 3.95 40.26
CA PRO I 238 -49.19 2.67 39.62
C PRO I 238 -50.66 2.24 39.67
N ILE I 239 -51.35 2.61 40.74
CA ILE I 239 -52.79 2.29 40.83
C ILE I 239 -53.60 3.21 39.91
N MET I 240 -53.28 4.51 39.97
CA MET I 240 -53.91 5.53 39.09
C MET I 240 -53.87 5.03 37.63
N LYS I 241 -52.70 4.56 37.25
CA LYS I 241 -52.44 4.05 35.89
C LYS I 241 -53.41 2.94 35.50
N ARG I 242 -53.55 1.97 36.40
CA ARG I 242 -54.37 0.79 36.15
C ARG I 242 -55.86 1.17 36.08
N LYS I 243 -56.24 2.10 36.93
CA LYS I 243 -57.63 2.56 36.99
C LYS I 243 -58.06 3.28 35.71
N LEU I 244 -57.06 3.88 35.08
CA LEU I 244 -57.28 4.66 33.84
C LEU I 244 -57.69 3.83 32.65
N PHE I 245 -57.37 2.54 32.69
CA PHE I 245 -57.73 1.64 31.57
C PHE I 245 -59.23 1.35 31.50
N ALA I 246 -59.94 1.74 32.55
CA ALA I 246 -61.41 1.77 32.50
C ALA I 246 -61.97 2.55 31.29
N LEU I 247 -61.21 3.51 30.79
CA LEU I 247 -61.65 4.31 29.63
C LEU I 247 -62.02 3.45 28.42
N PHE I 248 -61.23 2.40 28.25
CA PHE I 248 -61.42 1.47 27.12
C PHE I 248 -62.49 0.43 27.42
N MET I 249 -62.67 0.12 28.70
CA MET I 249 -63.67 -0.89 29.10
C MET I 249 -65.08 -0.31 29.18
N ASN I 250 -65.20 0.91 29.64
CA ASN I 250 -66.53 1.47 29.93
C ASN I 250 -67.25 2.00 28.70
N THR I 251 -68.51 2.29 28.90
CA THR I 251 -69.37 2.92 27.87
C THR I 251 -69.84 4.28 28.38
N TYR I 252 -70.07 5.19 27.44
CA TYR I 252 -70.46 6.57 27.76
C TYR I 252 -71.61 7.01 26.87
N MET I 253 -72.46 7.89 27.39
CA MET I 253 -73.58 8.41 26.60
C MET I 253 -73.03 9.34 25.52
N TYR I 254 -73.45 9.11 24.29
CA TYR I 254 -73.08 9.97 23.16
C TYR I 254 -74.11 9.81 22.05
N LYS I 255 -74.63 10.91 21.53
CA LYS I 255 -75.68 10.86 20.49
C LYS I 255 -76.82 9.88 20.93
N LYS I 256 -77.26 10.04 22.19
CA LYS I 256 -78.43 9.31 22.75
C LYS I 256 -78.17 7.83 23.06
N LYS I 257 -76.96 7.35 22.82
CA LYS I 257 -76.61 5.92 23.00
C LYS I 257 -75.38 5.72 23.87
N GLN I 258 -75.37 4.60 24.60
CA GLN I 258 -74.18 4.14 25.35
C GLN I 258 -73.21 3.53 24.35
N MET I 259 -72.06 4.16 24.15
CA MET I 259 -71.06 3.72 23.16
C MET I 259 -69.68 3.59 23.82
N PHE I 260 -68.83 2.77 23.23
CA PHE I 260 -67.44 2.64 23.73
C PHE I 260 -66.65 3.87 23.31
N LEU I 261 -65.63 4.19 24.09
CA LEU I 261 -64.96 5.48 23.91
C LEU I 261 -64.31 5.61 22.52
N THR I 262 -63.69 4.54 22.07
CA THR I 262 -62.99 4.55 20.76
C THR I 262 -63.96 4.82 19.60
N ASN I 263 -65.13 4.24 19.70
CA ASN I 263 -66.19 4.45 18.71
C ASN I 263 -66.75 5.84 18.68
N ILE I 264 -66.90 6.39 19.87
CA ILE I 264 -67.29 7.80 20.00
C ILE I 264 -66.25 8.67 19.29
N ALA I 265 -65.00 8.48 19.66
CA ALA I 265 -63.90 9.29 19.11
C ALA I 265 -63.83 9.26 17.56
N THR I 266 -64.15 8.10 17.00
CA THR I 266 -64.19 7.94 15.54
C THR I 266 -65.29 8.85 14.95
N ASP I 267 -66.50 8.73 15.47
CA ASP I 267 -67.62 9.55 14.96
C ASP I 267 -67.38 11.05 15.16
N TYR I 268 -66.96 11.37 16.38
CA TYR I 268 -66.68 12.75 16.76
C TYR I 268 -65.70 13.40 15.78
N THR I 269 -64.59 12.73 15.58
CA THR I 269 -63.55 13.28 14.69
C THR I 269 -63.99 13.48 13.25
N LYS I 270 -64.57 12.43 12.70
CA LYS I 270 -64.96 12.46 11.30
C LYS I 270 -65.91 13.68 11.05
N HIS I 271 -66.82 13.93 11.99
CA HIS I 271 -67.75 15.07 11.86
C HIS I 271 -67.10 16.45 12.07
N VAL I 272 -66.24 16.56 13.07
CA VAL I 272 -65.44 17.78 13.24
C VAL I 272 -64.71 18.14 11.92
N VAL I 273 -64.10 17.15 11.30
CA VAL I 273 -63.37 17.39 10.02
C VAL I 273 -64.30 17.85 8.90
N LYS I 274 -65.45 17.21 8.83
CA LYS I 274 -66.44 17.61 7.82
C LYS I 274 -66.86 19.09 7.99
N VAL I 275 -67.04 19.49 9.25
CA VAL I 275 -67.41 20.87 9.56
C VAL I 275 -66.26 21.84 9.21
N LEU I 276 -65.03 21.45 9.52
CA LEU I 276 -63.86 22.28 9.15
C LEU I 276 -63.77 22.43 7.64
N ASN I 277 -64.09 21.36 6.93
CA ASN I 277 -64.08 21.37 5.47
C ASN I 277 -65.24 22.12 4.87
N GLN I 278 -66.17 22.53 5.73
CA GLN I 278 -67.41 23.26 5.32
C GLN I 278 -68.29 22.39 4.44
N GLU I 279 -68.32 21.11 4.76
CA GLU I 279 -69.20 20.13 4.09
C GLU I 279 -70.44 19.94 4.93
N GLU I 280 -70.34 20.36 6.17
CA GLU I 280 -71.35 20.20 7.18
C GLU I 280 -71.34 21.39 8.14
N GLU I 281 -72.48 21.68 8.76
CA GLU I 281 -72.56 22.73 9.79
C GLU I 281 -72.88 22.03 11.09
N GLY I 282 -72.35 22.56 12.17
CA GLY I 282 -72.72 22.04 13.48
C GLY I 282 -71.76 20.99 14.00
N VAL I 283 -70.89 21.45 14.86
CA VAL I 283 -69.93 20.59 15.54
C VAL I 283 -70.69 19.52 16.33
N PRO I 284 -70.20 18.27 16.35
CA PRO I 284 -70.80 17.28 17.23
C PRO I 284 -70.54 17.56 18.70
N GLU I 285 -71.45 17.11 19.55
CA GLU I 285 -71.36 17.39 20.99
C GLU I 285 -71.14 16.15 21.86
N PHE I 286 -70.19 16.27 22.78
CA PHE I 286 -69.95 15.26 23.80
C PHE I 286 -70.00 15.88 25.19
N GLY I 287 -70.81 15.27 26.04
CA GLY I 287 -70.94 15.65 27.44
C GLY I 287 -70.81 14.44 28.33
N ILE I 288 -70.23 14.66 29.51
CA ILE I 288 -70.04 13.59 30.50
C ILE I 288 -71.33 13.41 31.30
N GLY J 2 -26.43 4.65 8.55
CA GLY J 2 -26.47 3.24 8.05
C GLY J 2 -26.14 3.11 6.58
N TRP J 3 -25.67 1.94 6.15
CA TRP J 3 -24.95 1.79 4.86
C TRP J 3 -25.27 0.55 4.02
N ARG J 4 -26.08 -0.34 4.54
CA ARG J 4 -26.37 -1.58 3.82
C ARG J 4 -27.67 -1.53 3.08
N THR J 5 -27.67 -2.09 1.90
CA THR J 5 -28.91 -2.36 1.19
C THR J 5 -29.23 -3.84 1.26
N VAL J 6 -30.29 -4.14 1.98
CA VAL J 6 -30.70 -5.52 2.23
C VAL J 6 -31.79 -5.88 1.25
N VAL J 7 -31.51 -6.88 0.46
CA VAL J 7 -32.43 -7.35 -0.57
C VAL J 7 -32.98 -8.74 -0.19
N VAL J 8 -34.28 -8.85 -0.12
CA VAL J 8 -34.91 -10.09 0.30
C VAL J 8 -35.72 -10.62 -0.86
N ASN J 9 -35.39 -11.81 -1.33
CA ASN J 9 -36.20 -12.44 -2.38
C ASN J 9 -36.43 -13.93 -2.19
N LYS J 10 -36.24 -14.41 -0.97
CA LYS J 10 -36.49 -15.80 -0.63
C LYS J 10 -37.67 -15.89 0.34
N HIS J 11 -38.51 -16.88 0.12
CA HIS J 11 -39.62 -17.20 1.04
C HIS J 11 -39.06 -17.20 2.45
N SER J 12 -39.60 -16.33 3.30
CA SER J 12 -38.95 -16.03 4.58
C SER J 12 -39.84 -15.29 5.56
N LYS J 13 -39.41 -15.27 6.82
CA LYS J 13 -40.06 -14.49 7.88
C LYS J 13 -39.12 -13.43 8.42
N LEU J 14 -39.51 -12.18 8.29
CA LEU J 14 -38.76 -11.11 8.90
C LEU J 14 -39.38 -10.70 10.23
N SER J 15 -38.52 -10.47 11.21
CA SER J 15 -38.95 -10.12 12.57
C SER J 15 -37.90 -9.27 13.23
N TYR J 16 -38.16 -8.89 14.47
CA TYR J 16 -37.26 -7.99 15.18
C TYR J 16 -36.91 -8.55 16.53
N LYS J 17 -35.63 -8.50 16.86
CA LYS J 17 -35.11 -8.91 18.16
C LYS J 17 -33.81 -8.20 18.49
N ASN J 18 -33.73 -7.65 19.68
CA ASN J 18 -32.49 -7.06 20.22
C ASN J 18 -31.82 -6.11 19.24
N ASN J 19 -32.58 -5.19 18.72
CA ASN J 19 -32.06 -4.20 17.76
C ASN J 19 -31.55 -4.77 16.43
N HIS J 20 -31.93 -6.01 16.14
CA HIS J 20 -31.56 -6.68 14.90
C HIS J 20 -32.79 -6.93 14.05
N LEU J 21 -32.59 -6.82 12.76
CA LEU J 21 -33.52 -7.41 11.80
C LEU J 21 -33.24 -8.90 11.81
N VAL J 22 -34.29 -9.69 11.91
CA VAL J 22 -34.13 -11.12 11.93
C VAL J 22 -34.76 -11.70 10.68
N PHE J 23 -33.91 -12.35 9.89
CA PHE J 23 -34.31 -13.03 8.67
C PHE J 23 -34.32 -14.53 8.89
N LYS J 24 -35.46 -15.17 8.75
CA LYS J 24 -35.57 -16.64 8.87
C LYS J 24 -36.17 -17.26 7.64
N ALA J 25 -35.37 -18.11 7.03
CA ALA J 25 -35.78 -18.94 5.89
C ALA J 25 -35.67 -20.36 6.38
N ILE J 26 -36.19 -21.33 5.64
CA ILE J 26 -36.11 -22.74 6.10
C ILE J 26 -34.64 -23.20 6.12
N ASP J 27 -33.90 -22.76 5.12
CA ASP J 27 -32.47 -23.10 4.94
C ASP J 27 -31.64 -22.58 6.14
N HIS J 28 -31.65 -21.27 6.31
CA HIS J 28 -30.73 -20.56 7.24
C HIS J 28 -31.41 -19.38 7.94
N GLN J 29 -30.65 -18.74 8.83
CA GLN J 29 -31.09 -17.52 9.53
C GLN J 29 -29.97 -16.46 9.63
N GLU J 30 -30.34 -15.20 9.44
CA GLU J 30 -29.41 -14.05 9.56
C GLU J 30 -29.94 -12.99 10.50
N LEU J 31 -29.06 -12.47 11.34
CA LEU J 31 -29.35 -11.30 12.13
C LEU J 31 -28.52 -10.14 11.59
N ILE J 32 -29.17 -9.00 11.44
CA ILE J 32 -28.51 -7.80 10.95
C ILE J 32 -28.85 -6.61 11.84
N HIS J 33 -27.83 -5.92 12.35
CA HIS J 33 -28.06 -4.80 13.25
C HIS J 33 -28.73 -3.67 12.50
N LEU J 34 -29.75 -3.10 13.12
CA LEU J 34 -30.60 -2.14 12.43
C LEU J 34 -29.85 -0.89 12.01
N SER J 35 -28.97 -0.44 12.88
CA SER J 35 -28.16 0.75 12.59
C SER J 35 -27.30 0.60 11.32
N GLU J 36 -27.05 -0.65 10.91
CA GLU J 36 -26.20 -0.92 9.73
C GLU J 36 -26.97 -0.77 8.43
N ILE J 37 -28.29 -0.76 8.53
CA ILE J 37 -29.16 -0.82 7.35
C ILE J 37 -29.55 0.56 6.89
N ASP J 38 -29.38 0.76 5.59
CA ASP J 38 -29.81 1.99 4.90
C ASP J 38 -31.14 1.73 4.18
N VAL J 39 -31.21 0.63 3.47
CA VAL J 39 -32.38 0.29 2.69
C VAL J 39 -32.80 -1.16 2.81
N LEU J 40 -34.09 -1.36 2.97
CA LEU J 40 -34.66 -2.71 2.99
C LEU J 40 -35.55 -2.84 1.77
N LEU J 41 -35.19 -3.77 0.91
CA LEU J 41 -35.88 -3.94 -0.35
C LEU J 41 -36.51 -5.32 -0.35
N LEU J 42 -37.84 -5.35 -0.41
CA LEU J 42 -38.62 -6.61 -0.38
C LEU J 42 -39.11 -6.97 -1.79
N GLU J 43 -38.31 -7.77 -2.49
CA GLU J 43 -38.46 -8.03 -3.95
C GLU J 43 -39.63 -8.92 -4.29
N THR J 44 -39.98 -9.82 -3.38
CA THR J 44 -40.95 -10.85 -3.72
C THR J 44 -42.16 -10.81 -2.80
N THR J 45 -43.13 -11.64 -3.14
CA THR J 45 -44.43 -11.61 -2.47
C THR J 45 -44.57 -12.77 -1.49
N ASP J 46 -43.46 -13.41 -1.19
CA ASP J 46 -43.44 -14.62 -0.31
C ASP J 46 -42.82 -14.35 1.07
N ILE J 47 -42.94 -13.12 1.53
CA ILE J 47 -42.29 -12.70 2.76
C ILE J 47 -43.29 -12.31 3.83
N SER J 48 -43.12 -12.84 5.03
CA SER J 48 -43.89 -12.37 6.20
C SER J 48 -43.05 -11.37 6.95
N LEU J 49 -43.71 -10.44 7.61
CA LEU J 49 -43.00 -9.50 8.45
C LEU J 49 -43.90 -9.00 9.57
N THR J 50 -43.31 -8.59 10.66
CA THR J 50 -44.09 -8.15 11.81
C THR J 50 -44.20 -6.64 11.88
N THR J 51 -45.23 -6.19 12.56
CA THR J 51 -45.47 -4.75 12.73
C THR J 51 -44.46 -4.11 13.72
N MET J 52 -43.96 -4.91 14.66
CA MET J 52 -42.86 -4.46 15.53
C MET J 52 -41.65 -4.08 14.66
N LEU J 53 -41.32 -4.98 13.74
CA LEU J 53 -40.19 -4.75 12.85
C LEU J 53 -40.40 -3.44 12.10
N LEU J 54 -41.57 -3.29 11.54
CA LEU J 54 -41.91 -2.07 10.76
C LEU J 54 -41.80 -0.82 11.60
N LYS J 55 -42.26 -0.88 12.85
CA LYS J 55 -42.15 0.27 13.74
C LYS J 55 -40.69 0.64 13.87
N ARG J 56 -39.87 -0.34 14.19
CA ARG J 56 -38.44 -0.14 14.48
C ARG J 56 -37.70 0.30 13.22
N LEU J 57 -38.11 -0.20 12.07
CA LEU J 57 -37.58 0.27 10.77
C LEU J 57 -37.89 1.74 10.53
N ILE J 58 -39.07 2.15 10.93
CA ILE J 58 -39.48 3.54 10.78
C ILE J 58 -38.71 4.42 11.75
N ASP J 59 -38.41 3.88 12.94
CA ASP J 59 -37.68 4.62 13.99
C ASP J 59 -36.30 5.02 13.50
N GLU J 60 -35.55 4.02 13.09
CA GLU J 60 -34.28 4.17 12.40
C GLU J 60 -34.78 4.65 11.08
N LYS J 61 -34.04 5.34 10.27
CA LYS J 61 -34.81 5.98 9.24
C LYS J 61 -34.66 5.22 7.96
N ILE J 62 -35.11 3.97 7.97
CA ILE J 62 -34.75 3.01 6.94
C ILE J 62 -35.75 3.01 5.80
N LEU J 63 -35.23 3.15 4.59
CA LEU J 63 -36.05 3.15 3.39
C LEU J 63 -36.54 1.74 3.13
N VAL J 64 -37.86 1.56 3.21
CA VAL J 64 -38.47 0.25 2.99
C VAL J 64 -39.24 0.23 1.69
N LEU J 65 -38.88 -0.67 0.79
CA LEU J 65 -39.51 -0.77 -0.54
C LEU J 65 -40.25 -2.04 -0.76
N PHE J 66 -41.43 -1.91 -1.34
CA PHE J 66 -42.31 -3.04 -1.64
C PHE J 66 -42.35 -3.30 -3.13
N CYS J 67 -42.43 -4.56 -3.48
CA CYS J 67 -42.50 -4.94 -4.89
C CYS J 67 -43.68 -5.81 -5.19
N ASP J 68 -44.00 -5.80 -6.47
CA ASP J 68 -45.05 -6.66 -7.03
C ASP J 68 -44.56 -8.07 -7.46
N ASP J 69 -45.41 -8.77 -8.18
CA ASP J 69 -45.17 -10.17 -8.55
C ASP J 69 -44.11 -10.30 -9.64
N LYS J 70 -43.80 -9.21 -10.33
CA LYS J 70 -42.71 -9.13 -11.33
C LYS J 70 -41.42 -8.46 -10.80
N ARG J 71 -41.35 -8.33 -9.49
CA ARG J 71 -40.20 -7.68 -8.79
C ARG J 71 -39.89 -6.21 -9.11
N LEU J 72 -40.84 -5.54 -9.73
CA LEU J 72 -40.80 -4.09 -9.86
C LEU J 72 -41.30 -3.44 -8.56
N PRO J 73 -40.68 -2.31 -8.15
CA PRO J 73 -41.20 -1.60 -6.99
C PRO J 73 -42.57 -0.95 -7.25
N ILE J 74 -43.39 -0.89 -6.22
CA ILE J 74 -44.75 -0.35 -6.31
C ILE J 74 -45.11 0.62 -5.19
N GLY J 75 -44.30 0.63 -4.15
CA GLY J 75 -44.49 1.59 -3.06
C GLY J 75 -43.41 1.60 -2.00
N LYS J 76 -43.56 2.57 -1.10
CA LYS J 76 -42.66 2.90 -0.01
C LYS J 76 -43.42 3.06 1.29
N ILE J 77 -42.79 2.87 2.43
CA ILE J 77 -43.44 3.32 3.68
C ILE J 77 -43.12 4.82 3.83
N LEU J 78 -44.13 5.55 4.23
CA LEU J 78 -44.04 7.00 4.38
C LEU J 78 -44.22 7.28 5.84
N PRO J 79 -43.16 7.67 6.53
CA PRO J 79 -43.32 8.06 7.90
C PRO J 79 -44.05 9.39 7.99
N PHE J 80 -44.84 9.54 9.03
CA PHE J 80 -45.57 10.78 9.26
C PHE J 80 -44.75 11.81 9.98
N TYR J 81 -43.79 11.35 10.74
CA TYR J 81 -43.16 12.21 11.72
C TYR J 81 -41.68 12.03 11.61
N GLY J 82 -41.08 12.62 10.59
CA GLY J 82 -39.68 12.32 10.29
C GLY J 82 -38.68 12.90 11.31
N ARG J 83 -39.13 13.86 12.09
CA ARG J 83 -38.25 14.46 13.08
C ARG J 83 -39.00 15.10 14.26
N HIS J 84 -38.23 15.44 15.26
CA HIS J 84 -38.83 15.67 16.59
C HIS J 84 -39.74 16.91 16.69
N ASP J 85 -39.31 18.00 16.06
CA ASP J 85 -40.09 19.23 15.91
C ASP J 85 -40.42 19.47 14.49
N SER J 86 -41.00 18.43 13.93
CA SER J 86 -41.51 18.41 12.57
C SER J 86 -42.49 19.56 12.27
N SER J 87 -43.17 20.02 13.31
CA SER J 87 -44.12 21.15 13.19
C SER J 87 -43.45 22.41 12.66
N LEU J 88 -42.20 22.62 13.05
CA LEU J 88 -41.51 23.89 12.73
C LEU J 88 -41.33 24.01 11.23
N GLN J 89 -40.84 22.97 10.60
CA GLN J 89 -40.57 23.02 9.16
C GLN J 89 -41.83 23.15 8.34
N LEU J 90 -42.88 22.48 8.75
CA LEU J 90 -44.14 22.57 8.04
C LEU J 90 -44.57 24.00 7.82
N THR J 91 -44.61 24.76 8.91
CA THR J 91 -45.03 26.17 8.89
C THR J 91 -44.17 26.93 7.89
N ARG J 92 -42.86 26.67 7.93
CA ARG J 92 -41.90 27.28 6.98
C ARG J 92 -42.18 26.91 5.53
N GLN J 93 -42.47 25.65 5.32
CA GLN J 93 -42.75 25.14 3.96
C GLN J 93 -44.02 25.76 3.38
N LEU J 94 -45.02 25.96 4.24
CA LEU J 94 -46.27 26.59 3.79
C LEU J 94 -46.05 28.03 3.38
N ALA J 95 -45.03 28.64 3.98
CA ALA J 95 -44.66 30.04 3.71
C ALA J 95 -43.66 30.23 2.55
N TRP J 96 -43.29 29.16 1.88
CA TRP J 96 -42.37 29.30 0.75
C TRP J 96 -43.03 30.20 -0.28
N THR J 97 -42.30 31.25 -0.67
CA THR J 97 -42.83 32.24 -1.63
C THR J 97 -42.79 31.68 -3.04
N GLU J 98 -43.72 32.09 -3.88
CA GLU J 98 -43.79 31.57 -5.26
C GLU J 98 -42.53 31.93 -6.06
N GLU J 99 -41.99 33.10 -5.77
CA GLU J 99 -40.76 33.51 -6.46
C GLU J 99 -39.58 32.60 -6.08
N ARG J 100 -39.39 32.41 -4.78
CA ARG J 100 -38.30 31.59 -4.27
C ARG J 100 -38.37 30.15 -4.82
N LYS J 101 -39.58 29.60 -4.87
CA LYS J 101 -39.79 28.27 -5.46
C LYS J 101 -39.35 28.22 -6.93
N GLY J 102 -39.74 29.26 -7.67
CA GLY J 102 -39.33 29.40 -9.08
C GLY J 102 -37.82 29.45 -9.26
N GLN J 103 -37.17 30.26 -8.43
CA GLN J 103 -35.70 30.38 -8.47
C GLN J 103 -35.06 29.05 -8.25
N VAL J 104 -35.42 28.42 -7.14
CA VAL J 104 -34.88 27.11 -6.75
C VAL J 104 -35.20 26.01 -7.78
N TRP J 105 -36.45 25.92 -8.19
CA TRP J 105 -36.85 24.89 -9.18
C TRP J 105 -36.07 25.03 -10.48
N THR J 106 -35.98 26.26 -10.95
CA THR J 106 -35.29 26.54 -12.22
C THR J 106 -33.77 26.31 -12.12
N ALA J 107 -33.19 26.72 -11.00
CA ALA J 107 -31.78 26.41 -10.67
C ALA J 107 -31.51 24.92 -10.78
N ILE J 108 -32.44 24.17 -10.22
CA ILE J 108 -32.33 22.72 -10.15
C ILE J 108 -32.41 22.12 -11.54
N ILE J 109 -33.43 22.50 -12.31
CA ILE J 109 -33.56 21.89 -13.65
C ILE J 109 -32.37 22.25 -14.55
N ALA J 110 -31.83 23.45 -14.36
CA ALA J 110 -30.57 23.84 -15.03
C ALA J 110 -29.47 22.80 -14.75
N GLN J 111 -29.32 22.41 -13.49
CA GLN J 111 -28.32 21.38 -13.11
C GLN J 111 -28.59 20.07 -13.82
N LYS J 112 -29.86 19.73 -13.97
CA LYS J 112 -30.24 18.48 -14.67
C LYS J 112 -29.78 18.56 -16.12
N ILE J 113 -30.15 19.65 -16.78
CA ILE J 113 -29.77 19.86 -18.20
C ILE J 113 -28.25 19.85 -18.36
N THR J 114 -27.55 20.55 -17.47
CA THR J 114 -26.07 20.52 -17.46
C THR J 114 -25.55 19.07 -17.41
N ASN J 115 -26.13 18.29 -16.52
CA ASN J 115 -25.69 16.90 -16.34
C ASN J 115 -26.08 16.03 -17.54
N GLN J 116 -27.21 16.33 -18.14
CA GLN J 116 -27.60 15.64 -19.40
C GLN J 116 -26.53 15.93 -20.46
N SER J 117 -26.16 17.20 -20.55
CA SER J 117 -25.11 17.61 -21.49
C SER J 117 -23.77 16.89 -21.22
N LEU J 118 -23.31 16.99 -19.97
CA LEU J 118 -22.04 16.34 -19.56
C LEU J 118 -22.02 14.86 -19.93
N HIS J 119 -23.16 14.22 -19.76
CA HIS J 119 -23.31 12.80 -20.12
C HIS J 119 -23.17 12.61 -21.62
N LEU J 120 -23.75 13.53 -22.39
CA LEU J 120 -23.63 13.46 -23.88
C LEU J 120 -22.18 13.64 -24.28
N ALA J 121 -21.54 14.65 -23.70
CA ALA J 121 -20.09 14.90 -23.91
C ALA J 121 -19.27 13.64 -23.64
N GLN J 122 -19.55 13.04 -22.50
CA GLN J 122 -18.95 11.77 -22.10
C GLN J 122 -19.02 10.70 -23.19
N ARG J 123 -20.11 10.68 -23.95
CA ARG J 123 -20.29 9.69 -25.04
C ARG J 123 -19.84 10.22 -26.41
N ASP J 124 -18.94 11.20 -26.39
CA ASP J 124 -18.37 11.83 -27.61
C ASP J 124 -19.42 12.42 -28.56
N TYR J 125 -20.45 13.02 -27.99
CA TYR J 125 -21.41 13.84 -28.76
C TYR J 125 -21.16 15.31 -28.43
N GLY J 126 -19.91 15.74 -28.64
CA GLY J 126 -19.48 17.12 -28.31
C GLY J 126 -20.52 18.15 -28.72
N GLN J 127 -21.17 17.88 -29.85
CA GLN J 127 -22.04 18.89 -30.54
C GLN J 127 -23.39 19.09 -29.93
N LYS J 128 -24.07 17.98 -29.71
CA LYS J 128 -25.41 18.02 -29.07
C LYS J 128 -25.31 18.44 -27.62
N ALA J 129 -24.16 18.17 -27.00
CA ALA J 129 -23.88 18.61 -25.63
C ALA J 129 -23.91 20.14 -25.49
N ALA J 130 -23.24 20.80 -26.42
CA ALA J 130 -23.25 22.29 -26.48
C ALA J 130 -24.65 22.82 -26.74
N ALA J 131 -25.40 22.08 -27.56
CA ALA J 131 -26.81 22.41 -27.89
C ALA J 131 -27.66 22.51 -26.64
N LEU J 132 -27.46 21.56 -25.72
CA LEU J 132 -28.23 21.53 -24.45
C LEU J 132 -27.88 22.74 -23.57
N LEU J 133 -26.58 23.02 -23.46
CA LEU J 133 -26.10 24.20 -22.73
C LEU J 133 -26.77 25.48 -23.23
N ALA J 134 -27.03 25.49 -24.54
CA ALA J 134 -27.72 26.64 -25.19
C ALA J 134 -29.17 26.73 -24.70
N MET J 135 -29.84 25.58 -24.69
CA MET J 135 -31.24 25.48 -24.18
C MET J 135 -31.28 25.96 -22.72
N ARG J 136 -30.28 25.54 -21.95
CA ARG J 136 -30.16 25.97 -20.54
C ARG J 136 -30.04 27.48 -20.37
N ALA J 137 -29.22 28.10 -21.20
CA ALA J 137 -29.02 29.56 -21.12
C ALA J 137 -30.31 30.36 -21.42
N GLU J 138 -31.25 29.76 -22.15
CA GLU J 138 -32.55 30.42 -22.53
C GLU J 138 -33.67 30.12 -21.52
N LEU J 139 -33.32 29.48 -20.41
CA LEU J 139 -34.30 29.14 -19.35
C LEU J 139 -34.82 30.38 -18.64
N ARG J 140 -36.13 30.44 -18.48
CA ARG J 140 -36.76 31.46 -17.63
C ARG J 140 -37.54 30.79 -16.49
N LEU J 141 -37.88 31.54 -15.44
CA LEU J 141 -38.55 30.98 -14.24
C LEU J 141 -39.72 30.05 -14.57
N PHE J 142 -39.71 28.89 -13.92
CA PHE J 142 -40.73 27.83 -14.15
C PHE J 142 -40.79 27.30 -15.60
N ASP J 143 -39.76 27.60 -16.38
CA ASP J 143 -39.60 27.08 -17.76
C ASP J 143 -40.90 27.08 -18.59
N PRO J 144 -41.46 28.26 -18.87
CA PRO J 144 -42.69 28.31 -19.67
C PRO J 144 -42.49 27.81 -21.10
N ALA J 145 -41.30 28.04 -21.64
CA ALA J 145 -40.94 27.60 -23.01
C ALA J 145 -40.77 26.08 -23.18
N ASN J 146 -40.73 25.36 -22.07
CA ASN J 146 -40.45 23.92 -22.06
C ASN J 146 -39.08 23.57 -22.65
N ARG J 147 -38.07 24.34 -22.26
CA ARG J 147 -36.68 24.04 -22.65
C ARG J 147 -36.23 22.70 -22.06
N GLU J 148 -36.66 22.41 -20.84
CA GLU J 148 -36.40 21.11 -20.19
C GLU J 148 -36.80 19.95 -21.09
N GLY J 149 -38.02 20.02 -21.59
CA GLY J 149 -38.64 18.94 -22.38
C GLY J 149 -38.01 18.79 -23.76
N HIS J 150 -37.67 19.93 -24.34
CA HIS J 150 -36.96 19.97 -25.64
C HIS J 150 -35.56 19.35 -25.46
N ALA J 151 -34.88 19.78 -24.41
CA ALA J 151 -33.54 19.24 -24.05
C ALA J 151 -33.56 17.72 -23.86
N ALA J 152 -34.56 17.26 -23.13
CA ALA J 152 -34.71 15.83 -22.84
C ALA J 152 -34.96 14.98 -24.09
N ARG J 153 -35.87 15.45 -24.96
CA ARG J 153 -36.20 14.71 -26.20
C ARG J 153 -34.94 14.55 -27.05
N SER J 154 -34.20 15.64 -27.20
CA SER J 154 -32.94 15.66 -27.93
C SER J 154 -31.92 14.69 -27.33
N TYR J 155 -31.69 14.88 -26.04
CA TYR J 155 -30.81 14.04 -25.21
C TYR J 155 -31.07 12.56 -25.44
N PHE J 156 -32.32 12.16 -25.28
CA PHE J 156 -32.69 10.75 -25.42
C PHE J 156 -32.58 10.23 -26.85
N ASN J 157 -32.89 11.07 -27.84
CA ASN J 157 -32.80 10.64 -29.26
C ASN J 157 -31.35 10.40 -29.65
N THR J 158 -30.51 11.30 -29.18
CA THR J 158 -29.05 11.18 -29.39
C THR J 158 -28.47 9.90 -28.77
N LEU J 159 -28.94 9.57 -27.58
CA LEU J 159 -28.43 8.40 -26.86
C LEU J 159 -28.97 7.08 -27.41
N PHE J 160 -30.26 7.03 -27.69
CA PHE J 160 -30.92 5.76 -28.09
C PHE J 160 -31.54 5.78 -29.50
N GLY J 161 -31.19 6.80 -30.28
CA GLY J 161 -31.63 6.90 -31.69
C GLY J 161 -32.92 7.68 -31.86
N ASN J 162 -33.17 8.19 -33.07
CA ASN J 162 -34.39 8.98 -33.32
C ASN J 162 -35.69 8.17 -33.35
N ASP J 163 -35.60 6.86 -33.43
CA ASP J 163 -36.79 5.99 -33.33
C ASP J 163 -37.28 5.85 -31.88
N PHE J 164 -36.55 6.40 -30.93
CA PHE J 164 -36.79 6.13 -29.50
C PHE J 164 -37.61 7.24 -28.91
N THR J 165 -38.65 6.84 -28.20
CA THR J 165 -39.36 7.75 -27.32
C THR J 165 -39.36 7.05 -25.96
N ARG J 166 -39.63 7.84 -24.98
CA ARG J 166 -39.46 7.48 -23.61
C ARG J 166 -40.77 6.90 -23.11
N GLU J 167 -41.79 7.17 -23.92
CA GLU J 167 -43.16 6.79 -23.68
C GLU J 167 -43.49 5.32 -23.75
N GLN J 168 -42.84 4.58 -24.65
CA GLN J 168 -43.31 3.22 -24.90
C GLN J 168 -42.33 2.08 -24.78
N GLU J 169 -42.92 0.92 -24.59
CA GLU J 169 -42.31 -0.21 -23.94
C GLU J 169 -41.10 -0.78 -24.62
N ASN J 170 -40.14 -1.03 -23.77
CA ASN J 170 -38.90 -1.75 -24.05
C ASN J 170 -38.08 -1.90 -22.78
N ASP J 171 -37.07 -2.74 -22.85
CA ASP J 171 -36.12 -2.93 -21.74
C ASP J 171 -35.42 -1.65 -21.28
N ILE J 172 -35.13 -0.74 -22.20
CA ILE J 172 -34.41 0.49 -21.85
C ILE J 172 -35.25 1.40 -20.94
N ASN J 173 -36.51 1.57 -21.31
CA ASN J 173 -37.41 2.43 -20.52
C ASN J 173 -37.72 1.81 -19.18
N ALA J 174 -37.99 0.50 -19.20
CA ALA J 174 -38.22 -0.27 -17.96
C ALA J 174 -37.08 -0.03 -16.96
N GLY J 175 -35.87 -0.10 -17.48
CA GLY J 175 -34.64 0.11 -16.69
C GLY J 175 -34.55 1.53 -16.18
N LEU J 176 -34.83 2.47 -17.04
CA LEU J 176 -34.80 3.89 -16.68
C LEU J 176 -35.81 4.17 -15.56
N ASN J 177 -37.02 3.69 -15.79
CA ASN J 177 -38.12 3.87 -14.84
C ASN J 177 -37.80 3.30 -13.47
N TYR J 178 -37.28 2.08 -13.47
CA TYR J 178 -36.87 1.39 -12.23
C TYR J 178 -35.82 2.22 -11.48
N GLY J 179 -34.80 2.62 -12.20
CA GLY J 179 -33.74 3.43 -11.60
C GLY J 179 -34.28 4.73 -11.03
N TYR J 180 -35.14 5.38 -11.81
CA TYR J 180 -35.72 6.66 -11.39
C TYR J 180 -36.55 6.50 -10.11
N THR J 181 -37.23 5.38 -9.98
CA THR J 181 -38.01 5.12 -8.76
C THR J 181 -37.09 4.97 -7.56
N LEU J 182 -35.95 4.31 -7.75
CA LEU J 182 -34.99 4.19 -6.64
C LEU J 182 -34.63 5.58 -6.14
N LEU J 183 -34.28 6.44 -7.09
CA LEU J 183 -33.92 7.82 -6.77
C LEU J 183 -35.05 8.56 -6.07
N LEU J 184 -36.23 8.42 -6.62
CA LEU J 184 -37.42 9.05 -6.03
C LEU J 184 -37.54 8.74 -4.53
N SER J 185 -37.40 7.46 -4.21
CA SER J 185 -37.53 6.99 -2.84
C SER J 185 -36.47 7.59 -1.95
N ILE J 186 -35.26 7.73 -2.45
CA ILE J 186 -34.17 8.30 -1.64
C ILE J 186 -34.52 9.71 -1.18
N PHE J 187 -35.05 10.49 -2.12
CA PHE J 187 -35.30 11.90 -1.86
C PHE J 187 -36.61 12.10 -1.12
N ALA J 188 -37.54 11.20 -1.34
CA ALA J 188 -38.79 11.20 -0.58
C ALA J 188 -38.49 11.03 0.92
N ARG J 189 -37.64 10.07 1.19
CA ARG J 189 -37.19 9.83 2.58
C ARG J 189 -36.52 11.08 3.17
N GLU J 190 -35.60 11.67 2.43
CA GLU J 190 -34.80 12.79 2.96
C GLU J 190 -35.64 14.01 3.25
N LEU J 191 -36.64 14.20 2.41
CA LEU J 191 -37.53 15.36 2.57
C LEU J 191 -38.35 15.25 3.86
N VAL J 192 -38.94 14.09 4.05
CA VAL J 192 -39.70 13.81 5.25
C VAL J 192 -38.84 13.99 6.52
N GLN J 193 -37.61 13.57 6.41
CA GLN J 193 -36.63 13.74 7.49
C GLN J 193 -36.38 15.17 7.93
N THR J 194 -36.48 16.08 7.00
CA THR J 194 -36.30 17.51 7.29
C THR J 194 -37.57 18.14 7.82
N GLY J 195 -38.68 17.44 7.67
CA GLY J 195 -39.97 17.93 8.15
C GLY J 195 -40.89 18.47 7.07
N CYS J 196 -40.56 18.20 5.81
CA CYS J 196 -41.35 18.69 4.70
C CYS J 196 -42.36 17.65 4.27
N PHE J 197 -43.38 18.12 3.58
CA PHE J 197 -44.32 17.22 2.93
C PHE J 197 -43.88 17.06 1.51
N THR J 198 -43.94 15.85 1.01
CA THR J 198 -43.48 15.59 -0.36
C THR J 198 -44.56 15.82 -1.39
N GLN J 199 -45.77 16.02 -0.91
CA GLN J 199 -46.90 16.15 -1.80
C GLN J 199 -46.83 17.50 -2.49
N LEU J 200 -46.16 18.46 -1.85
CA LEU J 200 -46.17 19.86 -2.27
C LEU J 200 -44.95 20.26 -3.06
N GLY J 201 -45.05 20.03 -4.36
CA GLY J 201 -43.96 20.31 -5.29
C GLY J 201 -43.78 21.78 -5.53
N LEU J 202 -42.67 22.13 -6.14
CA LEU J 202 -42.35 23.52 -6.36
C LEU J 202 -43.17 24.06 -7.53
N LYS J 203 -43.33 23.24 -8.56
CA LYS J 203 -44.08 23.71 -9.73
C LYS J 203 -45.54 23.28 -9.66
N HIS J 204 -45.79 22.01 -9.47
CA HIS J 204 -47.13 21.51 -9.28
C HIS J 204 -47.12 20.97 -7.89
N ALA J 205 -48.00 21.48 -7.06
CA ALA J 205 -48.12 20.95 -5.72
C ALA J 205 -49.15 19.91 -5.87
N ASN J 206 -48.93 18.71 -5.35
CA ASN J 206 -50.06 17.87 -4.98
C ASN J 206 -51.04 17.57 -6.09
N GLN J 207 -50.74 18.03 -7.29
CA GLN J 207 -51.76 18.04 -8.37
C GLN J 207 -52.06 16.67 -8.93
N PHE J 208 -51.02 15.92 -9.25
CA PHE J 208 -51.19 14.61 -9.89
C PHE J 208 -50.80 13.40 -8.99
N ASN J 209 -49.71 13.56 -8.25
CA ASN J 209 -49.10 12.52 -7.42
C ASN J 209 -48.73 13.07 -6.02
N ASP J 210 -48.40 12.14 -5.14
CA ASP J 210 -48.08 12.47 -3.74
C ASP J 210 -46.58 12.69 -3.45
N PHE J 211 -45.74 12.65 -4.48
CA PHE J 211 -44.29 12.81 -4.30
C PHE J 211 -43.66 13.83 -5.23
N ASN J 212 -44.47 14.78 -5.63
CA ASN J 212 -44.03 15.84 -6.54
C ASN J 212 -42.75 16.52 -6.10
N LEU J 213 -42.63 16.80 -4.82
CA LEU J 213 -41.47 17.53 -4.31
C LEU J 213 -40.19 16.69 -4.40
N ALA J 214 -40.36 15.40 -4.20
CA ALA J 214 -39.25 14.45 -4.38
C ALA J 214 -38.81 14.39 -5.84
N SER J 215 -39.76 14.36 -6.75
CA SER J 215 -39.43 14.35 -8.19
C SER J 215 -38.63 15.59 -8.56
N ASP J 216 -39.05 16.72 -8.02
CA ASP J 216 -38.37 17.99 -8.27
C ASP J 216 -36.90 17.90 -7.81
N LEU J 217 -36.67 17.42 -6.61
CA LEU J 217 -35.30 17.37 -6.04
C LEU J 217 -34.37 16.36 -6.69
N MET J 218 -34.92 15.26 -7.18
CA MET J 218 -34.12 14.19 -7.80
C MET J 218 -33.64 14.52 -9.21
N GLU J 219 -34.14 15.61 -9.77
CA GLU J 219 -33.92 15.92 -11.21
C GLU J 219 -32.44 15.88 -11.64
N PRO J 220 -31.55 16.58 -10.92
CA PRO J 220 -30.15 16.55 -11.34
C PRO J 220 -29.48 15.20 -11.29
N PHE J 221 -30.09 14.26 -10.58
CA PHE J 221 -29.47 12.95 -10.35
C PHE J 221 -29.89 11.94 -11.41
N ARG J 222 -30.89 12.27 -12.21
CA ARG J 222 -31.41 11.33 -13.23
C ARG J 222 -30.32 10.78 -14.15
N PRO J 223 -29.41 11.64 -14.66
CA PRO J 223 -28.33 11.12 -15.48
C PRO J 223 -27.46 10.01 -14.87
N LEU J 224 -27.35 9.94 -13.56
CA LEU J 224 -26.66 8.81 -12.89
C LEU J 224 -27.26 7.48 -13.31
N VAL J 225 -28.57 7.43 -13.34
CA VAL J 225 -29.30 6.27 -13.83
C VAL J 225 -29.09 6.12 -15.34
N ASP J 226 -29.21 7.24 -16.06
CA ASP J 226 -29.07 7.25 -17.52
C ASP J 226 -27.75 6.60 -17.93
N GLN J 227 -26.67 7.01 -17.26
CA GLN J 227 -25.32 6.47 -17.50
C GLN J 227 -25.32 4.97 -17.43
N ILE J 228 -25.82 4.45 -16.33
CA ILE J 228 -25.83 3.02 -16.06
C ILE J 228 -26.65 2.26 -17.12
N ILE J 229 -27.84 2.75 -17.42
CA ILE J 229 -28.71 2.08 -18.42
C ILE J 229 -28.08 2.16 -19.82
N TYR J 230 -27.52 3.32 -20.15
CA TYR J 230 -26.82 3.47 -21.42
C TYR J 230 -25.71 2.41 -21.57
N GLU J 231 -24.87 2.30 -20.55
CA GLU J 231 -23.75 1.34 -20.56
C GLU J 231 -24.23 -0.12 -20.66
N ASN J 232 -25.47 -0.39 -20.26
CA ASN J 232 -26.06 -1.74 -20.36
C ASN J 232 -27.28 -1.78 -21.27
N ARG J 233 -27.26 -0.95 -22.30
CA ARG J 233 -28.45 -0.75 -23.15
C ARG J 233 -28.76 -1.99 -23.98
N LYS J 234 -27.73 -2.82 -24.20
CA LYS J 234 -27.84 -4.10 -24.96
C LYS J 234 -28.21 -5.29 -24.07
N GLU J 235 -28.20 -5.08 -22.76
CA GLU J 235 -28.44 -6.17 -21.81
C GLU J 235 -29.93 -6.42 -21.59
N ALA J 236 -30.21 -7.54 -20.93
CA ALA J 236 -31.56 -7.90 -20.48
C ALA J 236 -31.94 -7.06 -19.26
N PHE J 237 -33.24 -6.96 -19.03
CA PHE J 237 -33.74 -6.11 -17.91
C PHE J 237 -33.21 -6.61 -16.57
N PRO J 238 -33.29 -7.92 -16.29
CA PRO J 238 -32.79 -8.39 -15.00
C PRO J 238 -31.34 -8.00 -14.72
N ILE J 239 -30.53 -7.87 -15.76
CA ILE J 239 -29.13 -7.42 -15.58
C ILE J 239 -29.10 -5.91 -15.30
N MET J 240 -29.85 -5.16 -16.10
CA MET J 240 -30.00 -3.68 -15.93
C MET J 240 -30.32 -3.39 -14.45
N LYS J 241 -31.26 -4.16 -13.93
CA LYS J 241 -31.76 -4.03 -12.54
C LYS J 241 -30.62 -4.17 -11.54
N ARG J 242 -29.84 -5.23 -11.70
CA ARG J 242 -28.75 -5.53 -10.78
C ARG J 242 -27.64 -4.51 -10.88
N LYS J 243 -27.38 -4.05 -12.09
CA LYS J 243 -26.33 -3.03 -12.33
C LYS J 243 -26.71 -1.70 -11.69
N LEU J 244 -28.01 -1.46 -11.56
CA LEU J 244 -28.53 -0.21 -10.99
C LEU J 244 -28.26 -0.07 -9.50
N PHE J 245 -28.03 -1.20 -8.83
CA PHE J 245 -27.70 -1.17 -7.41
C PHE J 245 -26.32 -0.57 -7.14
N ALA J 246 -25.54 -0.42 -8.19
CA ALA J 246 -24.27 0.33 -8.13
C ALA J 246 -24.45 1.73 -7.55
N LEU J 247 -25.65 2.28 -7.68
CA LEU J 247 -25.98 3.61 -7.12
C LEU J 247 -25.73 3.70 -5.62
N PHE J 248 -26.08 2.63 -4.94
CA PHE J 248 -25.86 2.51 -3.50
C PHE J 248 -24.44 2.05 -3.11
N MET J 249 -23.76 1.31 -3.99
CA MET J 249 -22.35 0.87 -3.77
C MET J 249 -21.31 1.96 -4.08
N ASN J 250 -21.54 2.73 -5.12
CA ASN J 250 -20.53 3.67 -5.62
C ASN J 250 -20.47 4.96 -4.86
N THR J 251 -19.40 5.68 -5.13
CA THR J 251 -19.19 7.02 -4.58
C THR J 251 -19.15 8.00 -5.75
N TYR J 252 -19.58 9.21 -5.47
CA TYR J 252 -19.64 10.26 -6.48
C TYR J 252 -19.01 11.53 -5.93
N MET J 253 -18.42 12.33 -6.81
CA MET J 253 -17.87 13.61 -6.38
C MET J 253 -19.03 14.55 -6.08
N TYR J 254 -18.95 15.17 -4.92
CA TYR J 254 -19.94 16.16 -4.49
C TYR J 254 -19.29 17.06 -3.45
N LYS J 255 -19.34 18.37 -3.66
CA LYS J 255 -18.66 19.33 -2.77
C LYS J 255 -17.22 18.88 -2.44
N LYS J 256 -16.48 18.60 -3.51
CA LYS J 256 -15.03 18.31 -3.46
C LYS J 256 -14.67 16.95 -2.87
N LYS J 257 -15.68 16.17 -2.48
CA LYS J 257 -15.42 14.86 -1.83
C LYS J 257 -16.15 13.74 -2.49
N GLN J 258 -15.55 12.56 -2.45
CA GLN J 258 -16.18 11.31 -2.89
C GLN J 258 -17.10 10.86 -1.79
N MET J 259 -18.41 10.91 -2.05
CA MET J 259 -19.43 10.57 -1.06
C MET J 259 -20.40 9.51 -1.61
N PHE J 260 -21.03 8.76 -0.71
CA PHE J 260 -22.04 7.80 -1.12
C PHE J 260 -23.32 8.54 -1.48
N LEU J 261 -24.12 7.94 -2.34
CA LEU J 261 -25.27 8.65 -2.95
C LEU J 261 -26.30 9.10 -1.92
N THR J 262 -26.61 8.21 -0.98
CA THR J 262 -27.61 8.53 0.06
C THR J 262 -27.17 9.71 0.93
N ASN J 263 -25.88 9.75 1.23
CA ASN J 263 -25.28 10.86 2.00
C ASN J 263 -25.31 12.19 1.24
N ILE J 264 -25.02 12.12 -0.04
CA ILE J 264 -25.14 13.30 -0.92
C ILE J 264 -26.58 13.81 -0.86
N ALA J 265 -27.51 12.88 -1.10
CA ALA J 265 -28.95 13.23 -1.15
C ALA J 265 -29.41 13.91 0.14
N THR J 266 -28.87 13.47 1.27
CA THR J 266 -29.16 14.11 2.54
C THR J 266 -28.68 15.55 2.58
N ASP J 267 -27.41 15.77 2.29
CA ASP J 267 -26.86 17.13 2.32
C ASP J 267 -27.55 18.02 1.28
N TYR J 268 -27.69 17.48 0.08
CA TYR J 268 -28.35 18.20 -1.03
C TYR J 268 -29.74 18.68 -0.60
N THR J 269 -30.54 17.75 -0.10
CA THR J 269 -31.90 18.04 0.28
C THR J 269 -31.96 19.08 1.40
N LYS J 270 -31.18 18.86 2.45
CA LYS J 270 -31.20 19.76 3.61
C LYS J 270 -30.86 21.20 3.17
N HIS J 271 -29.90 21.35 2.28
CA HIS J 271 -29.54 22.69 1.79
C HIS J 271 -30.59 23.33 0.86
N VAL J 272 -31.15 22.53 -0.04
CA VAL J 272 -32.26 23.01 -0.89
C VAL J 272 -33.36 23.58 -0.02
N VAL J 273 -33.68 22.84 1.02
CA VAL J 273 -34.73 23.24 1.96
C VAL J 273 -34.35 24.56 2.66
N LYS J 274 -33.10 24.66 3.09
CA LYS J 274 -32.62 25.90 3.73
C LYS J 274 -32.79 27.12 2.80
N VAL J 275 -32.45 26.93 1.53
CA VAL J 275 -32.56 28.06 0.57
C VAL J 275 -34.05 28.36 0.27
N LEU J 276 -34.90 27.33 0.20
CA LEU J 276 -36.35 27.59 0.09
C LEU J 276 -36.87 28.37 1.32
N ASN J 277 -36.35 28.02 2.49
CA ASN J 277 -36.73 28.69 3.74
C ASN J 277 -36.16 30.09 3.84
N GLN J 278 -35.32 30.45 2.89
CA GLN J 278 -34.61 31.76 2.87
C GLN J 278 -33.70 31.93 4.09
N GLU J 279 -33.09 30.84 4.50
CA GLU J 279 -32.08 30.83 5.57
C GLU J 279 -30.68 30.90 4.95
N GLU J 280 -30.62 30.63 3.65
CA GLU J 280 -29.38 30.56 2.86
C GLU J 280 -29.64 31.04 1.44
N GLU J 281 -28.59 31.50 0.73
CA GLU J 281 -28.76 31.98 -0.70
C GLU J 281 -28.53 31.05 -1.95
N GLY J 282 -27.52 30.19 -1.96
CA GLY J 282 -27.14 29.46 -3.18
C GLY J 282 -27.62 28.04 -3.11
N VAL J 283 -28.42 27.61 -4.08
CA VAL J 283 -28.78 26.18 -4.21
C VAL J 283 -27.50 25.35 -4.28
N PRO J 284 -27.46 24.19 -3.63
CA PRO J 284 -26.28 23.31 -3.79
C PRO J 284 -26.23 22.70 -5.17
N GLU J 285 -25.03 22.40 -5.63
CA GLU J 285 -24.84 21.91 -6.99
C GLU J 285 -24.35 20.49 -6.98
N PHE J 286 -24.99 19.68 -7.81
CA PHE J 286 -24.52 18.34 -8.08
C PHE J 286 -24.31 18.22 -9.56
N GLY J 287 -23.11 17.78 -9.90
CA GLY J 287 -22.74 17.53 -11.27
C GLY J 287 -22.16 16.14 -11.33
N ILE J 288 -22.39 15.49 -12.44
CA ILE J 288 -21.84 14.16 -12.67
C ILE J 288 -20.42 14.29 -13.18
N MET K 1 48.55 -20.74 41.12
CA MET K 1 47.82 -21.77 40.32
C MET K 1 48.09 -23.21 40.80
N GLY K 2 47.16 -24.04 40.38
CA GLY K 2 46.87 -25.28 41.05
C GLY K 2 47.03 -26.48 40.16
N TRP K 3 46.54 -27.59 40.67
CA TRP K 3 46.84 -28.92 40.10
C TRP K 3 45.68 -29.91 40.01
N ARG K 4 44.52 -29.55 40.54
CA ARG K 4 43.39 -30.48 40.50
C ARG K 4 42.45 -30.23 39.37
N THR K 5 41.96 -31.32 38.82
CA THR K 5 40.85 -31.25 37.90
C THR K 5 39.61 -31.75 38.62
N VAL K 6 38.71 -30.82 38.88
CA VAL K 6 37.48 -31.08 39.62
C VAL K 6 36.35 -31.35 38.64
N VAL K 7 35.79 -32.55 38.71
CA VAL K 7 34.77 -32.98 37.79
C VAL K 7 33.47 -33.10 38.54
N VAL K 8 32.46 -32.39 38.05
CA VAL K 8 31.15 -32.39 38.69
C VAL K 8 30.16 -33.03 37.72
N ASN K 9 29.56 -34.13 38.13
CA ASN K 9 28.45 -34.71 37.35
C ASN K 9 27.26 -35.19 38.17
N LYS K 10 27.13 -34.68 39.37
CA LYS K 10 26.03 -35.03 40.24
C LYS K 10 25.19 -33.80 40.49
N HIS K 11 23.89 -33.99 40.52
CA HIS K 11 22.98 -32.92 40.92
C HIS K 11 23.53 -32.27 42.18
N SER K 12 23.78 -30.97 42.10
CA SER K 12 24.61 -30.29 43.07
C SER K 12 24.47 -28.80 43.10
N LYS K 13 24.93 -28.19 44.19
CA LYS K 13 25.03 -26.74 44.28
C LYS K 13 26.45 -26.28 44.59
N LEU K 14 27.00 -25.50 43.69
CA LEU K 14 28.35 -24.95 43.87
C LEU K 14 28.27 -23.52 44.34
N SER K 15 29.13 -23.20 45.29
CA SER K 15 29.16 -21.86 45.88
C SER K 15 30.56 -21.52 46.35
N TYR K 16 30.72 -20.35 46.93
CA TYR K 16 32.03 -19.89 47.36
C TYR K 16 31.98 -19.39 48.80
N LYS K 17 32.93 -19.82 49.61
CA LYS K 17 33.10 -19.31 51.00
C LYS K 17 34.57 -19.49 51.45
N ASN K 18 35.13 -18.40 51.98
CA ASN K 18 36.49 -18.40 52.60
C ASN K 18 37.59 -19.00 51.69
N ASN K 19 37.66 -18.53 50.46
CA ASN K 19 38.65 -19.07 49.50
C ASN K 19 38.51 -20.53 49.13
N HIS K 20 37.36 -21.10 49.42
CA HIS K 20 37.03 -22.48 49.02
C HIS K 20 35.90 -22.53 47.99
N LEU K 21 36.02 -23.48 47.08
CA LEU K 21 34.89 -23.93 46.30
C LEU K 21 34.06 -24.79 47.23
N VAL K 22 32.75 -24.56 47.24
CA VAL K 22 31.87 -25.34 48.10
C VAL K 22 30.93 -26.17 47.26
N PHE K 23 31.06 -27.48 47.43
CA PHE K 23 30.26 -28.46 46.71
C PHE K 23 29.25 -29.06 47.66
N LYS K 24 27.97 -28.89 47.38
CA LYS K 24 26.90 -29.57 48.16
C LYS K 24 26.05 -30.43 47.23
N ALA K 25 26.03 -31.72 47.52
CA ALA K 25 25.08 -32.68 46.93
C ALA K 25 24.23 -33.18 48.10
N ILE K 26 23.15 -33.90 47.85
CA ILE K 26 22.35 -34.49 48.98
C ILE K 26 23.21 -35.56 49.68
N ASP K 27 23.89 -36.35 48.87
CA ASP K 27 24.79 -37.43 49.31
C ASP K 27 25.97 -36.86 50.13
N HIS K 28 26.75 -36.02 49.46
CA HIS K 28 28.12 -35.69 49.86
C HIS K 28 28.30 -34.18 50.05
N GLN K 29 29.40 -33.80 50.67
CA GLN K 29 29.77 -32.40 50.75
C GLN K 29 31.28 -32.21 50.77
N GLU K 30 31.77 -31.20 50.08
CA GLU K 30 33.21 -30.97 50.03
C GLU K 30 33.56 -29.50 49.95
N LEU K 31 34.62 -29.12 50.67
CA LEU K 31 35.24 -27.83 50.47
C LEU K 31 36.60 -28.05 49.82
N ILE K 32 36.90 -27.26 48.81
CA ILE K 32 38.16 -27.38 48.07
C ILE K 32 38.80 -26.01 47.93
N HIS K 33 40.02 -25.89 48.40
CA HIS K 33 40.70 -24.61 48.35
C HIS K 33 40.93 -24.21 46.88
N LEU K 34 40.66 -22.95 46.57
CA LEU K 34 40.70 -22.49 45.15
C LEU K 34 42.08 -22.59 44.52
N SER K 35 43.09 -22.27 45.32
CA SER K 35 44.50 -22.35 44.87
C SER K 35 44.92 -23.77 44.46
N GLU K 36 44.19 -24.78 44.92
CA GLU K 36 44.47 -26.19 44.54
C GLU K 36 43.91 -26.57 43.16
N ILE K 37 42.99 -25.76 42.65
CA ILE K 37 42.23 -26.12 41.44
C ILE K 37 42.88 -25.58 40.19
N ASP K 38 43.01 -26.46 39.21
CA ASP K 38 43.51 -26.10 37.88
C ASP K 38 42.31 -25.96 36.95
N VAL K 39 41.43 -26.95 36.98
CA VAL K 39 40.31 -27.02 36.05
C VAL K 39 39.03 -27.40 36.74
N LEU K 40 37.98 -26.68 36.41
CA LEU K 40 36.64 -27.04 36.87
C LEU K 40 35.81 -27.48 35.68
N LEU K 41 35.36 -28.72 35.70
CA LEU K 41 34.66 -29.30 34.57
C LEU K 41 33.26 -29.64 35.02
N LEU K 42 32.29 -29.00 34.38
CA LEU K 42 30.88 -29.17 34.71
C LEU K 42 30.18 -30.03 33.66
N GLU K 43 30.15 -31.33 33.91
CA GLU K 43 29.73 -32.34 32.91
C GLU K 43 28.25 -32.36 32.62
N THR K 44 27.45 -32.00 33.61
CA THR K 44 26.00 -32.19 33.51
C THR K 44 25.21 -30.89 33.61
N THR K 45 23.89 -31.00 33.40
CA THR K 45 22.99 -29.83 33.37
C THR K 45 22.16 -29.71 34.63
N ASP K 46 22.55 -30.45 35.66
CA ASP K 46 21.81 -30.46 36.94
C ASP K 46 22.56 -29.73 38.08
N ILE K 47 23.35 -28.75 37.72
CA ILE K 47 24.20 -28.05 38.68
C ILE K 47 23.80 -26.59 38.83
N SER K 48 23.68 -26.13 40.07
CA SER K 48 23.54 -24.69 40.36
C SER K 48 24.89 -24.13 40.76
N LEU K 49 25.09 -22.85 40.48
CA LEU K 49 26.29 -22.12 40.84
C LEU K 49 26.04 -20.68 41.06
N THR K 50 26.91 -20.05 41.83
CA THR K 50 26.75 -18.64 42.09
C THR K 50 27.71 -17.80 41.27
N THR K 51 27.36 -16.53 41.10
CA THR K 51 28.21 -15.61 40.35
C THR K 51 29.44 -15.21 41.12
N MET K 52 29.34 -15.23 42.45
CA MET K 52 30.53 -14.98 43.31
C MET K 52 31.58 -16.03 43.01
N LEU K 53 31.13 -17.27 43.01
CA LEU K 53 32.02 -18.38 42.71
C LEU K 53 32.70 -18.14 41.35
N LEU K 54 31.90 -17.81 40.34
CA LEU K 54 32.42 -17.57 38.99
C LEU K 54 33.43 -16.44 38.95
N LYS K 55 33.16 -15.38 39.71
CA LYS K 55 34.09 -14.25 39.78
C LYS K 55 35.42 -14.75 40.28
N ARG K 56 35.37 -15.44 41.40
CA ARG K 56 36.58 -15.92 42.09
C ARG K 56 37.32 -16.96 41.24
N LEU K 57 36.57 -17.77 40.52
CA LEU K 57 37.17 -18.73 39.58
C LEU K 57 37.91 -18.01 38.48
N ILE K 58 37.35 -16.91 38.03
CA ILE K 58 37.98 -16.11 36.98
C ILE K 58 39.20 -15.37 37.51
N ASP K 59 39.16 -14.97 38.77
CA ASP K 59 40.31 -14.29 39.42
C ASP K 59 41.53 -15.21 39.35
N GLU K 60 41.36 -16.42 39.87
CA GLU K 60 42.39 -17.47 39.81
C GLU K 60 42.79 -18.02 38.39
N LYS K 61 42.05 -17.67 37.35
CA LYS K 61 42.27 -18.18 35.95
C LYS K 61 42.22 -19.69 35.89
N ILE K 62 41.18 -20.14 36.56
CA ILE K 62 40.80 -21.52 36.58
C ILE K 62 40.00 -21.77 35.32
N LEU K 63 40.39 -22.79 34.60
CA LEU K 63 39.68 -23.16 33.39
C LEU K 63 38.36 -23.77 33.76
N VAL K 64 37.29 -23.12 33.35
CA VAL K 64 35.92 -23.58 33.62
C VAL K 64 35.25 -24.07 32.36
N LEU K 65 34.82 -25.32 32.35
CA LEU K 65 34.22 -25.92 31.16
C LEU K 65 32.78 -26.32 31.35
N PHE K 66 31.99 -26.03 30.33
CA PHE K 66 30.55 -26.30 30.33
C PHE K 66 30.21 -27.40 29.35
N CYS K 67 29.25 -28.21 29.74
CA CYS K 67 28.79 -29.31 28.88
C CYS K 67 27.28 -29.31 28.70
N ASP K 68 26.88 -29.95 27.64
CA ASP K 68 25.47 -30.11 27.27
C ASP K 68 24.83 -31.36 27.87
N ASP K 69 23.64 -31.70 27.38
CA ASP K 69 22.80 -32.80 27.95
C ASP K 69 23.30 -34.17 27.59
N LYS K 70 24.12 -34.25 26.56
CA LYS K 70 24.92 -35.45 26.27
C LYS K 70 26.05 -34.79 26.96
N ARG K 71 27.17 -35.38 27.37
CA ARG K 71 28.17 -34.66 28.20
C ARG K 71 29.33 -34.22 27.32
N LEU K 72 28.99 -33.71 26.16
CA LEU K 72 29.93 -33.04 25.27
C LEU K 72 30.16 -31.60 25.68
N PRO K 73 31.40 -31.12 25.54
CA PRO K 73 31.66 -29.73 25.92
C PRO K 73 31.03 -28.79 24.90
N ILE K 74 30.62 -27.61 25.36
CA ILE K 74 30.01 -26.61 24.46
C ILE K 74 30.55 -25.21 24.64
N GLY K 75 31.27 -25.00 25.72
CA GLY K 75 31.96 -23.75 25.92
C GLY K 75 32.84 -23.69 27.15
N LYS K 76 33.43 -22.52 27.33
CA LYS K 76 34.28 -22.24 28.46
C LYS K 76 34.12 -20.76 28.83
N ILE K 77 34.52 -20.39 30.03
CA ILE K 77 34.59 -18.98 30.37
C ILE K 77 35.85 -18.36 29.76
N LEU K 78 35.69 -17.17 29.21
CA LEU K 78 36.79 -16.42 28.64
C LEU K 78 37.03 -15.20 29.49
N PRO K 79 38.13 -15.20 30.25
CA PRO K 79 38.43 -14.01 31.03
C PRO K 79 38.89 -12.91 30.15
N PHE K 80 38.58 -11.70 30.55
CA PHE K 80 39.08 -10.52 29.83
C PHE K 80 40.47 -10.13 30.23
N TYR K 81 40.90 -10.54 31.43
CA TYR K 81 42.21 -10.13 32.00
C TYR K 81 43.32 -11.18 32.22
N GLY K 82 43.08 -12.44 31.94
CA GLY K 82 44.20 -13.33 31.69
C GLY K 82 43.90 -14.60 31.00
N ARG K 83 44.67 -15.64 31.26
CA ARG K 83 44.28 -16.93 30.75
C ARG K 83 44.96 -18.11 31.38
N HIS K 84 44.31 -19.24 31.21
CA HIS K 84 44.74 -20.49 31.77
C HIS K 84 45.83 -20.98 30.85
N ASP K 85 46.72 -21.80 31.35
CA ASP K 85 47.84 -22.30 30.50
C ASP K 85 47.42 -23.15 29.27
N SER K 86 46.19 -23.66 29.34
CA SER K 86 45.54 -24.35 28.20
C SER K 86 45.52 -23.53 26.92
N SER K 87 45.56 -22.21 27.06
CA SER K 87 45.63 -21.30 25.90
C SER K 87 46.86 -21.49 25.02
N LEU K 88 47.95 -21.92 25.62
CA LEU K 88 49.24 -22.14 24.90
C LEU K 88 49.19 -23.35 23.95
N GLN K 89 48.29 -24.26 24.26
CA GLN K 89 48.14 -25.48 23.44
C GLN K 89 47.67 -25.19 22.03
N LEU K 90 46.77 -24.23 21.90
CA LEU K 90 46.23 -23.90 20.56
C LEU K 90 47.34 -23.64 19.54
N THR K 91 48.29 -22.78 19.92
CA THR K 91 49.46 -22.48 19.06
C THR K 91 50.19 -23.74 18.66
N ARG K 92 50.44 -24.59 19.65
CA ARG K 92 51.09 -25.88 19.41
C ARG K 92 50.30 -26.77 18.44
N GLN K 93 48.99 -26.80 18.62
CA GLN K 93 48.10 -27.65 17.81
C GLN K 93 48.11 -27.20 16.37
N LEU K 94 48.18 -25.89 16.18
CA LEU K 94 48.19 -25.33 14.81
C LEU K 94 49.49 -25.70 14.10
N ALA K 95 50.52 -25.89 14.89
CA ALA K 95 51.85 -26.25 14.39
C ALA K 95 52.07 -27.77 14.20
N TRP K 96 51.07 -28.58 14.47
CA TRP K 96 51.21 -30.03 14.25
C TRP K 96 51.55 -30.27 12.79
N THR K 97 52.65 -30.97 12.55
CA THR K 97 53.13 -31.27 11.19
C THR K 97 52.33 -32.39 10.56
N GLU K 98 52.17 -32.33 9.25
CA GLU K 98 51.34 -33.33 8.56
C GLU K 98 51.92 -34.73 8.72
N GLU K 99 53.24 -34.82 8.80
CA GLU K 99 53.88 -36.12 8.97
C GLU K 99 53.54 -36.70 10.35
N ARG K 100 53.74 -35.89 11.37
CA ARG K 100 53.50 -36.32 12.74
C ARG K 100 52.05 -36.77 12.95
N LYS K 101 51.13 -36.02 12.36
CA LYS K 101 49.70 -36.41 12.41
C LYS K 101 49.49 -37.79 11.77
N GLY K 102 50.11 -38.00 10.62
CA GLY K 102 50.05 -39.29 9.91
C GLY K 102 50.56 -40.45 10.75
N GLN K 103 51.71 -40.23 11.37
CA GLN K 103 52.32 -41.25 12.22
C GLN K 103 51.35 -41.62 13.32
N VAL K 104 50.94 -40.60 14.06
CA VAL K 104 50.04 -40.78 15.22
C VAL K 104 48.71 -41.40 14.79
N TRP K 105 48.08 -40.86 13.76
CA TRP K 105 46.80 -41.39 13.32
C TRP K 105 46.87 -42.85 12.92
N THR K 106 47.88 -43.17 12.15
CA THR K 106 48.07 -44.54 11.66
C THR K 106 48.41 -45.52 12.79
N ALA K 107 49.24 -45.07 13.72
CA ALA K 107 49.52 -45.83 14.95
C ALA K 107 48.23 -46.22 15.65
N ILE K 108 47.36 -45.22 15.75
CA ILE K 108 46.11 -45.33 16.50
C ILE K 108 45.21 -46.33 15.79
N ILE K 109 45.01 -46.16 14.50
CA ILE K 109 44.07 -47.06 13.81
C ILE K 109 44.56 -48.50 13.84
N ALA K 110 45.87 -48.67 13.83
CA ALA K 110 46.47 -50.00 14.00
C ALA K 110 45.98 -50.64 15.31
N GLN K 111 46.04 -49.86 16.38
CA GLN K 111 45.54 -50.34 17.68
C GLN K 111 44.07 -50.75 17.58
N LYS K 112 43.29 -50.01 16.81
CA LYS K 112 41.85 -50.31 16.65
C LYS K 112 41.68 -51.66 15.97
N ILE K 113 42.36 -51.81 14.85
CA ILE K 113 42.31 -53.05 14.08
C ILE K 113 42.76 -54.24 14.93
N THR K 114 43.89 -54.07 15.65
CA THR K 114 44.34 -55.10 16.60
C THR K 114 43.21 -55.50 17.58
N ASN K 115 42.55 -54.50 18.14
CA ASN K 115 41.48 -54.76 19.10
C ASN K 115 40.26 -55.39 18.44
N GLN K 116 39.99 -55.02 17.21
CA GLN K 116 38.89 -55.65 16.44
C GLN K 116 39.22 -57.13 16.32
N SER K 117 40.46 -57.41 15.99
CA SER K 117 40.90 -58.82 15.82
C SER K 117 40.78 -59.59 17.13
N LEU K 118 41.36 -59.02 18.19
CA LEU K 118 41.28 -59.64 19.53
C LEU K 118 39.86 -59.99 19.93
N HIS K 119 38.93 -59.11 19.58
CA HIS K 119 37.51 -59.33 19.84
C HIS K 119 36.96 -60.49 19.01
N LEU K 120 37.37 -60.56 17.75
CA LEU K 120 36.96 -61.70 16.90
C LEU K 120 37.49 -63.02 17.48
N ALA K 121 38.77 -63.00 17.86
CA ALA K 121 39.41 -64.15 18.52
C ALA K 121 38.58 -64.60 19.72
N GLN K 122 38.25 -63.63 20.55
CA GLN K 122 37.41 -63.83 21.72
C GLN K 122 36.12 -64.61 21.41
N ARG K 123 35.56 -64.39 20.23
CA ARG K 123 34.31 -65.10 19.80
C ARG K 123 34.57 -66.35 18.96
N ASP K 124 35.76 -66.92 19.13
CA ASP K 124 36.20 -68.16 18.43
C ASP K 124 36.12 -68.06 16.90
N TYR K 125 36.48 -66.89 16.38
CA TYR K 125 36.72 -66.73 14.96
C TYR K 125 38.24 -66.59 14.75
N GLY K 126 39.01 -67.57 15.24
CA GLY K 126 40.49 -67.58 15.15
C GLY K 126 40.96 -67.09 13.78
N GLN K 127 40.19 -67.46 12.75
CA GLN K 127 40.61 -67.33 11.35
C GLN K 127 40.52 -65.93 10.75
N LYS K 128 39.35 -65.32 10.90
CA LYS K 128 39.14 -63.93 10.47
C LYS K 128 39.94 -62.94 11.32
N ALA K 129 40.24 -63.34 12.54
CA ALA K 129 41.10 -62.54 13.44
C ALA K 129 42.49 -62.36 12.86
N ALA K 130 43.06 -63.47 12.40
CA ALA K 130 44.40 -63.46 11.76
C ALA K 130 44.36 -62.61 10.49
N ALA K 131 43.23 -62.69 9.80
CA ALA K 131 42.98 -61.90 8.57
C ALA K 131 43.13 -60.41 8.80
N LEU K 132 42.60 -59.94 9.92
CA LEU K 132 42.66 -58.52 10.28
C LEU K 132 44.11 -58.10 10.58
N LEU K 133 44.81 -58.92 11.35
CA LEU K 133 46.24 -58.70 11.65
C LEU K 133 47.05 -58.52 10.36
N ALA K 134 46.63 -59.25 9.33
CA ALA K 134 47.26 -59.16 8.00
C ALA K 134 47.00 -57.79 7.38
N MET K 135 45.74 -57.36 7.44
CA MET K 135 45.33 -56.03 6.92
C MET K 135 46.16 -54.93 7.65
N ARG K 136 46.33 -55.11 8.95
CA ARG K 136 47.10 -54.17 9.77
C ARG K 136 48.55 -54.06 9.30
N ALA K 137 49.15 -55.20 9.00
CA ALA K 137 50.57 -55.23 8.60
C ALA K 137 50.81 -54.50 7.28
N GLU K 138 49.76 -54.42 6.45
CA GLU K 138 49.82 -53.73 5.11
C GLU K 138 49.42 -52.22 5.18
N LEU K 139 49.27 -51.71 6.39
CA LEU K 139 48.93 -50.30 6.61
C LEU K 139 50.08 -49.35 6.29
N ARG K 140 49.80 -48.31 5.52
CA ARG K 140 50.76 -47.21 5.27
C ARG K 140 50.17 -45.89 5.77
N LEU K 141 51.00 -44.84 5.91
CA LEU K 141 50.54 -43.53 6.47
C LEU K 141 49.24 -43.01 5.89
N PHE K 142 48.33 -42.64 6.77
CA PHE K 142 46.97 -42.18 6.42
C PHE K 142 46.12 -43.20 5.66
N ASP K 143 46.54 -44.46 5.71
CA ASP K 143 45.79 -45.59 5.12
C ASP K 143 45.16 -45.30 3.75
N PRO K 144 45.99 -45.04 2.73
CA PRO K 144 45.44 -44.74 1.40
C PRO K 144 44.65 -45.92 0.80
N ALA K 145 45.10 -47.12 1.13
CA ALA K 145 44.45 -48.37 0.66
C ALA K 145 43.08 -48.67 1.29
N ASN K 146 42.74 -47.92 2.33
CA ASN K 146 41.50 -48.15 3.11
C ASN K 146 41.45 -49.53 3.76
N ARG K 147 42.56 -49.91 4.34
CA ARG K 147 42.64 -51.16 5.07
C ARG K 147 41.69 -51.12 6.29
N GLU K 148 41.61 -49.95 6.91
CA GLU K 148 40.72 -49.75 8.05
C GLU K 148 39.30 -50.17 7.71
N GLY K 149 38.84 -49.65 6.58
CA GLY K 149 37.45 -49.81 6.13
C GLY K 149 37.15 -51.21 5.69
N HIS K 150 38.13 -51.82 5.06
CA HIS K 150 38.00 -53.21 4.70
C HIS K 150 37.98 -54.14 5.92
N ALA K 151 38.89 -53.87 6.85
CA ALA K 151 38.95 -54.59 8.14
C ALA K 151 37.61 -54.51 8.88
N ALA K 152 37.05 -53.31 8.93
CA ALA K 152 35.79 -53.06 9.63
C ALA K 152 34.63 -53.81 8.99
N ARG K 153 34.53 -53.76 7.68
CA ARG K 153 33.43 -54.44 6.98
C ARG K 153 33.43 -55.94 7.25
N SER K 154 34.62 -56.51 7.16
CA SER K 154 34.86 -57.92 7.47
C SER K 154 34.48 -58.26 8.91
N TYR K 155 35.07 -57.50 9.82
CA TYR K 155 34.80 -57.58 11.27
C TYR K 155 33.32 -57.63 11.57
N PHE K 156 32.60 -56.64 11.08
CA PHE K 156 31.15 -56.55 11.35
C PHE K 156 30.33 -57.66 10.68
N ASN K 157 30.72 -58.09 9.48
CA ASN K 157 29.99 -59.14 8.78
C ASN K 157 30.12 -60.43 9.54
N THR K 158 31.35 -60.67 10.00
CA THR K 158 31.66 -61.86 10.79
C THR K 158 30.84 -61.91 12.08
N LEU K 159 30.71 -60.76 12.72
CA LEU K 159 30.01 -60.67 14.02
C LEU K 159 28.50 -60.75 13.87
N PHE K 160 27.96 -60.05 12.90
CA PHE K 160 26.49 -59.93 12.76
C PHE K 160 25.94 -60.47 11.43
N GLY K 161 26.77 -61.20 10.70
CA GLY K 161 26.36 -61.84 9.42
C GLY K 161 26.66 -60.98 8.21
N ASN K 162 26.89 -61.59 7.06
CA ASN K 162 26.95 -60.79 5.84
C ASN K 162 25.46 -60.44 5.73
N ASP K 163 25.11 -59.38 5.02
CA ASP K 163 23.72 -58.85 5.05
C ASP K 163 23.44 -57.88 6.21
N PHE K 164 24.39 -57.78 7.12
CA PHE K 164 24.43 -56.69 8.08
C PHE K 164 25.32 -55.63 7.52
N THR K 165 24.82 -54.42 7.50
CA THR K 165 25.64 -53.25 7.22
C THR K 165 25.41 -52.36 8.40
N ARG K 166 26.32 -51.45 8.53
CA ARG K 166 26.42 -50.62 9.69
C ARG K 166 25.56 -49.35 9.48
N GLU K 167 24.87 -49.28 8.34
CA GLU K 167 24.07 -48.10 8.00
C GLU K 167 22.59 -48.37 8.07
N GLN K 168 22.22 -49.58 8.42
CA GLN K 168 20.81 -49.96 8.42
C GLN K 168 20.26 -49.90 9.83
N GLU K 169 19.11 -49.24 9.98
CA GLU K 169 18.55 -48.96 11.31
C GLU K 169 17.82 -50.19 11.86
N ASN K 170 18.45 -50.59 12.93
CA ASN K 170 18.10 -51.75 13.68
C ASN K 170 18.62 -51.51 15.07
N ASP K 171 18.18 -52.34 15.99
CA ASP K 171 18.61 -52.23 17.37
C ASP K 171 20.14 -52.34 17.57
N ILE K 172 20.80 -53.13 16.75
CA ILE K 172 22.25 -53.34 16.91
C ILE K 172 23.04 -52.07 16.61
N ASN K 173 22.69 -51.42 15.52
CA ASN K 173 23.37 -50.17 15.12
C ASN K 173 23.06 -49.01 16.04
N ALA K 174 21.79 -48.90 16.41
CA ALA K 174 21.36 -47.94 17.45
C ALA K 174 22.22 -48.05 18.72
N GLY K 175 22.40 -49.29 19.16
CA GLY K 175 23.22 -49.62 20.36
C GLY K 175 24.68 -49.28 20.19
N LEU K 176 25.21 -49.64 19.03
CA LEU K 176 26.58 -49.29 18.70
C LEU K 176 26.79 -47.78 18.70
N ASN K 177 25.90 -47.10 17.98
CA ASN K 177 25.95 -45.64 17.83
C ASN K 177 25.91 -44.95 19.19
N TYR K 178 24.98 -45.40 20.02
CA TYR K 178 24.83 -44.87 21.36
C TYR K 178 26.13 -45.03 22.15
N GLY K 179 26.65 -46.24 22.15
CA GLY K 179 27.89 -46.54 22.89
C GLY K 179 29.03 -45.69 22.37
N TYR K 180 29.12 -45.60 21.05
CA TYR K 180 30.18 -44.81 20.42
C TYR K 180 30.08 -43.34 20.84
N THR K 181 28.85 -42.84 20.98
CA THR K 181 28.59 -41.44 21.39
C THR K 181 29.07 -41.25 22.85
N LEU K 182 28.88 -42.24 23.71
CA LEU K 182 29.43 -42.15 25.08
C LEU K 182 30.93 -41.96 25.02
N LEU K 183 31.59 -42.81 24.26
CA LEU K 183 33.05 -42.75 24.10
C LEU K 183 33.50 -41.42 23.53
N LEU K 184 32.80 -40.99 22.50
CA LEU K 184 33.10 -39.71 21.85
C LEU K 184 33.17 -38.62 22.88
N SER K 185 32.18 -38.60 23.74
CA SER K 185 32.00 -37.53 24.72
C SER K 185 33.15 -37.53 25.72
N ILE K 186 33.59 -38.71 26.09
CA ILE K 186 34.68 -38.82 27.06
C ILE K 186 35.92 -38.15 26.51
N PHE K 187 36.20 -38.42 25.26
CA PHE K 187 37.44 -37.94 24.64
C PHE K 187 37.32 -36.50 24.20
N ALA K 188 36.13 -36.10 23.83
CA ALA K 188 35.88 -34.70 23.49
C ALA K 188 36.21 -33.83 24.70
N ARG K 189 35.72 -34.26 25.83
CA ARG K 189 35.90 -33.58 27.09
C ARG K 189 37.40 -33.49 27.43
N GLU K 190 38.10 -34.61 27.32
CA GLU K 190 39.54 -34.67 27.65
C GLU K 190 40.39 -33.80 26.75
N LEU K 191 40.03 -33.74 25.48
CA LEU K 191 40.79 -32.93 24.50
C LEU K 191 40.70 -31.44 24.86
N VAL K 192 39.49 -30.98 25.07
CA VAL K 192 39.22 -29.59 25.40
C VAL K 192 39.97 -29.20 26.68
N GLN K 193 40.01 -30.13 27.63
CA GLN K 193 40.73 -29.94 28.88
C GLN K 193 42.20 -29.63 28.65
N THR K 194 42.79 -30.25 27.64
CA THR K 194 44.23 -30.08 27.34
C THR K 194 44.46 -28.80 26.58
N GLY K 195 43.38 -28.22 26.06
CA GLY K 195 43.48 -26.97 25.29
C GLY K 195 43.40 -27.11 23.78
N CYS K 196 42.98 -28.28 23.33
CA CYS K 196 42.90 -28.53 21.88
C CYS K 196 41.51 -28.24 21.39
N PHE K 197 41.39 -28.00 20.10
CA PHE K 197 40.07 -27.87 19.48
C PHE K 197 39.75 -29.20 18.84
N THR K 198 38.52 -29.65 19.04
CA THR K 198 38.13 -31.00 18.61
C THR K 198 37.66 -31.06 17.16
N GLN K 199 37.49 -29.90 16.55
CA GLN K 199 36.77 -29.79 15.24
C GLN K 199 37.46 -30.42 14.00
N LEU K 200 38.73 -30.13 13.88
CA LEU K 200 39.58 -30.64 12.80
C LEU K 200 40.39 -31.75 13.36
N GLY K 201 40.32 -32.89 12.68
CA GLY K 201 40.97 -34.14 13.08
C GLY K 201 42.33 -34.32 12.42
N LEU K 202 42.93 -35.49 12.64
CA LEU K 202 44.27 -35.76 12.13
C LEU K 202 44.23 -36.08 10.64
N LYS K 203 43.18 -36.77 10.24
CA LYS K 203 42.96 -37.09 8.82
C LYS K 203 41.76 -36.35 8.23
N HIS K 204 41.73 -36.21 6.91
CA HIS K 204 40.60 -35.55 6.22
C HIS K 204 39.33 -36.43 6.29
N PHE K 208 32.81 -31.88 8.24
CA PHE K 208 31.80 -32.92 8.42
C PHE K 208 31.20 -32.76 9.82
N ASN K 209 32.08 -32.85 10.82
CA ASN K 209 31.75 -33.04 12.23
C ASN K 209 32.47 -32.04 13.15
N ASP K 210 31.89 -31.76 14.31
CA ASP K 210 32.52 -30.88 15.30
C ASP K 210 33.51 -31.58 16.22
N PHE K 211 33.59 -32.90 16.12
CA PHE K 211 34.47 -33.62 17.04
C PHE K 211 35.36 -34.62 16.33
N ASN K 212 35.76 -34.30 15.12
CA ASN K 212 36.63 -35.18 14.36
C ASN K 212 37.83 -35.69 15.13
N LEU K 213 38.46 -34.80 15.87
CA LEU K 213 39.67 -35.15 16.62
C LEU K 213 39.36 -36.14 17.75
N ALA K 214 38.20 -35.97 18.36
CA ALA K 214 37.74 -36.92 19.37
C ALA K 214 37.49 -38.27 18.72
N SER K 215 36.90 -38.30 17.53
CA SER K 215 36.62 -39.57 16.84
C SER K 215 37.90 -40.30 16.59
N ASP K 216 38.91 -39.55 16.19
CA ASP K 216 40.21 -40.11 15.90
C ASP K 216 40.77 -40.79 17.17
N LEU K 217 40.72 -40.10 18.29
CA LEU K 217 41.30 -40.62 19.53
C LEU K 217 40.58 -41.84 20.12
N MET K 218 39.27 -41.88 19.95
CA MET K 218 38.45 -42.94 20.55
C MET K 218 38.56 -44.27 19.81
N GLU K 219 39.22 -44.26 18.64
CA GLU K 219 39.19 -45.42 17.69
C GLU K 219 39.54 -46.76 18.32
N PRO K 220 40.65 -46.82 19.07
CA PRO K 220 41.00 -48.08 19.69
C PRO K 220 40.02 -48.58 20.72
N PHE K 221 39.16 -47.72 21.21
CA PHE K 221 38.24 -48.07 22.31
C PHE K 221 36.92 -48.62 21.80
N ARG K 222 36.67 -48.47 20.51
CA ARG K 222 35.37 -48.86 19.93
C ARG K 222 34.99 -50.29 20.26
N PRO K 223 35.95 -51.20 20.17
CA PRO K 223 35.60 -52.60 20.45
C PRO K 223 35.04 -52.86 21.85
N LEU K 224 35.38 -52.01 22.81
CA LEU K 224 34.79 -52.11 24.16
C LEU K 224 33.27 -52.08 24.07
N VAL K 225 32.77 -51.17 23.24
CA VAL K 225 31.34 -51.05 22.95
C VAL K 225 30.87 -52.26 22.15
N ASP K 226 31.64 -52.61 21.14
CA ASP K 226 31.31 -53.74 20.25
C ASP K 226 31.07 -54.99 21.08
N GLN K 227 31.98 -55.25 22.01
CA GLN K 227 31.86 -56.41 22.93
C GLN K 227 30.49 -56.45 23.60
N ILE K 228 30.15 -55.35 24.23
CA ILE K 228 28.93 -55.24 25.03
C ILE K 228 27.69 -55.46 24.14
N ILE K 229 27.64 -54.78 23.02
CA ILE K 229 26.47 -54.92 22.16
C ILE K 229 26.37 -56.32 21.52
N TYR K 230 27.52 -56.88 21.17
CA TYR K 230 27.54 -58.26 20.68
C TYR K 230 26.93 -59.20 21.70
N GLU K 231 27.39 -59.09 22.94
CA GLU K 231 26.88 -59.95 24.05
C GLU K 231 25.38 -59.78 24.29
N ASN K 232 24.83 -58.63 23.90
CA ASN K 232 23.38 -58.35 24.03
C ASN K 232 22.70 -58.13 22.69
N ARG K 233 23.19 -58.83 21.68
CA ARG K 233 22.76 -58.55 20.29
C ARG K 233 21.30 -58.94 20.07
N LYS K 234 20.83 -59.83 20.91
CA LYS K 234 19.48 -60.37 20.84
C LYS K 234 18.48 -59.60 21.71
N GLU K 235 19.00 -58.70 22.51
CA GLU K 235 18.19 -57.92 23.45
C GLU K 235 17.53 -56.74 22.76
N ALA K 236 16.60 -56.13 23.48
CA ALA K 236 15.97 -54.85 23.10
C ALA K 236 16.95 -53.70 23.29
N PHE K 237 16.68 -52.61 22.60
CA PHE K 237 17.55 -51.41 22.69
C PHE K 237 17.65 -50.84 24.13
N PRO K 238 16.50 -50.66 24.80
CA PRO K 238 16.59 -50.17 26.17
C PRO K 238 17.51 -50.98 27.10
N ILE K 239 17.60 -52.28 26.88
CA ILE K 239 18.52 -53.07 27.74
C ILE K 239 19.97 -52.91 27.26
N MET K 240 20.16 -52.89 25.95
CA MET K 240 21.51 -52.56 25.34
C MET K 240 22.07 -51.29 26.00
N LYS K 241 21.20 -50.29 26.08
CA LYS K 241 21.54 -48.97 26.63
C LYS K 241 22.07 -49.06 28.06
N ARG K 242 21.33 -49.79 28.88
CA ARG K 242 21.69 -49.95 30.28
C ARG K 242 22.98 -50.72 30.45
N LYS K 243 23.14 -51.74 29.63
CA LYS K 243 24.32 -52.61 29.72
C LYS K 243 25.59 -51.84 29.36
N LEU K 244 25.40 -50.82 28.53
CA LEU K 244 26.52 -49.97 28.08
C LEU K 244 27.16 -49.15 29.19
N PHE K 245 26.41 -48.92 30.26
CA PHE K 245 26.94 -48.10 31.38
C PHE K 245 28.00 -48.85 32.15
N ALA K 246 28.12 -50.13 31.86
CA ALA K 246 29.23 -50.93 32.39
C ALA K 246 30.61 -50.32 32.06
N LEU K 247 30.66 -49.55 30.99
CA LEU K 247 31.92 -48.87 30.59
C LEU K 247 32.50 -47.99 31.69
N PHE K 248 31.60 -47.32 32.37
CA PHE K 248 32.00 -46.44 33.48
C PHE K 248 32.24 -47.21 34.78
N MET K 249 31.59 -48.35 34.94
CA MET K 249 31.69 -49.15 36.17
C MET K 249 32.93 -50.05 36.17
N ASN K 250 33.27 -50.61 35.02
CA ASN K 250 34.36 -51.61 34.95
C ASN K 250 35.73 -50.98 34.96
N THR K 251 36.71 -51.85 35.14
CA THR K 251 38.13 -51.51 35.06
C THR K 251 38.77 -52.31 33.93
N TYR K 252 39.79 -51.73 33.31
CA TYR K 252 40.41 -52.31 32.13
C TYR K 252 41.90 -52.24 32.30
N MET K 253 42.63 -53.21 31.75
CA MET K 253 44.10 -53.18 31.83
C MET K 253 44.59 -52.09 30.90
N TYR K 254 45.47 -51.26 31.42
CA TYR K 254 46.11 -50.19 30.66
C TYR K 254 47.41 -49.79 31.34
N LYS K 255 48.51 -49.79 30.60
CA LYS K 255 49.85 -49.56 31.20
C LYS K 255 50.10 -50.36 32.48
N LYS K 256 49.83 -51.65 32.37
CA LYS K 256 50.12 -52.63 33.45
C LYS K 256 49.20 -52.56 34.68
N LYS K 257 48.23 -51.65 34.67
CA LYS K 257 47.31 -51.48 35.80
C LYS K 257 45.84 -51.58 35.40
N GLN K 258 45.02 -52.06 36.33
CA GLN K 258 43.56 -52.04 36.18
C GLN K 258 43.10 -50.62 36.50
N MET K 259 42.58 -49.91 35.50
CA MET K 259 42.14 -48.52 35.68
C MET K 259 40.71 -48.34 35.17
N PHE K 260 40.04 -47.32 35.68
CA PHE K 260 38.70 -46.99 35.20
C PHE K 260 38.81 -46.31 33.82
N LEU K 261 37.75 -46.43 33.02
CA LEU K 261 37.83 -46.00 31.63
C LEU K 261 38.13 -44.52 31.49
N THR K 262 37.47 -43.69 32.31
CA THR K 262 37.64 -42.21 32.21
C THR K 262 39.06 -41.79 32.54
N ASN K 263 39.64 -42.47 33.50
CA ASN K 263 41.04 -42.24 33.88
C ASN K 263 42.01 -42.64 32.78
N ILE K 264 41.74 -43.76 32.15
CA ILE K 264 42.53 -44.22 30.99
C ILE K 264 42.48 -43.13 29.92
N ALA K 265 41.26 -42.72 29.58
CA ALA K 265 41.05 -41.75 28.49
C ALA K 265 41.79 -40.45 28.75
N THR K 266 41.87 -40.06 30.01
CA THR K 266 42.64 -38.88 30.37
C THR K 266 44.13 -39.07 30.06
N ASP K 267 44.71 -40.15 30.56
CA ASP K 267 46.14 -40.40 30.34
C ASP K 267 46.44 -40.60 28.85
N TYR K 268 45.60 -41.40 28.22
CA TYR K 268 45.74 -41.68 26.80
C TYR K 268 45.77 -40.39 26.00
N THR K 269 44.79 -39.54 26.24
CA THR K 269 44.65 -38.27 25.49
C THR K 269 45.83 -37.36 25.71
N LYS K 270 46.18 -37.17 26.97
CA LYS K 270 47.29 -36.27 27.31
C LYS K 270 48.52 -36.69 26.56
N HIS K 271 48.79 -37.97 26.56
CA HIS K 271 50.02 -38.46 25.92
C HIS K 271 49.98 -38.35 24.41
N VAL K 272 48.85 -38.70 23.81
CA VAL K 272 48.70 -38.53 22.35
C VAL K 272 49.02 -37.09 21.97
N VAL K 273 48.47 -36.17 22.74
CA VAL K 273 48.71 -34.75 22.52
C VAL K 273 50.18 -34.38 22.66
N LYS K 274 50.83 -34.93 23.69
CA LYS K 274 52.27 -34.67 23.87
C LYS K 274 53.08 -35.15 22.66
N VAL K 275 52.70 -36.31 22.13
CA VAL K 275 53.39 -36.87 20.96
C VAL K 275 53.13 -36.03 19.71
N LEU K 276 51.91 -35.56 19.55
CA LEU K 276 51.58 -34.66 18.43
C LEU K 276 52.38 -33.36 18.54
N ASN K 277 52.52 -32.88 19.78
CA ASN K 277 53.32 -31.67 20.05
C ASN K 277 54.82 -31.89 19.91
N GLN K 278 55.22 -33.14 19.70
CA GLN K 278 56.66 -33.55 19.60
C GLN K 278 57.42 -33.25 20.89
N GLU K 279 56.72 -33.44 22.00
CA GLU K 279 57.32 -33.32 23.35
C GLU K 279 57.72 -34.70 23.85
N GLU K 280 57.20 -35.72 23.17
CA GLU K 280 57.66 -37.09 23.44
C GLU K 280 57.40 -37.97 22.20
N GLU K 281 58.02 -39.14 22.21
CA GLU K 281 57.88 -40.12 21.13
C GLU K 281 57.10 -41.29 21.68
N GLY K 282 56.34 -41.94 20.82
CA GLY K 282 55.70 -43.17 21.21
C GLY K 282 54.29 -42.96 21.71
N VAL K 283 53.37 -43.20 20.80
CA VAL K 283 51.94 -43.17 21.09
C VAL K 283 51.62 -44.16 22.20
N PRO K 284 50.73 -43.79 23.13
CA PRO K 284 50.34 -44.76 24.14
C PRO K 284 49.48 -45.85 23.54
N GLU K 285 49.52 -47.03 24.13
CA GLU K 285 48.80 -48.19 23.59
C GLU K 285 47.69 -48.64 24.50
N PHE K 286 46.54 -48.88 23.89
CA PHE K 286 45.41 -49.49 24.58
C PHE K 286 44.97 -50.73 23.81
N GLY K 287 44.88 -51.83 24.55
CA GLY K 287 44.41 -53.10 24.00
C GLY K 287 43.35 -53.66 24.91
N ILE K 288 42.39 -54.34 24.31
CA ILE K 288 41.31 -54.97 25.06
C ILE K 288 41.78 -56.32 25.60
N MET L 1 18.30 -13.04 15.43
CA MET L 1 18.40 -13.43 16.88
C MET L 1 17.37 -12.63 17.71
N GLY L 2 17.72 -12.24 18.93
CA GLY L 2 16.84 -11.49 19.81
C GLY L 2 17.33 -10.07 19.97
N TRP L 3 16.65 -9.35 20.84
CA TRP L 3 16.73 -7.89 20.91
C TRP L 3 16.78 -7.26 22.32
N ARG L 4 16.67 -8.06 23.34
CA ARG L 4 16.65 -7.53 24.69
C ARG L 4 17.98 -7.66 25.38
N THR L 5 18.34 -6.63 26.12
CA THR L 5 19.46 -6.70 27.06
C THR L 5 18.94 -6.81 28.48
N VAL L 6 19.16 -7.98 29.06
CA VAL L 6 18.65 -8.31 30.37
C VAL L 6 19.75 -8.09 31.36
N VAL L 7 19.50 -7.19 32.29
CA VAL L 7 20.46 -6.82 33.32
C VAL L 7 19.98 -7.32 34.68
N VAL L 8 20.81 -8.10 35.33
CA VAL L 8 20.45 -8.69 36.61
C VAL L 8 21.37 -8.12 37.66
N ASN L 9 20.80 -7.42 38.63
CA ASN L 9 21.60 -6.96 39.78
C ASN L 9 20.91 -7.11 41.14
N LYS L 10 19.91 -7.97 41.20
CA LYS L 10 19.25 -8.27 42.45
C LYS L 10 19.54 -9.73 42.86
N HIS L 11 19.76 -9.95 44.15
CA HIS L 11 19.89 -11.30 44.72
C HIS L 11 18.76 -12.16 44.16
N SER L 12 19.11 -13.24 43.47
CA SER L 12 18.15 -13.96 42.65
C SER L 12 18.62 -15.33 42.21
N LYS L 13 17.67 -16.14 41.75
CA LYS L 13 17.95 -17.45 41.14
C LYS L 13 17.52 -17.49 39.67
N LEU L 14 18.46 -17.72 38.77
CA LEU L 14 18.16 -17.86 37.36
C LEU L 14 18.09 -19.32 37.00
N SER L 15 17.08 -19.66 36.22
CA SER L 15 16.84 -21.05 35.85
C SER L 15 16.16 -21.09 34.49
N TYR L 16 15.90 -22.29 34.01
CA TYR L 16 15.34 -22.45 32.70
C TYR L 16 14.11 -23.33 32.76
N LYS L 17 13.06 -22.88 32.11
CA LYS L 17 11.84 -23.65 31.95
C LYS L 17 11.10 -23.25 30.66
N ASN L 18 10.71 -24.24 29.89
CA ASN L 18 9.88 -24.04 28.70
C ASN L 18 10.36 -22.93 27.80
N ASN L 19 11.62 -23.00 27.45
CA ASN L 19 12.21 -22.00 26.55
C ASN L 19 12.29 -20.59 27.09
N HIS L 20 12.10 -20.47 28.40
CA HIS L 20 12.16 -19.17 29.06
C HIS L 20 13.33 -19.14 30.00
N LEU L 21 13.90 -17.96 30.12
CA LEU L 21 14.75 -17.62 31.25
C LEU L 21 13.83 -17.36 32.41
N VAL L 22 14.12 -17.96 33.55
CA VAL L 22 13.29 -17.78 34.73
C VAL L 22 14.09 -17.04 35.76
N PHE L 23 13.59 -15.88 36.12
CA PHE L 23 14.19 -15.02 37.12
C PHE L 23 13.35 -15.09 38.38
N LYS L 24 13.93 -15.59 39.47
CA LYS L 24 13.23 -15.65 40.73
C LYS L 24 13.94 -14.83 41.76
N ALA L 25 13.20 -13.92 42.34
CA ALA L 25 13.67 -13.04 43.36
C ALA L 25 12.57 -13.07 44.35
N ILE L 26 12.79 -12.55 45.55
CA ILE L 26 11.72 -12.50 46.51
C ILE L 26 11.02 -11.16 46.41
N ASP L 27 9.71 -11.16 46.27
CA ASP L 27 8.95 -12.32 45.85
C ASP L 27 8.53 -12.14 44.40
N HIS L 28 9.23 -11.26 43.72
CA HIS L 28 9.05 -11.02 42.32
C HIS L 28 9.48 -12.21 41.52
N GLN L 29 8.84 -12.45 40.39
CA GLN L 29 9.29 -13.50 39.47
C GLN L 29 8.96 -13.16 38.02
N GLU L 30 9.92 -13.32 37.14
CA GLU L 30 9.76 -12.94 35.74
C GLU L 30 10.17 -14.08 34.80
N LEU L 31 9.36 -14.34 33.78
CA LEU L 31 9.74 -15.27 32.71
C LEU L 31 10.00 -14.47 31.45
N ILE L 32 11.10 -14.78 30.78
CA ILE L 32 11.48 -14.10 29.54
C ILE L 32 11.86 -15.09 28.47
N HIS L 33 11.18 -15.03 27.34
CA HIS L 33 11.41 -16.03 26.29
C HIS L 33 12.83 -15.87 25.77
N LEU L 34 13.50 -16.98 25.57
CA LEU L 34 14.92 -16.95 25.24
C LEU L 34 15.19 -16.29 23.90
N SER L 35 14.31 -16.55 22.94
CA SER L 35 14.45 -15.97 21.60
C SER L 35 14.38 -14.43 21.60
N GLU L 36 13.86 -13.86 22.66
CA GLU L 36 13.78 -12.38 22.79
C GLU L 36 15.07 -11.74 23.29
N ILE L 37 15.96 -12.57 23.85
CA ILE L 37 17.17 -12.06 24.51
C ILE L 37 18.37 -12.01 23.58
N ASP L 38 19.03 -10.86 23.62
CA ASP L 38 20.28 -10.63 22.89
C ASP L 38 21.46 -10.76 23.84
N VAL L 39 21.36 -10.10 24.97
CA VAL L 39 22.45 -10.07 25.95
C VAL L 39 21.98 -10.29 27.38
N LEU L 40 22.71 -11.12 28.09
CA LEU L 40 22.46 -11.35 29.49
C LEU L 40 23.64 -10.84 30.26
N LEU L 41 23.38 -9.86 31.08
CA LEU L 41 24.44 -9.21 31.83
C LEU L 41 24.21 -9.42 33.32
N LEU L 42 25.16 -10.10 33.95
CA LEU L 42 25.08 -10.47 35.37
C LEU L 42 25.98 -9.59 36.20
N GLU L 43 25.39 -8.50 36.71
CA GLU L 43 26.16 -7.39 37.32
C GLU L 43 26.73 -7.70 38.68
N THR L 44 26.06 -8.55 39.42
CA THR L 44 26.41 -8.73 40.84
C THR L 44 26.82 -10.15 41.13
N THR L 45 27.28 -10.35 42.36
CA THR L 45 27.80 -11.66 42.79
C THR L 45 26.81 -12.44 43.65
N ASP L 46 25.57 -12.00 43.66
CA ASP L 46 24.52 -12.60 44.52
C ASP L 46 23.52 -13.44 43.74
N ILE L 47 23.97 -13.99 42.62
CA ILE L 47 23.05 -14.66 41.66
C ILE L 47 23.39 -16.13 41.49
N SER L 48 22.38 -16.96 41.59
CA SER L 48 22.53 -18.39 41.30
C SER L 48 22.03 -18.62 39.93
N LEU L 49 22.59 -19.61 39.26
CA LEU L 49 22.12 -19.99 37.93
C LEU L 49 22.43 -21.45 37.65
N THR L 50 21.63 -22.07 36.81
CA THR L 50 21.76 -23.48 36.54
C THR L 50 22.56 -23.73 35.25
N THR L 51 23.12 -24.91 35.16
CA THR L 51 23.92 -25.29 33.98
C THR L 51 23.03 -25.60 32.78
N MET L 52 21.79 -26.00 33.05
CA MET L 52 20.77 -26.13 31.96
C MET L 52 20.55 -24.78 31.30
N LEU L 53 20.34 -23.77 32.12
CA LEU L 53 20.15 -22.43 31.62
C LEU L 53 21.34 -22.03 30.75
N LEU L 54 22.54 -22.26 31.26
CA LEU L 54 23.75 -21.89 30.51
C LEU L 54 23.87 -22.62 29.18
N LYS L 55 23.50 -23.88 29.17
CA LYS L 55 23.52 -24.66 27.92
C LYS L 55 22.62 -23.99 26.91
N ARG L 56 21.40 -23.72 27.35
CA ARG L 56 20.35 -23.18 26.48
C ARG L 56 20.69 -21.75 26.02
N LEU L 57 21.34 -20.99 26.90
CA LEU L 57 21.86 -19.67 26.53
C LEU L 57 22.91 -19.78 25.44
N ILE L 58 23.72 -20.80 25.54
CA ILE L 58 24.78 -21.02 24.54
C ILE L 58 24.19 -21.50 23.23
N ASP L 59 23.10 -22.26 23.30
CA ASP L 59 22.39 -22.75 22.11
C ASP L 59 21.89 -21.60 21.27
N GLU L 60 21.07 -20.76 21.90
CA GLU L 60 20.62 -19.49 21.33
C GLU L 60 21.88 -18.74 21.40
N LYS L 61 22.14 -17.73 20.61
CA LYS L 61 23.53 -17.33 20.65
C LYS L 61 23.70 -16.12 21.52
N ILE L 62 23.39 -16.27 22.80
CA ILE L 62 23.22 -15.15 23.69
C ILE L 62 24.51 -14.76 24.37
N LEU L 63 24.84 -13.49 24.28
CA LEU L 63 26.04 -12.94 24.92
C LEU L 63 25.82 -12.90 26.42
N VAL L 64 26.60 -13.68 27.14
CA VAL L 64 26.52 -13.76 28.59
C VAL L 64 27.74 -13.13 29.24
N LEU L 65 27.51 -12.13 30.09
CA LEU L 65 28.62 -11.39 30.72
C LEU L 65 28.64 -11.52 32.21
N PHE L 66 29.83 -11.71 32.72
CA PHE L 66 30.06 -11.87 34.18
C PHE L 66 30.75 -10.67 34.76
N CYS L 67 30.38 -10.34 35.98
CA CYS L 67 30.96 -9.19 36.65
C CYS L 67 31.52 -9.53 38.01
N ASP L 68 32.42 -8.65 38.44
CA ASP L 68 33.04 -8.72 39.76
C ASP L 68 32.25 -7.96 40.85
N ASP L 69 32.92 -7.77 41.98
CA ASP L 69 32.34 -7.18 43.19
C ASP L 69 32.02 -5.74 43.04
N LYS L 70 32.71 -5.09 42.12
CA LYS L 70 32.49 -3.67 41.79
C LYS L 70 31.67 -3.46 40.52
N ARG L 71 30.99 -4.50 40.11
CA ARG L 71 30.10 -4.45 38.92
C ARG L 71 30.76 -4.13 37.58
N LEU L 72 32.07 -4.24 37.54
CA LEU L 72 32.82 -4.25 36.29
C LEU L 72 32.80 -5.62 35.64
N PRO L 73 32.73 -5.69 34.30
CA PRO L 73 32.79 -6.99 33.64
C PRO L 73 34.18 -7.61 33.70
N ILE L 74 34.24 -8.93 33.78
CA ILE L 74 35.51 -9.66 33.93
C ILE L 74 35.64 -10.85 33.02
N GLY L 75 34.52 -11.28 32.45
CA GLY L 75 34.55 -12.35 31.47
C GLY L 75 33.25 -12.61 30.76
N LYS L 76 33.33 -13.55 29.83
CA LYS L 76 32.29 -13.90 28.88
C LYS L 76 32.22 -15.39 28.72
N ILE L 77 31.08 -15.93 28.31
CA ILE L 77 31.06 -17.32 27.84
C ILE L 77 31.53 -17.37 26.41
N LEU L 78 32.38 -18.33 26.12
CA LEU L 78 32.94 -18.52 24.80
C LEU L 78 32.46 -19.84 24.28
N PRO L 79 31.57 -19.81 23.28
CA PRO L 79 31.09 -21.09 22.79
C PRO L 79 32.19 -21.70 21.96
N PHE L 80 32.24 -23.01 21.94
CA PHE L 80 33.24 -23.72 21.15
C PHE L 80 32.79 -23.91 19.72
N TYR L 81 31.49 -23.95 19.51
CA TYR L 81 30.97 -24.42 18.23
C TYR L 81 29.91 -23.50 17.75
N GLY L 82 30.36 -22.39 17.22
CA GLY L 82 29.47 -21.34 16.78
C GLY L 82 28.59 -21.75 15.63
N ARG L 83 29.14 -22.51 14.72
CA ARG L 83 28.53 -22.63 13.43
C ARG L 83 28.11 -24.03 13.08
N HIS L 84 27.18 -24.13 12.15
CA HIS L 84 26.69 -25.41 11.77
C HIS L 84 27.87 -26.20 11.25
N ASP L 85 28.71 -25.55 10.46
CA ASP L 85 29.90 -26.24 9.98
C ASP L 85 31.12 -25.40 10.25
N SER L 86 31.46 -25.34 11.51
CA SER L 86 32.47 -24.45 11.99
C SER L 86 33.74 -24.79 11.25
N SER L 87 33.88 -26.05 10.88
CA SER L 87 35.12 -26.53 10.31
C SER L 87 35.50 -25.84 9.03
N LEU L 88 34.54 -25.55 8.18
CA LEU L 88 34.89 -25.00 6.88
C LEU L 88 35.60 -23.70 7.05
N GLN L 89 35.15 -22.88 7.97
CA GLN L 89 35.77 -21.57 8.14
C GLN L 89 37.15 -21.67 8.79
N LEU L 90 37.30 -22.57 9.74
CA LEU L 90 38.59 -22.77 10.39
C LEU L 90 39.71 -22.95 9.40
N THR L 91 39.50 -23.89 8.48
CA THR L 91 40.51 -24.19 7.45
C THR L 91 40.86 -22.93 6.71
N ARG L 92 39.82 -22.20 6.31
CA ARG L 92 40.00 -20.93 5.57
C ARG L 92 40.78 -19.90 6.38
N GLN L 93 40.46 -19.82 7.65
CA GLN L 93 41.14 -18.85 8.55
C GLN L 93 42.62 -19.17 8.71
N LEU L 94 42.94 -20.45 8.76
CA LEU L 94 44.35 -20.88 8.91
C LEU L 94 45.14 -20.54 7.67
N ALA L 95 44.43 -20.48 6.54
CA ALA L 95 45.01 -20.12 5.24
C ALA L 95 45.07 -18.62 4.92
N TRP L 96 44.63 -17.77 5.83
CA TRP L 96 44.70 -16.32 5.57
C TRP L 96 46.15 -15.94 5.35
N THR L 97 46.41 -15.28 4.23
CA THR L 97 47.78 -14.86 3.86
C THR L 97 48.22 -13.64 4.66
N GLU L 98 49.52 -13.55 4.94
CA GLU L 98 50.03 -12.46 5.78
C GLU L 98 49.79 -11.11 5.09
N GLU L 99 49.83 -11.11 3.77
CA GLU L 99 49.59 -9.86 3.05
C GLU L 99 48.15 -9.41 3.21
N ARG L 100 47.23 -10.33 2.96
CA ARG L 100 45.81 -10.03 3.07
C ARG L 100 45.43 -9.53 4.48
N LYS L 101 45.99 -10.17 5.50
CA LYS L 101 45.78 -9.72 6.90
C LYS L 101 46.26 -8.28 7.10
N GLY L 102 47.43 -7.98 6.58
CA GLY L 102 47.99 -6.61 6.63
C GLY L 102 47.09 -5.57 5.96
N GLN L 103 46.62 -5.91 4.77
CA GLN L 103 45.72 -5.02 4.04
C GLN L 103 44.51 -4.72 4.90
N VAL L 104 43.85 -5.79 5.32
CA VAL L 104 42.60 -5.68 6.07
C VAL L 104 42.80 -4.97 7.40
N TRP L 105 43.80 -5.38 8.15
CA TRP L 105 44.09 -4.75 9.45
C TRP L 105 44.34 -3.25 9.31
N THR L 106 45.16 -2.91 8.33
CA THR L 106 45.50 -1.52 8.11
C THR L 106 44.31 -0.69 7.61
N ALA L 107 43.52 -1.28 6.72
CA ALA L 107 42.24 -0.66 6.28
C ALA L 107 41.39 -0.30 7.47
N ILE L 108 41.32 -1.25 8.40
CA ILE L 108 40.47 -1.15 9.57
C ILE L 108 40.95 -0.03 10.46
N ILE L 109 42.23 -0.04 10.77
CA ILE L 109 42.82 0.98 11.69
C ILE L 109 42.63 2.39 11.10
N ALA L 110 42.75 2.49 9.79
CA ALA L 110 42.45 3.74 9.07
C ALA L 110 41.05 4.24 9.37
N GLN L 111 40.07 3.35 9.28
CA GLN L 111 38.68 3.70 9.65
C GLN L 111 38.58 4.22 11.08
N LYS L 112 39.35 3.61 11.99
CA LYS L 112 39.33 4.03 13.40
C LYS L 112 39.84 5.46 13.50
N ILE L 113 40.99 5.69 12.91
CA ILE L 113 41.61 7.02 12.91
C ILE L 113 40.65 8.05 12.27
N THR L 114 40.07 7.71 11.12
CA THR L 114 39.06 8.57 10.49
C THR L 114 37.94 8.94 11.50
N ASN L 115 37.45 7.94 12.20
CA ASN L 115 36.35 8.15 13.13
C ASN L 115 36.81 8.94 14.35
N GLN L 116 38.04 8.74 14.77
CA GLN L 116 38.62 9.57 15.84
C GLN L 116 38.60 11.03 15.37
N SER L 117 39.03 11.24 14.13
CA SER L 117 39.06 12.61 13.53
C SER L 117 37.66 13.21 13.47
N LEU L 118 36.73 12.47 12.88
CA LEU L 118 35.32 12.92 12.76
C LEU L 118 34.76 13.32 14.11
N HIS L 119 35.11 12.56 15.13
CA HIS L 119 34.69 12.88 16.50
C HIS L 119 35.31 14.19 17.00
N LEU L 120 36.57 14.40 16.68
CA LEU L 120 37.24 15.67 17.03
C LEU L 120 36.56 16.86 16.32
N ALA L 121 36.34 16.68 15.03
CA ALA L 121 35.61 17.67 14.21
C ALA L 121 34.27 18.02 14.86
N GLN L 122 33.54 16.98 15.20
CA GLN L 122 32.27 17.10 15.93
C GLN L 122 32.33 18.02 17.16
N ARG L 123 33.45 18.00 17.87
CA ARG L 123 33.64 18.86 19.07
C ARG L 123 34.34 20.21 18.76
N ASP L 124 34.24 20.64 17.50
CA ASP L 124 34.84 21.91 17.01
C ASP L 124 36.35 22.00 17.23
N TYR L 125 37.04 20.89 17.04
CA TYR L 125 38.51 20.90 16.92
C TYR L 125 38.89 20.66 15.45
N GLY L 126 38.39 21.50 14.55
CA GLY L 126 38.64 21.40 13.10
C GLY L 126 40.11 21.06 12.79
N GLN L 127 40.99 21.63 13.59
CA GLN L 127 42.43 21.61 13.33
C GLN L 127 43.15 20.29 13.63
N LYS L 128 42.95 19.80 14.84
CA LYS L 128 43.55 18.52 15.25
C LYS L 128 42.94 17.36 14.46
N ALA L 129 41.70 17.56 14.01
CA ALA L 129 40.98 16.57 13.16
C ALA L 129 41.71 16.34 11.85
N ALA L 130 42.10 17.43 11.20
CA ALA L 130 42.91 17.38 9.97
C ALA L 130 44.28 16.71 10.25
N ALA L 131 44.82 16.98 11.43
CA ALA L 131 46.11 16.40 11.89
C ALA L 131 46.09 14.88 11.89
N LEU L 132 44.97 14.32 12.36
CA LEU L 132 44.79 12.85 12.39
C LEU L 132 44.69 12.26 10.99
N LEU L 133 43.91 12.91 10.14
CA LEU L 133 43.82 12.54 8.71
C LEU L 133 45.20 12.49 8.04
N ALA L 134 46.08 13.37 8.47
CA ALA L 134 47.48 13.39 8.00
C ALA L 134 48.22 12.12 8.45
N MET L 135 48.08 11.79 9.73
CA MET L 135 48.70 10.56 10.31
C MET L 135 48.18 9.32 9.55
N ARG L 136 46.89 9.33 9.24
CA ARG L 136 46.26 8.26 8.47
C ARG L 136 46.89 8.08 7.08
N ALA L 137 47.11 9.19 6.40
CA ALA L 137 47.67 9.14 5.04
C ALA L 137 49.09 8.55 5.03
N GLU L 138 49.79 8.63 6.15
CA GLU L 138 51.18 8.13 6.29
C GLU L 138 51.26 6.65 6.71
N LEU L 139 50.11 6.02 6.84
CA LEU L 139 50.01 4.65 7.32
C LEU L 139 50.55 3.67 6.30
N ARG L 140 51.39 2.74 6.77
CA ARG L 140 51.86 1.64 5.92
C ARG L 140 51.43 0.33 6.56
N LEU L 141 51.48 -0.77 5.78
CA LEU L 141 51.00 -2.11 6.25
C LEU L 141 51.51 -2.46 7.63
N PHE L 142 50.57 -2.88 8.47
CA PHE L 142 50.84 -3.23 9.88
C PHE L 142 51.41 -2.08 10.74
N ASP L 143 51.27 -0.86 10.25
CA ASP L 143 51.64 0.36 11.00
C ASP L 143 52.93 0.25 11.81
N PRO L 144 54.07 0.08 11.11
CA PRO L 144 55.33 -0.02 11.83
C PRO L 144 55.69 1.26 12.59
N ALA L 145 55.30 2.39 12.01
CA ALA L 145 55.59 3.72 12.58
C ALA L 145 54.82 4.06 13.87
N ASN L 146 53.82 3.24 14.17
CA ASN L 146 52.88 3.50 15.26
C ASN L 146 52.12 4.80 15.10
N ARG L 147 51.63 5.03 13.88
CA ARG L 147 50.76 6.18 13.60
C ARG L 147 49.45 6.09 14.43
N GLU L 148 48.94 4.87 14.56
CA GLU L 148 47.72 4.61 15.38
C GLU L 148 47.88 5.17 16.79
N GLY L 149 49.00 4.83 17.40
CA GLY L 149 49.28 5.20 18.80
C GLY L 149 49.54 6.68 19.00
N HIS L 150 50.20 7.27 18.01
CA HIS L 150 50.44 8.72 17.97
C HIS L 150 49.11 9.49 17.81
N ALA L 151 48.31 9.02 16.87
CA ALA L 151 46.96 9.57 16.64
C ALA L 151 46.11 9.52 17.91
N ALA L 152 46.15 8.39 18.59
CA ALA L 152 45.35 8.18 19.80
C ALA L 152 45.76 9.11 20.94
N ARG L 153 47.07 9.23 21.17
CA ARG L 153 47.60 10.16 22.23
C ARG L 153 47.08 11.58 22.04
N SER L 154 47.22 12.03 20.80
CA SER L 154 46.79 13.37 20.39
C SER L 154 45.30 13.53 20.61
N TYR L 155 44.55 12.61 20.03
CA TYR L 155 43.06 12.53 20.13
C TYR L 155 42.59 12.68 21.57
N PHE L 156 43.13 11.85 22.43
CA PHE L 156 42.74 11.88 23.84
C PHE L 156 43.18 13.15 24.59
N ASN L 157 44.35 13.70 24.27
CA ASN L 157 44.81 14.94 24.95
C ASN L 157 43.90 16.08 24.59
N THR L 158 43.55 16.11 23.31
CA THR L 158 42.63 17.14 22.81
C THR L 158 41.27 17.09 23.47
N LEU L 159 40.78 15.90 23.68
CA LEU L 159 39.46 15.70 24.27
C LEU L 159 39.45 15.96 25.76
N PHE L 160 40.44 15.44 26.47
CA PHE L 160 40.44 15.48 27.95
C PHE L 160 41.61 16.27 28.57
N GLY L 161 42.29 17.04 27.74
CA GLY L 161 43.37 17.91 28.19
C GLY L 161 44.72 17.25 28.13
N ASN L 162 45.76 18.07 28.06
CA ASN L 162 47.09 17.52 28.18
C ASN L 162 47.08 17.21 29.67
N ASP L 163 47.98 16.35 30.06
CA ASP L 163 47.99 15.77 31.43
C ASP L 163 46.99 14.65 31.65
N PHE L 164 46.15 14.36 30.65
CA PHE L 164 45.33 13.14 30.64
C PHE L 164 46.08 12.08 29.84
N THR L 165 46.20 10.91 30.43
CA THR L 165 46.64 9.70 29.71
C THR L 165 45.73 8.51 30.06
N ARG L 166 46.02 7.36 29.45
CA ARG L 166 45.67 6.07 30.02
C ARG L 166 46.85 5.12 30.19
N GLU L 167 47.00 4.51 31.35
CA GLU L 167 46.03 4.59 32.42
C GLU L 167 46.07 5.91 33.10
N GLN L 168 44.92 6.36 33.56
CA GLN L 168 44.90 7.51 34.38
C GLN L 168 44.39 7.16 35.75
N GLU L 169 43.67 6.06 35.86
CA GLU L 169 42.98 5.78 37.10
C GLU L 169 41.95 6.86 37.47
N ASN L 170 41.07 7.20 36.54
CA ASN L 170 40.03 8.17 36.79
C ASN L 170 38.70 7.74 36.21
N ASP L 171 37.59 8.27 36.71
CA ASP L 171 36.27 7.92 36.17
C ASP L 171 36.21 7.85 34.63
N ILE L 172 36.95 8.70 33.95
CA ILE L 172 36.87 8.75 32.47
C ILE L 172 37.42 7.49 31.84
N ASN L 173 38.56 7.03 32.35
CA ASN L 173 39.20 5.80 31.83
C ASN L 173 38.38 4.58 32.16
N ALA L 174 37.91 4.54 33.40
CA ALA L 174 37.01 3.46 33.86
C ALA L 174 35.83 3.29 32.90
N GLY L 175 35.25 4.42 32.55
CA GLY L 175 34.11 4.47 31.62
C GLY L 175 34.47 4.02 30.23
N LEU L 176 35.61 4.50 29.76
CA LEU L 176 36.11 4.09 28.45
C LEU L 176 36.35 2.59 28.39
N ASN L 177 37.04 2.11 29.41
CA ASN L 177 37.40 0.70 29.50
C ASN L 177 36.18 -0.18 29.49
N TYR L 178 35.21 0.22 30.29
CA TYR L 178 33.94 -0.51 30.40
C TYR L 178 33.25 -0.60 29.05
N GLY L 179 33.14 0.54 28.42
CA GLY L 179 32.50 0.61 27.10
C GLY L 179 33.22 -0.24 26.07
N TYR L 180 34.54 -0.17 26.10
CA TYR L 180 35.36 -0.97 25.17
C TYR L 180 35.19 -2.47 25.34
N THR L 181 35.04 -2.89 26.59
CA THR L 181 34.77 -4.30 26.85
C THR L 181 33.43 -4.74 26.28
N LEU L 182 32.42 -3.88 26.38
CA LEU L 182 31.10 -4.23 25.80
C LEU L 182 31.28 -4.52 24.33
N LEU L 183 31.96 -3.61 23.66
CA LEU L 183 32.23 -3.76 22.22
C LEU L 183 33.00 -5.03 21.92
N LEU L 184 34.04 -5.28 22.70
CA LEU L 184 34.85 -6.48 22.54
C LEU L 184 33.98 -7.75 22.51
N SER L 185 33.08 -7.82 23.47
CA SER L 185 32.20 -8.97 23.60
C SER L 185 31.27 -9.14 22.40
N ILE L 186 30.79 -8.04 21.85
CA ILE L 186 29.89 -8.12 20.70
C ILE L 186 30.58 -8.78 19.54
N PHE L 187 31.82 -8.38 19.32
CA PHE L 187 32.55 -8.85 18.14
C PHE L 187 33.15 -10.23 18.37
N ALA L 188 33.47 -10.52 19.61
CA ALA L 188 33.92 -11.87 19.97
C ALA L 188 32.82 -12.90 19.62
N ARG L 189 31.62 -12.56 20.00
CA ARG L 189 30.46 -13.39 19.70
C ARG L 189 30.29 -13.58 18.20
N GLU L 190 30.33 -12.48 17.47
CA GLU L 190 30.09 -12.52 16.00
C GLU L 190 31.12 -13.34 15.24
N LEU L 191 32.36 -13.26 15.71
CA LEU L 191 33.46 -13.99 15.09
C LEU L 191 33.28 -15.50 15.23
N VAL L 192 33.01 -15.92 16.45
CA VAL L 192 32.75 -17.32 16.73
C VAL L 192 31.59 -17.85 15.91
N GLN L 193 30.59 -17.02 15.73
CA GLN L 193 29.41 -17.34 14.93
C GLN L 193 29.72 -17.62 13.47
N THR L 194 30.73 -16.95 12.93
CA THR L 194 31.16 -17.19 11.53
C THR L 194 32.09 -18.38 11.41
N GLY L 195 32.59 -18.86 12.55
CA GLY L 195 33.43 -20.07 12.56
C GLY L 195 34.89 -19.78 12.77
N CYS L 196 35.20 -18.56 13.17
CA CYS L 196 36.58 -18.15 13.34
C CYS L 196 36.99 -18.32 14.78
N PHE L 197 38.28 -18.41 15.00
CA PHE L 197 38.80 -18.38 16.33
C PHE L 197 39.15 -16.95 16.62
N THR L 198 38.86 -16.49 17.82
CA THR L 198 39.19 -15.11 18.20
C THR L 198 40.60 -14.91 18.73
N GLN L 199 41.26 -16.02 18.97
CA GLN L 199 42.58 -15.97 19.57
C GLN L 199 43.54 -15.44 18.53
N LEU L 200 43.21 -15.65 17.25
CA LEU L 200 44.15 -15.42 16.15
C LEU L 200 43.97 -14.09 15.46
N GLY L 201 44.63 -13.08 16.02
CA GLY L 201 44.52 -11.72 15.54
C GLY L 201 45.26 -11.55 14.24
N LEU L 202 45.00 -10.44 13.60
CA LEU L 202 45.63 -10.16 12.31
C LEU L 202 47.09 -9.74 12.52
N LYS L 203 47.36 -8.95 13.54
CA LYS L 203 48.72 -8.44 13.75
C LYS L 203 49.48 -9.27 14.76
N HIS L 204 48.92 -9.51 15.92
CA HIS L 204 49.64 -10.24 16.96
C HIS L 204 49.25 -11.66 17.20
N ALA L 205 48.37 -12.22 16.37
CA ALA L 205 47.91 -13.58 16.57
C ALA L 205 47.46 -13.68 18.02
N ASN L 206 47.89 -14.69 18.77
CA ASN L 206 47.42 -14.83 20.15
C ASN L 206 48.49 -14.64 21.17
N GLN L 207 49.40 -13.73 20.93
CA GLN L 207 50.53 -13.56 21.83
C GLN L 207 50.13 -13.14 23.23
N PHE L 208 49.23 -12.19 23.33
CA PHE L 208 48.88 -11.61 24.63
C PHE L 208 47.54 -12.10 25.21
N ASN L 209 46.54 -12.05 24.35
CA ASN L 209 45.12 -12.21 24.69
C ASN L 209 44.56 -13.38 23.97
N ASP L 210 43.45 -13.88 24.46
CA ASP L 210 42.64 -14.85 23.71
C ASP L 210 41.55 -14.22 22.80
N PHE L 211 41.50 -12.90 22.73
CA PHE L 211 40.48 -12.20 21.93
C PHE L 211 41.05 -11.16 21.00
N ASN L 212 42.30 -11.35 20.64
CA ASN L 212 42.99 -10.44 19.73
C ASN L 212 42.21 -10.08 18.48
N LEU L 213 41.59 -11.07 17.87
CA LEU L 213 40.91 -10.85 16.59
C LEU L 213 39.68 -9.97 16.79
N ALA L 214 39.03 -10.16 17.92
CA ALA L 214 37.90 -9.30 18.28
C ALA L 214 38.35 -7.86 18.52
N SER L 215 39.49 -7.68 19.21
CA SER L 215 40.02 -6.31 19.46
C SER L 215 40.32 -5.63 18.08
N ASP L 216 40.84 -6.39 17.14
CA ASP L 216 41.14 -5.89 15.82
C ASP L 216 39.87 -5.38 15.13
N LEU L 217 38.83 -6.19 15.13
CA LEU L 217 37.57 -5.85 14.44
C LEU L 217 36.78 -4.70 15.05
N MET L 218 36.86 -4.54 16.36
CA MET L 218 36.11 -3.49 17.08
C MET L 218 36.70 -2.10 16.94
N GLU L 219 37.90 -2.02 16.38
CA GLU L 219 38.67 -0.75 16.36
C GLU L 219 37.87 0.48 15.84
N PRO L 220 37.19 0.36 14.69
CA PRO L 220 36.49 1.52 14.18
C PRO L 220 35.33 1.96 15.01
N PHE L 221 34.88 1.09 15.90
CA PHE L 221 33.70 1.36 16.73
C PHE L 221 34.03 2.05 18.04
N ARG L 222 35.31 2.09 18.39
CA ARG L 222 35.73 2.69 19.68
C ARG L 222 35.20 4.11 19.90
N PRO L 223 35.26 4.97 18.87
CA PRO L 223 34.73 6.32 19.05
C PRO L 223 33.26 6.41 19.47
N LEU L 224 32.47 5.40 19.15
CA LEU L 224 31.06 5.35 19.65
C LEU L 224 31.01 5.44 21.17
N VAL L 225 31.89 4.71 21.83
CA VAL L 225 32.06 4.77 23.28
C VAL L 225 32.66 6.13 23.67
N ASP L 226 33.68 6.56 22.95
CA ASP L 226 34.36 7.82 23.23
C ASP L 226 33.36 8.98 23.26
N GLN L 227 32.49 9.03 22.26
CA GLN L 227 31.43 10.05 22.19
C GLN L 227 30.63 10.10 23.47
N ILE L 228 30.13 8.94 23.87
CA ILE L 228 29.25 8.83 25.03
C ILE L 228 29.97 9.29 26.29
N ILE L 229 31.19 8.80 26.50
CA ILE L 229 31.97 9.14 27.70
C ILE L 229 32.32 10.64 27.71
N TYR L 230 32.69 11.14 26.55
CA TYR L 230 32.94 12.57 26.42
C TYR L 230 31.74 13.42 26.85
N GLU L 231 30.57 13.08 26.31
CA GLU L 231 29.33 13.79 26.64
C GLU L 231 28.95 13.68 28.12
N ASN L 232 29.44 12.66 28.82
CA ASN L 232 29.23 12.50 30.26
C ASN L 232 30.51 12.56 31.08
N ARG L 233 31.47 13.35 30.61
CA ARG L 233 32.82 13.32 31.19
C ARG L 233 32.85 13.87 32.61
N LYS L 234 31.85 14.67 32.93
CA LYS L 234 31.72 15.30 34.26
C LYS L 234 30.83 14.53 35.23
N GLU L 235 30.24 13.47 34.72
CA GLU L 235 29.36 12.62 35.52
C GLU L 235 30.13 11.61 36.34
N ALA L 236 29.41 10.98 37.25
CA ALA L 236 29.95 9.87 38.05
C ALA L 236 30.00 8.62 37.21
N PHE L 237 30.83 7.67 37.64
CA PHE L 237 31.01 6.42 36.88
C PHE L 237 29.70 5.64 36.73
N PRO L 238 28.96 5.44 37.82
CA PRO L 238 27.69 4.73 37.67
C PRO L 238 26.75 5.31 36.62
N ILE L 239 26.79 6.61 36.41
CA ILE L 239 25.95 7.23 35.36
C ILE L 239 26.55 6.93 33.97
N MET L 240 27.87 7.10 33.86
CA MET L 240 28.63 6.77 32.62
C MET L 240 28.21 5.36 32.15
N LYS L 241 28.20 4.45 33.10
CA LYS L 241 27.90 3.05 32.87
C LYS L 241 26.52 2.88 32.24
N ARG L 242 25.54 3.54 32.83
CA ARG L 242 24.14 3.41 32.40
C ARG L 242 23.98 4.04 31.04
N LYS L 243 24.67 5.14 30.82
CA LYS L 243 24.57 5.87 29.54
C LYS L 243 25.15 5.06 28.39
N LEU L 244 26.10 4.21 28.74
CA LEU L 244 26.77 3.35 27.75
C LEU L 244 25.86 2.29 27.15
N PHE L 245 24.78 1.96 27.85
CA PHE L 245 23.84 0.96 27.34
C PHE L 245 23.06 1.49 26.16
N ALA L 246 23.13 2.79 25.94
CA ALA L 246 22.60 3.41 24.73
C ALA L 246 23.12 2.72 23.46
N LEU L 247 24.30 2.10 23.55
CA LEU L 247 24.92 1.39 22.41
C LEU L 247 24.03 0.29 21.86
N PHE L 248 23.37 -0.39 22.78
CA PHE L 248 22.42 -1.45 22.42
C PHE L 248 21.05 -0.92 22.03
N MET L 249 20.66 0.23 22.57
CA MET L 249 19.31 0.69 22.26
C MET L 249 19.26 1.68 21.07
N ASN L 250 20.35 2.36 20.76
CA ASN L 250 20.38 3.29 19.63
C ASN L 250 20.63 2.64 18.30
N THR L 251 20.42 3.45 17.28
CA THR L 251 20.61 3.08 15.92
C THR L 251 21.70 3.99 15.31
N TYR L 252 22.47 3.43 14.39
CA TYR L 252 23.59 4.13 13.76
C TYR L 252 23.53 3.97 12.25
N MET L 253 24.00 4.98 11.52
CA MET L 253 24.05 4.87 10.06
C MET L 253 25.15 3.89 9.69
N TYR L 254 24.79 2.95 8.83
CA TYR L 254 25.73 1.98 8.30
C TYR L 254 25.19 1.46 6.97
N LYS L 255 26.00 1.53 5.92
CA LYS L 255 25.55 1.12 4.57
C LYS L 255 24.21 1.74 4.21
N LYS L 256 24.16 3.05 4.39
CA LYS L 256 23.01 3.88 3.98
C LYS L 256 21.75 3.69 4.84
N LYS L 257 21.81 2.85 5.87
CA LYS L 257 20.64 2.55 6.71
C LYS L 257 20.90 2.75 8.19
N GLN L 258 19.86 3.12 8.91
CA GLN L 258 19.88 3.18 10.38
C GLN L 258 19.69 1.78 10.92
N MET L 259 20.73 1.26 11.54
CA MET L 259 20.71 -0.14 12.03
C MET L 259 21.13 -0.20 13.49
N PHE L 260 20.71 -1.27 14.17
CA PHE L 260 21.12 -1.46 15.56
C PHE L 260 22.56 -1.95 15.59
N LEU L 261 23.26 -1.66 16.68
CA LEU L 261 24.73 -1.88 16.71
C LEU L 261 25.12 -3.33 16.55
N THR L 262 24.38 -4.19 17.21
CA THR L 262 24.65 -5.61 17.13
C THR L 262 24.49 -6.17 15.69
N ASN L 263 23.48 -5.68 15.00
CA ASN L 263 23.25 -6.04 13.59
C ASN L 263 24.31 -5.54 12.66
N ILE L 264 24.77 -4.33 12.91
CA ILE L 264 25.92 -3.78 12.18
C ILE L 264 27.11 -4.70 12.39
N ALA L 265 27.40 -4.99 13.65
CA ALA L 265 28.57 -5.81 14.00
C ALA L 265 28.54 -7.17 13.32
N THR L 266 27.35 -7.73 13.17
CA THR L 266 27.19 -8.98 12.43
C THR L 266 27.57 -8.83 10.96
N ASP L 267 26.97 -7.87 10.28
CA ASP L 267 27.27 -7.66 8.86
C ASP L 267 28.74 -7.30 8.65
N TYR L 268 29.21 -6.37 9.47
CA TYR L 268 30.61 -5.91 9.41
C TYR L 268 31.57 -7.07 9.51
N THR L 269 31.38 -7.87 10.55
CA THR L 269 32.24 -9.02 10.81
C THR L 269 32.20 -10.00 9.65
N LYS L 270 31.02 -10.37 9.23
CA LYS L 270 30.86 -11.37 8.15
C LYS L 270 31.60 -10.94 6.90
N HIS L 271 31.48 -9.67 6.56
CA HIS L 271 32.16 -9.17 5.34
C HIS L 271 33.71 -9.06 5.51
N VAL L 272 34.17 -8.58 6.65
CA VAL L 272 35.60 -8.58 6.94
C VAL L 272 36.16 -9.98 6.74
N VAL L 273 35.46 -10.96 7.30
CA VAL L 273 35.85 -12.37 7.15
C VAL L 273 35.87 -12.80 5.67
N LYS L 274 34.86 -12.41 4.91
CA LYS L 274 34.82 -12.74 3.47
C LYS L 274 36.01 -12.16 2.71
N VAL L 275 36.36 -10.93 3.02
CA VAL L 275 37.54 -10.30 2.38
C VAL L 275 38.89 -10.95 2.85
N LEU L 276 38.98 -11.33 4.12
CA LEU L 276 40.14 -12.11 4.56
C LEU L 276 40.21 -13.46 3.81
N ASN L 277 39.07 -14.09 3.62
CA ASN L 277 38.99 -15.36 2.90
C ASN L 277 39.27 -15.21 1.41
N GLN L 278 39.39 -13.98 0.96
CA GLN L 278 39.55 -13.63 -0.48
C GLN L 278 38.35 -14.09 -1.34
N GLU L 279 37.16 -13.99 -0.76
CA GLU L 279 35.90 -14.27 -1.47
C GLU L 279 35.32 -12.97 -1.99
N GLU L 280 35.82 -11.88 -1.48
CA GLU L 280 35.46 -10.56 -2.01
C GLU L 280 36.56 -9.56 -1.72
N GLU L 281 36.47 -8.42 -2.40
CA GLU L 281 37.43 -7.33 -2.23
C GLU L 281 36.69 -6.19 -1.57
N GLY L 282 37.40 -5.44 -0.77
CA GLY L 282 36.83 -4.23 -0.23
C GLY L 282 36.27 -4.46 1.14
N VAL L 283 37.07 -4.08 2.11
CA VAL L 283 36.64 -4.09 3.51
C VAL L 283 35.38 -3.23 3.67
N PRO L 284 34.38 -3.67 4.47
CA PRO L 284 33.25 -2.79 4.75
C PRO L 284 33.66 -1.59 5.58
N GLU L 285 32.95 -0.48 5.41
CA GLU L 285 33.29 0.77 6.10
C GLU L 285 32.24 1.15 7.12
N PHE L 286 32.71 1.49 8.31
CA PHE L 286 31.86 2.05 9.35
C PHE L 286 32.45 3.39 9.74
N GLY L 287 31.59 4.39 9.64
CA GLY L 287 31.94 5.74 10.01
C GLY L 287 30.86 6.28 10.91
N ILE L 288 31.29 7.06 11.87
CA ILE L 288 30.38 7.65 12.84
C ILE L 288 29.77 8.89 12.21
N TYR M 5 -13.43 1.74 7.18
CA TYR M 5 -14.12 0.82 8.14
C TYR M 5 -13.07 0.34 9.08
N MET M 6 -13.50 0.03 10.29
CA MET M 6 -12.63 -0.65 11.26
C MET M 6 -13.42 -1.59 12.13
N ARG M 7 -12.69 -2.30 12.96
CA ARG M 7 -13.28 -3.29 13.87
C ARG M 7 -12.84 -3.03 15.28
N LEU M 8 -13.79 -3.14 16.19
CA LEU M 8 -13.52 -2.98 17.60
C LEU M 8 -13.62 -4.37 18.14
N LEU M 9 -12.52 -4.81 18.74
CA LEU M 9 -12.44 -6.15 19.28
C LEU M 9 -12.51 -6.03 20.80
N LEU M 10 -13.45 -6.76 21.37
CA LEU M 10 -13.70 -6.71 22.80
C LEU M 10 -13.63 -8.10 23.38
N MET M 11 -12.85 -8.21 24.43
CA MET M 11 -12.57 -9.50 25.04
C MET M 11 -12.87 -9.36 26.49
N PHE M 12 -13.42 -10.40 27.09
CA PHE M 12 -13.61 -10.39 28.53
C PHE M 12 -13.41 -11.71 29.27
N ASP M 13 -12.96 -11.55 30.51
CA ASP M 13 -13.07 -12.58 31.55
C ASP M 13 -13.74 -11.91 32.74
N MET M 14 -14.93 -12.38 33.05
CA MET M 14 -15.78 -11.77 34.07
C MET M 14 -16.12 -12.84 35.10
N PRO M 15 -15.99 -12.49 36.39
CA PRO M 15 -16.30 -13.36 37.50
C PRO M 15 -17.75 -13.82 37.52
N THR M 16 -17.95 -14.97 38.14
CA THR M 16 -19.26 -15.60 38.25
C THR M 16 -19.59 -16.06 39.70
N ASP M 17 -18.73 -15.70 40.66
CA ASP M 17 -18.85 -16.22 42.05
C ASP M 17 -20.22 -15.86 42.66
N THR M 18 -20.48 -14.56 42.78
CA THR M 18 -21.70 -14.02 43.40
C THR M 18 -22.90 -13.86 42.43
N ALA M 19 -24.08 -13.58 42.98
CA ALA M 19 -25.32 -13.40 42.19
C ALA M 19 -25.28 -12.11 41.41
N SER M 20 -24.64 -11.12 42.03
CA SER M 20 -24.65 -9.75 41.50
C SER M 20 -23.68 -9.65 40.38
N ASP M 21 -22.58 -10.39 40.48
CA ASP M 21 -21.61 -10.31 39.37
C ASP M 21 -22.02 -11.22 38.19
N ARG M 22 -22.85 -12.24 38.44
CA ARG M 22 -23.57 -12.96 37.35
C ARG M 22 -24.58 -12.06 36.62
N LYS M 23 -25.40 -11.37 37.39
CA LYS M 23 -26.31 -10.38 36.84
C LYS M 23 -25.55 -9.32 36.04
N ALA M 24 -24.43 -8.89 36.61
CA ALA M 24 -23.65 -7.81 36.02
C ALA M 24 -23.18 -8.21 34.61
N TYR M 25 -22.85 -9.49 34.51
CA TYR M 25 -22.42 -10.11 33.27
C TYR M 25 -23.55 -10.15 32.26
N ARG M 26 -24.65 -10.77 32.67
CA ARG M 26 -25.81 -10.92 31.77
C ARG M 26 -26.24 -9.56 31.18
N LYS M 27 -26.20 -8.53 32.02
CA LYS M 27 -26.54 -7.18 31.59
C LYS M 27 -25.56 -6.66 30.53
N PHE M 28 -24.28 -6.89 30.79
CA PHE M 28 -23.23 -6.38 29.91
C PHE M 28 -23.29 -7.09 28.57
N ARG M 29 -23.54 -8.39 28.62
CA ARG M 29 -23.61 -9.14 27.36
C ARG M 29 -24.81 -8.69 26.57
N LYS M 30 -25.92 -8.51 27.26
CA LYS M 30 -27.12 -8.02 26.62
C LYS M 30 -26.78 -6.73 25.90
N PHE M 31 -26.03 -5.86 26.58
CA PHE M 31 -25.65 -4.55 26.01
C PHE M 31 -24.90 -4.73 24.73
N LEU M 32 -23.93 -5.64 24.76
CA LEU M 32 -23.07 -5.92 23.61
C LEU M 32 -23.89 -6.38 22.44
N ILE M 33 -24.78 -7.34 22.67
CA ILE M 33 -25.61 -7.84 21.58
C ILE M 33 -26.45 -6.74 20.97
N ASN M 34 -27.07 -5.96 21.84
CA ASN M 34 -27.93 -4.87 21.39
C ASN M 34 -27.19 -3.79 20.63
N GLU M 35 -25.92 -3.62 20.94
CA GLU M 35 -25.10 -2.63 20.27
C GLU M 35 -24.59 -3.16 18.93
N GLY M 36 -24.83 -4.43 18.68
CA GLY M 36 -24.52 -5.03 17.39
C GLY M 36 -23.18 -5.70 17.35
N PHE M 37 -22.59 -5.94 18.52
CA PHE M 37 -21.39 -6.75 18.60
C PHE M 37 -21.77 -8.14 18.22
N ILE M 38 -20.80 -8.87 17.70
CA ILE M 38 -21.01 -10.23 17.31
C ILE M 38 -19.98 -11.22 17.91
N MET M 39 -20.43 -12.39 18.36
CA MET M 39 -19.56 -13.39 19.05
C MET M 39 -18.64 -14.06 18.06
N HIS M 40 -17.36 -13.78 18.14
CA HIS M 40 -16.36 -14.45 17.30
C HIS M 40 -15.99 -15.76 17.96
N GLN M 41 -15.68 -15.65 19.25
CA GLN M 41 -15.43 -16.80 20.11
C GLN M 41 -16.01 -16.49 21.49
N PHE M 42 -15.96 -17.46 22.40
CA PHE M 42 -16.61 -17.30 23.69
C PHE M 42 -15.85 -16.21 24.42
N SER M 43 -16.54 -15.22 24.98
CA SER M 43 -15.87 -14.17 25.74
C SER M 43 -15.15 -13.17 24.80
N VAL M 44 -15.26 -13.39 23.50
CA VAL M 44 -14.63 -12.52 22.49
C VAL M 44 -15.56 -12.04 21.38
N TYR M 45 -15.72 -10.71 21.31
CA TYR M 45 -16.74 -10.06 20.48
C TYR M 45 -16.16 -8.97 19.62
N SER M 46 -16.75 -8.78 18.45
CA SER M 46 -16.26 -7.79 17.48
C SER M 46 -17.41 -6.94 16.97
N LYS M 47 -17.10 -5.69 16.68
CA LYS M 47 -18.09 -4.74 16.20
C LYS M 47 -17.54 -3.99 15.03
N ILE M 48 -18.26 -4.03 13.91
CA ILE M 48 -17.88 -3.25 12.74
C ILE M 48 -18.34 -1.78 12.88
N LEU M 49 -17.46 -0.85 12.57
CA LEU M 49 -17.69 0.59 12.71
C LEU M 49 -17.24 1.31 11.45
N LEU M 50 -17.91 2.41 11.11
CA LEU M 50 -17.64 3.12 9.84
C LEU M 50 -16.41 3.99 9.94
N ASN M 51 -16.38 4.84 10.94
CA ASN M 51 -15.40 5.91 11.05
C ASN M 51 -14.83 5.93 12.41
N ASP M 52 -13.85 6.80 12.63
CA ASP M 52 -13.33 7.05 13.98
C ASP M 52 -14.36 7.82 14.79
N THR M 53 -15.19 8.60 14.11
CA THR M 53 -16.27 9.32 14.81
C THR M 53 -17.16 8.33 15.55
N ALA M 54 -17.60 7.30 14.82
CA ALA M 54 -18.48 6.25 15.35
C ALA M 54 -17.81 5.47 16.47
N ASN M 55 -16.51 5.29 16.32
CA ASN M 55 -15.70 4.59 17.29
C ASN M 55 -15.64 5.34 18.64
N LYS M 56 -15.35 6.64 18.59
CA LYS M 56 -15.29 7.48 19.82
C LYS M 56 -16.62 7.40 20.56
N ALA M 57 -17.69 7.42 19.77
CA ALA M 57 -19.05 7.36 20.30
C ALA M 57 -19.32 6.03 20.98
N MET M 58 -18.85 4.93 20.40
CA MET M 58 -19.08 3.59 20.97
C MET M 58 -18.28 3.42 22.26
N LEU M 59 -17.04 3.87 22.21
CA LEU M 59 -16.23 3.91 23.42
C LEU M 59 -17.00 4.56 24.54
N ALA M 60 -17.58 5.71 24.21
CA ALA M 60 -18.31 6.52 25.21
C ALA M 60 -19.45 5.69 25.81
N ARG M 61 -20.20 5.01 24.93
CA ARG M 61 -21.30 4.18 25.37
C ARG M 61 -20.77 3.03 26.23
N LEU M 62 -19.59 2.54 25.91
CA LEU M 62 -19.01 1.42 26.65
C LEU M 62 -18.68 1.80 28.08
N LYS M 63 -18.13 3.00 28.26
CA LYS M 63 -17.79 3.47 29.62
C LYS M 63 -19.08 3.67 30.43
N GLN M 64 -20.15 4.04 29.74
CA GLN M 64 -21.45 4.25 30.37
C GLN M 64 -22.03 2.95 30.94
N ASN M 65 -21.71 1.85 30.28
CA ASN M 65 -22.27 0.57 30.67
C ASN M 65 -21.20 -0.37 31.18
N ASN M 66 -20.07 0.21 31.52
CA ASN M 66 -19.07 -0.52 32.22
C ASN M 66 -19.70 -1.29 33.39
N PRO M 67 -19.64 -2.63 33.37
CA PRO M 67 -19.97 -3.34 34.58
C PRO M 67 -18.72 -2.96 35.34
N GLN M 68 -18.54 -3.20 36.61
CA GLN M 68 -17.28 -2.75 37.16
C GLN M 68 -16.54 -4.01 37.51
N ARG M 69 -16.62 -5.04 36.69
CA ARG M 69 -16.18 -6.38 37.13
C ARG M 69 -15.24 -7.00 36.10
N GLY M 70 -14.30 -7.82 36.60
CA GLY M 70 -13.47 -8.66 35.75
C GLY M 70 -12.49 -7.89 34.92
N LEU M 71 -12.02 -8.56 33.87
CA LEU M 71 -11.07 -7.99 32.96
C LEU M 71 -11.77 -7.82 31.64
N ILE M 72 -11.80 -6.58 31.16
CA ILE M 72 -12.50 -6.27 29.92
C ILE M 72 -11.69 -5.33 29.10
N THR M 73 -11.42 -5.73 27.87
CA THR M 73 -10.32 -5.13 27.09
C THR M 73 -10.75 -4.87 25.65
N LEU M 74 -10.28 -3.77 25.09
CA LEU M 74 -10.71 -3.34 23.74
C LEU M 74 -9.52 -3.06 22.86
N LEU M 75 -9.65 -3.42 21.60
CA LEU M 75 -8.59 -3.27 20.63
C LEU M 75 -9.18 -2.79 19.32
N ASN M 76 -8.65 -1.72 18.78
CA ASN M 76 -9.04 -1.27 17.45
C ASN M 76 -8.18 -1.93 16.38
N VAL M 77 -8.81 -2.47 15.35
CA VAL M 77 -8.17 -3.36 14.36
C VAL M 77 -8.63 -3.00 12.99
N THR M 78 -7.73 -2.85 12.03
CA THR M 78 -8.13 -2.31 10.73
C THR M 78 -8.90 -3.36 10.00
N GLU M 79 -9.83 -2.93 9.12
CA GLU M 79 -10.65 -3.91 8.38
C GLU M 79 -9.74 -4.85 7.63
N LYS M 80 -8.66 -4.28 7.14
CA LYS M 80 -7.68 -5.04 6.38
C LYS M 80 -7.07 -6.16 7.21
N GLN M 81 -6.69 -5.85 8.46
CA GLN M 81 -6.13 -6.86 9.38
C GLN M 81 -7.15 -7.93 9.65
N PHE M 82 -8.34 -7.51 10.03
CA PHE M 82 -9.41 -8.42 10.34
C PHE M 82 -9.67 -9.33 9.14
N SER M 83 -9.67 -8.77 7.93
CA SER M 83 -9.91 -9.58 6.74
C SER M 83 -8.78 -10.60 6.48
N ARG M 84 -7.56 -10.25 6.92
CA ARG M 84 -6.38 -11.15 6.81
C ARG M 84 -6.31 -12.17 7.93
N MET M 85 -7.33 -12.20 8.79
CA MET M 85 -7.33 -13.12 9.93
C MET M 85 -7.10 -14.51 9.39
N ILE M 86 -6.26 -15.27 10.07
CA ILE M 86 -5.98 -16.63 9.65
C ILE M 86 -6.72 -17.65 10.50
N TYR M 87 -7.51 -18.47 9.82
CA TYR M 87 -8.22 -19.56 10.47
C TYR M 87 -7.30 -20.76 10.42
N LEU M 88 -6.52 -20.92 11.46
CA LEU M 88 -5.68 -22.11 11.62
C LEU M 88 -6.54 -23.38 11.65
N HIS M 89 -7.75 -23.31 12.18
CA HIS M 89 -8.70 -24.41 12.10
C HIS M 89 -10.08 -23.97 12.50
N GLY M 90 -11.09 -24.63 11.93
CA GLY M 90 -12.49 -24.23 12.10
C GLY M 90 -12.93 -23.40 10.90
N GLU M 91 -14.25 -23.24 10.73
CA GLU M 91 -14.74 -22.63 9.50
C GLU M 91 -14.94 -21.14 9.66
N GLN M 92 -14.79 -20.44 8.55
CA GLN M 92 -14.95 -19.00 8.52
C GLN M 92 -16.38 -18.61 8.83
N ASP M 93 -16.57 -17.38 9.30
CA ASP M 93 -17.89 -16.88 9.66
C ASP M 93 -18.50 -16.09 8.51
N ASN M 94 -19.41 -16.73 7.79
CA ASN M 94 -19.95 -16.11 6.58
C ASN M 94 -21.30 -15.46 6.80
N ARG M 95 -21.56 -15.11 8.05
CA ARG M 95 -22.72 -14.33 8.38
C ARG M 95 -22.58 -12.92 7.84
N VAL M 96 -23.69 -12.43 7.31
CA VAL M 96 -23.78 -11.09 6.73
C VAL M 96 -23.26 -10.04 7.70
N ALA M 97 -23.64 -10.19 8.97
CA ALA M 97 -23.29 -9.21 10.02
C ALA M 97 -21.77 -9.04 10.19
N ASN M 98 -21.04 -10.05 9.74
CA ASN M 98 -19.58 -10.11 9.85
C ASN M 98 -18.86 -9.61 8.61
N SER M 99 -19.63 -9.11 7.65
CA SER M 99 -19.09 -8.61 6.36
C SER M 99 -19.16 -7.12 6.27
N ASP M 100 -18.47 -6.55 5.32
CA ASP M 100 -18.51 -5.07 5.13
C ASP M 100 -19.19 -4.72 3.80
N GLU M 101 -19.82 -5.74 3.22
CA GLU M 101 -20.49 -5.60 1.94
C GLU M 101 -21.74 -4.72 2.07
N ARG M 102 -21.80 -3.70 1.22
CA ARG M 102 -22.90 -2.71 1.27
C ARG M 102 -24.19 -3.27 0.68
N ILE M 103 -24.08 -4.21 -0.24
CA ILE M 103 -25.28 -4.79 -0.81
C ILE M 103 -25.38 -6.19 -0.38
N VAL M 104 -26.56 -6.56 0.05
CA VAL M 104 -26.78 -7.85 0.65
C VAL M 104 -27.99 -8.50 0.03
N PHE M 105 -27.92 -9.79 -0.24
CA PHE M 105 -29.05 -10.51 -0.77
C PHE M 105 -29.46 -11.64 0.12
N LEU M 106 -30.63 -11.55 0.70
CA LEU M 106 -31.18 -12.68 1.41
C LEU M 106 -31.99 -13.47 0.43
N GLY M 107 -31.35 -14.40 -0.26
CA GLY M 107 -31.98 -15.13 -1.32
C GLY M 107 -31.05 -15.12 -2.50
N GLU M 108 -31.48 -14.52 -3.60
CA GLU M 108 -30.65 -14.42 -4.77
C GLU M 108 -30.48 -15.79 -5.40
N ARG N 4 8.26 -0.58 14.15
CA ARG N 4 8.89 -1.51 15.13
C ARG N 4 8.23 -2.91 15.08
N TYR N 5 7.81 -3.32 16.25
CA TYR N 5 7.41 -4.69 16.57
C TYR N 5 6.01 -5.07 16.10
N MET N 6 5.69 -6.37 16.06
CA MET N 6 4.33 -6.83 15.81
C MET N 6 3.84 -7.70 16.95
N ARG N 7 2.53 -7.87 17.05
CA ARG N 7 1.90 -8.66 18.08
C ARG N 7 0.95 -9.67 17.39
N LEU N 8 1.09 -10.95 17.71
CA LEU N 8 0.32 -12.00 17.09
C LEU N 8 -0.66 -12.41 18.15
N LEU N 9 -1.93 -12.26 17.83
CA LEU N 9 -2.99 -12.53 18.75
C LEU N 9 -3.64 -13.81 18.32
N LEU N 10 -3.68 -14.75 19.24
CA LEU N 10 -4.22 -16.08 18.98
C LEU N 10 -5.35 -16.39 19.94
N MET N 11 -6.46 -16.80 19.38
CA MET N 11 -7.65 -17.01 20.13
C MET N 11 -8.11 -18.40 19.82
N PHE N 12 -8.61 -19.13 20.83
CA PHE N 12 -9.21 -20.43 20.55
C PHE N 12 -10.45 -20.80 21.35
N ASP N 13 -11.28 -21.59 20.69
CA ASP N 13 -12.31 -22.39 21.34
C ASP N 13 -12.13 -23.82 20.84
N MET N 14 -11.77 -24.70 21.75
CA MET N 14 -11.36 -26.07 21.44
C MET N 14 -12.21 -27.03 22.26
N PRO N 15 -12.72 -28.08 21.61
CA PRO N 15 -13.59 -29.07 22.21
C PRO N 15 -12.89 -29.85 23.30
N THR N 16 -13.72 -30.37 24.21
CA THR N 16 -13.34 -31.08 25.43
C THR N 16 -14.04 -32.43 25.60
N ASP N 17 -14.86 -32.81 24.64
CA ASP N 17 -15.76 -33.95 24.82
C ASP N 17 -14.96 -35.22 25.07
N THR N 18 -14.16 -35.58 24.08
CA THR N 18 -13.40 -36.84 24.09
C THR N 18 -12.05 -36.67 24.78
N ALA N 19 -11.39 -37.78 25.05
CA ALA N 19 -10.10 -37.63 25.73
C ALA N 19 -8.97 -37.35 24.76
N SER N 20 -9.18 -37.65 23.49
CA SER N 20 -8.18 -37.37 22.46
C SER N 20 -8.17 -35.89 22.08
N ASP N 21 -9.34 -35.27 22.11
CA ASP N 21 -9.36 -33.82 21.82
C ASP N 21 -8.97 -32.97 23.07
N ARG N 22 -9.10 -33.54 24.27
CA ARG N 22 -8.48 -32.94 25.48
C ARG N 22 -6.94 -33.02 25.40
N LYS N 23 -6.43 -34.18 25.08
CA LYS N 23 -4.99 -34.36 24.83
C LYS N 23 -4.49 -33.39 23.76
N ALA N 24 -5.28 -33.26 22.69
CA ALA N 24 -4.91 -32.44 21.54
C ALA N 24 -4.74 -31.00 21.98
N TYR N 25 -5.62 -30.59 22.89
CA TYR N 25 -5.59 -29.26 23.53
C TYR N 25 -4.33 -29.08 24.36
N ARG N 26 -4.13 -29.96 25.33
CA ARG N 26 -2.99 -29.88 26.26
C ARG N 26 -1.67 -29.75 25.49
N LYS N 27 -1.57 -30.50 24.40
CA LYS N 27 -0.40 -30.47 23.53
C LYS N 27 -0.22 -29.10 22.87
N PHE N 28 -1.32 -28.57 22.37
CA PHE N 28 -1.31 -27.30 21.68
C PHE N 28 -0.95 -26.19 22.63
N ARG N 29 -1.50 -26.26 23.84
CA ARG N 29 -1.23 -25.21 24.81
C ARG N 29 0.23 -25.27 25.23
N LYS N 30 0.73 -26.49 25.43
CA LYS N 30 2.16 -26.69 25.72
C LYS N 30 2.99 -25.98 24.64
N PHE N 31 2.58 -26.19 23.38
CA PHE N 31 3.27 -25.61 22.24
C PHE N 31 3.32 -24.09 22.38
N LEU N 32 2.16 -23.51 22.67
CA LEU N 32 2.03 -22.04 22.81
C LEU N 32 2.92 -21.50 23.89
N ILE N 33 2.93 -22.17 25.03
CA ILE N 33 3.76 -21.71 26.14
C ILE N 33 5.23 -21.78 25.77
N ASN N 34 5.65 -22.89 25.19
CA ASN N 34 7.05 -23.04 24.73
C ASN N 34 7.50 -22.03 23.67
N GLU N 35 6.57 -21.58 22.85
CA GLU N 35 6.90 -20.62 21.78
C GLU N 35 6.86 -19.20 22.37
N GLY N 36 6.48 -19.08 23.64
CA GLY N 36 6.58 -17.79 24.35
C GLY N 36 5.34 -16.94 24.27
N PHE N 37 4.23 -17.53 23.87
CA PHE N 37 2.95 -16.86 23.94
C PHE N 37 2.62 -16.65 25.41
N ILE N 38 1.89 -15.57 25.67
CA ILE N 38 1.42 -15.19 26.99
C ILE N 38 -0.09 -15.19 27.07
N MET N 39 -0.67 -15.74 28.15
CA MET N 39 -2.12 -15.71 28.38
C MET N 39 -2.59 -14.28 28.71
N HIS N 40 -3.34 -13.65 27.83
CA HIS N 40 -3.96 -12.32 28.09
C HIS N 40 -5.28 -12.53 28.84
N GLN N 41 -6.07 -13.45 28.30
CA GLN N 41 -7.29 -13.94 28.91
C GLN N 41 -7.44 -15.42 28.54
N PHE N 42 -8.48 -16.06 29.01
CA PHE N 42 -8.55 -17.50 28.94
C PHE N 42 -8.32 -18.25 27.59
N SER N 43 -9.12 -18.03 26.59
CA SER N 43 -8.80 -18.74 25.38
C SER N 43 -7.86 -17.93 24.54
N VAL N 44 -7.19 -16.95 25.12
CA VAL N 44 -6.63 -15.84 24.35
C VAL N 44 -5.19 -15.48 24.67
N TYR N 45 -4.32 -15.62 23.67
CA TYR N 45 -2.88 -15.55 23.85
C TYR N 45 -2.25 -14.62 22.86
N SER N 46 -1.19 -13.96 23.30
CA SER N 46 -0.48 -13.01 22.47
C SER N 46 1.02 -13.26 22.50
N LYS N 47 1.66 -12.95 21.39
CA LYS N 47 3.08 -13.18 21.24
C LYS N 47 3.68 -11.93 20.61
N ILE N 48 4.68 -11.38 21.27
CA ILE N 48 5.43 -10.28 20.68
C ILE N 48 6.51 -10.80 19.68
N LEU N 49 6.58 -10.17 18.52
CA LEU N 49 7.51 -10.57 17.42
C LEU N 49 8.27 -9.35 16.89
N LEU N 50 9.50 -9.57 16.46
CA LEU N 50 10.36 -8.45 16.09
C LEU N 50 10.01 -7.88 14.74
N ASN N 51 9.91 -8.72 13.75
CA ASN N 51 9.73 -8.26 12.39
C ASN N 51 8.84 -9.26 11.69
N ASP N 52 8.56 -8.98 10.43
CA ASP N 52 7.68 -9.83 9.65
C ASP N 52 8.39 -11.14 9.31
N THR N 53 9.72 -11.09 9.28
CA THR N 53 10.48 -12.33 9.07
C THR N 53 10.13 -13.37 10.14
N ALA N 54 10.20 -12.92 11.39
CA ALA N 54 9.91 -13.77 12.58
C ALA N 54 8.46 -14.22 12.59
N ASN N 55 7.60 -13.34 12.09
CA ASN N 55 6.17 -13.60 12.01
C ASN N 55 5.86 -14.74 11.01
N LYS N 56 6.44 -14.66 9.81
CA LYS N 56 6.25 -15.73 8.78
C LYS N 56 6.69 -17.08 9.37
N ALA N 57 7.80 -17.03 10.09
CA ALA N 57 8.38 -18.23 10.68
C ALA N 57 7.48 -18.83 11.73
N MET N 58 6.84 -17.97 12.53
CA MET N 58 5.94 -18.44 13.60
C MET N 58 4.68 -19.03 13.01
N LEU N 59 4.14 -18.34 12.01
CA LEU N 59 2.98 -18.85 11.25
C LEU N 59 3.27 -20.25 10.74
N ALA N 60 4.48 -20.44 10.22
CA ALA N 60 4.90 -21.75 9.72
C ALA N 60 4.89 -22.82 10.83
N ARG N 61 5.44 -22.47 11.99
CA ARG N 61 5.48 -23.39 13.13
C ARG N 61 4.07 -23.71 13.57
N LEU N 62 3.18 -22.74 13.44
CA LEU N 62 1.80 -22.92 13.89
C LEU N 62 1.06 -23.93 13.04
N LYS N 63 1.29 -23.89 11.75
CA LYS N 63 0.65 -24.87 10.85
C LYS N 63 1.19 -26.27 11.13
N GLN N 64 2.44 -26.32 11.55
CA GLN N 64 3.09 -27.59 11.84
C GLN N 64 2.51 -28.26 13.07
N ASN N 65 2.00 -27.47 14.00
CA ASN N 65 1.43 -28.00 15.23
C ASN N 65 -0.06 -27.77 15.35
N ASN N 66 -0.65 -27.45 14.22
CA ASN N 66 -2.09 -27.40 14.15
C ASN N 66 -2.71 -28.64 14.80
N PRO N 67 -3.54 -28.46 15.83
CA PRO N 67 -4.19 -29.60 16.43
C PRO N 67 -5.40 -30.10 15.68
N GLN N 68 -5.79 -29.41 14.63
CA GLN N 68 -6.90 -29.90 13.82
C GLN N 68 -8.21 -30.12 14.62
N ARG N 69 -8.43 -29.31 15.65
CA ARG N 69 -9.68 -29.32 16.40
C ARG N 69 -10.13 -27.88 16.73
N GLY N 70 -11.45 -27.68 16.80
CA GLY N 70 -12.05 -26.44 17.30
C GLY N 70 -11.85 -25.27 16.36
N LEU N 71 -12.02 -24.08 16.92
CA LEU N 71 -11.85 -22.85 16.21
C LEU N 71 -10.61 -22.18 16.76
N ILE N 72 -9.66 -21.89 15.87
CA ILE N 72 -8.39 -21.28 16.25
C ILE N 72 -8.05 -20.19 15.24
N THR N 73 -7.95 -18.95 15.71
CA THR N 73 -7.78 -17.80 14.82
C THR N 73 -6.60 -16.94 15.24
N LEU N 74 -6.00 -16.30 14.25
CA LEU N 74 -4.80 -15.50 14.43
C LEU N 74 -4.96 -14.13 13.82
N LEU N 75 -4.48 -13.14 14.53
CA LEU N 75 -4.59 -11.78 14.11
C LEU N 75 -3.27 -11.10 14.32
N ASN N 76 -2.73 -10.47 13.29
CA ASN N 76 -1.58 -9.61 13.45
C ASN N 76 -1.91 -8.18 13.80
N VAL N 77 -1.27 -7.65 14.82
CA VAL N 77 -1.26 -6.23 15.11
C VAL N 77 0.03 -5.55 15.40
N THR N 78 0.11 -4.27 15.14
CA THR N 78 1.35 -3.55 15.35
C THR N 78 1.43 -3.47 16.87
N GLU N 79 2.65 -3.48 17.39
CA GLU N 79 2.83 -3.35 18.84
C GLU N 79 2.21 -2.06 19.32
N LYS N 80 2.28 -1.04 18.48
CA LYS N 80 1.65 0.25 18.78
C LYS N 80 0.15 0.10 19.02
N GLN N 81 -0.52 -0.67 18.17
CA GLN N 81 -1.96 -0.92 18.29
C GLN N 81 -2.23 -1.60 19.58
N PHE N 82 -1.53 -2.69 19.80
CA PHE N 82 -1.68 -3.48 21.05
C PHE N 82 -1.42 -2.65 22.30
N SER N 83 -0.46 -1.75 22.23
CA SER N 83 -0.15 -0.90 23.38
C SER N 83 -1.28 0.08 23.68
N ARG N 84 -2.05 0.45 22.66
CA ARG N 84 -3.21 1.32 22.81
C ARG N 84 -4.46 0.56 23.26
N MET N 85 -4.31 -0.72 23.60
CA MET N 85 -5.39 -1.52 24.20
C MET N 85 -5.98 -0.68 25.32
N ILE N 86 -7.31 -0.66 25.37
CA ILE N 86 -8.03 0.04 26.44
C ILE N 86 -8.55 -0.92 27.48
N TYR N 87 -8.09 -0.72 28.71
CA TYR N 87 -8.53 -1.56 29.81
C TYR N 87 -9.78 -0.93 30.35
N LEU N 88 -10.92 -1.37 29.84
CA LEU N 88 -12.22 -0.95 30.37
C LEU N 88 -12.38 -1.33 31.84
N HIS N 89 -11.79 -2.45 32.24
CA HIS N 89 -11.71 -2.80 33.65
C HIS N 89 -10.78 -3.97 33.86
N GLY N 90 -10.17 -4.03 35.04
CA GLY N 90 -9.13 -5.03 35.34
C GLY N 90 -7.75 -4.41 35.18
N GLU N 91 -6.73 -5.08 35.73
CA GLU N 91 -5.40 -4.44 35.85
C GLU N 91 -4.51 -4.74 34.63
N GLN N 92 -3.67 -3.77 34.32
CA GLN N 92 -2.73 -3.88 33.20
C GLN N 92 -1.73 -4.94 33.52
N ASP N 93 -1.12 -5.51 32.48
CA ASP N 93 -0.11 -6.56 32.63
C ASP N 93 1.34 -6.06 32.51
N ASN N 94 2.02 -5.92 33.65
CA ASN N 94 3.34 -5.25 33.65
C ASN N 94 4.51 -6.20 33.65
N ARG N 95 4.26 -7.43 33.23
CA ARG N 95 5.34 -8.39 33.09
C ARG N 95 6.20 -8.04 31.91
N VAL N 96 7.48 -8.25 32.10
CA VAL N 96 8.50 -7.88 31.13
C VAL N 96 8.16 -8.49 29.78
N ALA N 97 7.68 -9.72 29.80
CA ALA N 97 7.33 -10.45 28.56
C ALA N 97 6.32 -9.74 27.68
N ASN N 98 5.56 -8.86 28.32
CA ASN N 98 4.47 -8.18 27.68
C ASN N 98 4.84 -6.80 27.19
N SER N 99 6.10 -6.43 27.35
CA SER N 99 6.56 -5.09 26.97
C SER N 99 7.55 -5.17 25.81
N ASP N 100 7.91 -4.04 25.25
CA ASP N 100 8.81 -4.01 24.08
C ASP N 100 10.13 -3.30 24.39
N GLU N 101 10.41 -3.12 25.68
CA GLU N 101 11.65 -2.43 26.16
C GLU N 101 12.85 -3.25 25.77
N ARG N 102 13.80 -2.61 25.11
CA ARG N 102 15.05 -3.27 24.68
C ARG N 102 15.99 -3.52 25.85
N ILE N 103 15.94 -2.65 26.84
CA ILE N 103 16.73 -2.85 28.03
C ILE N 103 15.83 -3.22 29.16
N VAL N 104 16.20 -4.26 29.87
CA VAL N 104 15.42 -4.75 30.97
C VAL N 104 16.30 -4.91 32.18
N PHE N 105 15.81 -4.47 33.32
CA PHE N 105 16.52 -4.67 34.57
C PHE N 105 15.75 -5.56 35.48
N LEU N 106 16.38 -6.62 35.92
CA LEU N 106 15.84 -7.43 37.01
C LEU N 106 16.54 -6.94 38.28
N GLY N 107 16.00 -5.82 38.76
CA GLY N 107 16.69 -4.86 39.65
C GLY N 107 15.81 -3.61 39.67
N GLU N 108 16.37 -2.42 39.93
CA GLU N 108 17.74 -2.08 39.64
C GLU N 108 18.54 -1.54 40.85
MG MG S . 7.44 10.10 -28.07
MG MG T . 1.54 10.04 -27.83
MG MG U . -12.58 -14.94 28.11
MG MG V . -12.18 -18.71 23.77
#